data_6UM5
#
_entry.id   6UM5
#
loop_
_entity.id
_entity.type
_entity.pdbx_description
1 polymer 'CH848 10.17 DT gp120'
2 polymer 'Envelope glycoprotein gp160'
3 polymer 'DH270 UCA3 Fab Heavy Chain'
4 polymer 'DH270 UCA3 Fab Light Chain'
5 branched 2-acetamido-2-deoxy-beta-D-glucopyranose-(1-4)-2-acetamido-2-deoxy-beta-D-glucopyranose
6 branched alpha-D-mannopyranose-(1-2)-alpha-D-mannopyranose-(1-3)-[alpha-D-mannopyranose-(1-6)-beta-D-mannopyranose-(1-6)]beta-D-mannopyranose-(1-4)-2-acetamido-2-deoxy-beta-D-glucopyranose-(1-4)-2-acetamido-2-deoxy-beta-D-glucopyranose
7 branched 2-acetamido-2-deoxy-beta-D-glucopyranose-(1-4)-beta-D-mannopyranose-(1-4)-2-acetamido-2-deoxy-beta-D-glucopyranose-(1-4)-2-acetamido-2-deoxy-beta-D-glucopyranose
8 branched beta-D-mannopyranose-(1-4)-2-acetamido-2-deoxy-beta-D-glucopyranose-(1-4)-2-acetamido-2-deoxy-beta-D-glucopyranose
9 non-polymer 2-acetamido-2-deoxy-beta-D-glucopyranose
#
loop_
_entity_poly.entity_id
_entity_poly.type
_entity_poly.pdbx_seq_one_letter_code
_entity_poly.pdbx_strand_id
1 'polypeptide(L)'
;ENLWVTVYYGVPVWKEAKTTLFCASDARAYEKEVHNVWATHACVPTDPSPQELVLGNVTENFNMWKNDMVDQMHEDIISL
WDQSLKPCVKLTPLCVTLICSDATVKTGTVEEMKNCSFNTTTEIRDKEKKEYALFYKPDIVPLSETNNTSEYRLINCNTS
CVTQACPKVTFEPIPIHYCAPAGYAILKCNDETFNGTGPCSNVSTVQCTHGIRPVVSTQLLLNGSLAEKEIVIRSENLTN
NAKIIIVHLHTPVEIVCTRPNNNTRKSVRIGPGQTFYATGDIIGDIKQAHCNISEEKWNDTLQKVGIELQKHFPNKTIKY
NQSAGGDMEITTHSFNCGGEFFYCNTSNLFNGTYNGTYISTNSSANSTSTITLQCRIKQIINMWQGVGRCMYAPPIAGNI
TCRSNITGLLLTRDGGTNSNETETFRPAGGDMRDNWRSELYKYKVVKIEPLGVAPTRCKRRV
;
A,E,I
2 'polypeptide(L)'
;AVGIGAVFLGFLGAAGSTMGAASMTLTVQARNLLSGIVQQQSNLLRAIEAQQHLLKLTVWGIKQLQARVLAVERYLRDQQ
LLGIWGCSGKLICCTNVPWNSSWSNRNLSEIWDNMTWLQWDKEISNYTQIIYGLLEESQNQQEKNEQDLLALD
;
B,F,J
3 'polypeptide(L)'
;QVQLVQSGAEVKKPGASVKVSCKASGYTFTGYYMHWVRQAPGQGLEWMGWINPNSGGTNYAQKFQGRVTMTRDTSISTAY
MELSRLRSDDTAVYYCARGGWISLYYDSSGYPNFDYWGQGTLVTVSGASTKGPSVFPLAPSSKSTSGGTAALGCLVKDYF
PEPVTVSWNSGALTSGVHTFPAVLQSSGLYSLSSVVTVPSSSLGTQTYICNVNHKPSNTKVDKRVEPKSCDKHHHHHH
;
C,G,K
4 'polypeptide(L)'
;QSALTQPASVSGSPGQSITISCTGTSSDVGSYNLVSWYQQHPGKAPKLMIYEVSKRPSGVSNRFSGSKSGNTASLTISGL
QAEDEADYYCCSYAGSSTVIFGGGTKLTVLGQPKGAPSVTLFPPSSEELQANKATLVCLISDFYPGAVTVAWKADSSPVK
AGVETTTPSKQSNNKYAASSYLSLTPEQWKSHRSYSCQVTHEGSTVEKTVAPTECS
;
D,H,L
#
loop_
_chem_comp.id
_chem_comp.type
_chem_comp.name
_chem_comp.formula
BMA D-saccharide, beta linking beta-D-mannopyranose 'C6 H12 O6'
MAN D-saccharide, alpha linking alpha-D-mannopyranose 'C6 H12 O6'
NAG D-saccharide, beta linking 2-acetamido-2-deoxy-beta-D-glucopyranose 'C8 H15 N O6'
#
# COMPACT_ATOMS: atom_id res chain seq x y z
N GLU A 1 43.98 -32.66 -41.33
CA GLU A 1 44.14 -31.71 -42.42
C GLU A 1 43.01 -30.69 -42.43
N ASN A 2 41.90 -31.05 -43.08
CA ASN A 2 40.80 -30.12 -43.30
C ASN A 2 40.20 -29.65 -41.99
N LEU A 3 39.54 -28.50 -42.03
CA LEU A 3 39.00 -27.87 -40.85
C LEU A 3 37.48 -27.95 -40.81
N TRP A 4 36.96 -28.19 -39.62
CA TRP A 4 35.53 -28.18 -39.35
C TRP A 4 35.30 -27.24 -38.18
N VAL A 5 34.07 -27.18 -37.72
CA VAL A 5 33.65 -26.22 -36.71
C VAL A 5 33.35 -26.96 -35.41
N THR A 6 33.87 -26.43 -34.31
CA THR A 6 33.63 -27.00 -32.99
C THR A 6 33.06 -25.91 -32.08
N VAL A 7 32.10 -26.29 -31.28
CA VAL A 7 31.52 -25.39 -30.29
C VAL A 7 32.07 -25.75 -28.91
N TYR A 8 32.39 -24.73 -28.13
CA TYR A 8 32.90 -24.90 -26.79
C TYR A 8 31.97 -24.24 -25.79
N TYR A 9 31.81 -24.90 -24.64
CA TYR A 9 30.98 -24.41 -23.55
C TYR A 9 31.88 -24.11 -22.37
N GLY A 10 31.86 -22.88 -21.89
CA GLY A 10 32.71 -22.51 -20.79
C GLY A 10 33.80 -21.53 -21.16
N VAL A 11 33.54 -20.71 -22.17
CA VAL A 11 34.57 -19.84 -22.70
C VAL A 11 34.53 -18.50 -21.98
N PRO A 12 35.66 -18.04 -21.47
CA PRO A 12 35.69 -16.77 -20.75
C PRO A 12 35.64 -15.55 -21.64
N VAL A 13 34.44 -15.07 -21.97
CA VAL A 13 34.27 -13.85 -22.74
C VAL A 13 33.41 -12.88 -21.94
N TRP A 14 33.81 -11.62 -21.89
CA TRP A 14 33.11 -10.59 -21.14
C TRP A 14 32.43 -9.60 -22.07
N LYS A 15 31.24 -9.19 -21.67
CA LYS A 15 30.51 -8.15 -22.39
C LYS A 15 29.91 -7.17 -21.40
N GLU A 16 29.70 -5.95 -21.87
CA GLU A 16 29.16 -4.90 -21.01
C GLU A 16 27.64 -4.98 -21.01
N ALA A 17 27.05 -4.85 -19.83
CA ALA A 17 25.59 -4.87 -19.74
C ALA A 17 25.16 -4.23 -18.43
N LYS A 18 23.87 -3.94 -18.33
CA LYS A 18 23.27 -3.33 -17.16
C LYS A 18 22.43 -4.37 -16.43
N THR A 19 22.53 -4.39 -15.11
CA THR A 19 21.75 -5.30 -14.30
C THR A 19 21.64 -4.72 -12.90
N THR A 20 21.11 -5.52 -11.98
CA THR A 20 20.90 -5.10 -10.61
C THR A 20 21.86 -5.87 -9.71
N LEU A 21 21.89 -5.49 -8.44
CA LEU A 21 22.81 -6.09 -7.50
C LEU A 21 22.07 -6.70 -6.33
N PHE A 22 22.82 -7.44 -5.53
CA PHE A 22 22.33 -8.08 -4.32
C PHE A 22 22.80 -7.30 -3.11
N CYS A 23 21.90 -7.06 -2.17
CA CYS A 23 22.24 -6.42 -0.92
C CYS A 23 22.56 -7.48 0.11
N ALA A 24 23.67 -7.30 0.84
CA ALA A 24 24.04 -8.26 1.88
C ALA A 24 24.78 -7.53 2.97
N SER A 25 24.89 -8.16 4.14
CA SER A 25 25.56 -7.56 5.28
C SER A 25 26.17 -8.65 6.15
N ASP A 26 26.97 -8.23 7.11
CA ASP A 26 27.59 -9.16 8.05
C ASP A 26 26.55 -9.67 9.05
N ALA A 27 26.83 -10.86 9.61
CA ALA A 27 25.87 -11.54 10.47
C ALA A 27 25.55 -10.79 11.75
N ARG A 28 26.50 -10.02 12.29
CA ARG A 28 26.23 -9.33 13.54
C ARG A 28 25.21 -8.21 13.39
N ALA A 29 24.84 -7.86 12.16
CA ALA A 29 23.88 -6.80 11.91
C ALA A 29 22.46 -7.31 11.70
N TYR A 30 22.24 -8.63 11.82
CA TYR A 30 20.92 -9.21 11.60
C TYR A 30 20.26 -9.71 12.88
N GLU A 31 20.99 -9.75 14.00
CA GLU A 31 20.43 -10.13 15.28
C GLU A 31 19.91 -8.94 16.06
N LYS A 32 19.87 -7.76 15.46
CA LYS A 32 19.37 -6.58 16.12
C LYS A 32 17.89 -6.41 15.80
N GLU A 33 17.30 -5.31 16.28
CA GLU A 33 15.87 -5.11 16.10
C GLU A 33 15.55 -4.74 14.66
N VAL A 34 14.26 -4.85 14.32
CA VAL A 34 13.81 -4.57 12.97
C VAL A 34 14.02 -3.09 12.68
N HIS A 35 14.50 -2.79 11.46
CA HIS A 35 14.75 -1.42 11.01
C HIS A 35 15.70 -0.67 11.94
N ASN A 36 16.55 -1.41 12.65
CA ASN A 36 17.66 -0.86 13.42
C ASN A 36 18.95 -1.62 13.09
N VAL A 37 19.39 -1.56 11.83
CA VAL A 37 18.98 -0.57 10.86
C VAL A 37 18.22 -1.27 9.76
N TRP A 38 17.85 -0.51 8.72
CA TRP A 38 17.06 -1.07 7.62
C TRP A 38 17.62 -2.39 7.07
N ALA A 39 18.93 -2.59 7.16
CA ALA A 39 19.51 -3.83 6.66
C ALA A 39 18.91 -5.05 7.37
N THR A 40 18.58 -4.92 8.66
CA THR A 40 18.11 -6.08 9.40
C THR A 40 16.84 -6.66 8.80
N HIS A 41 15.91 -5.79 8.39
CA HIS A 41 14.67 -6.25 7.79
C HIS A 41 14.76 -6.35 6.28
N ALA A 42 15.85 -5.87 5.67
CA ALA A 42 15.91 -5.67 4.23
C ALA A 42 16.79 -6.67 3.48
N CYS A 43 17.96 -7.01 4.01
CA CYS A 43 18.97 -7.72 3.23
C CYS A 43 19.18 -9.13 3.74
N VAL A 44 20.18 -9.80 3.18
CA VAL A 44 20.51 -11.19 3.49
C VAL A 44 21.96 -11.32 3.95
N PRO A 45 22.24 -12.10 4.99
CA PRO A 45 23.63 -12.29 5.43
C PRO A 45 24.46 -12.96 4.33
N THR A 46 25.72 -12.56 4.24
CA THR A 46 26.65 -13.21 3.34
C THR A 46 28.03 -13.25 4.00
N ASP A 47 28.93 -13.98 3.35
CA ASP A 47 30.33 -14.11 3.75
C ASP A 47 31.18 -13.09 3.03
N PRO A 48 32.01 -12.32 3.74
CA PRO A 48 32.86 -11.33 3.06
C PRO A 48 33.89 -11.96 2.13
N SER A 49 34.16 -13.27 2.27
CA SER A 49 35.10 -14.00 1.43
C SER A 49 34.49 -14.11 0.04
N PRO A 50 35.17 -14.68 -0.98
CA PRO A 50 36.40 -15.44 -1.17
C PRO A 50 37.65 -14.59 -1.34
N GLN A 51 38.69 -15.25 -1.84
CA GLN A 51 39.97 -14.63 -2.08
C GLN A 51 39.95 -13.94 -3.43
N GLU A 52 40.40 -12.70 -3.46
CA GLU A 52 40.46 -11.95 -4.71
C GLU A 52 41.39 -12.67 -5.68
N LEU A 53 40.93 -12.85 -6.91
CA LEU A 53 41.69 -13.59 -7.90
C LEU A 53 42.24 -12.64 -8.96
N VAL A 54 43.56 -12.64 -9.12
CA VAL A 54 44.26 -11.81 -10.09
C VAL A 54 44.44 -12.56 -11.38
N LEU A 55 44.23 -11.88 -12.50
CA LEU A 55 44.25 -12.53 -13.80
C LEU A 55 45.65 -12.51 -14.39
N GLY A 56 45.93 -13.53 -15.22
CA GLY A 56 47.22 -13.69 -15.91
C GLY A 56 47.65 -12.42 -16.62
N ASN A 57 46.94 -12.05 -17.68
CA ASN A 57 47.33 -10.83 -18.45
C ASN A 57 46.14 -9.87 -18.47
N VAL A 58 45.35 -9.85 -19.56
CA VAL A 58 44.10 -9.05 -19.83
C VAL A 58 44.30 -7.52 -19.80
N THR A 59 43.48 -6.83 -20.60
CA THR A 59 43.47 -5.37 -20.76
C THR A 59 42.01 -4.93 -20.73
N GLU A 60 41.69 -4.00 -19.84
CA GLU A 60 40.32 -3.51 -19.75
C GLU A 60 40.29 -2.00 -19.64
N ASN A 61 39.13 -1.43 -19.99
CA ASN A 61 38.93 0.01 -20.07
C ASN A 61 37.77 0.38 -19.17
N PHE A 62 38.07 0.77 -17.94
CA PHE A 62 37.05 1.28 -17.04
C PHE A 62 36.78 2.75 -17.33
N ASN A 63 35.73 3.28 -16.71
CA ASN A 63 35.37 4.68 -16.90
C ASN A 63 34.55 5.08 -15.69
N MET A 64 35.09 6.00 -14.88
CA MET A 64 34.41 6.33 -13.63
C MET A 64 33.00 6.88 -13.89
N TRP A 65 32.82 7.66 -14.95
CA TRP A 65 31.56 8.36 -15.13
C TRP A 65 30.62 7.64 -16.09
N LYS A 66 30.86 6.36 -16.37
CA LYS A 66 29.96 5.56 -17.19
C LYS A 66 29.73 4.25 -16.43
N ASN A 67 28.87 4.29 -15.43
CA ASN A 67 28.68 3.14 -14.56
C ASN A 67 27.29 3.22 -13.94
N ASP A 68 26.45 2.23 -14.26
CA ASP A 68 25.09 2.23 -13.76
C ASP A 68 25.01 1.94 -12.26
N MET A 69 26.04 1.28 -11.70
CA MET A 69 25.94 0.85 -10.31
C MET A 69 25.79 2.03 -9.37
N VAL A 70 26.38 3.17 -9.73
CA VAL A 70 26.32 4.32 -8.83
C VAL A 70 24.90 4.87 -8.77
N ASP A 71 24.29 5.08 -9.93
CA ASP A 71 22.90 5.52 -9.93
C ASP A 71 22.00 4.48 -9.28
N GLN A 72 22.34 3.20 -9.38
CA GLN A 72 21.52 2.19 -8.75
C GLN A 72 21.51 2.38 -7.25
N MET A 73 22.69 2.65 -6.66
CA MET A 73 22.74 2.92 -5.23
C MET A 73 21.87 4.10 -4.86
N HIS A 74 21.90 5.14 -5.70
CA HIS A 74 21.08 6.31 -5.42
C HIS A 74 19.61 5.94 -5.38
N GLU A 75 19.16 5.17 -6.38
CA GLU A 75 17.76 4.76 -6.39
C GLU A 75 17.43 3.90 -5.19
N ASP A 76 18.32 2.99 -4.80
CA ASP A 76 17.99 2.12 -3.67
C ASP A 76 17.89 2.93 -2.38
N ILE A 77 18.84 3.83 -2.15
CA ILE A 77 18.80 4.58 -0.90
C ILE A 77 17.61 5.51 -0.87
N ILE A 78 17.32 6.18 -1.98
CA ILE A 78 16.11 7.02 -1.96
C ILE A 78 14.87 6.16 -1.77
N SER A 79 14.81 5.01 -2.43
CA SER A 79 13.62 4.19 -2.31
C SER A 79 13.44 3.72 -0.88
N LEU A 80 14.51 3.27 -0.23
CA LEU A 80 14.32 2.78 1.11
C LEU A 80 14.01 3.92 2.09
N TRP A 81 14.53 5.12 1.84
CA TRP A 81 14.17 6.23 2.71
C TRP A 81 12.67 6.49 2.67
N ASP A 82 12.08 6.46 1.48
CA ASP A 82 10.64 6.66 1.41
C ASP A 82 9.89 5.53 2.08
N GLN A 83 10.37 4.29 1.93
CA GLN A 83 9.69 3.17 2.55
C GLN A 83 9.84 3.18 4.07
N SER A 84 10.88 3.80 4.60
CA SER A 84 11.07 3.83 6.05
C SER A 84 10.08 4.76 6.73
N LEU A 85 9.56 5.76 6.02
CA LEU A 85 8.63 6.72 6.60
C LEU A 85 7.18 6.36 6.37
N LYS A 86 6.89 5.25 5.71
CA LYS A 86 5.49 4.86 5.53
C LYS A 86 4.85 4.33 6.80
N PRO A 87 5.50 3.46 7.58
CA PRO A 87 4.84 2.95 8.78
C PRO A 87 4.99 3.84 10.00
N CYS A 88 5.54 5.05 9.82
CA CYS A 88 5.79 5.96 10.94
C CYS A 88 5.38 7.36 10.51
N VAL A 89 4.10 7.68 10.69
CA VAL A 89 3.50 8.85 10.06
C VAL A 89 2.79 9.73 11.08
N LYS A 90 2.95 11.04 10.89
CA LYS A 90 2.25 12.07 11.63
C LYS A 90 1.58 13.01 10.64
N LEU A 91 0.34 13.41 10.91
CA LEU A 91 -0.41 14.27 9.99
C LEU A 91 -1.01 15.45 10.73
N THR A 92 -0.83 15.45 12.04
CA THR A 92 -1.51 16.34 12.96
C THR A 92 -0.97 17.76 12.85
N PRO A 93 -1.58 18.70 13.57
CA PRO A 93 -1.02 20.05 13.69
C PRO A 93 0.48 20.06 13.96
N LEU A 94 0.93 21.18 14.51
CA LEU A 94 2.30 21.66 14.39
C LEU A 94 2.33 22.64 13.23
N CYS A 95 1.15 23.06 12.77
CA CYS A 95 1.06 24.13 11.80
C CYS A 95 0.21 25.31 12.27
N VAL A 96 -0.37 25.25 13.46
CA VAL A 96 -1.19 26.35 13.95
C VAL A 96 -0.32 27.58 14.18
N THR A 97 -0.95 28.75 14.09
CA THR A 97 -0.21 29.98 14.29
C THR A 97 0.49 29.95 15.63
N LEU A 98 1.80 30.15 15.60
CA LEU A 98 2.65 30.04 16.79
C LEU A 98 2.93 31.44 17.32
N ILE A 99 2.64 31.66 18.60
CA ILE A 99 2.92 32.95 19.19
C ILE A 99 4.23 32.81 19.96
N CYS A 100 5.18 33.69 19.72
CA CYS A 100 6.52 33.43 20.23
C CYS A 100 7.07 34.64 20.97
N SER A 101 8.08 34.37 21.80
CA SER A 101 8.79 35.42 22.53
C SER A 101 10.23 35.01 22.71
N ASP A 102 11.06 36.00 23.02
CA ASP A 102 12.49 35.77 23.17
C ASP A 102 12.73 34.63 24.16
N ALA A 103 13.45 33.62 23.69
CA ALA A 103 13.67 32.41 24.48
C ALA A 103 14.52 32.72 25.69
N THR A 104 14.02 32.36 26.86
CA THR A 104 14.73 32.59 28.10
C THR A 104 15.00 31.23 28.72
N VAL A 105 15.97 31.18 29.62
CA VAL A 105 16.33 29.94 30.26
C VAL A 105 16.58 30.26 31.72
N LYS A 106 16.57 29.22 32.56
CA LYS A 106 16.77 29.38 34.00
C LYS A 106 18.05 30.12 34.34
N THR A 107 19.10 29.97 33.52
CA THR A 107 20.34 30.73 33.69
C THR A 107 20.56 31.60 32.46
N GLY A 108 19.83 32.71 32.39
CA GLY A 108 20.00 33.64 31.29
C GLY A 108 19.05 33.46 30.12
N THR A 109 19.54 33.72 28.92
CA THR A 109 18.72 33.70 27.71
C THR A 109 19.51 33.03 26.60
N VAL A 110 18.84 32.82 25.46
CA VAL A 110 19.48 32.25 24.28
C VAL A 110 18.95 32.99 23.06
N GLU A 111 19.85 33.27 22.11
CA GLU A 111 19.51 34.05 20.92
C GLU A 111 19.16 33.20 19.71
N GLU A 112 19.59 31.95 19.66
CA GLU A 112 19.37 31.13 18.49
C GLU A 112 18.07 30.32 18.54
N MET A 113 17.38 30.29 19.67
CA MET A 113 16.12 29.58 19.75
C MET A 113 15.01 30.54 20.15
N LYS A 114 13.79 30.14 19.87
CA LYS A 114 12.62 30.85 20.36
C LYS A 114 11.74 29.90 21.16
N ASN A 115 11.10 30.43 22.20
CA ASN A 115 10.14 29.68 22.98
C ASN A 115 8.77 30.01 22.42
N CYS A 116 8.06 29.02 21.90
CA CYS A 116 6.81 29.31 21.20
C CYS A 116 5.61 28.67 21.88
N SER A 117 4.67 29.52 22.30
CA SER A 117 3.41 29.07 22.86
C SER A 117 2.53 28.50 21.77
N PHE A 118 1.96 27.32 22.09
CA PHE A 118 1.15 26.49 21.16
C PHE A 118 -0.35 26.57 21.43
N ASN A 119 -1.10 25.94 20.53
CA ASN A 119 -2.59 25.89 20.53
C ASN A 119 -3.04 24.57 19.94
N THR A 120 -2.93 23.51 20.70
CA THR A 120 -3.21 22.17 20.12
C THR A 120 -4.50 21.54 20.65
N THR A 121 -4.85 20.40 20.05
CA THR A 121 -5.94 19.49 20.37
C THR A 121 -5.49 18.51 21.45
N THR A 122 -6.41 18.19 22.34
CA THR A 122 -6.14 17.20 23.38
C THR A 122 -6.25 15.82 22.76
N GLU A 123 -6.17 14.78 23.59
CA GLU A 123 -6.45 13.43 23.09
C GLU A 123 -7.89 13.27 22.64
N ILE A 124 -8.80 14.11 23.12
CA ILE A 124 -10.19 14.09 22.67
C ILE A 124 -10.43 15.25 21.72
N ARG A 125 -11.04 14.96 20.57
CA ARG A 125 -11.23 15.98 19.55
C ARG A 125 -12.26 17.04 19.93
N ASP A 126 -12.58 17.17 21.23
CA ASP A 126 -13.48 18.23 21.68
C ASP A 126 -12.77 19.47 22.23
N LYS A 127 -11.51 19.36 22.68
CA LYS A 127 -10.87 20.45 23.39
C LYS A 127 -9.49 20.77 22.82
N GLU A 128 -9.08 22.03 22.99
CA GLU A 128 -7.73 22.49 22.73
C GLU A 128 -7.02 22.79 24.05
N LYS A 129 -5.70 22.62 24.09
CA LYS A 129 -4.94 22.88 25.31
C LYS A 129 -3.70 23.71 25.00
N LYS A 130 -3.18 24.34 26.06
CA LYS A 130 -1.99 25.16 25.99
C LYS A 130 -0.75 24.31 26.14
N GLU A 131 0.30 24.69 25.41
CA GLU A 131 1.55 23.96 25.46
C GLU A 131 2.67 24.88 25.01
N TYR A 132 3.91 24.42 25.16
CA TYR A 132 5.06 25.17 24.69
C TYR A 132 6.19 24.22 24.34
N ALA A 133 6.96 24.63 23.33
CA ALA A 133 8.21 23.96 23.00
C ALA A 133 9.18 25.00 22.46
N LEU A 134 10.43 24.62 22.35
CA LEU A 134 11.48 25.50 21.88
C LEU A 134 11.93 25.06 20.50
N PHE A 135 12.26 26.03 19.66
CA PHE A 135 12.67 25.70 18.30
C PHE A 135 13.88 26.52 17.91
N TYR A 136 14.61 26.03 16.92
CA TYR A 136 15.72 26.78 16.39
C TYR A 136 15.23 27.88 15.48
N LYS A 137 15.90 29.03 15.55
CA LYS A 137 15.45 30.19 14.79
C LYS A 137 15.28 29.94 13.29
N PRO A 138 16.16 29.23 12.59
CA PRO A 138 16.01 29.12 11.13
C PRO A 138 14.85 28.28 10.66
N ASP A 139 14.13 27.58 11.54
CA ASP A 139 13.03 26.73 11.12
C ASP A 139 11.67 27.35 11.37
N ILE A 140 11.61 28.64 11.68
CA ILE A 140 10.33 29.30 11.90
C ILE A 140 10.29 30.57 11.08
N VAL A 141 9.16 30.81 10.43
CA VAL A 141 9.00 31.95 9.54
C VAL A 141 7.83 32.80 10.04
N PRO A 142 8.00 34.11 10.11
CA PRO A 142 6.90 34.97 10.53
C PRO A 142 5.86 35.18 9.45
N LEU A 143 4.89 34.27 9.34
CA LEU A 143 3.87 34.37 8.32
C LEU A 143 2.93 35.50 8.71
N SER A 144 3.04 36.63 8.03
CA SER A 144 2.20 37.78 8.33
C SER A 144 2.15 38.71 7.13
N GLU A 145 1.10 39.52 7.08
CA GLU A 145 0.96 40.58 6.09
C GLU A 145 1.65 41.86 6.53
N THR A 146 2.08 41.94 7.79
CA THR A 146 2.72 43.14 8.32
C THR A 146 3.78 42.68 9.33
N ASN A 147 4.27 43.61 10.14
CA ASN A 147 5.33 43.31 11.10
C ASN A 147 4.75 42.82 12.42
N ASN A 148 4.04 41.70 12.33
CA ASN A 148 3.39 41.12 13.50
C ASN A 148 4.37 40.10 14.08
N THR A 149 5.13 40.52 15.09
CA THR A 149 6.16 39.69 15.69
C THR A 149 5.59 38.65 16.64
N SER A 150 4.27 38.57 16.77
CA SER A 150 3.66 37.59 17.66
C SER A 150 2.88 36.53 16.89
N GLU A 151 3.04 36.47 15.57
CA GLU A 151 2.39 35.45 14.75
C GLU A 151 3.44 34.81 13.84
N TYR A 152 3.76 33.55 14.13
CA TYR A 152 4.78 32.79 13.43
C TYR A 152 4.19 31.50 12.90
N ARG A 153 4.87 30.87 11.93
CA ARG A 153 4.38 29.56 11.44
C ARG A 153 5.57 28.64 11.15
N LEU A 154 5.41 27.34 11.44
CA LEU A 154 6.47 26.36 11.28
C LEU A 154 6.94 26.38 9.83
N ILE A 155 8.25 26.56 9.61
CA ILE A 155 8.75 26.77 8.25
C ILE A 155 8.24 25.72 7.29
N ASN A 156 8.22 24.47 7.73
CA ASN A 156 7.99 23.38 6.81
C ASN A 156 6.60 23.37 6.20
N CYS A 157 5.65 24.06 6.84
CA CYS A 157 4.24 23.92 6.42
C CYS A 157 3.96 24.75 5.18
N ASN A 158 4.98 25.40 4.66
CA ASN A 158 4.67 26.16 3.44
C ASN A 158 4.14 25.16 2.45
N THR A 159 4.75 23.98 2.42
CA THR A 159 4.20 22.94 1.52
C THR A 159 3.43 21.83 2.27
N SER A 160 4.13 20.98 3.05
CA SER A 160 3.44 19.81 3.61
C SER A 160 4.30 18.86 4.44
N CYS A 161 3.71 17.71 4.75
CA CYS A 161 4.40 16.42 5.01
C CYS A 161 5.21 16.45 6.32
N VAL A 162 4.84 17.26 7.30
CA VAL A 162 5.56 17.41 8.55
C VAL A 162 6.01 16.13 9.29
N THR A 163 5.88 14.96 8.69
CA THR A 163 6.11 13.68 9.37
C THR A 163 7.36 13.67 10.24
N GLN A 164 7.36 12.67 11.14
CA GLN A 164 8.30 12.53 12.25
C GLN A 164 9.00 11.18 12.17
N ALA A 165 10.31 11.17 12.37
CA ALA A 165 11.09 9.93 12.41
C ALA A 165 10.86 9.15 13.70
N CYS A 166 11.07 7.82 13.62
CA CYS A 166 10.80 6.97 14.76
C CYS A 166 11.91 7.07 15.81
N PRO A 167 11.58 7.00 17.09
CA PRO A 167 12.60 7.03 18.15
C PRO A 167 13.15 5.65 18.46
N LYS A 168 13.26 4.82 17.44
CA LYS A 168 13.81 3.49 17.60
C LYS A 168 14.64 3.09 16.40
N VAL A 169 15.04 4.06 15.58
CA VAL A 169 15.81 3.82 14.37
C VAL A 169 17.09 4.63 14.49
N THR A 170 18.10 4.24 13.73
CA THR A 170 19.36 4.97 13.70
C THR A 170 19.90 4.90 12.29
N PHE A 171 20.59 5.95 11.89
CA PHE A 171 21.06 6.06 10.52
C PHE A 171 22.57 5.91 10.48
N GLU A 172 23.11 5.12 11.39
CA GLU A 172 24.52 4.80 11.35
C GLU A 172 24.85 4.15 10.01
N PRO A 173 25.89 4.58 9.34
CA PRO A 173 26.19 4.03 8.02
C PRO A 173 26.71 2.60 8.09
N ILE A 174 25.81 1.65 8.28
CA ILE A 174 26.24 0.25 8.32
C ILE A 174 26.77 -0.15 6.96
N PRO A 175 27.94 -0.78 6.87
CA PRO A 175 28.50 -1.11 5.55
C PRO A 175 27.65 -2.12 4.82
N ILE A 176 27.56 -1.95 3.51
CA ILE A 176 26.73 -2.77 2.62
C ILE A 176 27.65 -3.44 1.62
N HIS A 177 27.40 -4.73 1.37
CA HIS A 177 28.11 -5.46 0.33
C HIS A 177 27.23 -5.58 -0.90
N TYR A 178 27.84 -5.42 -2.08
CA TYR A 178 27.17 -5.58 -3.36
C TYR A 178 27.62 -6.88 -4.00
N CYS A 179 26.73 -7.86 -4.09
CA CYS A 179 27.02 -9.10 -4.79
C CYS A 179 26.27 -9.16 -6.10
N ALA A 180 26.74 -10.02 -6.99
CA ALA A 180 26.08 -10.22 -8.28
C ALA A 180 25.51 -11.62 -8.38
N PRO A 181 24.36 -11.79 -9.02
CA PRO A 181 23.81 -13.14 -9.19
C PRO A 181 24.63 -13.91 -10.19
N ALA A 182 24.40 -15.22 -10.22
CA ALA A 182 25.16 -16.09 -11.11
C ALA A 182 24.97 -15.69 -12.56
N GLY A 183 25.99 -15.91 -13.36
CA GLY A 183 25.99 -15.47 -14.73
C GLY A 183 26.73 -14.17 -14.98
N TYR A 184 27.06 -13.44 -13.93
CA TYR A 184 27.81 -12.21 -14.03
C TYR A 184 29.07 -12.32 -13.17
N ALA A 185 29.95 -11.34 -13.32
CA ALA A 185 31.14 -11.31 -12.48
C ALA A 185 31.54 -9.86 -12.26
N ILE A 186 32.31 -9.62 -11.19
CA ILE A 186 32.72 -8.26 -10.87
C ILE A 186 34.22 -8.14 -11.11
N LEU A 187 34.61 -7.05 -11.75
CA LEU A 187 36.00 -6.76 -12.03
C LEU A 187 36.46 -5.57 -11.21
N LYS A 188 37.69 -5.65 -10.70
CA LYS A 188 38.27 -4.62 -9.86
C LYS A 188 39.62 -4.24 -10.43
N CYS A 189 39.81 -2.95 -10.70
CA CYS A 189 41.07 -2.44 -11.25
C CYS A 189 41.99 -2.04 -10.10
N ASN A 190 43.16 -2.67 -10.03
CA ASN A 190 44.07 -2.46 -8.92
C ASN A 190 45.17 -1.46 -9.24
N ASP A 191 45.13 -0.82 -10.39
CA ASP A 191 46.21 0.08 -10.80
C ASP A 191 46.06 1.39 -10.03
N GLU A 192 46.95 1.62 -9.07
CA GLU A 192 46.88 2.83 -8.25
C GLU A 192 47.24 4.10 -9.01
N THR A 193 47.77 3.99 -10.22
CA THR A 193 48.07 5.16 -11.02
C THR A 193 47.00 5.39 -12.08
N PHE A 194 45.99 4.52 -12.01
CA PHE A 194 44.82 4.49 -12.92
C PHE A 194 44.37 5.93 -13.13
N ASN A 195 44.45 6.57 -14.29
CA ASN A 195 44.01 8.00 -14.31
C ASN A 195 42.57 8.25 -14.81
N GLY A 196 41.59 7.44 -14.43
CA GLY A 196 40.16 7.55 -14.74
C GLY A 196 39.65 6.64 -15.84
N THR A 197 40.40 6.42 -16.92
CA THR A 197 39.84 5.59 -17.97
C THR A 197 40.96 4.98 -18.80
N GLY A 198 40.70 3.77 -19.31
CA GLY A 198 41.59 3.13 -20.24
C GLY A 198 42.24 1.89 -19.67
N PRO A 199 43.32 1.47 -20.31
CA PRO A 199 43.78 0.08 -20.15
C PRO A 199 44.28 -0.27 -18.76
N CYS A 200 43.41 -0.84 -17.94
CA CYS A 200 43.86 -1.43 -16.68
C CYS A 200 44.59 -2.73 -16.98
N SER A 201 45.63 -3.04 -16.21
CA SER A 201 46.33 -4.34 -16.44
C SER A 201 46.50 -5.20 -15.18
N ASN A 202 46.20 -4.68 -14.01
CA ASN A 202 46.41 -5.59 -12.86
C ASN A 202 45.08 -6.28 -12.50
N VAL A 203 44.06 -6.07 -13.33
CA VAL A 203 42.64 -6.55 -13.22
C VAL A 203 42.49 -7.88 -12.46
N SER A 204 41.78 -7.82 -11.32
CA SER A 204 41.36 -8.99 -10.57
C SER A 204 39.88 -9.22 -10.80
N THR A 205 39.44 -10.43 -10.50
CA THR A 205 38.04 -10.80 -10.57
C THR A 205 37.49 -11.05 -9.18
N VAL A 206 36.25 -10.64 -8.98
CA VAL A 206 35.57 -10.87 -7.72
C VAL A 206 34.14 -11.30 -8.00
N GLN A 207 33.65 -12.17 -7.13
CA GLN A 207 32.27 -12.63 -7.15
C GLN A 207 31.37 -11.72 -6.32
N CYS A 208 31.88 -11.18 -5.22
CA CYS A 208 31.12 -10.21 -4.45
C CYS A 208 32.06 -9.15 -3.90
N THR A 209 31.66 -7.87 -4.00
CA THR A 209 32.50 -6.71 -3.59
C THR A 209 32.59 -6.49 -2.09
N HIS A 210 33.43 -5.51 -1.79
CA HIS A 210 33.91 -4.86 -0.55
C HIS A 210 32.84 -4.06 0.15
N GLY A 211 33.21 -3.51 1.29
CA GLY A 211 32.19 -2.81 2.07
C GLY A 211 32.03 -1.42 1.48
N ILE A 212 30.84 -0.85 1.57
CA ILE A 212 30.72 0.59 1.25
C ILE A 212 29.84 1.22 2.32
N ARG A 213 30.02 2.51 2.62
CA ARG A 213 29.37 3.18 3.75
C ARG A 213 28.37 4.20 3.22
N PRO A 214 27.08 4.03 3.47
CA PRO A 214 26.08 4.94 2.90
C PRO A 214 26.01 6.27 3.66
N VAL A 215 27.06 7.06 3.55
CA VAL A 215 27.14 8.30 4.31
C VAL A 215 26.61 9.45 3.46
N VAL A 216 25.67 10.20 4.01
CA VAL A 216 25.22 11.43 3.37
C VAL A 216 26.21 12.53 3.71
N SER A 217 26.70 13.22 2.68
CA SER A 217 27.80 14.15 2.89
C SER A 217 27.85 15.15 1.74
N THR A 218 28.44 16.30 2.06
CA THR A 218 28.58 17.46 1.20
C THR A 218 30.08 17.69 1.03
N GLN A 219 30.50 18.93 0.80
CA GLN A 219 31.85 19.29 0.38
C GLN A 219 32.98 18.50 1.03
N LEU A 220 32.94 18.26 2.33
CA LEU A 220 33.98 17.46 2.97
C LEU A 220 33.47 16.05 3.28
N LEU A 221 34.18 15.04 2.81
CA LEU A 221 33.69 13.68 2.92
C LEU A 221 34.25 13.04 4.18
N LEU A 222 33.41 12.33 4.93
CA LEU A 222 33.85 11.85 6.25
C LEU A 222 34.37 10.41 6.19
N ASN A 223 33.78 9.48 6.93
CA ASN A 223 34.44 8.16 6.90
C ASN A 223 34.33 7.58 5.55
N GLY A 224 35.39 6.94 5.21
CA GLY A 224 35.46 6.30 3.89
C GLY A 224 36.75 5.53 3.73
N SER A 225 37.11 5.22 2.48
CA SER A 225 38.31 4.49 2.14
C SER A 225 39.51 5.43 2.10
N LEU A 226 40.70 4.86 2.11
CA LEU A 226 41.93 5.62 2.08
C LEU A 226 42.64 5.41 0.75
N ALA A 227 43.48 6.37 0.39
CA ALA A 227 44.31 6.20 -0.78
C ALA A 227 45.43 5.23 -0.47
N GLU A 228 46.16 4.82 -1.51
CA GLU A 228 47.22 3.84 -1.34
C GLU A 228 48.48 4.48 -0.74
N LYS A 229 49.03 5.47 -1.43
CA LYS A 229 50.32 6.04 -1.03
C LYS A 229 50.32 7.56 -0.98
N GLU A 230 49.67 8.23 -1.94
CA GLU A 230 49.78 9.67 -2.05
C GLU A 230 48.47 10.22 -2.58
N ILE A 231 48.39 11.55 -2.65
CA ILE A 231 47.16 12.23 -3.03
C ILE A 231 46.85 11.96 -4.48
N VAL A 232 45.57 11.76 -4.78
CA VAL A 232 45.09 11.50 -6.13
C VAL A 232 44.02 12.51 -6.48
N ILE A 233 44.11 13.09 -7.66
CA ILE A 233 43.20 14.12 -8.12
C ILE A 233 42.53 13.64 -9.40
N ARG A 234 41.22 13.40 -9.34
CA ARG A 234 40.43 13.01 -10.50
C ARG A 234 39.71 14.22 -11.06
N SER A 235 39.37 14.16 -12.34
CA SER A 235 38.59 15.23 -12.95
C SER A 235 38.06 14.76 -14.29
N GLU A 236 37.00 15.43 -14.76
CA GLU A 236 36.54 15.19 -16.14
C GLU A 236 37.23 16.18 -17.09
N ASN A 237 36.55 17.27 -17.44
CA ASN A 237 37.02 18.23 -18.49
C ASN A 237 38.19 19.14 -18.07
N LEU A 238 38.24 19.52 -16.80
CA LEU A 238 39.25 20.48 -16.26
C LEU A 238 38.98 21.86 -16.88
N THR A 239 39.22 22.01 -18.20
CA THR A 239 38.98 23.23 -18.95
C THR A 239 37.63 23.86 -18.59
N ASN A 240 36.58 23.05 -18.70
CA ASN A 240 35.15 23.43 -18.46
C ASN A 240 34.85 23.73 -16.97
N ASN A 241 33.99 24.73 -16.71
CA ASN A 241 33.83 25.29 -15.37
C ASN A 241 32.74 24.59 -14.56
N ALA A 242 31.84 23.87 -15.21
CA ALA A 242 30.65 23.36 -14.56
C ALA A 242 30.84 21.96 -13.98
N LYS A 243 32.08 21.50 -13.88
CA LYS A 243 32.37 20.14 -13.46
C LYS A 243 32.93 20.13 -12.04
N ILE A 244 32.90 18.95 -11.44
CA ILE A 244 33.37 18.75 -10.08
C ILE A 244 34.63 17.89 -10.10
N ILE A 245 35.59 18.25 -9.29
CA ILE A 245 36.85 17.53 -9.22
C ILE A 245 36.92 16.82 -7.88
N ILE A 246 37.55 15.65 -7.90
CA ILE A 246 37.62 14.77 -6.75
C ILE A 246 39.05 14.73 -6.27
N VAL A 247 39.24 14.97 -4.98
CA VAL A 247 40.57 14.94 -4.40
C VAL A 247 40.59 13.87 -3.34
N HIS A 248 41.43 12.86 -3.55
CA HIS A 248 41.56 11.74 -2.64
C HIS A 248 42.85 11.95 -1.83
N LEU A 249 42.72 11.98 -0.51
CA LEU A 249 43.86 12.28 0.36
C LEU A 249 44.39 11.04 1.08
N HIS A 250 45.70 11.04 1.29
CA HIS A 250 46.39 10.03 2.07
C HIS A 250 46.64 10.56 3.49
N THR A 251 45.61 11.09 4.16
CA THR A 251 45.90 11.67 5.46
C THR A 251 45.77 10.67 6.62
N PRO A 252 44.58 10.40 7.20
CA PRO A 252 43.31 11.11 7.42
C PRO A 252 43.56 12.26 8.40
N VAL A 253 42.79 13.34 8.35
CA VAL A 253 42.95 14.46 9.29
C VAL A 253 41.90 14.35 10.37
N GLU A 254 42.32 14.35 11.63
CA GLU A 254 41.36 14.18 12.71
C GLU A 254 40.40 15.36 12.74
N ILE A 255 39.12 15.08 12.98
CA ILE A 255 38.13 16.14 13.14
C ILE A 255 37.11 15.71 14.18
N VAL A 256 36.66 16.65 15.00
CA VAL A 256 35.69 16.33 16.04
C VAL A 256 34.68 17.46 16.13
N CYS A 257 33.41 17.10 16.36
CA CYS A 257 32.35 18.11 16.50
C CYS A 257 31.48 17.78 17.69
N THR A 258 30.89 18.80 18.32
CA THR A 258 30.11 18.57 19.53
C THR A 258 29.11 19.70 19.78
N ARG A 259 28.35 19.56 20.86
CA ARG A 259 27.37 20.55 21.29
C ARG A 259 27.16 20.42 22.79
N PRO A 260 26.49 21.38 23.42
CA PRO A 260 26.31 21.36 24.88
C PRO A 260 25.13 20.52 25.33
N ASN A 261 24.92 20.53 26.65
CA ASN A 261 23.76 19.87 27.32
C ASN A 261 22.42 20.48 27.04
N ASN A 262 21.42 19.58 27.01
CA ASN A 262 20.01 19.95 26.96
C ASN A 262 19.25 19.10 27.97
N ASN A 263 18.13 19.63 28.47
CA ASN A 263 17.45 18.94 29.56
C ASN A 263 16.86 17.61 29.10
N THR A 264 15.85 17.65 28.25
CA THR A 264 15.27 16.41 27.80
C THR A 264 14.38 16.68 26.60
N ARG A 265 13.66 15.65 26.21
CA ARG A 265 12.77 15.68 25.08
C ARG A 265 11.35 15.55 25.61
N LYS A 266 10.59 16.64 25.54
CA LYS A 266 9.25 16.60 26.07
C LYS A 266 8.42 15.64 25.23
N SER A 267 7.63 14.82 25.91
CA SER A 267 6.78 13.85 25.26
C SER A 267 5.37 14.41 25.24
N VAL A 268 4.87 14.73 24.05
CA VAL A 268 3.57 15.35 23.87
C VAL A 268 2.74 14.44 22.99
N ARG A 269 1.52 14.14 23.41
CA ARG A 269 0.64 13.27 22.64
C ARG A 269 -0.48 14.07 22.01
N ILE A 270 -0.65 13.91 20.71
CA ILE A 270 -1.69 14.57 19.94
C ILE A 270 -2.67 13.53 19.45
N GLY A 271 -3.95 13.74 19.77
CA GLY A 271 -5.02 12.87 19.33
C GLY A 271 -4.81 11.40 19.65
N PRO A 272 -5.01 10.56 18.65
CA PRO A 272 -4.98 9.10 18.84
C PRO A 272 -3.57 8.55 18.98
N GLY A 273 -2.91 8.91 20.07
CA GLY A 273 -1.64 8.31 20.40
C GLY A 273 -0.48 8.73 19.53
N GLN A 274 -0.58 9.88 18.84
CA GLN A 274 0.48 10.31 17.94
C GLN A 274 1.54 11.04 18.75
N THR A 275 2.39 10.27 19.41
CA THR A 275 3.39 10.85 20.28
C THR A 275 4.45 11.53 19.44
N PHE A 276 4.95 12.67 19.90
CA PHE A 276 6.06 13.32 19.25
C PHE A 276 6.94 13.94 20.32
N TYR A 277 8.19 14.22 19.95
CA TYR A 277 9.13 14.78 20.89
C TYR A 277 9.59 16.16 20.42
N ALA A 278 9.87 17.03 21.38
CA ALA A 278 10.31 18.36 21.06
C ALA A 278 11.37 18.80 22.06
N THR A 279 12.22 19.70 21.63
CA THR A 279 13.27 20.20 22.51
C THR A 279 12.65 21.03 23.62
N GLY A 280 12.90 20.64 24.86
CA GLY A 280 12.36 21.36 26.00
C GLY A 280 13.30 22.41 26.52
N ASP A 281 13.47 22.46 27.83
CA ASP A 281 14.32 23.46 28.47
C ASP A 281 15.78 23.05 28.31
N ILE A 282 16.71 23.88 28.77
CA ILE A 282 18.13 23.57 28.68
C ILE A 282 18.80 23.90 30.00
N ILE A 283 19.54 22.94 30.54
CA ILE A 283 20.28 23.11 31.78
C ILE A 283 21.66 22.52 31.53
N GLY A 284 22.72 23.24 31.93
CA GLY A 284 22.68 24.47 32.69
C GLY A 284 22.89 25.69 31.81
N ASP A 285 24.14 26.09 31.63
CA ASP A 285 24.46 27.17 30.71
C ASP A 285 24.30 26.71 29.26
N ILE A 286 24.52 27.63 28.33
CA ILE A 286 24.34 27.37 26.89
C ILE A 286 25.58 27.77 26.12
N LYS A 287 26.06 26.89 25.25
CA LYS A 287 27.25 27.15 24.44
C LYS A 287 27.02 26.65 23.02
N GLN A 288 28.08 26.68 22.22
CA GLN A 288 28.09 26.21 20.83
C GLN A 288 28.39 24.72 20.84
N ALA A 289 27.98 23.94 19.82
CA ALA A 289 27.70 24.19 18.39
C ALA A 289 28.97 24.57 17.61
N HIS A 290 29.99 23.70 17.64
CA HIS A 290 31.21 23.97 16.92
C HIS A 290 31.91 22.67 16.53
N CYS A 291 32.86 22.81 15.59
CA CYS A 291 33.74 21.72 15.17
C CYS A 291 35.20 22.14 15.24
N ASN A 292 36.06 21.19 15.59
CA ASN A 292 37.50 21.39 15.73
C ASN A 292 38.27 20.52 14.76
N ILE A 293 39.34 21.10 14.19
CA ILE A 293 40.21 20.43 13.22
C ILE A 293 41.65 20.76 13.56
N SER A 294 42.52 19.75 13.53
CA SER A 294 43.92 19.97 13.86
C SER A 294 44.58 20.80 12.78
N GLU A 295 45.31 21.85 13.18
CA GLU A 295 45.85 22.79 12.20
C GLU A 295 47.01 22.20 11.42
N GLU A 296 47.99 21.63 12.11
CA GLU A 296 49.22 21.23 11.45
C GLU A 296 48.98 20.10 10.46
N LYS A 297 48.02 19.22 10.75
CA LYS A 297 47.64 18.22 9.77
C LYS A 297 46.95 18.89 8.58
N TRP A 298 46.05 19.83 8.87
CA TRP A 298 45.35 20.51 7.78
C TRP A 298 46.33 21.24 6.89
N ASN A 299 47.33 21.81 7.51
CA ASN A 299 48.21 22.68 6.72
C ASN A 299 48.93 21.87 5.64
N ASP A 300 49.69 20.87 6.06
CA ASP A 300 50.48 20.12 5.10
C ASP A 300 49.60 19.28 4.18
N THR A 301 48.45 18.83 4.65
CA THR A 301 47.53 18.16 3.74
C THR A 301 47.08 19.10 2.64
N LEU A 302 46.69 20.32 3.00
CA LEU A 302 46.22 21.23 1.98
C LEU A 302 47.34 21.64 1.06
N GLN A 303 48.57 21.69 1.56
CA GLN A 303 49.71 21.98 0.69
C GLN A 303 50.01 20.82 -0.25
N LYS A 304 50.01 19.59 0.27
CA LYS A 304 50.25 18.45 -0.58
C LYS A 304 49.25 18.42 -1.74
N VAL A 305 48.03 18.89 -1.49
CA VAL A 305 47.07 19.06 -2.57
C VAL A 305 47.67 19.93 -3.65
N GLY A 306 48.40 20.97 -3.27
CA GLY A 306 48.98 21.86 -4.27
C GLY A 306 50.04 21.17 -5.11
N ILE A 307 50.90 20.39 -4.46
CA ILE A 307 52.02 19.80 -5.20
C ILE A 307 51.53 18.78 -6.20
N GLU A 308 50.42 18.11 -5.90
CA GLU A 308 49.89 17.18 -6.89
C GLU A 308 48.99 17.87 -7.91
N LEU A 309 48.26 18.90 -7.49
CA LEU A 309 47.42 19.61 -8.45
C LEU A 309 48.25 20.32 -9.50
N GLN A 310 49.41 20.86 -9.10
CA GLN A 310 50.25 21.56 -10.06
C GLN A 310 50.79 20.65 -11.16
N LYS A 311 50.52 19.35 -11.10
CA LYS A 311 50.97 18.48 -12.17
C LYS A 311 50.29 18.81 -13.50
N HIS A 312 49.08 19.35 -13.46
CA HIS A 312 48.33 19.63 -14.67
C HIS A 312 48.43 21.09 -15.10
N PHE A 313 48.96 21.88 -14.21
CA PHE A 313 49.01 23.33 -14.52
C PHE A 313 50.51 23.60 -14.49
N PRO A 314 51.14 24.23 -15.63
CA PRO A 314 52.63 24.96 -16.03
C PRO A 314 53.13 25.96 -14.98
N ASN A 315 52.70 27.20 -15.05
CA ASN A 315 53.14 28.15 -14.00
C ASN A 315 51.97 29.06 -13.64
N LYS A 316 50.91 28.44 -13.13
CA LYS A 316 49.64 29.12 -12.72
C LYS A 316 49.31 28.90 -11.24
N THR A 317 48.68 29.88 -10.55
CA THR A 317 48.50 29.63 -9.10
C THR A 317 47.06 29.23 -8.76
N ILE A 318 46.99 28.50 -7.63
CA ILE A 318 45.88 27.94 -6.88
C ILE A 318 45.46 28.94 -5.82
N LYS A 319 44.18 29.29 -5.82
CA LYS A 319 43.63 30.17 -4.79
C LYS A 319 42.33 29.57 -4.27
N TYR A 320 41.92 30.06 -3.10
CA TYR A 320 40.76 29.52 -2.35
C TYR A 320 39.93 30.70 -1.87
N ASN A 321 38.66 30.70 -2.26
CA ASN A 321 37.67 31.73 -1.90
C ASN A 321 36.39 31.10 -1.34
N GLN A 322 35.54 31.85 -0.64
CA GLN A 322 34.29 31.25 -0.09
C GLN A 322 33.43 30.81 -1.28
N SER A 323 32.48 29.88 -1.07
CA SER A 323 31.44 29.36 -1.94
C SER A 323 30.55 30.48 -2.46
N ALA A 324 29.76 30.16 -3.48
CA ALA A 324 29.02 31.16 -4.24
C ALA A 324 27.68 31.48 -3.57
N GLY A 325 27.77 31.85 -2.28
CA GLY A 325 26.61 32.35 -1.57
C GLY A 325 25.46 31.36 -1.53
N GLY A 326 24.24 31.88 -1.64
CA GLY A 326 23.05 31.07 -1.52
C GLY A 326 22.67 30.82 -0.07
N ASP A 327 21.63 30.01 0.10
CA ASP A 327 21.18 29.68 1.44
C ASP A 327 22.09 28.61 2.04
N MET A 328 21.82 28.27 3.31
CA MET A 328 22.74 27.41 4.06
C MET A 328 22.86 26.03 3.46
N GLU A 329 21.80 25.51 2.84
CA GLU A 329 21.87 24.18 2.26
C GLU A 329 22.92 24.10 1.16
N ILE A 330 23.39 25.23 0.65
CA ILE A 330 24.34 25.25 -0.46
C ILE A 330 25.75 25.59 0.01
N THR A 331 25.89 26.64 0.82
CA THR A 331 27.21 27.12 1.18
C THR A 331 27.76 26.41 2.41
N THR A 332 26.90 26.13 3.38
CA THR A 332 27.39 25.54 4.62
C THR A 332 27.42 24.03 4.55
N HIS A 333 28.38 23.46 5.28
CA HIS A 333 28.65 22.02 5.23
C HIS A 333 27.64 21.33 6.13
N SER A 334 26.96 20.33 5.61
CA SER A 334 25.91 19.62 6.34
C SER A 334 26.36 18.20 6.59
N PHE A 335 26.17 17.72 7.81
CA PHE A 335 26.37 16.29 8.05
C PHE A 335 25.56 15.86 9.25
N ASN A 336 25.54 14.56 9.50
CA ASN A 336 24.71 14.00 10.55
C ASN A 336 25.58 13.27 11.56
N CYS A 337 25.24 13.41 12.84
CA CYS A 337 25.93 12.70 13.91
C CYS A 337 24.99 12.45 15.06
N GLY A 338 24.78 11.19 15.40
CA GLY A 338 23.96 10.86 16.54
C GLY A 338 22.51 11.26 16.39
N GLY A 339 22.02 11.39 15.16
CA GLY A 339 20.66 11.80 14.93
C GLY A 339 20.48 13.29 14.81
N GLU A 340 21.50 14.08 15.12
CA GLU A 340 21.43 15.52 14.98
C GLU A 340 22.04 15.96 13.65
N PHE A 341 21.61 17.13 13.18
CA PHE A 341 22.11 17.70 11.95
C PHE A 341 22.79 19.03 12.25
N PHE A 342 24.00 19.20 11.72
CA PHE A 342 24.75 20.44 11.87
C PHE A 342 25.04 21.04 10.50
N TYR A 343 25.06 22.37 10.47
CA TYR A 343 25.48 23.11 9.28
C TYR A 343 26.64 24.00 9.71
N CYS A 344 27.83 23.73 9.17
CA CYS A 344 29.00 24.48 9.69
C CYS A 344 29.55 25.43 8.61
N ASN A 345 30.29 26.41 9.05
CA ASN A 345 30.84 27.40 8.12
C ASN A 345 32.31 27.06 8.06
N THR A 346 32.91 27.02 6.88
CA THR A 346 34.31 26.54 6.76
C THR A 346 35.27 27.67 6.41
N SER A 347 35.05 28.89 6.92
CA SER A 347 35.87 29.96 6.38
C SER A 347 37.34 29.74 6.69
N ASN A 348 37.63 29.18 7.86
CA ASN A 348 38.99 29.07 8.36
C ASN A 348 39.76 27.91 7.77
N LEU A 349 39.21 27.22 6.76
CA LEU A 349 39.89 26.11 6.16
C LEU A 349 40.47 26.44 4.79
N PHE A 350 39.70 27.17 3.99
CA PHE A 350 40.03 27.40 2.56
C PHE A 350 40.43 28.86 2.34
N ASN A 351 41.34 29.38 3.15
CA ASN A 351 41.79 30.76 2.87
C ASN A 351 43.30 30.79 2.82
N GLY A 352 43.80 31.10 1.64
CA GLY A 352 45.24 31.05 1.33
C GLY A 352 45.52 30.78 -0.14
N THR A 353 46.70 30.23 -0.43
CA THR A 353 47.19 30.01 -1.77
C THR A 353 48.42 29.10 -1.72
N TYR A 354 48.87 28.69 -2.90
CA TYR A 354 50.08 27.92 -3.07
C TYR A 354 50.74 28.33 -4.38
N ASN A 355 52.01 28.72 -4.30
CA ASN A 355 52.72 29.24 -5.48
C ASN A 355 53.92 28.40 -5.84
N GLY A 356 54.04 27.19 -5.30
CA GLY A 356 55.17 26.32 -5.52
C GLY A 356 56.19 26.40 -4.41
N THR A 357 56.20 27.47 -3.64
CA THR A 357 57.11 27.64 -2.52
C THR A 357 56.57 26.84 -1.33
N TYR A 358 56.83 25.54 -1.37
CA TYR A 358 56.36 24.66 -0.30
C TYR A 358 57.19 24.86 0.96
N ILE A 359 56.52 25.05 2.10
CA ILE A 359 57.21 25.24 3.42
C ILE A 359 56.68 24.24 4.44
N SER A 360 57.43 23.17 4.73
CA SER A 360 57.04 22.21 5.76
C SER A 360 57.18 22.89 7.11
N THR A 361 56.11 22.86 7.91
CA THR A 361 56.09 23.52 9.20
C THR A 361 56.67 22.56 10.25
N ASN A 362 57.84 22.91 10.75
CA ASN A 362 58.55 22.08 11.72
C ASN A 362 59.32 23.00 12.65
N SER A 363 59.53 22.57 13.90
CA SER A 363 59.07 21.26 14.38
C SER A 363 57.70 21.32 15.02
N SER A 364 57.27 20.20 15.60
CA SER A 364 55.99 20.11 16.30
C SER A 364 56.14 20.73 17.70
N ALA A 365 56.44 22.03 17.70
CA ALA A 365 56.72 22.71 18.96
C ALA A 365 55.46 22.86 19.80
N ASN A 366 54.29 22.97 19.17
CA ASN A 366 53.05 23.14 19.91
C ASN A 366 51.92 22.56 19.07
N SER A 367 51.47 21.36 19.43
CA SER A 367 50.35 20.73 18.75
C SER A 367 49.00 21.20 19.27
N THR A 368 48.98 22.08 20.27
CA THR A 368 47.71 22.55 20.81
C THR A 368 47.01 23.52 19.87
N SER A 369 47.74 24.17 18.98
CA SER A 369 47.11 25.12 18.06
C SER A 369 46.24 24.35 17.07
N THR A 370 44.95 24.69 17.05
CA THR A 370 43.99 24.00 16.20
C THR A 370 43.09 25.03 15.52
N ILE A 371 42.22 24.56 14.66
CA ILE A 371 41.24 25.41 14.01
C ILE A 371 39.86 25.10 14.57
N THR A 372 39.03 26.14 14.68
CA THR A 372 37.70 26.02 15.25
C THR A 372 36.67 26.61 14.31
N LEU A 373 35.54 25.92 14.15
CA LEU A 373 34.46 26.36 13.29
C LEU A 373 33.14 26.43 14.05
N GLN A 374 32.30 27.37 13.61
CA GLN A 374 30.95 27.55 14.14
C GLN A 374 29.96 26.68 13.38
N CYS A 375 28.92 26.23 14.08
CA CYS A 375 27.89 25.40 13.46
C CYS A 375 26.51 25.82 13.92
N ARG A 376 25.50 25.38 13.17
CA ARG A 376 24.11 25.60 13.49
C ARG A 376 23.40 24.26 13.49
N ILE A 377 22.23 24.22 14.13
CA ILE A 377 21.46 22.99 14.25
C ILE A 377 20.06 23.23 13.73
N LYS A 378 19.67 22.48 12.71
CA LYS A 378 18.31 22.53 12.20
C LYS A 378 17.54 21.30 12.64
N GLN A 379 16.24 21.31 12.37
CA GLN A 379 15.43 20.13 12.59
C GLN A 379 14.61 19.72 11.39
N ILE A 380 14.32 20.61 10.46
CA ILE A 380 13.61 20.26 9.23
C ILE A 380 14.65 19.93 8.18
N ILE A 381 14.63 18.69 7.70
CA ILE A 381 15.63 18.21 6.75
C ILE A 381 14.99 18.05 5.38
N ASN A 382 15.61 18.65 4.37
CA ASN A 382 15.07 18.61 3.02
C ASN A 382 16.02 17.84 2.10
N MET A 383 16.43 16.66 2.55
CA MET A 383 17.58 15.95 2.01
C MET A 383 17.53 15.81 0.48
N TRP A 384 16.62 15.00 -0.03
CA TRP A 384 16.69 14.55 -1.42
C TRP A 384 15.44 14.96 -2.16
N GLN A 385 15.63 15.54 -3.34
CA GLN A 385 14.54 15.90 -4.23
C GLN A 385 13.84 14.63 -4.71
N GLY A 386 12.60 14.43 -4.27
CA GLY A 386 11.82 13.28 -4.67
C GLY A 386 11.79 12.12 -3.71
N VAL A 387 12.34 12.27 -2.50
CA VAL A 387 12.28 11.23 -1.49
C VAL A 387 11.26 11.53 -0.41
N GLY A 388 10.54 12.62 -0.52
CA GLY A 388 9.68 13.03 0.57
C GLY A 388 10.57 13.71 1.58
N ARG A 389 11.46 14.56 1.07
CA ARG A 389 12.42 15.26 1.90
C ARG A 389 11.65 16.23 2.79
N CYS A 390 11.09 15.68 3.86
CA CYS A 390 10.23 16.44 4.74
C CYS A 390 10.31 15.94 6.16
N MET A 391 11.46 15.43 6.55
CA MET A 391 11.53 14.79 7.86
C MET A 391 11.63 15.87 8.92
N TYR A 392 10.83 15.75 9.96
CA TYR A 392 11.01 16.51 11.19
C TYR A 392 11.81 15.65 12.15
N ALA A 393 13.01 16.08 12.49
CA ALA A 393 13.85 15.30 13.37
C ALA A 393 13.48 15.53 14.82
N PRO A 394 13.64 14.52 15.67
CA PRO A 394 13.50 14.74 17.09
C PRO A 394 14.84 15.15 17.68
N PRO A 395 14.85 15.75 18.85
CA PRO A 395 16.10 15.92 19.59
C PRO A 395 16.47 14.64 20.32
N ILE A 396 17.65 14.64 20.91
CA ILE A 396 18.11 13.50 21.68
C ILE A 396 18.49 13.94 23.09
N ALA A 397 18.96 13.02 23.92
CA ALA A 397 18.88 13.20 25.36
C ALA A 397 19.79 14.30 25.90
N GLY A 398 21.11 14.17 25.68
CA GLY A 398 22.02 15.12 26.32
C GLY A 398 23.14 15.58 25.41
N ASN A 399 24.27 15.89 25.99
CA ASN A 399 25.35 16.35 25.12
C ASN A 399 25.90 15.13 24.39
N ILE A 400 26.18 15.24 23.09
CA ILE A 400 26.70 14.13 22.24
C ILE A 400 27.95 14.62 21.50
N THR A 401 28.83 13.70 21.09
CA THR A 401 30.04 14.04 20.38
C THR A 401 30.14 13.21 19.11
N CYS A 402 31.09 13.57 18.25
CA CYS A 402 31.28 12.84 17.02
C CYS A 402 32.72 12.98 16.57
N ARG A 403 33.39 11.85 16.32
CA ARG A 403 34.76 11.83 15.84
C ARG A 403 34.80 11.21 14.47
N SER A 404 35.45 11.88 13.51
CA SER A 404 35.49 11.39 12.10
C SER A 404 36.89 11.55 11.51
N ASN A 405 37.15 10.74 10.45
CA ASN A 405 38.43 10.48 9.73
C ASN A 405 38.53 10.94 8.26
N ILE A 406 37.99 12.09 7.91
CA ILE A 406 37.93 12.93 6.67
C ILE A 406 38.96 12.41 5.65
N THR A 407 38.48 12.01 4.47
CA THR A 407 39.29 11.31 3.49
C THR A 407 39.40 12.03 2.16
N GLY A 408 38.50 12.96 1.84
CA GLY A 408 38.53 13.53 0.51
C GLY A 408 37.76 14.81 0.43
N LEU A 409 38.00 15.53 -0.67
CA LEU A 409 37.37 16.82 -0.89
C LEU A 409 36.62 16.83 -2.22
N LEU A 410 35.52 17.58 -2.26
CA LEU A 410 34.81 17.88 -3.49
C LEU A 410 34.96 19.36 -3.79
N LEU A 411 35.67 19.69 -4.86
CA LEU A 411 35.95 21.08 -5.17
C LEU A 411 35.48 21.40 -6.59
N THR A 412 35.41 22.69 -6.89
CA THR A 412 35.18 23.12 -8.27
C THR A 412 35.95 24.40 -8.52
N ARG A 413 36.40 24.56 -9.77
CA ARG A 413 37.25 25.69 -10.12
C ARG A 413 36.40 26.86 -10.59
N ASP A 414 36.76 28.05 -10.14
CA ASP A 414 36.00 29.23 -10.50
C ASP A 414 36.21 29.56 -11.97
N GLY A 415 35.17 30.13 -12.59
CA GLY A 415 35.25 30.49 -13.98
C GLY A 415 35.83 31.86 -14.18
N GLY A 416 37.09 32.04 -13.77
CA GLY A 416 37.75 33.33 -13.89
C GLY A 416 38.52 33.46 -15.20
N THR A 417 38.81 34.71 -15.54
CA THR A 417 39.62 34.99 -16.72
C THR A 417 40.25 36.36 -16.55
N ASN A 418 40.70 36.96 -17.65
CA ASN A 418 41.50 38.18 -17.65
C ASN A 418 42.86 37.94 -16.99
N SER A 419 43.67 37.08 -17.61
CA SER A 419 45.00 36.74 -17.10
C SER A 419 44.89 36.16 -15.70
N ASN A 420 44.10 35.10 -15.58
CA ASN A 420 43.86 34.44 -14.30
C ASN A 420 44.96 33.40 -14.05
N GLU A 421 46.09 33.89 -13.57
CA GLU A 421 47.14 33.01 -13.07
C GLU A 421 47.00 32.75 -11.58
N THR A 422 45.86 33.11 -11.02
CA THR A 422 45.55 32.91 -9.61
C THR A 422 44.24 32.15 -9.51
N GLU A 423 44.13 31.06 -10.27
CA GLU A 423 42.88 30.30 -10.33
C GLU A 423 42.43 29.86 -8.96
N THR A 424 41.17 30.11 -8.66
CA THR A 424 40.63 29.87 -7.33
C THR A 424 39.62 28.73 -7.38
N PHE A 425 39.50 28.03 -6.27
CA PHE A 425 38.59 26.90 -6.12
C PHE A 425 37.50 27.28 -5.15
N ARG A 426 36.27 27.01 -5.53
CA ARG A 426 35.22 27.20 -4.56
C ARG A 426 34.78 25.87 -3.97
N PRO A 427 34.31 25.86 -2.72
CA PRO A 427 33.55 24.70 -2.25
C PRO A 427 32.23 24.62 -2.98
N ALA A 428 31.93 23.44 -3.51
CA ALA A 428 30.68 23.20 -4.20
C ALA A 428 30.06 21.91 -3.73
N GLY A 429 28.74 21.90 -3.69
CA GLY A 429 27.99 20.70 -3.39
C GLY A 429 27.69 19.92 -4.65
N GLY A 430 26.67 19.09 -4.58
CA GLY A 430 26.30 18.26 -5.68
C GLY A 430 25.45 17.10 -5.21
N ASP A 431 25.09 16.25 -6.15
CA ASP A 431 24.27 15.09 -5.84
C ASP A 431 25.07 14.06 -5.07
N MET A 432 24.36 13.28 -4.25
CA MET A 432 25.02 12.23 -3.50
C MET A 432 25.67 11.21 -4.43
N ARG A 433 25.21 11.17 -5.68
CA ARG A 433 25.81 10.30 -6.67
C ARG A 433 27.31 10.55 -6.75
N ASP A 434 27.73 11.80 -6.65
CA ASP A 434 29.13 12.12 -6.85
C ASP A 434 29.98 11.57 -5.72
N ASN A 435 29.46 11.57 -4.50
CA ASN A 435 30.21 10.95 -3.40
C ASN A 435 30.31 9.46 -3.60
N TRP A 436 29.19 8.81 -3.91
CA TRP A 436 29.27 7.37 -4.10
C TRP A 436 30.06 7.00 -5.33
N ARG A 437 30.06 7.86 -6.36
CA ARG A 437 30.90 7.62 -7.51
C ARG A 437 32.37 7.64 -7.11
N SER A 438 32.72 8.44 -6.11
CA SER A 438 34.10 8.46 -5.67
C SER A 438 34.46 7.19 -4.92
N GLU A 439 33.48 6.55 -4.32
CA GLU A 439 33.75 5.32 -3.60
C GLU A 439 33.71 4.10 -4.51
N LEU A 440 32.89 4.15 -5.54
CA LEU A 440 32.55 2.95 -6.32
C LEU A 440 33.20 2.91 -7.69
N TYR A 441 34.24 3.70 -7.92
CA TYR A 441 34.83 3.74 -9.26
C TYR A 441 35.65 2.50 -9.57
N LYS A 442 36.12 1.80 -8.54
CA LYS A 442 36.96 0.64 -8.78
C LYS A 442 36.21 -0.55 -9.37
N TYR A 443 34.88 -0.58 -9.30
CA TYR A 443 34.17 -1.82 -9.56
C TYR A 443 33.28 -1.71 -10.79
N LYS A 444 33.25 -2.81 -11.55
CA LYS A 444 32.41 -2.92 -12.73
C LYS A 444 31.88 -4.34 -12.82
N VAL A 445 30.71 -4.50 -13.43
CA VAL A 445 30.05 -5.79 -13.56
C VAL A 445 29.89 -6.13 -15.02
N VAL A 446 30.28 -7.34 -15.42
CA VAL A 446 30.10 -7.75 -16.80
C VAL A 446 29.37 -9.08 -16.88
N LYS A 447 28.84 -9.34 -18.08
CA LYS A 447 28.12 -10.56 -18.41
C LYS A 447 29.09 -11.61 -18.90
N ILE A 448 28.83 -12.85 -18.52
CA ILE A 448 29.58 -14.00 -19.01
C ILE A 448 28.86 -14.56 -20.23
N GLU A 449 29.59 -14.74 -21.32
CA GLU A 449 29.04 -15.40 -22.51
C GLU A 449 29.74 -16.74 -22.66
N PRO A 450 29.18 -17.80 -22.09
CA PRO A 450 29.94 -19.05 -21.94
C PRO A 450 30.06 -19.89 -23.20
N LEU A 451 29.39 -19.54 -24.28
CA LEU A 451 29.41 -20.34 -25.51
C LEU A 451 30.35 -19.71 -26.53
N GLY A 452 31.13 -20.54 -27.22
CA GLY A 452 31.98 -20.02 -28.26
C GLY A 452 32.28 -21.05 -29.33
N VAL A 453 32.74 -20.55 -30.48
CA VAL A 453 32.97 -21.35 -31.66
C VAL A 453 34.41 -21.12 -32.11
N ALA A 454 35.06 -22.17 -32.57
CA ALA A 454 36.39 -22.00 -33.13
C ALA A 454 36.68 -23.07 -34.16
N PRO A 455 37.54 -22.80 -35.13
CA PRO A 455 37.87 -23.81 -36.14
C PRO A 455 38.77 -24.89 -35.56
N THR A 456 38.67 -26.08 -36.13
CA THR A 456 39.52 -27.18 -35.70
C THR A 456 39.52 -28.28 -36.75
N ARG A 457 40.49 -29.18 -36.61
CA ARG A 457 40.62 -30.36 -37.48
C ARG A 457 39.76 -31.52 -37.03
N CYS A 458 39.06 -31.39 -35.90
CA CYS A 458 38.19 -32.44 -35.39
C CYS A 458 36.98 -32.59 -36.30
N LYS A 459 36.35 -33.77 -36.23
CA LYS A 459 35.15 -34.03 -37.02
C LYS A 459 34.34 -35.12 -36.34
N ARG A 460 33.02 -35.02 -36.49
CA ARG A 460 32.13 -35.98 -35.86
C ARG A 460 32.09 -37.27 -36.65
N ARG A 461 32.19 -38.39 -35.94
CA ARG A 461 32.08 -39.68 -36.60
C ARG A 461 30.64 -39.95 -36.99
N VAL A 462 30.43 -40.37 -38.23
CA VAL A 462 29.09 -40.68 -38.71
C VAL A 462 28.64 -42.01 -38.12
N ALA B 1 45.85 -28.63 -19.12
CA ALA B 1 44.94 -27.52 -18.86
C ALA B 1 44.08 -27.82 -17.63
N VAL B 2 44.53 -28.78 -16.82
CA VAL B 2 43.77 -29.23 -15.67
C VAL B 2 44.56 -29.15 -14.37
N GLY B 3 45.75 -28.55 -14.37
CA GLY B 3 46.60 -28.53 -13.20
C GLY B 3 46.17 -27.64 -12.05
N ILE B 4 45.11 -26.84 -12.21
CA ILE B 4 44.67 -25.97 -11.13
C ILE B 4 44.05 -26.80 -10.00
N GLY B 5 43.04 -27.60 -10.33
CA GLY B 5 42.42 -28.48 -9.36
C GLY B 5 41.52 -27.72 -8.40
N ALA B 6 42.10 -26.83 -7.61
CA ALA B 6 41.36 -26.02 -6.66
C ALA B 6 40.68 -24.90 -7.44
N VAL B 7 39.53 -25.20 -8.00
CA VAL B 7 38.80 -24.25 -8.85
C VAL B 7 37.51 -23.86 -8.14
N PHE B 8 37.49 -22.64 -7.62
CA PHE B 8 36.30 -21.99 -7.08
C PHE B 8 36.15 -20.60 -7.68
N LEU B 9 36.77 -20.39 -8.83
CA LEU B 9 36.91 -19.10 -9.49
C LEU B 9 36.18 -19.03 -10.82
N GLY B 10 35.74 -20.16 -11.34
CA GLY B 10 34.95 -20.19 -12.54
C GLY B 10 35.83 -19.94 -13.75
N PHE B 11 35.16 -19.70 -14.89
CA PHE B 11 35.87 -19.53 -16.15
C PHE B 11 36.96 -18.48 -16.01
N LEU B 12 36.75 -17.52 -15.12
CA LEU B 12 37.60 -16.36 -15.00
C LEU B 12 39.00 -16.73 -14.55
N GLY B 13 39.21 -17.94 -14.04
CA GLY B 13 40.55 -18.36 -13.66
C GLY B 13 41.48 -18.68 -14.80
N ALA B 14 40.96 -18.86 -16.00
CA ALA B 14 41.80 -19.19 -17.15
C ALA B 14 41.95 -18.03 -18.12
N ALA B 15 41.32 -16.89 -17.87
CA ALA B 15 41.35 -15.79 -18.81
C ALA B 15 42.78 -15.34 -19.05
N GLY B 16 43.05 -14.95 -20.29
CA GLY B 16 44.36 -14.48 -20.66
C GLY B 16 45.29 -15.55 -21.20
N SER B 17 45.02 -16.82 -20.91
CA SER B 17 45.86 -17.90 -21.41
C SER B 17 45.41 -18.25 -22.83
N THR B 18 46.17 -19.10 -23.51
CA THR B 18 45.81 -19.42 -24.87
C THR B 18 44.59 -20.34 -24.91
N MET B 19 43.88 -20.29 -26.03
CA MET B 19 42.67 -21.10 -26.15
C MET B 19 42.98 -22.58 -25.99
N GLY B 20 44.14 -23.01 -26.48
CA GLY B 20 44.52 -24.40 -26.29
C GLY B 20 44.76 -24.72 -24.83
N ALA B 21 45.24 -23.74 -24.07
CA ALA B 21 45.56 -23.96 -22.66
C ALA B 21 44.32 -24.00 -21.78
N ALA B 22 43.14 -23.75 -22.34
CA ALA B 22 41.91 -23.77 -21.56
C ALA B 22 40.96 -24.87 -22.01
N SER B 23 41.46 -25.87 -22.73
CA SER B 23 40.60 -26.90 -23.29
C SER B 23 39.96 -27.77 -22.22
N MET B 24 40.46 -27.71 -20.99
CA MET B 24 39.94 -28.52 -19.90
C MET B 24 39.54 -27.57 -18.78
N THR B 25 39.15 -28.11 -17.63
CA THR B 25 38.64 -27.36 -16.49
C THR B 25 37.23 -26.83 -16.72
N LEU B 26 36.61 -27.14 -17.86
CA LEU B 26 35.28 -26.61 -18.14
C LEU B 26 34.23 -27.19 -17.23
N THR B 27 34.55 -28.24 -16.49
CA THR B 27 33.59 -28.83 -15.56
C THR B 27 33.24 -27.85 -14.46
N VAL B 28 34.20 -27.52 -13.61
CA VAL B 28 33.92 -26.64 -12.47
C VAL B 28 33.53 -25.27 -12.95
N GLN B 29 34.15 -24.82 -14.04
CA GLN B 29 33.85 -23.51 -14.58
C GLN B 29 32.35 -23.36 -14.83
N ALA B 30 31.74 -24.35 -15.48
CA ALA B 30 30.33 -24.24 -15.82
C ALA B 30 29.45 -24.24 -14.58
N ARG B 31 29.89 -24.90 -13.52
CA ARG B 31 29.07 -25.05 -12.32
C ARG B 31 28.70 -23.70 -11.72
N ASN B 32 29.60 -22.72 -11.84
CA ASN B 32 29.36 -21.41 -11.25
C ASN B 32 28.15 -20.69 -11.83
N LEU B 33 27.54 -21.21 -12.89
CA LEU B 33 26.38 -20.55 -13.48
C LEU B 33 25.12 -20.71 -12.65
N LEU B 34 25.04 -21.68 -11.75
CA LEU B 34 23.78 -21.98 -11.09
C LEU B 34 23.81 -21.94 -9.58
N SER B 35 24.98 -22.02 -8.95
CA SER B 35 25.01 -22.11 -7.49
C SER B 35 24.53 -20.81 -6.84
N THR B 58 8.22 -6.68 2.15
CA THR B 58 8.76 -5.54 1.42
C THR B 58 8.66 -5.76 -0.09
N VAL B 59 8.88 -4.69 -0.86
CA VAL B 59 8.83 -4.77 -2.32
C VAL B 59 10.21 -5.16 -2.83
N TRP B 60 11.19 -5.18 -1.93
CA TRP B 60 12.54 -5.56 -2.33
C TRP B 60 12.60 -6.99 -2.84
N GLY B 61 11.72 -7.85 -2.32
CA GLY B 61 11.68 -9.22 -2.80
C GLY B 61 11.43 -9.31 -4.28
N ILE B 62 10.92 -8.25 -4.89
CA ILE B 62 10.59 -8.36 -6.31
C ILE B 62 11.85 -8.42 -7.15
N LYS B 63 12.80 -7.51 -6.86
CA LYS B 63 14.09 -7.51 -7.59
C LYS B 63 14.91 -8.76 -7.20
N GLN B 64 14.85 -9.15 -5.92
CA GLN B 64 15.61 -10.33 -5.45
C GLN B 64 15.15 -11.58 -6.21
N LEU B 65 13.84 -11.71 -6.41
CA LEU B 65 13.23 -12.84 -7.15
C LEU B 65 13.57 -12.73 -8.64
N GLN B 66 13.31 -11.57 -9.24
CA GLN B 66 13.47 -11.38 -10.72
C GLN B 66 14.86 -11.82 -11.16
N ALA B 67 15.89 -11.56 -10.35
CA ALA B 67 17.27 -11.92 -10.71
C ALA B 67 17.39 -13.45 -10.87
N ARG B 68 16.76 -14.21 -9.97
CA ARG B 68 16.87 -15.69 -9.97
C ARG B 68 16.20 -16.27 -11.22
N VAL B 69 15.02 -15.75 -11.58
CA VAL B 69 14.22 -16.26 -12.74
C VAL B 69 14.94 -15.97 -14.07
N LEU B 70 15.45 -14.75 -14.25
CA LEU B 70 16.13 -14.39 -15.52
C LEU B 70 17.48 -15.13 -15.62
N ALA B 71 18.14 -15.41 -14.50
CA ALA B 71 19.40 -16.20 -14.49
C ALA B 71 19.12 -17.61 -15.04
N VAL B 72 17.98 -18.19 -14.65
CA VAL B 72 17.56 -19.53 -15.17
C VAL B 72 17.24 -19.42 -16.67
N GLU B 73 16.48 -18.39 -17.05
CA GLU B 73 16.03 -18.21 -18.46
C GLU B 73 17.24 -18.15 -19.39
N ARG B 74 18.30 -17.46 -18.95
CA ARG B 74 19.55 -17.35 -19.75
C ARG B 74 20.16 -18.75 -19.94
N TYR B 75 20.23 -19.54 -18.86
CA TYR B 75 20.89 -20.86 -18.89
C TYR B 75 20.19 -21.79 -19.89
N LEU B 76 18.87 -21.89 -19.79
CA LEU B 76 18.10 -22.91 -20.56
C LEU B 76 18.19 -22.61 -22.06
N ARG B 77 18.12 -21.33 -22.44
CA ARG B 77 18.15 -20.94 -23.88
C ARG B 77 19.50 -21.34 -24.49
N ASP B 78 20.58 -21.16 -23.72
CA ASP B 78 21.93 -21.63 -24.14
C ASP B 78 21.94 -23.16 -24.27
N GLN B 79 21.23 -23.85 -23.37
CA GLN B 79 21.14 -25.30 -23.43
C GLN B 79 20.34 -25.74 -24.64
N GLN B 80 19.29 -24.98 -24.97
CA GLN B 80 18.51 -25.29 -26.17
C GLN B 80 19.40 -25.29 -27.41
N LEU B 81 20.27 -24.28 -27.53
CA LEU B 81 21.11 -24.19 -28.71
C LEU B 81 21.96 -25.44 -28.87
N LEU B 82 22.46 -25.97 -27.77
CA LEU B 82 23.20 -27.22 -27.84
C LEU B 82 22.27 -28.39 -28.11
N GLY B 83 21.08 -28.39 -27.52
CA GLY B 83 20.18 -29.50 -27.70
C GLY B 83 19.51 -29.50 -29.05
N ILE B 84 19.34 -28.32 -29.65
CA ILE B 84 18.65 -28.26 -30.93
C ILE B 84 19.46 -28.97 -32.00
N TRP B 85 20.75 -28.67 -32.13
CA TRP B 85 21.50 -29.26 -33.23
C TRP B 85 22.23 -30.52 -32.83
N GLY B 86 21.74 -31.20 -31.80
CA GLY B 86 22.17 -32.56 -31.58
C GLY B 86 23.54 -32.72 -30.97
N CYS B 87 23.71 -32.33 -29.72
CA CYS B 87 24.95 -32.63 -29.03
C CYS B 87 24.68 -32.75 -27.54
N SER B 88 25.52 -33.56 -26.90
CA SER B 88 25.56 -33.70 -25.45
C SER B 88 27.01 -33.81 -25.06
N GLY B 89 27.29 -33.79 -23.76
CA GLY B 89 28.67 -33.66 -23.39
C GLY B 89 29.04 -32.21 -23.64
N LYS B 90 28.49 -31.34 -22.79
CA LYS B 90 28.46 -29.91 -23.06
C LYS B 90 29.84 -29.34 -23.33
N LEU B 91 30.87 -29.89 -22.70
CA LEU B 91 32.22 -29.36 -22.83
C LEU B 91 32.61 -29.08 -24.27
N ILE B 92 32.81 -30.13 -25.06
CA ILE B 92 33.30 -29.98 -26.43
C ILE B 92 32.39 -30.76 -27.36
N CYS B 93 31.95 -30.13 -28.45
CA CYS B 93 31.09 -30.76 -29.44
C CYS B 93 31.66 -30.49 -30.82
N CYS B 94 32.11 -31.55 -31.49
CA CYS B 94 32.54 -31.43 -32.88
C CYS B 94 31.38 -31.83 -33.78
N THR B 95 31.38 -31.28 -34.98
CA THR B 95 30.33 -31.57 -35.94
C THR B 95 30.91 -31.96 -37.29
N ASN B 96 30.08 -32.04 -38.32
CA ASN B 96 30.52 -32.45 -39.64
C ASN B 96 30.51 -31.34 -40.66
N VAL B 97 30.03 -30.15 -40.30
CA VAL B 97 29.98 -29.04 -41.24
C VAL B 97 31.40 -28.58 -41.53
N PRO B 98 31.79 -28.48 -42.79
CA PRO B 98 33.13 -28.00 -43.10
C PRO B 98 33.25 -26.51 -42.78
N TRP B 99 34.44 -26.14 -42.34
CA TRP B 99 34.68 -24.74 -42.03
C TRP B 99 34.89 -23.95 -43.31
N ASN B 100 34.11 -22.89 -43.50
CA ASN B 100 34.25 -22.05 -44.68
C ASN B 100 35.34 -21.03 -44.39
N SER B 101 36.45 -21.14 -45.11
CA SER B 101 37.62 -20.30 -44.83
C SER B 101 37.38 -18.83 -45.13
N SER B 102 36.29 -18.48 -45.82
CA SER B 102 36.02 -17.09 -46.18
C SER B 102 35.77 -16.21 -44.97
N TRP B 103 35.52 -16.79 -43.80
CA TRP B 103 35.31 -16.01 -42.58
C TRP B 103 36.60 -15.48 -42.00
N SER B 104 37.69 -16.23 -42.12
CA SER B 104 38.96 -15.87 -41.51
C SER B 104 40.12 -15.83 -42.49
N ASN B 105 40.25 -16.86 -43.34
CA ASN B 105 41.43 -17.02 -44.20
C ASN B 105 42.71 -16.89 -43.39
N ARG B 106 42.73 -17.53 -42.23
CA ARG B 106 43.89 -17.50 -41.35
C ARG B 106 44.31 -18.90 -40.97
N ASN B 107 45.58 -19.02 -40.59
CA ASN B 107 46.14 -20.30 -40.19
C ASN B 107 45.57 -20.73 -38.85
N LEU B 108 45.22 -22.02 -38.75
CA LEU B 108 44.63 -22.53 -37.52
C LEU B 108 45.58 -22.39 -36.34
N SER B 109 46.82 -22.87 -36.49
CA SER B 109 47.73 -22.87 -35.36
C SER B 109 48.04 -21.47 -34.86
N GLU B 110 48.05 -20.49 -35.78
CA GLU B 110 48.31 -19.10 -35.40
C GLU B 110 47.23 -18.58 -34.48
N ILE B 111 45.98 -18.91 -34.78
CA ILE B 111 44.87 -18.45 -33.96
C ILE B 111 44.78 -19.28 -32.69
N TRP B 112 44.97 -20.59 -32.81
CA TRP B 112 44.77 -21.49 -31.68
C TRP B 112 45.84 -21.39 -30.61
N ASP B 113 47.07 -21.02 -30.96
CA ASP B 113 48.11 -20.92 -29.95
C ASP B 113 48.46 -19.50 -29.54
N ASN B 114 48.24 -18.52 -30.40
CA ASN B 114 48.62 -17.14 -30.07
C ASN B 114 47.49 -16.37 -29.41
N MET B 115 46.24 -16.68 -29.73
CA MET B 115 45.12 -15.91 -29.23
C MET B 115 44.43 -16.62 -28.08
N THR B 116 43.97 -15.82 -27.12
CA THR B 116 43.06 -16.32 -26.12
C THR B 116 41.63 -16.11 -26.59
N TRP B 117 40.68 -16.57 -25.76
CA TRP B 117 39.29 -16.52 -26.15
C TRP B 117 38.79 -15.09 -26.31
N LEU B 118 39.42 -14.15 -25.60
CA LEU B 118 38.93 -12.77 -25.57
C LEU B 118 38.87 -12.17 -26.97
N GLN B 119 40.03 -12.02 -27.60
CA GLN B 119 40.05 -11.31 -28.87
C GLN B 119 39.55 -12.19 -30.00
N TRP B 120 39.58 -13.51 -29.81
CA TRP B 120 38.99 -14.39 -30.81
C TRP B 120 37.51 -14.08 -30.99
N ASP B 121 36.80 -13.86 -29.88
CA ASP B 121 35.38 -13.58 -30.00
C ASP B 121 35.14 -12.36 -30.86
N LYS B 122 35.99 -11.35 -30.71
CA LYS B 122 35.75 -10.09 -31.40
C LYS B 122 35.95 -10.19 -32.90
N GLU B 123 36.48 -11.31 -33.38
CA GLU B 123 36.65 -11.54 -34.81
C GLU B 123 35.57 -12.45 -35.40
N ILE B 124 35.15 -13.48 -34.67
CA ILE B 124 34.14 -14.40 -35.19
C ILE B 124 32.71 -13.99 -34.82
N SER B 125 32.54 -12.96 -33.99
CA SER B 125 31.21 -12.55 -33.55
C SER B 125 30.32 -11.99 -34.65
N ASN B 126 30.83 -11.78 -35.86
CA ASN B 126 29.99 -11.31 -36.95
C ASN B 126 29.28 -12.41 -37.73
N TYR B 127 29.82 -13.63 -37.77
CA TYR B 127 29.25 -14.70 -38.57
C TYR B 127 28.63 -15.81 -37.73
N THR B 128 28.28 -15.54 -36.48
CA THR B 128 27.74 -16.57 -35.61
C THR B 128 26.40 -17.09 -36.12
N GLN B 129 25.55 -16.19 -36.63
CA GLN B 129 24.21 -16.59 -37.08
C GLN B 129 24.30 -17.51 -38.29
N ILE B 130 25.29 -17.29 -39.14
CA ILE B 130 25.47 -18.14 -40.32
C ILE B 130 25.77 -19.56 -39.88
N ILE B 131 26.66 -19.70 -38.90
CA ILE B 131 27.08 -21.02 -38.46
C ILE B 131 25.93 -21.75 -37.80
N TYR B 132 25.15 -21.03 -36.99
CA TYR B 132 24.04 -21.69 -36.32
C TYR B 132 23.05 -22.26 -37.34
N GLY B 133 22.80 -21.53 -38.42
CA GLY B 133 21.88 -22.04 -39.42
C GLY B 133 22.35 -23.32 -40.05
N LEU B 134 23.63 -23.37 -40.44
CA LEU B 134 24.15 -24.54 -41.13
C LEU B 134 24.11 -25.75 -40.22
N LEU B 135 24.43 -25.55 -38.94
CA LEU B 135 24.43 -26.66 -38.00
C LEU B 135 23.03 -27.24 -37.88
N GLU B 136 22.01 -26.39 -37.86
CA GLU B 136 20.64 -26.91 -37.76
C GLU B 136 20.28 -27.76 -38.98
N GLU B 137 20.65 -27.30 -40.17
CA GLU B 137 20.33 -28.06 -41.38
C GLU B 137 21.04 -29.41 -41.36
N SER B 138 22.30 -29.42 -40.94
CA SER B 138 23.06 -30.67 -40.89
C SER B 138 22.41 -31.67 -39.98
N GLN B 139 21.89 -31.22 -38.84
CA GLN B 139 21.31 -32.14 -37.88
C GLN B 139 20.12 -32.88 -38.48
N ASN B 140 19.25 -32.15 -39.19
CA ASN B 140 18.10 -32.81 -39.79
C ASN B 140 18.54 -33.82 -40.84
N GLN B 141 19.59 -33.50 -41.58
CA GLN B 141 20.01 -34.45 -42.60
C GLN B 141 20.45 -35.77 -41.99
N GLN B 142 21.13 -35.72 -40.84
CA GLN B 142 21.67 -36.95 -40.28
C GLN B 142 20.56 -37.82 -39.69
N GLU B 143 19.62 -37.21 -38.97
CA GLU B 143 18.59 -38.01 -38.31
C GLU B 143 17.78 -38.80 -39.33
N LYS B 144 17.39 -38.13 -40.42
CA LYS B 144 16.65 -38.85 -41.46
C LYS B 144 17.50 -39.97 -42.05
N ASN B 145 18.79 -39.71 -42.28
CA ASN B 145 19.65 -40.76 -42.82
C ASN B 145 19.64 -41.98 -41.93
N GLU B 146 19.58 -41.78 -40.61
CA GLU B 146 19.54 -42.92 -39.70
C GLU B 146 18.28 -43.76 -39.92
N GLN B 147 17.16 -43.11 -40.19
CA GLN B 147 15.90 -43.85 -40.32
C GLN B 147 15.98 -44.85 -41.47
N ASP B 148 16.55 -44.44 -42.61
CA ASP B 148 16.71 -45.37 -43.72
C ASP B 148 17.59 -46.55 -43.33
N LEU B 149 18.73 -46.27 -42.72
CA LEU B 149 19.61 -47.36 -42.28
C LEU B 149 19.02 -48.16 -41.15
N LEU B 150 18.13 -47.57 -40.34
CA LEU B 150 17.46 -48.37 -39.33
C LEU B 150 16.48 -49.35 -39.96
N ALA B 151 15.68 -48.89 -40.92
CA ALA B 151 14.65 -49.76 -41.47
C ALA B 151 15.22 -50.93 -42.28
N LEU B 152 16.54 -50.94 -42.52
CA LEU B 152 17.15 -52.06 -43.24
C LEU B 152 17.22 -53.32 -42.39
N ASP B 153 17.53 -53.19 -41.11
CA ASP B 153 17.64 -54.36 -40.23
C ASP B 153 16.27 -54.90 -39.87
N GLN C 1 47.72 41.60 43.09
CA GLN C 1 47.27 40.22 42.95
C GLN C 1 45.76 40.11 43.00
N VAL C 2 45.26 38.88 42.86
CA VAL C 2 43.82 38.65 42.78
C VAL C 2 43.23 38.85 44.17
N GLN C 3 42.46 39.92 44.35
CA GLN C 3 41.83 40.20 45.64
C GLN C 3 40.32 40.34 45.47
N LEU C 4 39.62 40.05 46.57
CA LEU C 4 38.17 40.18 46.63
C LEU C 4 37.85 40.98 47.88
N VAL C 5 37.35 42.20 47.70
CA VAL C 5 37.09 43.10 48.81
C VAL C 5 35.59 43.09 49.09
N GLN C 6 35.23 42.65 50.28
CA GLN C 6 33.83 42.58 50.65
C GLN C 6 33.45 43.78 51.52
N SER C 7 32.17 43.86 51.83
CA SER C 7 31.64 44.96 52.63
C SER C 7 31.67 44.58 54.12
N GLY C 8 31.20 45.48 54.97
CA GLY C 8 31.24 45.24 56.40
C GLY C 8 30.07 44.41 56.90
N ALA C 9 30.16 44.01 58.16
CA ALA C 9 29.12 43.20 58.77
C ALA C 9 27.85 44.02 58.97
N GLU C 10 26.72 43.32 59.09
CA GLU C 10 25.46 44.00 59.31
C GLU C 10 24.49 43.09 60.07
N VAL C 11 23.55 43.72 60.77
CA VAL C 11 22.53 43.02 61.54
C VAL C 11 21.18 43.65 61.24
N LYS C 12 20.18 42.82 60.97
CA LYS C 12 18.85 43.29 60.61
C LYS C 12 17.76 42.56 61.37
N LYS C 13 16.55 43.14 61.30
CA LYS C 13 15.37 42.56 61.93
C LYS C 13 14.87 41.34 61.15
N PRO C 14 14.12 40.47 61.80
CA PRO C 14 13.45 39.38 61.07
C PRO C 14 12.54 39.95 59.99
N GLY C 15 12.59 39.32 58.80
CA GLY C 15 11.80 39.77 57.67
C GLY C 15 12.44 40.87 56.85
N ALA C 16 13.54 41.45 57.33
CA ALA C 16 14.18 42.53 56.60
C ALA C 16 15.07 41.95 55.51
N SER C 17 15.89 42.79 54.88
CA SER C 17 16.80 42.36 53.84
C SER C 17 18.15 43.04 54.04
N VAL C 18 19.18 42.44 53.47
CA VAL C 18 20.53 42.99 53.53
C VAL C 18 21.22 42.81 52.20
N LYS C 19 21.99 43.82 51.80
CA LYS C 19 22.74 43.80 50.55
C LYS C 19 24.20 43.46 50.83
N VAL C 20 24.71 42.47 50.13
CA VAL C 20 26.11 42.08 50.24
C VAL C 20 26.76 42.25 48.88
N SER C 21 27.99 42.76 48.89
CA SER C 21 28.72 43.05 47.67
C SER C 21 30.12 42.50 47.76
N CYS C 22 30.75 42.26 46.61
CA CYS C 22 32.14 41.85 46.57
C CYS C 22 32.81 42.48 45.35
N LYS C 23 33.94 43.15 45.57
CA LYS C 23 34.63 43.90 44.53
C LYS C 23 35.85 43.14 44.06
N ALA C 24 36.02 43.06 42.75
CA ALA C 24 37.16 42.37 42.16
C ALA C 24 38.32 43.35 41.98
N SER C 25 39.54 42.82 42.09
CA SER C 25 40.72 43.63 41.85
C SER C 25 41.90 42.76 41.44
N GLY C 26 42.73 43.31 40.56
CA GLY C 26 43.96 42.66 40.16
C GLY C 26 43.86 41.77 38.95
N TYR C 27 42.66 41.52 38.44
CA TYR C 27 42.50 40.62 37.30
C TYR C 27 41.24 41.03 36.54
N THR C 28 41.10 40.50 35.33
CA THR C 28 39.92 40.77 34.53
C THR C 28 38.80 39.88 35.03
N PHE C 29 37.92 40.46 35.84
CA PHE C 29 36.83 39.67 36.41
C PHE C 29 35.85 39.19 35.35
N THR C 30 35.89 39.75 34.15
CA THR C 30 34.93 39.36 33.12
C THR C 30 35.22 37.99 32.52
N GLY C 31 36.31 37.34 32.90
CA GLY C 31 36.61 36.02 32.40
C GLY C 31 36.54 34.90 33.41
N TYR C 32 36.04 35.14 34.61
CA TYR C 32 35.96 34.08 35.60
C TYR C 32 34.58 34.07 36.26
N TYR C 33 34.17 32.89 36.68
CA TYR C 33 32.92 32.76 37.41
C TYR C 33 33.11 33.25 38.85
N MET C 34 32.00 33.43 39.54
CA MET C 34 32.01 33.84 40.93
C MET C 34 30.90 33.12 41.69
N HIS C 35 31.25 32.45 42.78
CA HIS C 35 30.29 31.69 43.57
C HIS C 35 30.21 32.26 44.97
N TRP C 36 29.22 31.81 45.75
CA TRP C 36 29.12 32.25 47.13
C TRP C 36 28.86 31.07 48.03
N VAL C 37 29.31 31.20 49.28
CA VAL C 37 28.99 30.20 50.29
C VAL C 37 28.67 30.87 51.62
N ARG C 38 27.83 30.18 52.40
CA ARG C 38 27.48 30.56 53.75
C ARG C 38 27.98 29.51 54.72
N GLN C 39 28.40 29.94 55.89
CA GLN C 39 28.81 29.02 56.95
C GLN C 39 28.44 29.58 58.31
N ALA C 40 27.62 28.86 59.05
CA ALA C 40 27.27 29.18 60.43
C ALA C 40 28.37 28.69 61.36
N PRO C 41 28.54 29.32 62.53
CA PRO C 41 29.67 28.96 63.39
C PRO C 41 29.51 27.60 64.04
N GLY C 42 29.80 26.54 63.29
CA GLY C 42 29.68 25.20 63.82
C GLY C 42 28.98 24.27 62.86
N GLN C 43 28.61 24.78 61.69
CA GLN C 43 27.95 24.01 60.65
C GLN C 43 28.82 23.98 59.40
N GLY C 44 28.34 23.28 58.38
CA GLY C 44 29.07 23.13 57.14
C GLY C 44 28.94 24.34 56.24
N LEU C 45 29.18 24.11 54.95
CA LEU C 45 29.24 25.17 53.96
C LEU C 45 28.15 24.94 52.92
N GLU C 46 27.24 25.90 52.83
CA GLU C 46 26.15 25.84 51.86
C GLU C 46 26.54 26.62 50.61
N TRP C 47 26.32 26.02 49.46
CA TRP C 47 26.81 26.57 48.20
C TRP C 47 25.69 27.27 47.44
N MET C 48 25.96 28.49 47.00
CA MET C 48 25.06 29.22 46.14
C MET C 48 25.70 29.43 44.77
N GLY C 49 24.84 29.56 43.78
CA GLY C 49 25.25 29.49 42.40
C GLY C 49 26.10 30.63 41.92
N TRP C 50 26.63 30.45 40.72
CA TRP C 50 27.52 31.38 40.10
C TRP C 50 26.75 32.50 39.40
N ILE C 51 27.47 33.56 39.06
CA ILE C 51 26.91 34.65 38.28
C ILE C 51 27.84 34.97 37.14
N ASN C 52 27.34 34.92 35.93
CA ASN C 52 28.23 35.18 34.81
C ASN C 52 28.44 36.68 34.66
N PRO C 53 29.66 37.13 34.52
CA PRO C 53 29.91 38.57 34.46
C PRO C 53 29.53 39.20 33.13
N ASN C 54 29.48 38.42 32.05
CA ASN C 54 29.27 39.02 30.75
C ASN C 54 27.79 39.10 30.36
N SER C 55 27.14 37.97 30.17
CA SER C 55 25.71 38.00 29.90
C SER C 55 24.89 38.29 31.14
N GLY C 56 25.43 38.02 32.32
CA GLY C 56 24.71 38.30 33.54
C GLY C 56 23.73 37.23 33.93
N GLY C 57 23.77 36.07 33.28
CA GLY C 57 22.93 34.96 33.70
C GLY C 57 23.33 34.46 35.08
N THR C 58 22.34 34.02 35.84
CA THR C 58 22.55 33.64 37.23
C THR C 58 21.98 32.25 37.47
N ASN C 59 22.68 31.48 38.29
CA ASN C 59 22.16 30.24 38.82
C ASN C 59 21.98 30.37 40.32
N TYR C 60 21.01 29.67 40.86
CA TYR C 60 20.74 29.69 42.29
C TYR C 60 20.67 28.27 42.80
N ALA C 61 21.15 28.08 44.03
CA ALA C 61 21.12 26.74 44.60
C ALA C 61 19.73 26.42 45.16
N GLN C 62 19.53 25.16 45.49
CA GLN C 62 18.29 24.75 46.14
C GLN C 62 18.19 25.33 47.53
N LYS C 63 16.95 25.36 48.04
CA LYS C 63 16.63 25.92 49.35
C LYS C 63 16.70 27.44 49.37
N PHE C 64 16.57 28.08 48.22
CA PHE C 64 16.42 29.53 48.16
C PHE C 64 15.19 29.93 47.37
N GLN C 65 15.02 29.38 46.17
CA GLN C 65 13.83 29.56 45.34
C GLN C 65 13.47 31.02 45.12
N GLY C 66 14.46 31.91 45.14
CA GLY C 66 14.23 33.32 44.93
C GLY C 66 14.40 34.20 46.15
N ARG C 67 14.65 33.64 47.32
CA ARG C 67 14.85 34.52 48.48
C ARG C 67 16.18 35.26 48.40
N VAL C 68 17.04 34.87 47.46
CA VAL C 68 18.31 35.53 47.21
C VAL C 68 18.41 35.81 45.72
N THR C 69 18.76 37.05 45.37
CA THR C 69 19.04 37.42 44.00
C THR C 69 20.48 37.90 43.85
N MET C 70 21.02 37.78 42.64
CA MET C 70 22.39 38.15 42.35
C MET C 70 22.45 39.08 41.15
N THR C 71 23.23 40.15 41.26
CA THR C 71 23.38 41.11 40.17
C THR C 71 24.85 41.49 40.06
N ARG C 72 25.18 42.22 39.01
CA ARG C 72 26.55 42.66 38.81
C ARG C 72 26.58 44.03 38.15
N ASP C 73 27.78 44.62 38.14
CA ASP C 73 28.06 45.86 37.43
C ASP C 73 29.49 45.79 36.93
N THR C 74 29.65 45.79 35.60
CA THR C 74 30.97 45.55 35.02
C THR C 74 31.83 46.82 35.03
N SER C 75 31.21 47.99 35.17
CA SER C 75 31.97 49.24 35.11
C SER C 75 32.94 49.37 36.27
N ILE C 76 32.59 48.84 37.45
CA ILE C 76 33.46 48.87 38.61
C ILE C 76 33.86 47.47 39.07
N SER C 77 33.48 46.44 38.33
CA SER C 77 33.83 45.06 38.66
C SER C 77 33.35 44.70 40.06
N THR C 78 32.05 44.79 40.27
CA THR C 78 31.48 44.49 41.57
C THR C 78 30.22 43.66 41.43
N ALA C 79 30.10 42.64 42.27
CA ALA C 79 28.88 41.85 42.35
C ALA C 79 28.13 42.20 43.64
N TYR C 80 26.82 41.99 43.59
CA TYR C 80 25.94 42.30 44.71
C TYR C 80 24.96 41.15 44.89
N MET C 81 24.73 40.79 46.14
CA MET C 81 23.67 39.87 46.53
C MET C 81 22.65 40.63 47.34
N GLU C 82 21.37 40.36 47.08
CA GLU C 82 20.28 40.91 47.85
C GLU C 82 19.61 39.76 48.58
N LEU C 83 19.71 39.75 49.90
CA LEU C 83 19.18 38.65 50.69
C LEU C 83 17.91 39.15 51.36
N SER C 84 16.78 38.60 50.94
CA SER C 84 15.46 39.09 51.28
C SER C 84 14.81 38.17 52.31
N ARG C 85 13.84 38.73 53.02
CA ARG C 85 13.02 37.98 53.97
C ARG C 85 13.91 37.22 54.97
N LEU C 86 14.69 37.98 55.71
CA LEU C 86 15.62 37.41 56.66
C LEU C 86 14.88 36.70 57.79
N ARG C 87 15.42 35.57 58.22
CA ARG C 87 14.95 34.88 59.40
C ARG C 87 16.14 34.52 60.29
N SER C 88 15.84 34.11 61.52
CA SER C 88 16.90 33.77 62.46
C SER C 88 17.80 32.66 61.95
N ASP C 89 17.31 31.84 61.03
CA ASP C 89 18.12 30.76 60.47
C ASP C 89 19.21 31.27 59.53
N ASP C 90 19.15 32.54 59.14
CA ASP C 90 20.11 33.10 58.20
C ASP C 90 21.34 33.69 58.89
N THR C 91 21.42 33.60 60.21
CA THR C 91 22.60 34.07 60.92
C THR C 91 23.78 33.19 60.52
N ALA C 92 24.79 33.80 59.88
CA ALA C 92 25.86 33.02 59.30
C ALA C 92 27.00 33.94 58.88
N VAL C 93 28.07 33.34 58.39
CA VAL C 93 29.18 34.05 57.78
C VAL C 93 29.13 33.81 56.27
N TYR C 94 29.25 34.88 55.50
CA TYR C 94 29.16 34.85 54.05
C TYR C 94 30.53 35.11 53.44
N TYR C 95 30.84 34.41 52.36
CA TYR C 95 32.05 34.63 51.59
C TYR C 95 31.76 34.64 50.11
N CYS C 96 32.53 35.41 49.36
CA CYS C 96 32.62 35.30 47.91
C CYS C 96 33.90 34.57 47.54
N ALA C 97 33.84 33.79 46.46
CA ALA C 97 35.06 33.15 45.97
C ALA C 97 35.05 33.09 44.45
N ARG C 98 36.23 33.30 43.85
CA ARG C 98 36.35 33.31 42.41
C ARG C 98 36.35 31.88 41.88
N GLY C 99 35.66 31.67 40.76
CA GLY C 99 35.53 30.37 40.14
C GLY C 99 36.51 30.16 39.00
N GLY C 100 36.13 29.24 38.11
CA GLY C 100 37.01 28.84 37.03
C GLY C 100 36.96 29.79 35.85
N TRP C 101 37.82 29.51 34.88
CA TRP C 101 37.88 30.32 33.67
C TRP C 101 36.72 29.98 32.75
N ILE C 102 36.14 31.00 32.15
CA ILE C 102 35.00 30.86 31.25
C ILE C 102 35.52 30.77 29.83
N SER C 103 35.15 29.72 29.12
CA SER C 103 35.79 29.43 27.85
C SER C 103 34.92 29.69 26.62
N LEU C 104 33.61 29.88 26.77
CA LEU C 104 32.70 30.18 25.68
C LEU C 104 32.48 28.98 24.75
N TYR C 105 33.08 27.82 25.03
CA TYR C 105 32.91 26.66 24.17
C TYR C 105 32.44 25.41 24.89
N TYR C 106 32.33 25.43 26.20
CA TYR C 106 31.82 24.28 26.95
C TYR C 106 31.45 24.74 28.34
N ASP C 107 30.62 23.95 29.00
CA ASP C 107 30.19 24.28 30.35
C ASP C 107 31.32 23.96 31.31
N SER C 108 31.82 24.98 32.00
CA SER C 108 32.88 24.81 32.96
C SER C 108 32.47 25.21 34.36
N SER C 109 31.20 25.61 34.55
CA SER C 109 30.78 26.12 35.84
C SER C 109 30.88 25.06 36.92
N GLY C 110 30.77 23.79 36.55
CA GLY C 110 30.81 22.72 37.52
C GLY C 110 32.20 22.30 37.94
N TYR C 111 33.18 23.18 37.80
CA TYR C 111 34.52 22.84 38.27
C TYR C 111 34.79 23.59 39.57
N PRO C 112 34.62 22.97 40.72
CA PRO C 112 34.72 23.71 41.97
C PRO C 112 36.14 24.05 42.34
N ASN C 113 36.72 25.00 41.63
CA ASN C 113 38.08 25.46 41.88
C ASN C 113 38.00 26.90 42.38
N PHE C 114 38.29 27.10 43.65
CA PHE C 114 38.15 28.41 44.29
C PHE C 114 39.48 28.77 44.93
N ASP C 115 40.32 29.46 44.17
CA ASP C 115 41.67 29.76 44.60
C ASP C 115 41.79 31.09 45.33
N TYR C 116 40.85 32.01 45.13
CA TYR C 116 40.92 33.30 45.77
C TYR C 116 39.57 33.63 46.39
N TRP C 117 39.58 34.01 47.65
CA TRP C 117 38.37 34.27 48.40
C TRP C 117 38.47 35.64 49.07
N GLY C 118 37.33 36.27 49.29
CA GLY C 118 37.30 37.50 50.01
C GLY C 118 37.43 37.28 51.50
N GLN C 119 37.51 38.38 52.24
CA GLN C 119 37.66 38.30 53.68
C GLN C 119 36.38 37.87 54.38
N GLY C 120 35.26 37.88 53.66
CA GLY C 120 34.01 37.41 54.22
C GLY C 120 33.27 38.51 54.96
N THR C 121 32.06 38.17 55.40
CA THR C 121 31.29 39.12 56.18
C THR C 121 30.30 38.39 57.06
N LEU C 122 29.95 39.04 58.16
CA LEU C 122 29.01 38.51 59.14
C LEU C 122 27.61 39.06 58.87
N VAL C 123 26.61 38.17 58.92
CA VAL C 123 25.21 38.57 58.81
C VAL C 123 24.47 37.99 59.99
N THR C 124 23.81 38.84 60.76
CA THR C 124 23.07 38.42 61.95
C THR C 124 21.63 38.93 61.89
N VAL C 125 20.71 38.11 62.41
CA VAL C 125 19.29 38.43 62.45
C VAL C 125 18.86 38.44 63.90
N SER C 126 18.16 39.50 64.31
CA SER C 126 17.66 39.61 65.67
C SER C 126 16.22 39.12 65.77
N GLN D 1 19.99 13.67 47.86
CA GLN D 1 20.57 14.97 47.56
C GLN D 1 21.05 15.66 48.84
N SER D 2 21.62 14.87 49.73
CA SER D 2 22.14 15.38 50.98
C SER D 2 23.64 15.65 50.85
N ALA D 3 24.25 16.08 51.95
CA ALA D 3 25.67 16.36 51.95
C ALA D 3 26.46 15.06 51.96
N LEU D 4 27.76 15.19 51.72
CA LEU D 4 28.64 14.02 51.75
C LEU D 4 28.98 13.64 53.19
N THR D 5 29.06 12.34 53.43
CA THR D 5 29.35 11.85 54.77
C THR D 5 30.83 12.02 55.10
N GLN D 6 31.10 12.61 56.26
CA GLN D 6 32.46 12.88 56.71
C GLN D 6 32.62 12.48 58.17
N PRO D 7 33.85 12.17 58.59
CA PRO D 7 34.11 12.00 60.02
C PRO D 7 33.98 13.31 60.76
N ALA D 8 33.77 13.20 62.08
CA ALA D 8 33.73 14.39 62.92
C ALA D 8 35.12 14.99 63.09
N SER D 9 36.08 14.17 63.49
CA SER D 9 37.44 14.64 63.75
C SER D 9 38.40 13.48 63.58
N VAL D 10 39.68 13.81 63.39
CA VAL D 10 40.74 12.83 63.33
C VAL D 10 41.88 13.32 64.22
N SER D 11 42.76 12.38 64.57
CA SER D 11 43.89 12.66 65.44
C SER D 11 45.08 11.90 64.90
N GLY D 12 46.26 12.19 65.46
CA GLY D 12 47.46 11.54 64.98
C GLY D 12 48.72 12.03 65.65
N SER D 13 49.65 11.12 65.89
CA SER D 13 50.93 11.48 66.47
C SER D 13 51.77 12.23 65.45
N PRO D 14 52.68 13.09 65.90
CA PRO D 14 53.57 13.79 64.97
C PRO D 14 54.29 12.79 64.06
N GLY D 15 54.29 13.09 62.76
CA GLY D 15 54.83 12.22 61.74
C GLY D 15 53.84 11.24 61.15
N GLN D 16 52.75 10.96 61.85
CA GLN D 16 51.85 9.89 61.44
C GLN D 16 51.07 10.29 60.19
N SER D 17 50.92 9.35 59.26
CA SER D 17 50.10 9.56 58.09
C SER D 17 48.63 9.35 58.42
N ILE D 18 47.79 10.25 57.91
CA ILE D 18 46.36 10.26 58.22
C ILE D 18 45.59 10.14 56.92
N THR D 19 44.53 9.34 56.94
CA THR D 19 43.64 9.18 55.79
C THR D 19 42.26 9.67 56.18
N ILE D 20 41.68 10.52 55.33
CA ILE D 20 40.33 11.03 55.52
C ILE D 20 39.49 10.61 54.33
N SER D 21 38.30 10.09 54.61
CA SER D 21 37.41 9.55 53.59
C SER D 21 36.14 10.38 53.48
N CYS D 22 35.61 10.47 52.27
CA CYS D 22 34.33 11.11 51.99
C CYS D 22 33.51 10.14 51.15
N THR D 23 32.27 9.93 51.56
CA THR D 23 31.38 8.99 50.88
C THR D 23 30.12 9.71 50.42
N GLY D 24 29.77 9.50 49.16
CA GLY D 24 28.59 10.12 48.59
C GLY D 24 27.80 9.08 47.81
N THR D 25 26.96 9.53 46.90
CA THR D 25 26.23 8.64 46.01
C THR D 25 26.87 8.67 44.63
N SER D 26 26.85 7.51 43.97
CA SER D 26 27.56 7.38 42.71
C SER D 26 27.21 8.50 41.74
N SER D 27 26.07 9.15 41.93
CA SER D 27 25.69 10.24 41.03
C SER D 27 26.63 11.41 41.15
N ASP D 28 27.37 11.52 42.25
CA ASP D 28 28.27 12.66 42.46
C ASP D 28 29.72 12.33 42.07
N VAL D 29 30.30 11.32 42.68
CA VAL D 29 31.73 11.05 42.51
C VAL D 29 32.00 9.84 41.64
N GLY D 30 31.07 8.90 41.53
CA GLY D 30 31.26 7.79 40.63
C GLY D 30 31.13 8.22 39.18
N SER D 31 30.38 9.28 38.92
CA SER D 31 30.11 9.71 37.56
C SER D 31 31.26 10.53 37.00
N TYR D 32 31.76 11.49 37.76
CA TYR D 32 32.74 12.44 37.26
C TYR D 32 33.99 12.41 38.13
N ASN D 33 34.97 13.21 37.74
CA ASN D 33 36.23 13.34 38.47
C ASN D 33 36.40 14.72 39.07
N LEU D 34 35.31 15.46 39.23
CA LEU D 34 35.37 16.84 39.72
C LEU D 34 35.27 16.81 41.24
N VAL D 35 36.39 16.52 41.89
CA VAL D 35 36.48 16.43 43.34
C VAL D 35 37.58 17.36 43.81
N SER D 36 37.34 18.03 44.94
CA SER D 36 38.32 18.92 45.52
C SER D 36 38.25 18.85 47.03
N TRP D 37 39.39 19.13 47.67
CA TRP D 37 39.50 19.20 49.12
C TRP D 37 39.86 20.61 49.52
N TYR D 38 39.30 21.06 50.64
CA TYR D 38 39.65 22.36 51.18
C TYR D 38 39.97 22.23 52.65
N GLN D 39 40.88 23.07 53.11
CA GLN D 39 41.20 23.20 54.52
C GLN D 39 41.02 24.65 54.92
N GLN D 40 40.55 24.85 56.14
CA GLN D 40 40.27 26.20 56.62
C GLN D 40 40.75 26.31 58.06
N HIS D 41 41.53 27.35 58.33
CA HIS D 41 41.96 27.60 59.70
C HIS D 41 40.95 28.48 60.40
N PRO D 42 40.60 28.17 61.64
CA PRO D 42 39.59 28.96 62.36
C PRO D 42 39.91 30.45 62.29
N GLY D 43 38.91 31.24 61.90
CA GLY D 43 39.04 32.67 61.77
C GLY D 43 39.65 33.14 60.46
N LYS D 44 39.95 32.23 59.54
CA LYS D 44 40.49 32.58 58.24
C LYS D 44 39.66 31.98 57.12
N ALA D 45 39.72 32.61 55.96
CA ALA D 45 39.09 32.06 54.78
C ALA D 45 39.74 30.73 54.41
N PRO D 46 39.02 29.84 53.75
CA PRO D 46 39.59 28.55 53.40
C PRO D 46 40.64 28.63 52.31
N LYS D 47 41.46 27.58 52.22
CA LYS D 47 42.45 27.42 51.16
C LYS D 47 42.19 26.12 50.41
N LEU D 48 42.35 26.17 49.09
CA LEU D 48 42.22 24.98 48.27
C LEU D 48 43.43 24.07 48.45
N MET D 49 43.17 22.78 48.57
CA MET D 49 44.23 21.80 48.79
C MET D 49 44.39 20.77 47.69
N ILE D 50 43.34 20.39 46.98
CA ILE D 50 43.44 19.28 46.03
C ILE D 50 42.66 19.59 44.75
N TYR D 51 43.26 19.22 43.63
CA TYR D 51 42.57 19.12 42.35
C TYR D 51 42.39 17.65 42.00
N GLU D 52 41.23 17.33 41.41
CA GLU D 52 41.05 16.02 40.77
C GLU D 52 41.70 14.92 41.59
N VAL D 53 41.07 14.54 42.70
CA VAL D 53 41.72 14.02 43.90
C VAL D 53 43.22 13.81 43.76
N SER D 54 43.68 13.21 42.67
CA SER D 54 45.08 12.83 42.58
C SER D 54 45.95 13.90 41.93
N LYS D 55 45.40 15.08 41.68
CA LYS D 55 46.16 16.19 41.10
C LYS D 55 46.45 17.24 42.16
N ARG D 56 47.69 17.70 42.19
CA ARG D 56 48.10 18.73 43.13
C ARG D 56 47.84 20.11 42.53
N PRO D 57 47.26 21.04 43.29
CA PRO D 57 47.18 22.43 42.84
C PRO D 57 48.53 23.12 42.98
N SER D 58 48.61 24.33 42.44
CA SER D 58 49.80 25.13 42.57
C SER D 58 49.92 25.69 43.99
N GLY D 59 51.16 25.90 44.42
CA GLY D 59 51.39 26.45 45.74
C GLY D 59 51.18 25.48 46.88
N VAL D 60 51.28 24.18 46.62
CA VAL D 60 51.07 23.14 47.61
C VAL D 60 52.34 22.29 47.70
N SER D 61 52.81 22.05 48.92
CA SER D 61 53.98 21.22 49.12
C SER D 61 53.67 19.75 48.84
N ASN D 62 54.73 18.96 48.69
CA ASN D 62 54.61 17.55 48.32
C ASN D 62 54.34 16.68 49.55
N ARG D 63 53.23 16.98 50.23
CA ARG D 63 52.84 16.25 51.43
C ARG D 63 51.46 15.65 51.34
N PHE D 64 50.69 15.99 50.31
CA PHE D 64 49.29 15.60 50.20
C PHE D 64 49.13 14.73 48.96
N SER D 65 48.45 13.61 49.13
CA SER D 65 48.09 12.77 48.00
C SER D 65 46.67 12.27 48.21
N GLY D 66 46.19 11.42 47.31
CA GLY D 66 44.85 10.90 47.47
C GLY D 66 44.46 10.06 46.27
N SER D 67 43.27 9.49 46.37
CA SER D 67 42.74 8.70 45.28
C SER D 67 41.24 8.53 45.49
N LYS D 68 40.59 8.03 44.43
CA LYS D 68 39.17 7.74 44.45
C LYS D 68 38.96 6.31 43.99
N SER D 69 37.85 5.72 44.42
CA SER D 69 37.49 4.37 44.00
C SER D 69 35.99 4.20 44.19
N GLY D 70 35.28 3.90 43.12
CA GLY D 70 33.86 3.69 43.20
C GLY D 70 33.09 4.94 43.59
N ASN D 71 32.45 4.89 44.76
CA ASN D 71 31.62 5.98 45.25
C ASN D 71 32.27 6.74 46.40
N THR D 72 33.58 6.56 46.60
CA THR D 72 34.25 7.28 47.68
C THR D 72 35.62 7.77 47.21
N ALA D 73 36.19 8.70 47.97
CA ALA D 73 37.52 9.21 47.71
C ALA D 73 38.13 9.61 49.04
N SER D 74 39.45 9.79 49.04
CA SER D 74 40.13 10.10 50.29
C SER D 74 41.40 10.89 50.03
N LEU D 75 41.85 11.56 51.09
CA LEU D 75 43.07 12.36 51.11
C LEU D 75 44.04 11.80 52.14
N THR D 76 45.32 11.72 51.76
CA THR D 76 46.40 11.22 52.60
C THR D 76 47.42 12.31 52.86
N ILE D 77 47.77 12.53 54.11
CA ILE D 77 48.73 13.57 54.50
C ILE D 77 49.90 12.91 55.21
N SER D 78 51.10 13.05 54.64
CA SER D 78 52.31 12.51 55.24
C SER D 78 53.07 13.59 55.99
N GLY D 79 53.82 13.16 57.00
CA GLY D 79 54.60 14.09 57.78
C GLY D 79 53.74 15.08 58.54
N LEU D 80 52.91 14.56 59.44
CA LEU D 80 51.97 15.39 60.18
C LEU D 80 52.70 16.33 61.13
N GLN D 81 52.35 17.61 61.06
CA GLN D 81 52.94 18.64 61.90
C GLN D 81 51.83 19.48 62.53
N ALA D 82 52.23 20.44 63.35
CA ALA D 82 51.25 21.32 63.98
C ALA D 82 50.56 22.20 62.96
N GLU D 83 51.24 22.52 61.85
CA GLU D 83 50.65 23.37 60.82
C GLU D 83 49.42 22.77 60.18
N ASP D 84 49.27 21.44 60.21
CA ASP D 84 48.12 20.84 59.55
C ASP D 84 46.88 20.86 60.42
N GLU D 85 46.95 21.52 61.56
CA GLU D 85 45.80 21.68 62.44
C GLU D 85 44.81 22.61 61.76
N ALA D 86 43.78 22.03 61.17
CA ALA D 86 42.84 22.78 60.35
C ALA D 86 41.56 21.97 60.21
N ASP D 87 40.51 22.64 59.76
CA ASP D 87 39.29 21.96 59.34
C ASP D 87 39.43 21.56 57.88
N TYR D 88 38.78 20.46 57.52
CA TYR D 88 38.87 19.93 56.16
C TYR D 88 37.46 19.71 55.62
N TYR D 89 37.27 20.03 54.34
CA TYR D 89 36.01 19.79 53.66
C TYR D 89 36.24 19.14 52.32
N CYS D 90 35.32 18.28 51.95
CA CYS D 90 35.18 17.75 50.60
C CYS D 90 34.10 18.50 49.86
N CYS D 91 34.25 18.57 48.54
CA CYS D 91 33.18 19.09 47.70
C CYS D 91 33.33 18.51 46.31
N SER D 92 32.20 18.34 45.63
CA SER D 92 32.25 17.72 44.33
C SER D 92 31.10 18.18 43.47
N TYR D 93 31.24 17.96 42.17
CA TYR D 93 30.21 18.34 41.22
C TYR D 93 29.05 17.36 41.30
N ALA D 94 27.84 17.91 41.32
CA ALA D 94 26.65 17.08 41.42
C ALA D 94 25.99 16.81 40.08
N GLY D 95 26.33 17.57 39.05
CA GLY D 95 25.54 17.52 37.84
C GLY D 95 24.47 18.59 37.92
N SER D 96 23.89 18.95 36.78
CA SER D 96 22.83 19.96 36.73
C SER D 96 23.32 21.29 37.30
N SER D 97 24.59 21.60 37.06
CA SER D 97 25.19 22.86 37.49
C SER D 97 25.04 23.06 39.00
N THR D 98 25.17 21.98 39.76
CA THR D 98 25.17 22.06 41.21
C THR D 98 26.41 21.41 41.78
N VAL D 99 26.74 21.80 43.00
CA VAL D 99 27.97 21.36 43.67
C VAL D 99 27.61 20.97 45.10
N ILE D 100 28.15 19.85 45.56
CA ILE D 100 27.93 19.44 46.94
C ILE D 100 29.16 19.74 47.75
N PHE D 101 28.96 20.29 48.94
CA PHE D 101 30.00 20.44 49.95
C PHE D 101 29.68 19.54 51.13
N GLY D 102 30.69 18.84 51.63
CA GLY D 102 30.49 17.86 52.67
C GLY D 102 30.32 18.51 54.03
N GLY D 103 30.08 17.66 55.03
CA GLY D 103 29.92 18.17 56.38
C GLY D 103 31.22 18.69 56.96
N GLY D 104 32.33 18.02 56.69
CA GLY D 104 33.62 18.45 57.17
C GLY D 104 34.13 17.60 58.33
N THR D 105 35.43 17.71 58.58
CA THR D 105 36.03 16.98 59.67
C THR D 105 37.16 17.80 60.26
N LYS D 106 37.31 17.71 61.57
CA LYS D 106 38.28 18.49 62.33
C LYS D 106 39.52 17.66 62.58
N LEU D 107 40.69 18.24 62.32
CA LEU D 107 41.95 17.58 62.62
C LEU D 107 42.50 18.07 63.96
N THR D 108 42.94 17.13 64.77
CA THR D 108 43.60 17.42 66.04
C THR D 108 45.05 16.95 65.94
N VAL D 109 45.89 17.51 66.79
CA VAL D 109 47.29 17.12 66.86
C VAL D 109 47.61 16.65 68.27
N LEU D 110 48.63 15.81 68.37
CA LEU D 110 49.08 15.29 69.64
C LEU D 110 50.41 15.91 70.01
N GLU E 1 7.49 -54.20 -41.41
CA GLU E 1 6.22 -54.89 -41.25
C GLU E 1 5.51 -54.43 -39.98
N ASN E 2 5.84 -55.05 -38.86
CA ASN E 2 5.12 -54.82 -37.61
C ASN E 2 5.25 -53.38 -37.16
N LEU E 3 4.31 -52.95 -36.33
CA LEU E 3 4.23 -51.57 -35.89
C LEU E 3 4.62 -51.43 -34.43
N TRP E 4 5.34 -50.36 -34.15
CA TRP E 4 5.71 -49.97 -32.79
C TRP E 4 5.29 -48.52 -32.61
N VAL E 5 5.64 -47.96 -31.46
CA VAL E 5 5.16 -46.63 -31.07
C VAL E 5 6.34 -45.67 -31.10
N THR E 6 6.13 -44.51 -31.69
CA THR E 6 7.13 -43.46 -31.76
C THR E 6 6.55 -42.17 -31.18
N VAL E 7 7.36 -41.47 -30.42
CA VAL E 7 6.98 -40.17 -29.88
C VAL E 7 7.66 -39.08 -30.69
N TYR E 8 6.92 -38.02 -30.96
CA TYR E 8 7.40 -36.88 -31.71
C TYR E 8 7.33 -35.62 -30.85
N TYR E 9 8.35 -34.78 -30.98
CA TYR E 9 8.42 -33.51 -30.27
C TYR E 9 8.37 -32.39 -31.28
N GLY E 10 7.39 -31.51 -31.15
CA GLY E 10 7.26 -30.42 -32.09
C GLY E 10 6.02 -30.53 -32.94
N VAL E 11 4.98 -31.15 -32.40
CA VAL E 11 3.78 -31.43 -33.19
C VAL E 11 2.81 -30.27 -33.07
N PRO E 12 2.32 -29.74 -34.17
CA PRO E 12 1.40 -28.62 -34.12
C PRO E 12 -0.03 -29.01 -33.75
N VAL E 13 -0.33 -29.03 -32.45
CA VAL E 13 -1.68 -29.30 -31.97
C VAL E 13 -2.13 -28.13 -31.10
N TRP E 14 -3.36 -27.66 -31.31
CA TRP E 14 -3.93 -26.54 -30.59
C TRP E 14 -5.00 -26.98 -29.62
N LYS E 15 -5.02 -26.34 -28.47
CA LYS E 15 -6.07 -26.58 -27.49
C LYS E 15 -6.52 -25.25 -26.90
N GLU E 16 -7.76 -25.23 -26.43
CA GLU E 16 -8.32 -24.01 -25.88
C GLU E 16 -7.95 -23.90 -24.41
N ALA E 17 -7.56 -22.70 -23.99
CA ALA E 17 -7.22 -22.48 -22.59
C ALA E 17 -7.28 -20.99 -22.29
N LYS E 18 -7.26 -20.69 -20.99
CA LYS E 18 -7.31 -19.32 -20.50
C LYS E 18 -5.94 -18.93 -19.96
N THR E 19 -5.51 -17.72 -20.27
CA THR E 19 -4.24 -17.22 -19.77
C THR E 19 -4.29 -15.70 -19.80
N THR E 20 -3.14 -15.09 -19.55
CA THR E 20 -3.02 -13.65 -19.49
C THR E 20 -2.20 -13.17 -20.69
N LEU E 21 -2.14 -11.86 -20.86
CA LEU E 21 -1.45 -11.29 -22.00
C LEU E 21 -0.34 -10.35 -21.55
N PHE E 22 0.45 -9.94 -22.53
CA PHE E 22 1.54 -8.99 -22.34
C PHE E 22 1.14 -7.63 -22.87
N CYS E 23 1.40 -6.59 -22.10
CA CYS E 23 1.16 -5.23 -22.53
C CYS E 23 2.43 -4.68 -23.18
N ALA E 24 2.28 -4.05 -24.34
CA ALA E 24 3.43 -3.46 -25.00
C ALA E 24 2.98 -2.25 -25.80
N SER E 25 3.93 -1.41 -26.18
CA SER E 25 3.62 -0.20 -26.92
C SER E 25 4.80 0.17 -27.82
N ASP E 26 4.56 1.14 -28.70
CA ASP E 26 5.62 1.62 -29.58
C ASP E 26 6.63 2.47 -28.82
N ALA E 27 7.85 2.53 -29.35
CA ALA E 27 8.96 3.18 -28.67
C ALA E 27 8.76 4.66 -28.44
N ARG E 28 8.04 5.35 -29.32
CA ARG E 28 7.88 6.79 -29.16
C ARG E 28 7.00 7.14 -27.96
N ALA E 29 6.35 6.16 -27.36
CA ALA E 29 5.48 6.40 -26.22
C ALA E 29 6.16 6.15 -24.88
N TYR E 30 7.45 5.81 -24.88
CA TYR E 30 8.18 5.53 -23.65
C TYR E 30 9.21 6.61 -23.29
N GLU E 31 9.46 7.55 -24.18
CA GLU E 31 10.36 8.66 -23.89
C GLU E 31 9.63 9.87 -23.32
N LYS E 32 8.35 9.74 -23.02
CA LYS E 32 7.58 10.81 -22.45
C LYS E 32 7.61 10.72 -20.93
N GLU E 33 6.88 11.61 -20.25
CA GLU E 33 6.91 11.65 -18.81
C GLU E 33 6.16 10.46 -18.20
N VAL E 34 6.41 10.23 -16.91
CA VAL E 34 5.78 9.12 -16.22
C VAL E 34 4.28 9.36 -16.14
N HIS E 35 3.51 8.29 -16.37
CA HIS E 35 2.04 8.34 -16.34
C HIS E 35 1.48 9.38 -17.30
N ASN E 36 2.22 9.70 -18.35
CA ASN E 36 1.76 10.51 -19.47
C ASN E 36 2.09 9.81 -20.78
N VAL E 37 1.52 8.62 -21.01
CA VAL E 37 0.36 8.11 -20.30
C VAL E 37 0.80 6.91 -19.50
N TRP E 38 -0.18 6.24 -18.86
CA TRP E 38 0.13 5.10 -17.99
C TRP E 38 1.04 4.06 -18.66
N ALA E 39 1.00 3.96 -20.00
CA ALA E 39 1.87 3.00 -20.66
C ALA E 39 3.33 3.26 -20.38
N THR E 40 3.72 4.54 -20.24
CA THR E 40 5.13 4.86 -20.08
C THR E 40 5.71 4.21 -18.83
N HIS E 41 4.96 4.23 -17.73
CA HIS E 41 5.43 3.63 -16.50
C HIS E 41 5.00 2.17 -16.36
N ALA E 42 4.14 1.69 -17.25
CA ALA E 42 3.47 0.41 -17.05
C ALA E 42 3.95 -0.72 -17.96
N CYS E 43 4.21 -0.46 -19.23
CA CYS E 43 4.40 -1.54 -20.20
C CYS E 43 5.84 -1.58 -20.70
N VAL E 44 6.06 -2.44 -21.69
CA VAL E 44 7.38 -2.68 -22.27
C VAL E 44 7.36 -2.44 -23.79
N PRO E 45 8.38 -1.77 -24.34
CA PRO E 45 8.41 -1.57 -25.79
C PRO E 45 8.51 -2.90 -26.53
N THR E 46 7.86 -2.96 -27.69
CA THR E 46 7.97 -4.11 -28.56
C THR E 46 7.95 -3.65 -30.00
N ASP E 47 8.22 -4.60 -30.90
CA ASP E 47 8.20 -4.41 -32.34
C ASP E 47 6.84 -4.79 -32.91
N PRO E 48 6.21 -3.93 -33.70
CA PRO E 48 4.90 -4.29 -34.28
C PRO E 48 4.97 -5.47 -35.23
N SER E 49 6.16 -5.84 -35.71
CA SER E 49 6.37 -6.96 -36.61
C SER E 49 6.12 -8.24 -35.82
N PRO E 50 6.17 -9.45 -36.41
CA PRO E 50 6.56 -10.02 -37.70
C PRO E 50 5.48 -9.99 -38.76
N GLN E 51 5.70 -10.79 -39.80
CA GLN E 51 4.80 -10.91 -40.91
C GLN E 51 3.71 -11.91 -40.57
N GLU E 52 2.47 -11.55 -40.81
CA GLU E 52 1.36 -12.44 -40.56
C GLU E 52 1.51 -13.69 -41.42
N LEU E 53 1.35 -14.85 -40.81
CA LEU E 53 1.55 -16.11 -41.50
C LEU E 53 0.21 -16.80 -41.73
N VAL E 54 -0.10 -17.07 -42.99
CA VAL E 54 -1.33 -17.74 -43.39
C VAL E 54 -1.11 -19.24 -43.48
N LEU E 55 -2.07 -20.01 -43.00
CA LEU E 55 -1.90 -21.45 -42.92
C LEU E 55 -2.40 -22.13 -44.18
N GLY E 56 -1.79 -23.28 -44.48
CA GLY E 56 -2.13 -24.10 -45.65
C GLY E 56 -3.63 -24.35 -45.76
N ASN E 57 -4.18 -25.14 -44.85
CA ASN E 57 -5.63 -25.45 -44.92
C ASN E 57 -6.29 -25.02 -43.61
N VAL E 58 -6.52 -25.94 -42.66
CA VAL E 58 -7.09 -25.79 -41.29
C VAL E 58 -8.53 -25.23 -41.24
N THR E 59 -9.27 -25.66 -40.21
CA THR E 59 -10.67 -25.29 -39.95
C THR E 59 -10.78 -24.96 -38.47
N GLU E 60 -11.28 -23.77 -38.15
CA GLU E 60 -11.41 -23.38 -36.75
C GLU E 60 -12.77 -22.74 -36.50
N ASN E 61 -13.17 -22.75 -35.23
CA ASN E 61 -14.49 -22.30 -34.80
C ASN E 61 -14.29 -21.22 -33.75
N PHE E 62 -14.30 -19.96 -34.18
CA PHE E 62 -14.27 -18.85 -33.25
C PHE E 62 -15.67 -18.58 -32.71
N ASN E 63 -15.74 -17.71 -31.71
CA ASN E 63 -17.02 -17.34 -31.11
C ASN E 63 -16.82 -16.00 -30.44
N MET E 64 -17.51 -14.97 -30.95
CA MET E 64 -17.27 -13.63 -30.43
C MET E 64 -17.57 -13.54 -28.94
N TRP E 65 -18.61 -14.22 -28.47
CA TRP E 65 -19.05 -14.03 -27.10
C TRP E 65 -18.52 -15.09 -26.14
N LYS E 66 -17.49 -15.83 -26.53
CA LYS E 66 -16.84 -16.79 -25.64
C LYS E 66 -15.34 -16.54 -25.75
N ASN E 67 -14.87 -15.51 -25.06
CA ASN E 67 -13.48 -15.09 -25.19
C ASN E 67 -13.07 -14.37 -23.92
N ASP E 68 -12.10 -14.93 -23.21
CA ASP E 68 -11.66 -14.34 -21.95
C ASP E 68 -10.89 -13.05 -22.16
N MET E 69 -10.29 -12.86 -23.34
CA MET E 69 -9.41 -11.71 -23.54
C MET E 69 -10.15 -10.40 -23.36
N VAL E 70 -11.43 -10.38 -23.70
CA VAL E 70 -12.19 -9.13 -23.61
C VAL E 70 -12.39 -8.74 -22.16
N ASP E 71 -12.85 -9.69 -21.34
CA ASP E 71 -12.97 -9.40 -19.92
C ASP E 71 -11.62 -9.08 -19.31
N GLN E 72 -10.55 -9.67 -19.82
CA GLN E 72 -9.24 -9.36 -19.27
C GLN E 72 -8.91 -7.90 -19.47
N MET E 73 -9.20 -7.37 -20.66
CA MET E 73 -8.97 -5.96 -20.89
C MET E 73 -9.77 -5.11 -19.92
N HIS E 74 -11.01 -5.51 -19.66
CA HIS E 74 -11.83 -4.76 -18.72
C HIS E 74 -11.19 -4.72 -17.35
N GLU E 75 -10.71 -5.87 -16.88
CA GLU E 75 -10.07 -5.90 -15.58
C GLU E 75 -8.80 -5.06 -15.57
N ASP E 76 -8.02 -5.11 -16.65
CA ASP E 76 -6.78 -4.35 -16.64
C ASP E 76 -7.06 -2.84 -16.62
N ILE E 77 -8.01 -2.40 -17.44
CA ILE E 77 -8.27 -0.96 -17.49
C ILE E 77 -8.88 -0.49 -16.19
N ILE E 78 -9.80 -1.25 -15.61
CA ILE E 78 -10.34 -0.82 -14.32
C ILE E 78 -9.24 -0.83 -13.28
N SER E 79 -8.39 -1.86 -13.28
CA SER E 79 -7.35 -1.93 -12.27
C SER E 79 -6.40 -0.75 -12.39
N LEU E 80 -5.99 -0.41 -13.60
CA LEU E 80 -5.04 0.69 -13.70
C LEU E 80 -5.70 2.03 -13.38
N TRP E 81 -7.00 2.18 -13.66
CA TRP E 81 -7.65 3.41 -13.28
C TRP E 81 -7.62 3.61 -11.78
N ASP E 82 -7.87 2.54 -11.02
CA ASP E 82 -7.79 2.69 -9.57
C ASP E 82 -6.37 2.99 -9.12
N GLN E 83 -5.38 2.36 -9.76
CA GLN E 83 -4.00 2.60 -9.37
C GLN E 83 -3.54 4.00 -9.74
N SER E 84 -4.14 4.61 -10.75
CA SER E 84 -3.71 5.95 -11.15
C SER E 84 -4.15 7.01 -10.16
N LEU E 85 -5.20 6.75 -9.38
CA LEU E 85 -5.71 7.72 -8.41
C LEU E 85 -5.16 7.52 -7.02
N LYS E 86 -4.30 6.53 -6.80
CA LYS E 86 -3.73 6.35 -5.47
C LYS E 86 -2.68 7.41 -5.14
N PRO E 87 -1.75 7.77 -6.02
CA PRO E 87 -0.75 8.76 -5.64
C PRO E 87 -1.20 10.20 -5.85
N CYS E 88 -2.47 10.41 -6.16
CA CYS E 88 -2.99 11.75 -6.45
C CYS E 88 -4.33 11.90 -5.76
N VAL E 89 -4.32 12.30 -4.50
CA VAL E 89 -5.49 12.18 -3.63
C VAL E 89 -5.82 13.51 -2.97
N LYS E 90 -7.11 13.79 -2.89
CA LYS E 90 -7.67 14.91 -2.15
C LYS E 90 -8.74 14.39 -1.21
N LEU E 91 -8.77 14.90 0.02
CA LEU E 91 -9.72 14.42 1.03
C LEU E 91 -10.44 15.58 1.69
N THR E 92 -10.03 16.78 1.30
CA THR E 92 -10.41 18.03 1.95
C THR E 92 -11.87 18.38 1.67
N PRO E 93 -12.38 19.44 2.29
CA PRO E 93 -13.69 19.98 1.93
C PRO E 93 -13.90 20.10 0.43
N LEU E 94 -14.84 20.97 0.08
CA LEU E 94 -15.60 20.90 -1.17
C LEU E 94 -16.89 20.16 -0.86
N CYS E 95 -17.20 20.00 0.42
CA CYS E 95 -18.49 19.49 0.84
C CYS E 95 -19.25 20.42 1.78
N VAL E 96 -18.68 21.57 2.14
CA VAL E 96 -19.36 22.50 3.03
C VAL E 96 -20.59 23.06 2.35
N THR E 97 -21.58 23.46 3.14
CA THR E 97 -22.80 24.02 2.58
C THR E 97 -22.45 25.19 1.68
N LEU E 98 -22.91 25.11 0.44
CA LEU E 98 -22.59 26.08 -0.58
C LEU E 98 -23.75 27.05 -0.73
N ILE E 99 -23.46 28.35 -0.61
CA ILE E 99 -24.52 29.33 -0.79
C ILE E 99 -24.39 29.88 -2.20
N CYS E 100 -25.48 29.88 -2.96
CA CYS E 100 -25.33 30.13 -4.38
C CYS E 100 -26.30 31.20 -4.86
N SER E 101 -25.99 31.79 -6.01
CA SER E 101 -26.84 32.77 -6.65
C SER E 101 -26.70 32.66 -8.16
N ASP E 102 -27.68 33.22 -8.86
CA ASP E 102 -27.70 33.15 -10.31
C ASP E 102 -26.37 33.63 -10.87
N ALA E 103 -25.74 32.78 -11.67
CA ALA E 103 -24.41 33.04 -12.18
C ALA E 103 -24.46 34.21 -13.16
N THR E 104 -23.63 35.20 -12.91
CA THR E 104 -23.57 36.38 -13.76
C THR E 104 -22.16 36.44 -14.33
N VAL E 105 -22.02 37.16 -15.42
CA VAL E 105 -20.72 37.29 -16.08
C VAL E 105 -20.57 38.74 -16.50
N LYS E 106 -19.33 39.15 -16.78
CA LYS E 106 -19.04 40.52 -17.18
C LYS E 106 -19.87 40.98 -18.37
N THR E 107 -20.21 40.07 -19.28
CA THR E 107 -21.10 40.39 -20.40
C THR E 107 -22.36 39.53 -20.29
N GLY E 108 -23.27 39.93 -19.40
CA GLY E 108 -24.52 39.22 -19.25
C GLY E 108 -24.55 38.16 -18.16
N THR E 109 -25.30 37.09 -18.41
CA THR E 109 -25.52 36.04 -17.43
C THR E 109 -25.44 34.69 -18.12
N VAL E 110 -25.49 33.63 -17.32
CA VAL E 110 -25.49 32.27 -17.85
C VAL E 110 -26.47 31.44 -17.03
N GLU E 111 -27.22 30.58 -17.70
CA GLU E 111 -28.26 29.79 -17.07
C GLU E 111 -27.82 28.39 -16.66
N GLU E 112 -26.77 27.85 -17.27
CA GLU E 112 -26.36 26.49 -16.99
C GLU E 112 -25.34 26.37 -15.87
N MET E 113 -24.80 27.47 -15.37
CA MET E 113 -23.87 27.42 -14.27
C MET E 113 -24.40 28.23 -13.10
N LYS E 114 -23.88 27.94 -11.92
CA LYS E 114 -24.14 28.76 -10.75
C LYS E 114 -22.82 29.24 -10.17
N ASN E 115 -22.82 30.46 -9.63
CA ASN E 115 -21.68 31.01 -8.93
C ASN E 115 -21.90 30.74 -7.46
N CYS E 116 -21.02 29.97 -6.83
CA CYS E 116 -21.27 29.54 -5.46
C CYS E 116 -20.22 30.05 -4.49
N SER E 117 -20.67 30.84 -3.52
CA SER E 117 -19.82 31.31 -2.45
C SER E 117 -19.47 30.17 -1.49
N PHE E 118 -18.17 30.11 -1.17
CA PHE E 118 -17.55 29.02 -0.36
C PHE E 118 -17.23 29.44 1.07
N ASN E 119 -16.81 28.44 1.85
CA ASN E 119 -16.47 28.58 3.28
C ASN E 119 -15.35 27.60 3.62
N THR E 120 -14.15 27.91 3.22
CA THR E 120 -13.06 26.91 3.39
C THR E 120 -12.04 27.30 4.46
N THR E 121 -11.12 26.37 4.72
CA THR E 121 -9.95 26.45 5.59
C THR E 121 -8.79 27.06 4.84
N THR E 122 -8.00 27.86 5.54
CA THR E 122 -6.80 28.45 4.96
C THR E 122 -5.71 27.39 4.96
N GLU E 123 -4.49 27.78 4.59
CA GLU E 123 -3.37 26.86 4.72
C GLU E 123 -3.08 26.52 6.18
N ILE E 124 -3.51 27.35 7.12
CA ILE E 124 -3.37 27.05 8.54
C ILE E 124 -4.70 26.61 9.10
N ARG E 125 -4.70 25.49 9.84
CA ARG E 125 -5.95 24.92 10.34
C ARG E 125 -6.57 25.76 11.45
N ASP E 126 -6.21 27.04 11.58
CA ASP E 126 -6.86 27.92 12.54
C ASP E 126 -7.95 28.81 11.95
N LYS E 127 -7.95 29.07 10.65
CA LYS E 127 -8.85 30.06 10.07
C LYS E 127 -9.61 29.52 8.87
N GLU E 128 -10.79 30.08 8.64
CA GLU E 128 -11.58 29.88 7.43
C GLU E 128 -11.55 31.15 6.57
N LYS E 129 -11.65 31.00 5.26
CA LYS E 129 -11.64 32.15 4.37
C LYS E 129 -12.74 32.05 3.33
N LYS E 130 -13.07 33.21 2.76
CA LYS E 130 -14.09 33.33 1.74
C LYS E 130 -13.50 33.05 0.36
N GLU E 131 -14.30 32.41 -0.49
CA GLU E 131 -13.87 32.08 -1.83
C GLU E 131 -15.10 31.87 -2.71
N TYR E 132 -14.86 31.74 -4.01
CA TYR E 132 -15.94 31.46 -4.94
C TYR E 132 -15.41 30.69 -6.13
N ALA E 133 -16.28 29.83 -6.66
CA ALA E 133 -16.02 29.16 -7.92
C ALA E 133 -17.35 28.94 -8.63
N LEU E 134 -17.28 28.59 -9.90
CA LEU E 134 -18.47 28.37 -10.70
C LEU E 134 -18.61 26.89 -10.99
N PHE E 135 -19.85 26.42 -11.04
CA PHE E 135 -20.08 25.01 -11.26
C PHE E 135 -21.21 24.82 -12.26
N TYR E 136 -21.24 23.66 -12.89
CA TYR E 136 -22.33 23.33 -13.79
C TYR E 136 -23.55 22.92 -12.99
N LYS E 137 -24.72 23.33 -13.48
CA LYS E 137 -25.95 23.08 -12.73
C LYS E 137 -26.18 21.62 -12.37
N PRO E 138 -25.94 20.63 -13.23
CA PRO E 138 -26.30 19.25 -12.88
C PRO E 138 -25.45 18.62 -11.80
N ASP E 139 -24.37 19.25 -11.34
CA ASP E 139 -23.51 18.66 -10.33
C ASP E 139 -23.73 19.24 -8.95
N ILE E 140 -24.79 20.01 -8.74
CA ILE E 140 -25.07 20.56 -7.43
C ILE E 140 -26.51 20.26 -7.07
N VAL E 141 -26.72 19.84 -5.82
CA VAL E 141 -28.04 19.44 -5.34
C VAL E 141 -28.42 20.32 -4.16
N PRO E 142 -29.63 20.84 -4.13
CA PRO E 142 -30.06 21.64 -2.99
C PRO E 142 -30.41 20.80 -1.76
N LEU E 143 -29.41 20.47 -0.96
CA LEU E 143 -29.65 19.65 0.23
C LEU E 143 -30.37 20.50 1.26
N SER E 144 -31.67 20.26 1.43
CA SER E 144 -32.45 21.04 2.38
C SER E 144 -33.70 20.25 2.76
N GLU E 145 -34.25 20.60 3.92
CA GLU E 145 -35.53 20.07 4.37
C GLU E 145 -36.70 20.88 3.82
N THR E 146 -36.44 22.03 3.22
CA THR E 146 -37.49 22.90 2.69
C THR E 146 -36.95 23.56 1.43
N ASN E 147 -37.63 24.61 0.97
CA ASN E 147 -37.25 25.29 -0.26
C ASN E 147 -36.23 26.40 0.03
N ASN E 148 -35.09 25.98 0.56
CA ASN E 148 -34.03 26.92 0.91
C ASN E 148 -33.10 27.01 -0.29
N THR E 149 -33.31 28.02 -1.12
CA THR E 149 -32.55 28.19 -2.35
C THR E 149 -31.16 28.75 -2.11
N SER E 150 -30.78 28.96 -0.85
CA SER E 150 -29.45 29.50 -0.54
C SER E 150 -28.58 28.48 0.17
N GLU E 151 -29.00 27.22 0.21
CA GLU E 151 -28.21 26.15 0.82
C GLU E 151 -28.12 24.98 -0.16
N TYR E 152 -26.94 24.76 -0.72
CA TYR E 152 -26.67 23.75 -1.71
C TYR E 152 -25.54 22.84 -1.25
N ARG E 153 -25.42 21.66 -1.86
CA ARG E 153 -24.28 20.79 -1.50
C ARG E 153 -23.77 20.07 -2.76
N LEU E 154 -22.44 19.90 -2.86
CA LEU E 154 -21.80 19.29 -4.02
C LEU E 154 -22.40 17.91 -4.25
N ILE E 155 -22.89 17.65 -5.45
CA ILE E 155 -23.65 16.41 -5.70
C ILE E 155 -22.90 15.19 -5.21
N ASN E 156 -21.60 15.16 -5.45
CA ASN E 156 -20.85 13.94 -5.25
C ASN E 156 -20.77 13.49 -3.80
N CYS E 157 -21.00 14.42 -2.87
CA CYS E 157 -20.73 14.12 -1.44
C CYS E 157 -21.86 13.29 -0.85
N ASN E 158 -22.82 12.94 -1.66
CA ASN E 158 -23.87 12.11 -1.06
C ASN E 158 -23.18 10.88 -0.53
N THR E 159 -22.22 10.37 -1.30
CA THR E 159 -21.45 9.21 -0.78
C THR E 159 -20.03 9.59 -0.34
N SER E 160 -19.12 9.94 -1.26
CA SER E 160 -17.72 10.11 -0.87
C SER E 160 -16.74 10.46 -1.98
N CYS E 161 -15.45 10.40 -1.63
CA CYS E 161 -14.32 10.12 -2.54
C CYS E 161 -14.08 11.26 -3.52
N VAL E 162 -14.42 12.50 -3.20
CA VAL E 162 -14.28 13.65 -4.09
C VAL E 162 -12.95 13.84 -4.83
N THR E 163 -12.04 12.87 -4.79
CA THR E 163 -10.69 13.03 -5.32
C THR E 163 -10.63 13.71 -6.69
N GLN E 164 -9.42 14.19 -6.98
CA GLN E 164 -9.10 15.09 -8.09
C GLN E 164 -8.03 14.46 -8.96
N ALA E 165 -8.21 14.52 -10.27
CA ALA E 165 -7.22 14.03 -11.23
C ALA E 165 -6.01 14.98 -11.33
N CYS E 166 -4.87 14.41 -11.73
CA CYS E 166 -3.63 15.20 -11.78
C CYS E 166 -3.62 16.10 -13.01
N PRO E 167 -3.05 17.30 -12.91
CA PRO E 167 -2.92 18.20 -14.05
C PRO E 167 -1.66 17.94 -14.86
N LYS E 168 -1.26 16.68 -14.93
CA LYS E 168 -0.08 16.31 -15.70
C LYS E 168 -0.29 14.97 -16.38
N VAL E 169 -1.53 14.52 -16.50
CA VAL E 169 -1.88 13.24 -17.10
C VAL E 169 -2.83 13.53 -18.24
N THR E 170 -2.93 12.58 -19.15
CA THR E 170 -3.85 12.69 -20.26
C THR E 170 -4.37 11.31 -20.59
N PHE E 171 -5.62 11.24 -21.02
CA PHE E 171 -6.27 9.97 -21.26
C PHE E 171 -6.44 9.73 -22.75
N GLU E 172 -5.52 10.25 -23.54
CA GLU E 172 -5.52 9.96 -24.95
C GLU E 172 -5.43 8.45 -25.17
N PRO E 173 -6.27 7.89 -26.01
CA PRO E 173 -6.26 6.44 -26.18
C PRO E 173 -5.03 5.94 -26.92
N ILE E 174 -3.90 5.86 -26.23
CA ILE E 174 -2.68 5.36 -26.87
C ILE E 174 -2.88 3.90 -27.23
N PRO E 175 -2.57 3.48 -28.45
CA PRO E 175 -2.82 2.09 -28.84
C PRO E 175 -1.95 1.13 -28.04
N ILE E 176 -2.54 -0.02 -27.73
CA ILE E 176 -1.92 -1.06 -26.91
C ILE E 176 -1.80 -2.32 -27.75
N HIS E 177 -0.66 -2.99 -27.66
CA HIS E 177 -0.46 -4.28 -28.30
C HIS E 177 -0.60 -5.39 -27.27
N TYR E 178 -1.26 -6.48 -27.66
CA TYR E 178 -1.40 -7.67 -26.82
C TYR E 178 -0.51 -8.76 -27.36
N CYS E 179 0.53 -9.11 -26.63
CA CYS E 179 1.39 -10.24 -27.00
C CYS E 179 1.15 -11.41 -26.06
N ALA E 180 1.55 -12.59 -26.52
CA ALA E 180 1.44 -13.79 -25.70
C ALA E 180 2.81 -14.33 -25.35
N PRO E 181 2.98 -14.88 -24.15
CA PRO E 181 4.28 -15.47 -23.80
C PRO E 181 4.49 -16.76 -24.56
N ALA E 182 5.74 -17.22 -24.54
CA ALA E 182 6.08 -18.43 -25.27
C ALA E 182 5.27 -19.62 -24.78
N GLY E 183 5.00 -20.54 -25.69
CA GLY E 183 4.14 -21.66 -25.40
C GLY E 183 2.71 -21.49 -25.89
N TYR E 184 2.32 -20.28 -26.27
CA TYR E 184 1.00 -20.01 -26.80
C TYR E 184 1.14 -19.37 -28.17
N ALA E 185 0.02 -19.24 -28.86
CA ALA E 185 0.03 -18.56 -30.15
C ALA E 185 -1.31 -17.86 -30.35
N ILE E 186 -1.34 -16.87 -31.24
CA ILE E 186 -2.55 -16.12 -31.47
C ILE E 186 -3.06 -16.44 -32.87
N LEU E 187 -4.35 -16.69 -32.98
CA LEU E 187 -4.98 -16.98 -34.25
C LEU E 187 -5.89 -15.83 -34.64
N LYS E 188 -5.89 -15.50 -35.93
CA LYS E 188 -6.68 -14.40 -36.48
C LYS E 188 -7.49 -14.93 -37.65
N CYS E 189 -8.81 -14.72 -37.59
CA CYS E 189 -9.71 -15.17 -38.65
C CYS E 189 -9.88 -14.05 -39.67
N ASN E 190 -9.51 -14.33 -40.91
CA ASN E 190 -9.51 -13.30 -41.95
C ASN E 190 -10.75 -13.34 -42.83
N ASP E 191 -11.73 -14.18 -42.51
CA ASP E 191 -12.91 -14.34 -43.35
C ASP E 191 -13.83 -13.14 -43.12
N GLU E 192 -13.91 -12.25 -44.11
CA GLU E 192 -14.72 -11.05 -43.99
C GLU E 192 -16.22 -11.33 -44.02
N THR E 193 -16.62 -12.54 -44.37
CA THR E 193 -18.03 -12.90 -44.34
C THR E 193 -18.38 -13.71 -43.10
N PHE E 194 -17.36 -13.86 -42.26
CA PHE E 194 -17.41 -14.60 -40.98
C PHE E 194 -18.71 -14.24 -40.29
N ASN E 195 -19.70 -15.10 -40.08
CA ASN E 195 -20.94 -14.56 -39.43
C ASN E 195 -21.05 -14.80 -37.91
N GLY E 196 -19.97 -14.64 -37.14
CA GLY E 196 -19.90 -14.76 -35.68
C GLY E 196 -19.33 -16.07 -35.15
N THR E 197 -19.63 -17.22 -35.74
CA THR E 197 -19.11 -18.43 -35.15
C THR E 197 -19.04 -19.53 -36.21
N GLY E 198 -18.06 -20.41 -36.07
CA GLY E 198 -17.95 -21.59 -36.88
C GLY E 198 -16.76 -21.57 -37.80
N PRO E 199 -16.79 -22.40 -38.82
CA PRO E 199 -15.55 -22.80 -39.50
C PRO E 199 -14.86 -21.68 -40.26
N CYS E 200 -13.89 -21.04 -39.63
CA CYS E 200 -13.01 -20.13 -40.36
C CYS E 200 -12.06 -20.94 -41.23
N SER E 201 -11.72 -20.42 -42.42
CA SER E 201 -10.75 -21.17 -43.26
C SER E 201 -9.57 -20.32 -43.77
N ASN E 202 -9.60 -19.02 -43.57
CA ASN E 202 -8.42 -18.30 -44.09
C ASN E 202 -7.39 -18.08 -42.96
N VAL E 203 -7.66 -18.69 -41.80
CA VAL E 203 -6.90 -18.62 -40.52
C VAL E 203 -5.39 -18.38 -40.68
N SER E 204 -4.92 -17.23 -40.17
CA SER E 204 -3.51 -16.91 -40.06
C SER E 204 -3.08 -17.07 -38.61
N THR E 205 -1.78 -17.19 -38.41
CA THR E 205 -1.18 -17.25 -37.10
C THR E 205 -0.37 -16.00 -36.83
N VAL E 206 -0.44 -15.55 -35.57
CA VAL E 206 0.32 -14.40 -35.15
C VAL E 206 0.91 -14.68 -33.78
N GLN E 207 2.11 -14.12 -33.57
CA GLN E 207 2.80 -14.18 -32.29
C GLN E 207 2.42 -13.01 -31.40
N CYS E 208 2.19 -11.84 -31.99
CA CYS E 208 1.71 -10.70 -31.22
C CYS E 208 0.72 -9.89 -32.06
N THR E 209 -0.40 -9.50 -31.45
CA THR E 209 -1.50 -8.78 -32.16
C THR E 209 -1.23 -7.32 -32.46
N HIS E 210 -2.20 -6.76 -33.18
CA HIS E 210 -2.48 -5.42 -33.74
C HIS E 210 -2.77 -4.39 -32.67
N GLY E 211 -2.97 -3.17 -33.14
CA GLY E 211 -3.15 -2.10 -32.16
C GLY E 211 -4.59 -2.13 -31.69
N ILE E 212 -4.85 -1.74 -30.46
CA ILE E 212 -6.27 -1.51 -30.07
C ILE E 212 -6.30 -0.20 -29.28
N ARG E 213 -7.43 0.52 -29.30
CA ARG E 213 -7.54 1.86 -28.74
C ARG E 213 -8.45 1.84 -27.53
N PRO E 214 -7.96 2.13 -26.33
CA PRO E 214 -8.79 2.02 -25.13
C PRO E 214 -9.74 3.20 -24.97
N VAL E 215 -10.72 3.29 -25.86
CA VAL E 215 -11.63 4.43 -25.87
C VAL E 215 -12.86 4.10 -25.03
N VAL E 216 -13.18 4.96 -24.09
CA VAL E 216 -14.43 4.86 -23.36
C VAL E 216 -15.53 5.47 -24.21
N SER E 217 -16.61 4.71 -24.41
CA SER E 217 -17.62 5.13 -25.38
C SER E 217 -18.94 4.43 -25.10
N THR E 218 -20.00 5.07 -25.54
CA THR E 218 -21.39 4.67 -25.36
C THR E 218 -21.95 4.47 -26.77
N GLN E 219 -23.26 4.65 -26.95
CA GLN E 219 -24.00 4.27 -28.15
C GLN E 219 -23.28 4.48 -29.47
N LEU E 220 -22.62 5.61 -29.68
CA LEU E 220 -21.88 5.80 -30.91
C LEU E 220 -20.38 5.65 -30.68
N LEU E 221 -19.74 4.78 -31.46
CA LEU E 221 -18.35 4.45 -31.21
C LEU E 221 -17.45 5.33 -32.04
N LEU E 222 -16.38 5.85 -31.44
CA LEU E 222 -15.59 6.88 -32.18
C LEU E 222 -14.38 6.26 -32.89
N ASN E 223 -13.16 6.66 -32.58
CA ASN E 223 -12.10 6.10 -33.41
C ASN E 223 -11.98 4.64 -33.18
N GLY E 224 -11.71 4.01 -34.27
CA GLY E 224 -11.59 2.54 -34.23
C GLY E 224 -11.19 2.00 -35.58
N SER E 225 -11.39 0.69 -35.78
CA SER E 225 -11.08 0.00 -37.00
C SER E 225 -12.19 0.19 -38.02
N LEU E 226 -11.89 -0.12 -39.27
CA LEU E 226 -12.85 0.01 -40.36
C LEU E 226 -13.24 -1.36 -40.87
N ALA E 227 -14.42 -1.43 -41.48
CA ALA E 227 -14.82 -2.66 -42.13
C ALA E 227 -14.04 -2.82 -43.43
N GLU E 228 -14.16 -4.01 -44.03
CA GLU E 228 -13.42 -4.29 -45.25
C GLU E 228 -14.05 -3.64 -46.47
N LYS E 229 -15.31 -3.96 -46.75
CA LYS E 229 -15.96 -3.52 -47.98
C LYS E 229 -17.34 -2.93 -47.76
N GLU E 230 -18.14 -3.51 -46.87
CA GLU E 230 -19.53 -3.11 -46.73
C GLU E 230 -19.96 -3.29 -45.29
N ILE E 231 -21.19 -2.86 -45.00
CA ILE E 231 -21.69 -2.86 -43.63
C ILE E 231 -21.87 -4.29 -43.13
N VAL E 232 -21.52 -4.51 -41.87
CA VAL E 232 -21.64 -5.81 -41.23
C VAL E 232 -22.48 -5.67 -39.98
N ILE E 233 -23.43 -6.58 -39.79
CA ILE E 233 -24.36 -6.56 -38.67
C ILE E 233 -24.20 -7.85 -37.89
N ARG E 234 -23.70 -7.75 -36.66
CA ARG E 234 -23.57 -8.89 -35.77
C ARG E 234 -24.72 -8.92 -34.79
N SER E 235 -25.03 -10.10 -34.27
CA SER E 235 -26.06 -10.21 -33.25
C SER E 235 -25.96 -11.57 -32.58
N GLU E 236 -26.53 -11.66 -31.38
CA GLU E 236 -26.68 -13.00 -30.75
C GLU E 236 -28.05 -13.59 -31.11
N ASN E 237 -29.04 -13.46 -30.23
CA ASN E 237 -30.36 -14.13 -30.37
C ASN E 237 -31.29 -13.53 -31.44
N LEU E 238 -31.23 -12.22 -31.63
CA LEU E 238 -32.14 -11.47 -32.55
C LEU E 238 -33.56 -11.53 -31.98
N THR E 239 -34.19 -12.72 -31.98
CA THR E 239 -35.51 -12.96 -31.44
C THR E 239 -35.70 -12.27 -30.10
N ASN E 240 -34.78 -12.56 -29.16
CA ASN E 240 -34.77 -12.07 -27.75
C ASN E 240 -34.49 -10.56 -27.64
N ASN E 241 -35.16 -9.87 -26.70
CA ASN E 241 -35.18 -8.41 -26.67
C ASN E 241 -34.06 -7.81 -25.84
N ALA E 242 -33.43 -8.58 -24.97
CA ALA E 242 -32.50 -8.06 -23.98
C ALA E 242 -31.06 -8.03 -24.48
N LYS E 243 -30.85 -8.22 -25.78
CA LYS E 243 -29.51 -8.35 -26.34
C LYS E 243 -29.14 -7.08 -27.11
N ILE E 244 -27.85 -6.95 -27.36
CA ILE E 244 -27.30 -5.79 -28.07
C ILE E 244 -26.77 -6.24 -29.41
N ILE E 245 -27.02 -5.44 -30.43
CA ILE E 245 -26.58 -5.76 -31.77
C ILE E 245 -25.50 -4.78 -32.17
N ILE E 246 -24.55 -5.26 -32.96
CA ILE E 246 -23.36 -4.52 -33.34
C ILE E 246 -23.46 -4.22 -34.82
N VAL E 247 -23.29 -2.95 -35.18
CA VAL E 247 -23.34 -2.55 -36.57
C VAL E 247 -22.00 -1.95 -36.92
N HIS E 248 -21.30 -2.58 -37.87
CA HIS E 248 -19.99 -2.15 -38.31
C HIS E 248 -20.18 -1.45 -39.66
N LEU E 249 -19.74 -0.19 -39.74
CA LEU E 249 -19.95 0.61 -40.94
C LEU E 249 -18.68 0.78 -41.76
N HIS E 250 -18.87 0.86 -43.06
CA HIS E 250 -17.81 1.17 -44.03
C HIS E 250 -17.88 2.64 -44.40
N THR E 251 -17.92 3.55 -43.42
CA THR E 251 -18.09 4.94 -43.83
C THR E 251 -16.76 5.68 -44.04
N PRO E 252 -16.08 6.24 -43.01
CA PRO E 252 -16.41 6.81 -41.69
C PRO E 252 -17.18 8.10 -41.91
N VAL E 253 -18.04 8.52 -40.99
CA VAL E 253 -18.79 9.77 -41.12
C VAL E 253 -18.12 10.84 -40.28
N GLU E 254 -17.78 11.97 -40.89
CA GLU E 254 -17.07 13.00 -40.15
C GLU E 254 -17.95 13.54 -39.04
N ILE E 255 -17.37 13.78 -37.87
CA ILE E 255 -18.09 14.40 -36.77
C ILE E 255 -17.14 15.31 -36.00
N VAL E 256 -17.64 16.46 -35.55
CA VAL E 256 -16.80 17.40 -34.81
C VAL E 256 -17.61 17.98 -33.66
N CYS E 257 -16.97 18.18 -32.52
CA CYS E 257 -17.63 18.77 -31.36
C CYS E 257 -16.74 19.85 -30.75
N THR E 258 -17.37 20.85 -30.11
CA THR E 258 -16.59 21.97 -29.58
C THR E 258 -17.35 22.69 -28.47
N ARG E 259 -16.71 23.71 -27.91
CA ARG E 259 -17.28 24.56 -26.87
C ARG E 259 -16.61 25.93 -26.93
N PRO E 260 -17.16 26.92 -26.22
CA PRO E 260 -16.62 28.28 -26.29
C PRO E 260 -15.45 28.52 -25.33
N ASN E 261 -14.97 29.77 -25.34
CA ASN E 261 -13.92 30.25 -24.41
C ASN E 261 -14.30 30.34 -22.96
N ASN E 262 -13.28 30.09 -22.13
CA ASN E 262 -13.36 30.31 -20.69
C ASN E 262 -12.09 31.02 -20.24
N ASN E 263 -12.18 31.78 -19.14
CA ASN E 263 -11.04 32.60 -18.75
C ASN E 263 -9.87 31.75 -18.32
N THR E 264 -9.98 31.08 -17.19
CA THR E 264 -8.87 30.26 -16.73
C THR E 264 -9.34 29.34 -15.64
N ARG E 265 -8.38 28.67 -15.04
CA ARG E 265 -8.62 27.70 -13.98
C ARG E 265 -8.03 28.29 -12.71
N LYS E 266 -8.90 28.68 -11.79
CA LYS E 266 -8.43 29.29 -10.56
C LYS E 266 -7.66 28.25 -9.78
N SER E 267 -6.52 28.66 -9.24
CA SER E 267 -5.66 27.78 -8.45
C SER E 267 -5.91 28.10 -6.99
N VAL E 268 -6.50 27.15 -6.27
CA VAL E 268 -6.86 27.34 -4.88
C VAL E 268 -6.16 26.27 -4.07
N ARG E 269 -5.50 26.66 -2.99
CA ARG E 269 -4.79 25.72 -2.15
C ARG E 269 -5.51 25.53 -0.83
N ILE E 270 -5.76 24.28 -0.49
CA ILE E 270 -6.42 23.90 0.75
C ILE E 270 -5.43 23.16 1.63
N GLY E 271 -5.26 23.65 2.86
CA GLY E 271 -4.39 23.03 3.84
C GLY E 271 -2.97 22.78 3.36
N PRO E 272 -2.49 21.56 3.58
CA PRO E 272 -1.09 21.22 3.30
C PRO E 272 -0.82 21.03 1.81
N GLY E 273 -0.92 22.11 1.06
CA GLY E 273 -0.51 22.08 -0.33
C GLY E 273 -1.42 21.30 -1.26
N GLN E 274 -2.67 21.10 -0.88
CA GLN E 274 -3.59 20.31 -1.70
C GLN E 274 -4.20 21.23 -2.74
N THR E 275 -3.46 21.48 -3.81
CA THR E 275 -3.89 22.41 -4.83
C THR E 275 -5.01 21.77 -5.62
N PHE E 276 -6.00 22.56 -6.01
CA PHE E 276 -7.05 22.07 -6.89
C PHE E 276 -7.44 23.21 -7.82
N TYR E 277 -8.06 22.85 -8.93
CA TYR E 277 -8.46 23.84 -9.92
C TYR E 277 -9.97 23.85 -10.07
N ALA E 278 -10.51 25.03 -10.37
CA ALA E 278 -11.94 25.17 -10.54
C ALA E 278 -12.21 26.16 -11.65
N THR E 279 -13.36 26.00 -12.29
CA THR E 279 -13.73 26.90 -13.37
C THR E 279 -14.00 28.28 -12.82
N GLY E 280 -13.28 29.27 -13.31
CA GLY E 280 -13.45 30.63 -12.85
C GLY E 280 -14.44 31.40 -13.69
N ASP E 281 -14.08 32.63 -14.06
CA ASP E 281 -14.94 33.50 -14.83
C ASP E 281 -14.92 33.07 -16.29
N ILE E 282 -15.71 33.70 -17.14
CA ILE E 282 -15.75 33.37 -18.56
C ILE E 282 -15.74 34.65 -19.36
N ILE E 283 -14.83 34.74 -20.32
CA ILE E 283 -14.72 35.89 -21.22
C ILE E 283 -14.54 35.32 -22.62
N GLY E 284 -15.28 35.84 -23.60
CA GLY E 284 -16.15 36.99 -23.49
C GLY E 284 -17.60 36.59 -23.36
N ASP E 285 -18.29 36.46 -24.50
CA ASP E 285 -19.65 35.96 -24.51
C ASP E 285 -19.68 34.46 -24.19
N ILE E 286 -20.88 33.90 -24.12
CA ILE E 286 -21.08 32.49 -23.75
C ILE E 286 -21.96 31.80 -24.78
N LYS E 287 -21.53 30.63 -25.24
CA LYS E 287 -22.29 29.86 -26.25
C LYS E 287 -22.24 28.38 -25.87
N GLN E 288 -22.76 27.54 -26.77
CA GLN E 288 -22.79 26.09 -26.63
C GLN E 288 -21.47 25.54 -27.17
N ALA E 289 -21.02 24.35 -26.71
CA ALA E 289 -21.67 23.14 -26.18
C ALA E 289 -22.53 22.43 -27.24
N HIS E 290 -21.92 22.05 -28.36
CA HIS E 290 -22.66 21.36 -29.41
C HIS E 290 -21.74 20.47 -30.23
N CYS E 291 -22.37 19.55 -30.98
CA CYS E 291 -21.67 18.69 -31.94
C CYS E 291 -22.33 18.77 -33.32
N ASN E 292 -21.51 18.67 -34.35
CA ASN E 292 -21.93 18.75 -35.75
C ASN E 292 -21.62 17.45 -36.48
N ILE E 293 -22.55 17.04 -37.35
CA ILE E 293 -22.43 15.82 -38.15
C ILE E 293 -22.91 16.12 -39.55
N SER E 294 -22.16 15.65 -40.56
CA SER E 294 -22.53 15.90 -41.94
C SER E 294 -23.79 15.13 -42.29
N GLU E 295 -24.77 15.81 -42.89
CA GLU E 295 -26.07 15.19 -43.12
C GLU E 295 -26.02 14.14 -44.22
N GLU E 296 -25.45 14.49 -45.37
CA GLU E 296 -25.56 13.61 -46.53
C GLU E 296 -24.81 12.31 -46.31
N LYS E 297 -23.70 12.36 -45.56
CA LYS E 297 -23.03 11.12 -45.18
C LYS E 297 -23.90 10.33 -44.23
N TRP E 298 -24.50 11.01 -43.25
CA TRP E 298 -25.35 10.31 -42.29
C TRP E 298 -26.52 9.64 -42.99
N ASN E 299 -27.03 10.34 -43.99
CA ASN E 299 -28.28 9.84 -44.58
C ASN E 299 -28.03 8.47 -45.23
N ASP E 300 -27.12 8.43 -46.19
CA ASP E 300 -26.91 7.20 -46.93
C ASP E 300 -26.28 6.12 -46.06
N THR E 301 -25.47 6.51 -45.08
CA THR E 301 -24.97 5.51 -44.14
C THR E 301 -26.11 4.87 -43.38
N LEU E 302 -27.04 5.68 -42.88
CA LEU E 302 -28.12 5.10 -42.11
C LEU E 302 -29.04 4.27 -42.99
N GLN E 303 -29.15 4.65 -44.27
CA GLN E 303 -29.94 3.84 -45.20
C GLN E 303 -29.24 2.53 -45.52
N LYS E 304 -27.94 2.57 -45.79
CA LYS E 304 -27.23 1.34 -46.06
C LYS E 304 -27.37 0.36 -44.92
N VAL E 305 -27.49 0.87 -43.70
CA VAL E 305 -27.82 0.01 -42.56
C VAL E 305 -29.10 -0.74 -42.84
N GLY E 306 -30.07 -0.08 -43.45
CA GLY E 306 -31.34 -0.75 -43.72
C GLY E 306 -31.20 -1.87 -44.72
N ILE E 307 -30.44 -1.63 -45.80
CA ILE E 307 -30.36 -2.63 -46.86
C ILE E 307 -29.66 -3.88 -46.38
N GLU E 308 -28.72 -3.74 -45.45
CA GLU E 308 -28.09 -4.94 -44.91
C GLU E 308 -28.88 -5.55 -43.77
N LEU E 309 -29.55 -4.73 -42.97
CA LEU E 309 -30.36 -5.28 -41.88
C LEU E 309 -31.53 -6.08 -42.43
N GLN E 310 -32.12 -5.63 -43.53
CA GLN E 310 -33.25 -6.35 -44.09
C GLN E 310 -32.89 -7.74 -44.59
N LYS E 311 -31.62 -8.14 -44.53
CA LYS E 311 -31.26 -9.48 -44.94
C LYS E 311 -31.88 -10.53 -44.02
N HIS E 312 -32.12 -10.19 -42.76
CA HIS E 312 -32.64 -11.15 -41.79
C HIS E 312 -34.14 -11.04 -41.60
N PHE E 313 -34.68 -9.97 -42.13
CA PHE E 313 -36.13 -9.75 -41.91
C PHE E 313 -36.66 -9.76 -43.33
N PRO E 314 -37.75 -10.65 -43.67
CA PRO E 314 -38.86 -10.91 -44.94
C PRO E 314 -39.53 -9.62 -45.45
N ASN E 315 -40.61 -9.20 -44.82
CA ASN E 315 -41.22 -7.92 -45.28
C ASN E 315 -41.70 -7.16 -44.06
N LYS E 316 -40.75 -6.81 -43.20
CA LYS E 316 -40.99 -6.06 -41.92
C LYS E 316 -40.22 -4.73 -41.85
N THR E 317 -40.77 -3.69 -41.20
CA THR E 317 -40.02 -2.40 -41.29
C THR E 317 -39.24 -2.10 -40.01
N ILE E 318 -38.19 -1.31 -40.23
CA ILE E 318 -37.20 -0.70 -39.36
C ILE E 318 -37.69 0.67 -38.95
N LYS E 319 -37.76 0.92 -37.65
CA LYS E 319 -38.10 2.24 -37.14
C LYS E 319 -37.12 2.64 -36.05
N TYR E 320 -37.09 3.94 -35.75
CA TYR E 320 -36.11 4.55 -34.82
C TYR E 320 -36.88 5.50 -33.91
N ASN E 321 -36.75 5.24 -32.60
CA ASN E 321 -37.38 6.05 -31.54
C ASN E 321 -36.36 6.46 -30.48
N GLN E 322 -36.65 7.45 -29.64
CA GLN E 322 -35.66 7.88 -28.61
C GLN E 322 -35.48 6.68 -27.65
N SER E 323 -34.37 6.64 -26.90
CA SER E 323 -33.97 5.74 -25.83
C SER E 323 -34.99 5.74 -24.69
N ALA E 324 -34.89 4.75 -23.82
CA ALA E 324 -35.91 4.47 -22.82
C ALA E 324 -35.71 5.35 -21.58
N GLY E 325 -35.64 6.66 -21.81
CA GLY E 325 -35.64 7.60 -20.71
C GLY E 325 -34.48 7.39 -19.75
N GLY E 326 -34.75 7.60 -18.46
CA GLY E 326 -33.72 7.53 -17.44
C GLY E 326 -32.94 8.82 -17.34
N ASP E 327 -31.93 8.79 -16.48
CA ASP E 327 -31.09 9.96 -16.30
C ASP E 327 -30.07 10.05 -17.45
N MET E 328 -29.29 11.14 -17.45
CA MET E 328 -28.44 11.44 -18.59
C MET E 328 -27.38 10.37 -18.82
N GLU E 329 -26.90 9.71 -17.77
CA GLU E 329 -25.89 8.70 -17.95
C GLU E 329 -26.38 7.54 -18.81
N ILE E 330 -27.69 7.43 -19.01
CA ILE E 330 -28.27 6.32 -19.77
C ILE E 330 -28.71 6.74 -21.16
N THR E 331 -29.43 7.86 -21.26
CA THR E 331 -30.01 8.24 -22.54
C THR E 331 -29.07 9.08 -23.38
N THR E 332 -28.31 9.96 -22.74
CA THR E 332 -27.46 10.85 -23.50
C THR E 332 -26.08 10.24 -23.74
N HIS E 333 -25.52 10.62 -24.88
CA HIS E 333 -24.26 10.04 -25.36
C HIS E 333 -23.12 10.73 -24.63
N SER E 334 -22.24 9.95 -24.03
CA SER E 334 -21.14 10.47 -23.24
C SER E 334 -19.82 10.15 -23.94
N PHE E 335 -18.93 11.14 -24.01
CA PHE E 335 -17.59 10.83 -24.48
C PHE E 335 -16.63 11.87 -23.93
N ASN E 336 -15.34 11.64 -24.16
CA ASN E 336 -14.30 12.50 -23.60
C ASN E 336 -13.46 13.09 -24.72
N CYS E 337 -13.10 14.36 -24.57
CA CYS E 337 -12.23 15.03 -25.53
C CYS E 337 -11.42 16.10 -24.82
N GLY E 338 -10.11 15.99 -24.87
CA GLY E 338 -9.25 17.00 -24.28
C GLY E 338 -9.39 17.14 -22.79
N GLY E 339 -9.82 16.09 -22.11
CA GLY E 339 -10.01 16.15 -20.68
C GLY E 339 -11.39 16.59 -20.25
N GLU E 340 -12.21 17.06 -21.17
CA GLU E 340 -13.57 17.45 -20.87
C GLU E 340 -14.54 16.33 -21.18
N PHE E 341 -15.69 16.34 -20.50
CA PHE E 341 -16.73 15.35 -20.71
C PHE E 341 -17.99 16.04 -21.22
N PHE E 342 -18.56 15.50 -22.28
CA PHE E 342 -19.80 16.02 -22.85
C PHE E 342 -20.87 14.93 -22.83
N TYR E 343 -22.12 15.37 -22.64
CA TYR E 343 -23.27 14.50 -22.75
C TYR E 343 -24.18 15.10 -23.81
N CYS E 344 -24.35 14.40 -24.93
CA CYS E 344 -25.10 15.03 -26.03
C CYS E 344 -26.45 14.32 -26.25
N ASN E 345 -27.35 15.01 -26.89
CA ASN E 345 -28.69 14.44 -27.12
C ASN E 345 -28.69 14.14 -28.60
N THR E 346 -29.16 12.97 -29.01
CA THR E 346 -29.03 12.55 -30.43
C THR E 346 -30.39 12.54 -31.14
N SER E 347 -31.30 13.46 -30.82
CA SER E 347 -32.63 13.27 -31.37
C SER E 347 -32.61 13.35 -32.88
N ASN E 348 -31.76 14.21 -33.43
CA ASN E 348 -31.77 14.51 -34.86
C ASN E 348 -31.04 13.47 -35.69
N LEU E 349 -30.65 12.34 -35.11
CA LEU E 349 -29.96 11.31 -35.85
C LEU E 349 -30.83 10.11 -36.14
N PHE E 350 -31.62 9.70 -35.16
CA PHE E 350 -32.38 8.42 -35.21
C PHE E 350 -33.88 8.70 -35.34
N ASN E 351 -34.26 9.55 -36.28
CA ASN E 351 -35.72 9.74 -36.46
C ASN E 351 -36.06 9.57 -37.93
N GLY E 352 -36.85 8.53 -38.17
CA GLY E 352 -37.19 8.09 -39.54
C GLY E 352 -37.49 6.61 -39.62
N THR E 353 -37.31 6.03 -40.81
CA THR E 353 -37.67 4.66 -41.12
C THR E 353 -37.05 4.27 -42.46
N TYR E 354 -37.16 2.97 -42.77
CA TYR E 354 -36.74 2.43 -44.06
C TYR E 354 -37.70 1.30 -44.42
N ASN E 355 -38.28 1.39 -45.61
CA ASN E 355 -39.29 0.42 -46.04
C ASN E 355 -38.88 -0.34 -47.28
N GLY E 356 -37.60 -0.27 -47.67
CA GLY E 356 -37.11 -0.89 -48.88
C GLY E 356 -37.00 0.07 -50.03
N THR E 357 -37.75 1.17 -50.00
CA THR E 357 -37.71 2.18 -51.04
C THR E 357 -36.47 3.05 -50.81
N TYR E 358 -35.33 2.53 -51.26
CA TYR E 358 -34.08 3.26 -51.11
C TYR E 358 -34.00 4.42 -52.09
N ILE E 359 -33.66 5.61 -51.59
CA ILE E 359 -33.54 6.83 -52.44
C ILE E 359 -32.16 7.48 -52.24
N SER E 360 -31.23 7.29 -53.18
CA SER E 360 -29.93 7.94 -53.11
C SER E 360 -30.13 9.43 -53.35
N THR E 361 -29.61 10.26 -52.45
CA THR E 361 -29.78 11.70 -52.52
C THR E 361 -28.68 12.27 -53.40
N ASN E 362 -29.06 12.76 -54.58
CA ASN E 362 -28.11 13.30 -55.54
C ASN E 362 -28.80 14.42 -56.30
N SER E 363 -28.03 15.40 -56.76
CA SER E 363 -26.58 15.42 -56.60
C SER E 363 -26.14 16.17 -55.35
N SER E 364 -24.83 16.35 -55.21
CA SER E 364 -24.26 17.09 -54.08
C SER E 364 -24.40 18.59 -54.34
N ALA E 365 -25.65 19.03 -54.43
CA ALA E 365 -25.91 20.42 -54.80
C ALA E 365 -25.51 21.37 -53.68
N ASN E 366 -25.60 20.93 -52.43
CA ASN E 366 -25.26 21.79 -51.30
C ASN E 366 -24.78 20.92 -50.16
N SER E 367 -23.46 20.86 -49.96
CA SER E 367 -22.89 20.11 -48.86
C SER E 367 -22.87 20.89 -47.56
N THR E 368 -23.35 22.13 -47.55
CA THR E 368 -23.34 22.93 -46.33
C THR E 368 -24.41 22.47 -45.35
N SER E 369 -25.46 21.80 -45.82
CA SER E 369 -26.50 21.35 -44.92
C SER E 369 -25.96 20.23 -44.03
N THR E 370 -26.02 20.46 -42.72
CA THR E 370 -25.48 19.50 -41.75
C THR E 370 -26.48 19.33 -40.62
N ILE E 371 -26.15 18.44 -39.69
CA ILE E 371 -26.96 18.23 -38.51
C ILE E 371 -26.21 18.77 -37.30
N THR E 372 -26.96 19.33 -36.35
CA THR E 372 -26.40 19.94 -35.16
C THR E 372 -27.05 19.37 -33.91
N LEU E 373 -26.25 19.08 -32.90
CA LEU E 373 -26.72 18.54 -31.63
C LEU E 373 -26.28 19.39 -30.45
N GLN E 374 -27.10 19.40 -29.42
CA GLN E 374 -26.84 20.09 -28.16
C GLN E 374 -26.09 19.16 -27.21
N CYS E 375 -25.23 19.75 -26.37
CA CYS E 375 -24.47 18.97 -25.41
C CYS E 375 -24.43 19.67 -24.06
N ARG E 376 -24.07 18.92 -23.03
CA ARG E 376 -23.88 19.42 -21.69
C ARG E 376 -22.51 19.01 -21.19
N ILE E 377 -22.02 19.70 -20.17
CA ILE E 377 -20.70 19.45 -19.63
C ILE E 377 -20.82 19.18 -18.14
N LYS E 378 -20.39 18.00 -17.71
CA LYS E 378 -20.33 17.67 -16.29
C LYS E 378 -18.89 17.71 -15.81
N GLN E 379 -18.74 17.59 -14.51
CA GLN E 379 -17.41 17.45 -13.93
C GLN E 379 -17.27 16.26 -12.99
N ILE E 380 -18.34 15.74 -12.43
CA ILE E 380 -18.30 14.54 -11.60
C ILE E 380 -18.55 13.35 -12.50
N ILE E 381 -17.57 12.46 -12.61
CA ILE E 381 -17.64 11.31 -13.49
C ILE E 381 -17.82 10.05 -12.68
N ASN E 382 -18.83 9.26 -13.04
CA ASN E 382 -19.14 8.04 -12.30
C ASN E 382 -18.93 6.83 -13.19
N MET E 383 -17.77 6.78 -13.85
CA MET E 383 -17.53 5.92 -15.00
C MET E 383 -17.90 4.45 -14.73
N TRP E 384 -17.14 3.77 -13.88
CA TRP E 384 -17.21 2.32 -13.81
C TRP E 384 -17.58 1.89 -12.40
N GLN E 385 -18.55 0.99 -12.32
CA GLN E 385 -18.96 0.39 -11.05
C GLN E 385 -17.82 -0.45 -10.49
N GLY E 386 -17.23 0.01 -9.39
CA GLY E 386 -16.16 -0.70 -8.74
C GLY E 386 -14.75 -0.22 -9.04
N VAL E 387 -14.61 0.90 -9.75
CA VAL E 387 -13.29 1.48 -10.01
C VAL E 387 -13.00 2.68 -9.13
N GLY E 388 -13.90 3.04 -8.24
CA GLY E 388 -13.74 4.28 -7.52
C GLY E 388 -14.20 5.38 -8.44
N ARG E 389 -15.33 5.12 -9.09
CA ARG E 389 -15.90 6.06 -10.06
C ARG E 389 -16.34 7.30 -9.30
N CYS E 390 -15.37 8.16 -9.00
CA CYS E 390 -15.61 9.31 -8.17
C CYS E 390 -14.69 10.45 -8.56
N MET E 391 -14.31 10.53 -9.82
CA MET E 391 -13.31 11.51 -10.20
C MET E 391 -13.96 12.87 -10.29
N TYR E 392 -13.33 13.87 -9.69
CA TYR E 392 -13.66 15.26 -9.95
C TYR E 392 -12.71 15.78 -11.02
N ALA E 393 -13.23 16.13 -12.17
CA ALA E 393 -12.39 16.59 -13.26
C ALA E 393 -12.04 18.05 -13.08
N PRO E 394 -10.86 18.47 -13.53
CA PRO E 394 -10.57 19.88 -13.59
C PRO E 394 -11.01 20.45 -14.92
N PRO E 395 -11.17 21.76 -15.02
CA PRO E 395 -11.33 22.39 -16.33
C PRO E 395 -9.98 22.58 -17.00
N ILE E 396 -10.02 23.01 -18.25
CA ILE E 396 -8.81 23.27 -19.00
C ILE E 396 -8.82 24.70 -19.51
N ALA E 397 -7.79 25.10 -20.25
CA ALA E 397 -7.46 26.51 -20.37
C ALA E 397 -8.47 27.33 -21.18
N GLY E 398 -8.68 26.95 -22.44
CA GLY E 398 -9.53 27.80 -23.29
C GLY E 398 -10.47 27.01 -24.18
N ASN E 399 -10.79 27.56 -25.31
CA ASN E 399 -11.73 26.81 -26.15
C ASN E 399 -10.95 25.65 -26.78
N ILE E 400 -11.55 24.45 -26.82
CA ILE E 400 -10.92 23.21 -27.36
C ILE E 400 -11.87 22.58 -28.39
N THR E 401 -11.32 21.79 -29.33
CA THR E 401 -12.12 21.14 -30.35
C THR E 401 -11.80 19.66 -30.37
N CYS E 402 -12.61 18.89 -31.10
CA CYS E 402 -12.39 17.47 -31.20
C CYS E 402 -12.95 16.98 -32.52
N ARG E 403 -12.13 16.27 -33.31
CA ARG E 403 -12.55 15.69 -34.57
C ARG E 403 -12.43 14.18 -34.49
N SER E 404 -13.51 13.48 -34.88
CA SER E 404 -13.54 11.99 -34.76
C SER E 404 -14.16 11.37 -36.00
N ASN E 405 -13.82 10.07 -36.22
CA ASN E 405 -14.08 9.19 -37.40
C ASN E 405 -15.01 7.98 -37.19
N ILE E 406 -16.08 8.11 -36.43
CA ILE E 406 -17.26 7.26 -36.05
C ILE E 406 -17.32 6.04 -36.97
N THR E 407 -17.26 4.84 -36.38
CA THR E 407 -17.10 3.60 -37.12
C THR E 407 -18.23 2.61 -36.90
N GLY E 408 -19.00 2.73 -35.84
CA GLY E 408 -19.98 1.70 -35.57
C GLY E 408 -21.04 2.15 -34.60
N LEU E 409 -22.11 1.36 -34.55
CA LEU E 409 -23.26 1.67 -33.70
C LEU E 409 -23.55 0.53 -32.77
N LEU E 410 -24.05 0.85 -31.57
CA LEU E 410 -24.59 -0.12 -30.64
C LEU E 410 -26.07 0.11 -30.50
N LEU E 411 -26.89 -0.82 -30.98
CA LEU E 411 -28.33 -0.65 -30.99
C LEU E 411 -29.00 -1.80 -30.25
N THR E 412 -30.28 -1.62 -29.94
CA THR E 412 -31.08 -2.72 -29.43
C THR E 412 -32.51 -2.57 -29.96
N ARG E 413 -33.16 -3.71 -30.17
CA ARG E 413 -34.48 -3.71 -30.77
C ARG E 413 -35.55 -3.65 -29.69
N ASP E 414 -36.56 -2.84 -29.92
CA ASP E 414 -37.62 -2.69 -28.93
C ASP E 414 -38.45 -3.95 -28.86
N GLY E 415 -38.98 -4.22 -27.67
CA GLY E 415 -39.79 -5.40 -27.47
C GLY E 415 -41.24 -5.15 -27.80
N GLY E 416 -41.52 -4.82 -29.06
CA GLY E 416 -42.88 -4.54 -29.48
C GLY E 416 -43.59 -5.78 -30.01
N THR E 417 -44.92 -5.68 -30.05
CA THR E 417 -45.73 -6.74 -30.61
C THR E 417 -47.06 -6.15 -31.03
N ASN E 418 -48.07 -7.01 -31.20
CA ASN E 418 -49.35 -6.65 -31.80
C ASN E 418 -49.19 -6.25 -33.27
N SER E 419 -48.76 -7.21 -34.09
CA SER E 419 -48.54 -6.97 -35.52
C SER E 419 -47.51 -5.88 -35.72
N ASN E 420 -46.34 -6.07 -35.14
CA ASN E 420 -45.26 -5.09 -35.21
C ASN E 420 -44.44 -5.33 -36.47
N GLU E 421 -44.96 -4.82 -37.58
CA GLU E 421 -44.19 -4.77 -38.82
C GLU E 421 -43.42 -3.47 -38.95
N THR E 422 -43.33 -2.70 -37.87
CA THR E 422 -42.62 -1.44 -37.83
C THR E 422 -41.62 -1.49 -36.68
N GLU E 423 -40.85 -2.58 -36.62
CA GLU E 423 -39.93 -2.79 -35.52
C GLU E 423 -38.97 -1.62 -35.37
N THR E 424 -38.85 -1.14 -34.14
CA THR E 424 -38.08 0.05 -33.86
C THR E 424 -36.85 -0.31 -33.04
N PHE E 425 -35.80 0.49 -33.21
CA PHE E 425 -34.54 0.31 -32.52
C PHE E 425 -34.34 1.45 -31.55
N ARG E 426 -33.96 1.12 -30.34
CA ARG E 426 -33.60 2.19 -29.43
C ARG E 426 -32.09 2.30 -29.29
N PRO E 427 -31.59 3.50 -29.04
CA PRO E 427 -30.21 3.59 -28.56
C PRO E 427 -30.11 3.00 -27.16
N ALA E 428 -29.14 2.12 -26.97
CA ALA E 428 -28.90 1.51 -25.67
C ALA E 428 -27.42 1.55 -25.35
N GLY E 429 -27.14 1.70 -24.06
CA GLY E 429 -25.78 1.63 -23.56
C GLY E 429 -25.43 0.20 -23.19
N GLY E 430 -24.43 0.08 -22.35
CA GLY E 430 -23.97 -1.23 -21.93
C GLY E 430 -22.57 -1.11 -21.36
N ASP E 431 -22.03 -2.26 -20.99
CA ASP E 431 -20.69 -2.31 -20.42
C ASP E 431 -19.65 -2.03 -21.48
N MET E 432 -18.52 -1.48 -21.04
CA MET E 432 -17.43 -1.22 -21.96
C MET E 432 -16.92 -2.52 -22.60
N ARG E 433 -17.21 -3.65 -21.96
CA ARG E 433 -16.87 -4.94 -22.54
C ARG E 433 -17.42 -5.06 -23.94
N ASP E 434 -18.63 -4.56 -24.17
CA ASP E 434 -19.27 -4.77 -25.45
C ASP E 434 -18.56 -4.00 -26.55
N ASN E 435 -18.04 -2.80 -26.23
CA ASN E 435 -17.26 -2.08 -27.22
C ASN E 435 -15.97 -2.81 -27.53
N TRP E 436 -15.25 -3.22 -26.49
CA TRP E 436 -13.99 -3.91 -26.76
C TRP E 436 -14.23 -5.28 -27.40
N ARG E 437 -15.37 -5.91 -27.10
CA ARG E 437 -15.70 -7.15 -27.78
C ARG E 437 -15.87 -6.91 -29.26
N SER E 438 -16.35 -5.73 -29.65
CA SER E 438 -16.50 -5.44 -31.06
C SER E 438 -15.15 -5.24 -31.72
N GLU E 439 -14.16 -4.81 -30.95
CA GLU E 439 -12.84 -4.60 -31.53
C GLU E 439 -12.01 -5.89 -31.53
N LEU E 440 -12.25 -6.76 -30.56
CA LEU E 440 -11.33 -7.87 -30.29
C LEU E 440 -11.87 -9.22 -30.72
N TYR E 441 -12.90 -9.25 -31.56
CA TYR E 441 -13.49 -10.53 -31.93
C TYR E 441 -12.61 -11.34 -32.87
N LYS E 442 -11.73 -10.68 -33.61
CA LYS E 442 -10.89 -11.39 -34.56
C LYS E 442 -9.85 -12.29 -33.92
N TYR E 443 -9.54 -12.12 -32.64
CA TYR E 443 -8.35 -12.74 -32.10
C TYR E 443 -8.67 -13.75 -31.02
N LYS E 444 -7.92 -14.86 -31.04
CA LYS E 444 -8.04 -15.91 -30.05
C LYS E 444 -6.65 -16.45 -29.74
N VAL E 445 -6.48 -16.97 -28.52
CA VAL E 445 -5.19 -17.48 -28.06
C VAL E 445 -5.34 -18.95 -27.72
N VAL E 446 -4.44 -19.79 -28.23
CA VAL E 446 -4.49 -21.20 -27.90
C VAL E 446 -3.14 -21.69 -27.38
N LYS E 447 -3.19 -22.84 -26.72
CA LYS E 447 -2.05 -23.52 -26.15
C LYS E 447 -1.43 -24.44 -27.18
N ILE E 448 -0.11 -24.50 -27.18
CA ILE E 448 0.64 -25.44 -28.01
C ILE E 448 0.89 -26.70 -27.20
N GLU E 449 0.54 -27.86 -27.77
CA GLU E 449 0.87 -29.14 -27.15
C GLU E 449 1.91 -29.83 -28.00
N PRO E 450 3.19 -29.63 -27.72
CA PRO E 450 4.24 -30.00 -28.67
C PRO E 450 4.56 -31.48 -28.73
N LEU E 451 4.01 -32.31 -27.84
CA LEU E 451 4.34 -33.73 -27.80
C LEU E 451 3.23 -34.54 -28.45
N GLY E 452 3.61 -35.55 -29.23
CA GLY E 452 2.61 -36.42 -29.82
C GLY E 452 3.14 -37.80 -30.11
N VAL E 453 2.21 -38.73 -30.29
CA VAL E 453 2.50 -40.14 -30.46
C VAL E 453 1.85 -40.60 -31.76
N ALA E 454 2.53 -41.48 -32.48
CA ALA E 454 1.92 -42.06 -33.66
C ALA E 454 2.51 -43.43 -33.94
N PRO E 455 1.77 -44.31 -34.60
CA PRO E 455 2.30 -45.64 -34.90
C PRO E 455 3.30 -45.57 -36.04
N THR E 456 4.22 -46.52 -36.04
CA THR E 456 5.21 -46.60 -37.11
C THR E 456 5.87 -47.96 -37.11
N ARG E 457 6.56 -48.24 -38.22
CA ARG E 457 7.33 -49.48 -38.39
C ARG E 457 8.72 -49.41 -37.79
N CYS E 458 9.12 -48.24 -37.28
CA CYS E 458 10.43 -48.06 -36.67
C CYS E 458 10.51 -48.84 -35.36
N LYS E 459 11.74 -49.14 -34.95
CA LYS E 459 11.96 -49.85 -33.70
C LYS E 459 13.35 -49.53 -33.17
N ARG E 460 13.47 -49.52 -31.84
CA ARG E 460 14.74 -49.20 -31.23
C ARG E 460 15.68 -50.39 -31.27
N ARG E 461 16.92 -50.14 -31.65
CA ARG E 461 17.92 -51.20 -31.63
C ARG E 461 18.32 -51.52 -30.21
N VAL E 462 18.34 -52.80 -29.87
CA VAL E 462 18.72 -53.24 -28.54
C VAL E 462 20.23 -53.13 -28.41
N ALA F 1 10.82 -32.30 -46.11
CA ALA F 1 10.07 -31.57 -45.10
C ALA F 1 10.93 -30.46 -44.50
N VAL F 2 11.99 -30.10 -45.21
CA VAL F 2 12.96 -29.11 -44.73
C VAL F 2 13.15 -27.94 -45.69
N GLY F 3 12.36 -27.85 -46.75
CA GLY F 3 12.57 -26.83 -47.77
C GLY F 3 12.21 -25.41 -47.39
N ILE F 4 11.64 -25.17 -46.20
CA ILE F 4 11.29 -23.80 -45.83
C ILE F 4 12.55 -23.00 -45.52
N GLY F 5 13.38 -23.50 -44.61
CA GLY F 5 14.63 -22.85 -44.29
C GLY F 5 14.45 -21.60 -43.44
N ALA F 6 13.77 -20.60 -44.00
CA ALA F 6 13.49 -19.36 -43.30
C ALA F 6 12.32 -19.62 -42.35
N VAL F 7 12.64 -20.15 -41.17
CA VAL F 7 11.63 -20.52 -40.19
C VAL F 7 11.76 -19.61 -38.98
N PHE F 8 10.81 -18.69 -38.85
CA PHE F 8 10.64 -17.84 -37.67
C PHE F 8 9.19 -17.89 -37.22
N LEU F 9 8.49 -18.94 -37.62
CA LEU F 9 7.06 -19.10 -37.45
C LEU F 9 6.69 -20.25 -36.51
N GLY F 10 7.65 -21.09 -36.18
CA GLY F 10 7.42 -22.14 -35.22
C GLY F 10 6.62 -23.27 -35.85
N PHE F 11 6.16 -24.17 -34.98
CA PHE F 11 5.43 -25.35 -35.44
C PHE F 11 4.29 -24.95 -36.37
N LEU F 12 3.75 -23.76 -36.15
CA LEU F 12 2.55 -23.31 -36.83
C LEU F 12 2.75 -23.16 -38.32
N GLY F 13 4.01 -23.14 -38.80
CA GLY F 13 4.25 -23.05 -40.23
C GLY F 13 3.98 -24.31 -41.01
N ALA F 14 3.85 -25.45 -40.34
CA ALA F 14 3.60 -26.71 -41.02
C ALA F 14 2.18 -27.21 -40.84
N ALA F 15 1.34 -26.51 -40.08
CA ALA F 15 0.00 -26.99 -39.79
C ALA F 15 -0.78 -27.20 -41.08
N GLY F 16 -1.60 -28.23 -41.10
CA GLY F 16 -2.42 -28.54 -42.24
C GLY F 16 -1.80 -29.50 -43.22
N SER F 17 -0.48 -29.66 -43.21
CA SER F 17 0.17 -30.59 -44.11
C SER F 17 0.11 -31.99 -43.50
N THR F 18 0.53 -33.00 -44.27
CA THR F 18 0.44 -34.34 -43.75
C THR F 18 1.51 -34.59 -42.70
N MET F 19 1.23 -35.55 -41.82
CA MET F 19 2.17 -35.85 -40.75
C MET F 19 3.53 -36.25 -41.31
N GLY F 20 3.53 -36.97 -42.42
CA GLY F 20 4.80 -37.33 -43.05
C GLY F 20 5.53 -36.11 -43.55
N ALA F 21 4.79 -35.09 -43.99
CA ALA F 21 5.40 -33.89 -44.55
C ALA F 21 5.97 -32.97 -43.50
N ALA F 22 5.81 -33.28 -42.22
CA ALA F 22 6.32 -32.46 -41.13
C ALA F 22 7.37 -33.18 -40.31
N SER F 23 7.95 -34.26 -40.84
CA SER F 23 8.89 -35.06 -40.07
C SER F 23 10.18 -34.32 -39.75
N MET F 24 10.44 -33.20 -40.42
CA MET F 24 11.65 -32.43 -40.21
C MET F 24 11.22 -31.02 -39.85
N THR F 25 12.18 -30.10 -39.74
CA THR F 25 11.97 -28.73 -39.30
C THR F 25 11.70 -28.62 -37.81
N LEU F 26 11.72 -29.73 -37.07
CA LEU F 26 11.40 -29.67 -35.66
C LEU F 26 12.45 -28.94 -34.85
N THR F 27 13.60 -28.66 -35.45
CA THR F 27 14.65 -27.91 -34.75
C THR F 27 14.19 -26.51 -34.42
N VAL F 28 13.97 -25.69 -35.46
CA VAL F 28 13.60 -24.29 -35.23
C VAL F 28 12.25 -24.21 -34.55
N GLN F 29 11.35 -25.12 -34.92
CA GLN F 29 10.03 -25.12 -34.33
C GLN F 29 10.10 -25.16 -32.81
N ALA F 30 10.92 -26.07 -32.27
CA ALA F 30 10.98 -26.21 -30.82
C ALA F 30 11.57 -24.98 -30.16
N ARG F 31 12.45 -24.26 -30.87
CA ARG F 31 13.15 -23.12 -30.28
C ARG F 31 12.18 -22.06 -29.80
N ASN F 32 11.06 -21.90 -30.51
CA ASN F 32 10.11 -20.86 -30.16
C ASN F 32 9.49 -21.03 -28.78
N LEU F 33 9.74 -22.14 -28.10
CA LEU F 33 9.16 -22.34 -26.78
C LEU F 33 9.83 -21.51 -25.70
N LEU F 34 11.04 -21.02 -25.91
CA LEU F 34 11.79 -20.40 -24.84
C LEU F 34 12.26 -18.98 -25.09
N SER F 35 12.31 -18.52 -26.35
CA SER F 35 12.87 -17.20 -26.62
C SER F 35 11.99 -16.10 -26.05
N THR F 58 5.23 -1.15 -9.39
CA THR F 58 3.84 -1.48 -9.62
C THR F 58 3.55 -2.95 -9.31
N VAL F 59 2.27 -3.31 -9.24
CA VAL F 59 1.86 -4.68 -8.98
C VAL F 59 1.76 -5.44 -10.30
N TRP F 60 1.90 -4.70 -11.41
CA TRP F 60 1.84 -5.33 -12.72
C TRP F 60 2.98 -6.32 -12.92
N GLY F 61 4.12 -6.06 -12.27
CA GLY F 61 5.22 -6.99 -12.36
C GLY F 61 4.86 -8.38 -11.91
N ILE F 62 3.78 -8.53 -11.14
CA ILE F 62 3.47 -9.85 -10.61
C ILE F 62 3.00 -10.76 -11.73
N LYS F 63 2.07 -10.26 -12.55
CA LYS F 63 1.57 -11.06 -13.70
C LYS F 63 2.68 -11.22 -14.74
N GLN F 64 3.48 -10.16 -14.96
CA GLN F 64 4.58 -10.22 -15.96
C GLN F 64 5.57 -11.33 -15.58
N LEU F 65 5.89 -11.44 -14.29
CA LEU F 65 6.80 -12.48 -13.75
C LEU F 65 6.13 -13.86 -13.83
N GLN F 66 4.91 -13.98 -13.30
CA GLN F 66 4.21 -15.29 -13.19
C GLN F 66 4.19 -15.99 -14.55
N ALA F 67 4.01 -15.24 -15.64
CA ALA F 67 3.96 -15.83 -17.00
C ALA F 67 5.29 -16.53 -17.32
N ARG F 68 6.41 -15.92 -16.96
CA ARG F 68 7.75 -16.45 -17.30
C ARG F 68 7.99 -17.77 -16.53
N VAL F 69 7.64 -17.80 -15.25
CA VAL F 69 7.88 -18.98 -14.36
C VAL F 69 7.04 -20.18 -14.81
N LEU F 70 5.74 -19.96 -15.09
CA LEU F 70 4.84 -21.07 -15.51
C LEU F 70 5.23 -21.57 -16.91
N ALA F 71 5.73 -20.68 -17.77
CA ALA F 71 6.20 -21.08 -19.12
C ALA F 71 7.38 -22.06 -18.98
N VAL F 72 8.28 -21.80 -18.03
CA VAL F 72 9.42 -22.73 -17.74
C VAL F 72 8.88 -24.05 -17.18
N GLU F 73 7.95 -23.97 -16.21
CA GLU F 73 7.41 -25.17 -15.52
C GLU F 73 6.80 -26.12 -16.56
N ARG F 74 6.09 -25.57 -17.55
CA ARG F 74 5.48 -26.39 -18.63
C ARG F 74 6.58 -27.12 -19.40
N TYR F 75 7.65 -26.41 -19.76
CA TYR F 75 8.73 -26.96 -20.62
C TYR F 75 9.40 -28.16 -19.91
N LEU F 76 9.79 -27.99 -18.65
CA LEU F 76 10.62 -28.99 -17.94
C LEU F 76 9.83 -30.28 -17.75
N ARG F 77 8.53 -30.17 -17.41
CA ARG F 77 7.69 -31.38 -17.16
C ARG F 77 7.59 -32.21 -18.45
N ASP F 78 7.45 -31.54 -19.59
CA ASP F 78 7.48 -32.22 -20.92
C ASP F 78 8.85 -32.89 -21.14
N GLN F 79 9.92 -32.23 -20.70
CA GLN F 79 11.25 -32.80 -20.83
C GLN F 79 11.42 -34.00 -19.91
N GLN F 80 10.81 -33.95 -18.73
CA GLN F 80 10.85 -35.10 -17.83
C GLN F 80 10.25 -36.33 -18.50
N LEU F 81 9.12 -36.16 -19.17
CA LEU F 81 8.48 -37.30 -19.79
C LEU F 81 9.41 -37.98 -20.78
N LEU F 82 10.16 -37.19 -21.54
CA LEU F 82 11.14 -37.78 -22.43
C LEU F 82 12.31 -38.36 -21.67
N GLY F 83 12.74 -37.69 -20.60
CA GLY F 83 13.89 -38.17 -19.86
C GLY F 83 13.57 -39.37 -18.99
N ILE F 84 12.32 -39.49 -18.55
CA ILE F 84 11.97 -40.60 -17.67
C ILE F 84 12.11 -41.92 -18.40
N TRP F 85 11.53 -42.05 -19.59
CA TRP F 85 11.56 -43.35 -20.23
C TRP F 85 12.71 -43.49 -21.21
N GLY F 86 13.77 -42.75 -20.99
CA GLY F 86 15.01 -43.06 -21.67
C GLY F 86 15.09 -42.68 -23.12
N CYS F 87 15.12 -41.39 -23.42
CA CYS F 87 15.37 -40.98 -24.79
C CYS F 87 16.04 -39.61 -24.77
N SER F 88 16.82 -39.38 -25.83
CA SER F 88 17.44 -38.09 -26.10
C SER F 88 17.37 -37.91 -27.60
N GLY F 89 17.74 -36.72 -28.07
CA GLY F 89 17.46 -36.45 -29.46
C GLY F 89 15.97 -36.20 -29.56
N LYS F 90 15.56 -35.05 -29.02
CA LYS F 90 14.16 -34.79 -28.73
C LYS F 90 13.27 -34.97 -29.95
N LEU F 91 13.78 -34.68 -31.14
CA LEU F 91 12.99 -34.73 -32.35
C LEU F 91 12.17 -36.01 -32.45
N ILE F 92 12.82 -37.13 -32.70
CA ILE F 92 12.13 -38.40 -32.93
C ILE F 92 12.73 -39.46 -32.02
N CYS F 93 11.86 -40.20 -31.32
CA CYS F 93 12.29 -41.26 -30.43
C CYS F 93 11.46 -42.50 -30.72
N CYS F 94 12.12 -43.55 -31.22
CA CYS F 94 11.47 -44.84 -31.40
C CYS F 94 11.76 -45.71 -30.19
N THR F 95 10.85 -46.63 -29.92
CA THR F 95 11.02 -47.52 -28.78
C THR F 95 10.81 -48.97 -29.20
N ASN F 96 10.71 -49.88 -28.23
CA ASN F 96 10.55 -51.30 -28.52
C ASN F 96 9.19 -51.84 -28.18
N VAL F 97 8.31 -51.05 -27.58
CA VAL F 97 6.99 -51.51 -27.20
C VAL F 97 6.18 -51.75 -28.48
N PRO F 98 5.59 -52.93 -28.65
CA PRO F 98 4.77 -53.17 -29.83
C PRO F 98 3.49 -52.35 -29.76
N TRP F 99 3.05 -51.92 -30.94
CA TRP F 99 1.82 -51.15 -31.01
C TRP F 99 0.63 -52.08 -30.89
N ASN F 100 -0.26 -51.80 -29.93
CA ASN F 100 -1.45 -52.61 -29.75
C ASN F 100 -2.51 -52.08 -30.70
N SER F 101 -2.89 -52.89 -31.70
CA SER F 101 -3.79 -52.44 -32.74
C SER F 101 -5.20 -52.17 -32.24
N SER F 102 -5.53 -52.59 -31.01
CA SER F 102 -6.88 -52.39 -30.49
C SER F 102 -7.24 -50.94 -30.29
N TRP F 103 -6.26 -50.03 -30.33
CA TRP F 103 -6.54 -48.60 -30.19
C TRP F 103 -7.09 -47.99 -31.46
N SER F 104 -6.65 -48.47 -32.62
CA SER F 104 -7.04 -47.89 -33.90
C SER F 104 -7.63 -48.91 -34.87
N ASN F 105 -6.99 -50.07 -35.03
CA ASN F 105 -7.36 -51.04 -36.05
C ASN F 105 -7.47 -50.36 -37.42
N ARG F 106 -6.50 -49.51 -37.71
CA ARG F 106 -6.47 -48.80 -38.98
C ARG F 106 -5.12 -48.98 -39.67
N ASN F 107 -5.15 -48.78 -40.98
CA ASN F 107 -3.94 -48.92 -41.79
C ASN F 107 -2.99 -47.78 -41.52
N LEU F 108 -1.70 -48.11 -41.40
CA LEU F 108 -0.69 -47.10 -41.08
C LEU F 108 -0.63 -46.04 -42.18
N SER F 109 -0.48 -46.47 -43.44
CA SER F 109 -0.28 -45.51 -44.50
C SER F 109 -1.46 -44.57 -44.66
N GLU F 110 -2.67 -45.07 -44.38
CA GLU F 110 -3.88 -44.25 -44.48
C GLU F 110 -3.84 -43.11 -43.49
N ILE F 111 -3.39 -43.39 -42.27
CA ILE F 111 -3.31 -42.36 -41.25
C ILE F 111 -2.10 -41.46 -41.50
N TRP F 112 -0.97 -42.06 -41.86
CA TRP F 112 0.26 -41.32 -41.98
C TRP F 112 0.32 -40.39 -43.18
N ASP F 113 -0.39 -40.70 -44.26
CA ASP F 113 -0.35 -39.82 -45.43
C ASP F 113 -1.59 -38.97 -45.61
N ASN F 114 -2.74 -39.39 -45.11
CA ASN F 114 -3.96 -38.63 -45.31
C ASN F 114 -4.24 -37.63 -44.20
N MET F 115 -3.81 -37.92 -42.98
CA MET F 115 -4.13 -37.08 -41.85
C MET F 115 -2.95 -36.20 -41.47
N THR F 116 -3.27 -34.97 -41.05
CA THR F 116 -2.30 -34.14 -40.39
C THR F 116 -2.35 -34.37 -38.88
N TRP F 117 -1.47 -33.68 -38.17
CA TRP F 117 -1.37 -33.89 -36.73
C TRP F 117 -2.63 -33.47 -36.01
N LEU F 118 -3.39 -32.55 -36.59
CA LEU F 118 -4.55 -31.97 -35.91
C LEU F 118 -5.57 -33.06 -35.54
N GLN F 119 -6.15 -33.70 -36.55
CA GLN F 119 -7.23 -34.62 -36.25
C GLN F 119 -6.69 -35.94 -35.72
N TRP F 120 -5.42 -36.24 -35.98
CA TRP F 120 -4.83 -37.43 -35.39
C TRP F 120 -4.88 -37.34 -33.87
N ASP F 121 -4.56 -36.17 -33.31
CA ASP F 121 -4.57 -36.05 -31.86
C ASP F 121 -5.95 -36.40 -31.31
N LYS F 122 -7.00 -35.97 -32.01
CA LYS F 122 -8.34 -36.14 -31.47
C LYS F 122 -8.78 -37.59 -31.45
N GLU F 123 -8.01 -38.48 -32.05
CA GLU F 123 -8.32 -39.91 -32.03
C GLU F 123 -7.46 -40.68 -31.03
N ILE F 124 -6.18 -40.33 -30.89
CA ILE F 124 -5.31 -41.04 -29.96
C ILE F 124 -5.28 -40.42 -28.57
N SER F 125 -5.91 -39.27 -28.37
CA SER F 125 -5.88 -38.58 -27.08
C SER F 125 -6.59 -39.32 -25.95
N ASN F 126 -7.28 -40.42 -26.23
CA ASN F 126 -7.92 -41.19 -25.17
C ASN F 126 -7.02 -42.24 -24.52
N TYR F 127 -6.02 -42.76 -25.24
CA TYR F 127 -5.19 -43.84 -24.72
C TYR F 127 -3.77 -43.41 -24.40
N THR F 128 -3.53 -42.10 -24.23
CA THR F 128 -2.17 -41.61 -23.99
C THR F 128 -1.59 -42.15 -22.68
N GLN F 129 -2.42 -42.21 -21.64
CA GLN F 129 -1.94 -42.65 -20.33
C GLN F 129 -1.52 -44.11 -20.36
N ILE F 130 -2.20 -44.93 -21.16
CA ILE F 130 -1.85 -46.33 -21.28
C ILE F 130 -0.45 -46.47 -21.86
N ILE F 131 -0.17 -45.69 -22.90
CA ILE F 131 1.10 -45.79 -23.58
C ILE F 131 2.23 -45.32 -22.68
N TYR F 132 1.99 -44.24 -21.94
CA TYR F 132 3.04 -43.75 -21.06
C TYR F 132 3.43 -44.81 -20.03
N GLY F 133 2.45 -45.53 -19.49
CA GLY F 133 2.76 -46.56 -18.51
C GLY F 133 3.64 -47.65 -19.08
N LEU F 134 3.29 -48.15 -20.27
CA LEU F 134 4.05 -49.25 -20.85
C LEU F 134 5.47 -48.84 -21.14
N LEU F 135 5.64 -47.61 -21.62
CA LEU F 135 6.98 -47.13 -21.94
C LEU F 135 7.84 -47.10 -20.69
N GLU F 136 7.27 -46.69 -19.55
CA GLU F 136 8.06 -46.64 -18.33
C GLU F 136 8.49 -48.04 -17.92
N GLU F 137 7.60 -49.02 -18.01
CA GLU F 137 7.96 -50.39 -17.63
C GLU F 137 9.07 -50.92 -18.53
N SER F 138 8.97 -50.65 -19.83
CA SER F 138 9.98 -51.13 -20.77
C SER F 138 11.34 -50.57 -20.44
N GLN F 139 11.41 -49.30 -20.04
CA GLN F 139 12.70 -48.68 -19.77
C GLN F 139 13.40 -49.39 -18.63
N ASN F 140 12.67 -49.71 -17.55
CA ASN F 140 13.31 -50.40 -16.43
C ASN F 140 13.80 -51.78 -16.85
N GLN F 141 13.05 -52.45 -17.71
CA GLN F 141 13.49 -53.78 -18.11
C GLN F 141 14.83 -53.73 -18.83
N GLN F 142 15.03 -52.71 -19.67
CA GLN F 142 16.24 -52.67 -20.47
C GLN F 142 17.47 -52.32 -19.63
N GLU F 143 17.33 -51.35 -18.72
CA GLU F 143 18.50 -50.93 -17.95
C GLU F 143 19.05 -52.08 -17.13
N LYS F 144 18.15 -52.82 -16.46
CA LYS F 144 18.60 -53.98 -15.69
C LYS F 144 19.28 -55.00 -16.60
N ASN F 145 18.70 -55.25 -17.77
CA ASN F 145 19.31 -56.20 -18.69
C ASN F 145 20.74 -55.81 -19.02
N GLU F 146 21.01 -54.51 -19.13
CA GLU F 146 22.37 -54.07 -19.41
C GLU F 146 23.31 -54.45 -18.29
N GLN F 147 22.86 -54.37 -17.04
CA GLN F 147 23.74 -54.63 -15.91
C GLN F 147 24.27 -56.06 -15.96
N ASP F 148 23.40 -57.03 -16.28
CA ASP F 148 23.85 -58.41 -16.39
C ASP F 148 24.88 -58.56 -17.49
N LEU F 149 24.60 -57.99 -18.67
CA LEU F 149 25.57 -58.06 -19.77
C LEU F 149 26.82 -57.23 -19.49
N LEU F 150 26.71 -56.19 -18.66
CA LEU F 150 27.92 -55.47 -18.29
C LEU F 150 28.81 -56.31 -17.38
N ALA F 151 28.23 -56.97 -16.38
CA ALA F 151 29.06 -57.69 -15.42
C ALA F 151 29.74 -58.91 -16.04
N LEU F 152 29.42 -59.28 -17.28
CA LEU F 152 30.08 -60.40 -17.93
C LEU F 152 31.51 -60.07 -18.32
N ASP F 153 31.75 -58.86 -18.83
CA ASP F 153 33.10 -58.47 -19.25
C ASP F 153 33.99 -58.20 -18.05
N GLN G 1 -33.45 50.44 -46.91
CA GLN G 1 -32.14 49.86 -46.67
C GLN G 1 -31.71 50.00 -45.22
N VAL G 2 -30.53 49.48 -44.90
CA VAL G 2 -30.06 49.45 -43.52
C VAL G 2 -29.65 50.88 -43.14
N GLN G 3 -30.42 51.51 -42.24
CA GLN G 3 -30.13 52.85 -41.78
C GLN G 3 -30.01 52.90 -40.27
N LEU G 4 -29.24 53.87 -39.79
CA LEU G 4 -29.04 54.11 -38.38
C LEU G 4 -29.31 55.59 -38.14
N VAL G 5 -30.39 55.90 -37.44
CA VAL G 5 -30.80 57.28 -37.22
C VAL G 5 -30.39 57.68 -35.81
N GLN G 6 -29.51 58.66 -35.70
CA GLN G 6 -29.05 59.11 -34.41
C GLN G 6 -29.79 60.38 -33.99
N SER G 7 -29.50 60.82 -32.77
CA SER G 7 -30.14 62.01 -32.21
C SER G 7 -29.31 63.25 -32.54
N GLY G 8 -29.75 64.42 -32.07
CA GLY G 8 -29.06 65.65 -32.38
C GLY G 8 -27.91 65.93 -31.44
N ALA G 9 -27.13 66.95 -31.80
CA ALA G 9 -25.97 67.33 -31.00
C ALA G 9 -26.40 67.92 -29.67
N GLU G 10 -25.50 67.88 -28.69
CA GLU G 10 -25.79 68.45 -27.39
C GLU G 10 -24.51 68.92 -26.71
N VAL G 11 -24.66 69.89 -25.80
CA VAL G 11 -23.56 70.45 -25.04
C VAL G 11 -23.97 70.52 -23.58
N LYS G 12 -23.09 70.07 -22.68
CA LYS G 12 -23.39 70.02 -21.26
C LYS G 12 -22.24 70.57 -20.42
N LYS G 13 -22.55 70.82 -19.15
CA LYS G 13 -21.57 71.31 -18.19
C LYS G 13 -20.62 70.20 -17.76
N PRO G 14 -19.43 70.57 -17.26
CA PRO G 14 -18.56 69.56 -16.67
C PRO G 14 -19.25 68.84 -15.52
N GLY G 15 -19.09 67.52 -15.48
CA GLY G 15 -19.72 66.70 -14.47
C GLY G 15 -21.13 66.27 -14.79
N ALA G 16 -21.73 66.82 -15.84
CA ALA G 16 -23.10 66.46 -16.18
C ALA G 16 -23.10 65.17 -16.98
N SER G 17 -24.25 64.80 -17.55
CA SER G 17 -24.38 63.59 -18.33
C SER G 17 -25.22 63.89 -19.57
N VAL G 18 -25.06 63.05 -20.58
CA VAL G 18 -25.81 63.18 -21.83
C VAL G 18 -26.23 61.82 -22.32
N LYS G 19 -27.45 61.74 -22.85
CA LYS G 19 -27.99 60.50 -23.39
C LYS G 19 -27.88 60.50 -24.91
N VAL G 20 -27.30 59.44 -25.45
CA VAL G 20 -27.18 59.27 -26.89
C VAL G 20 -27.92 58.02 -27.29
N SER G 21 -28.64 58.09 -28.41
CA SER G 21 -29.45 56.99 -28.88
C SER G 21 -29.19 56.75 -30.35
N CYS G 22 -29.49 55.53 -30.81
CA CYS G 22 -29.41 55.22 -32.23
C CYS G 22 -30.52 54.25 -32.59
N LYS G 23 -31.29 54.59 -33.62
CA LYS G 23 -32.47 53.82 -34.01
C LYS G 23 -32.17 53.00 -35.25
N ALA G 24 -32.57 51.74 -35.23
CA ALA G 24 -32.37 50.83 -36.35
C ALA G 24 -33.55 50.91 -37.31
N SER G 25 -33.27 50.72 -38.59
CA SER G 25 -34.34 50.66 -39.58
C SER G 25 -33.90 49.86 -40.80
N GLY G 26 -34.87 49.17 -41.39
CA GLY G 26 -34.66 48.44 -42.62
C GLY G 26 -34.22 47.00 -42.47
N TYR G 27 -33.93 46.56 -41.26
CA TYR G 27 -33.44 45.19 -41.05
C TYR G 27 -33.82 44.76 -39.65
N THR G 28 -33.71 43.46 -39.41
CA THR G 28 -33.99 42.92 -38.08
C THR G 28 -32.78 43.17 -37.21
N PHE G 29 -32.86 44.22 -36.38
CA PHE G 29 -31.73 44.56 -35.53
C PHE G 29 -31.45 43.50 -34.49
N THR G 30 -32.38 42.57 -34.25
CA THR G 30 -32.16 41.57 -33.22
C THR G 30 -31.16 40.49 -33.61
N GLY G 31 -30.66 40.50 -34.83
CA GLY G 31 -29.66 39.55 -35.26
C GLY G 31 -28.28 40.10 -35.52
N TYR G 32 -28.00 41.35 -35.18
CA TYR G 32 -26.68 41.90 -35.43
C TYR G 32 -26.18 42.63 -34.19
N TYR G 33 -24.86 42.63 -34.03
CA TYR G 33 -24.25 43.39 -32.96
C TYR G 33 -24.26 44.87 -33.29
N MET G 34 -23.97 45.69 -32.27
CA MET G 34 -23.88 47.13 -32.45
C MET G 34 -22.75 47.68 -31.60
N HIS G 35 -21.84 48.42 -32.21
CA HIS G 35 -20.68 48.97 -31.52
C HIS G 35 -20.72 50.49 -31.58
N TRP G 36 -19.85 51.14 -30.81
CA TRP G 36 -19.78 52.59 -30.85
C TRP G 36 -18.33 53.03 -30.93
N VAL G 37 -18.12 54.20 -31.53
CA VAL G 37 -16.80 54.81 -31.53
C VAL G 37 -16.90 56.31 -31.33
N ARG G 38 -15.85 56.87 -30.75
CA ARG G 38 -15.68 58.29 -30.56
C ARG G 38 -14.48 58.77 -31.36
N GLN G 39 -14.57 59.98 -31.89
CA GLN G 39 -13.45 60.59 -32.59
C GLN G 39 -13.45 62.09 -32.37
N ALA G 40 -12.36 62.60 -31.79
CA ALA G 40 -12.13 64.02 -31.61
C ALA G 40 -11.59 64.61 -32.91
N PRO G 41 -11.81 65.91 -33.17
CA PRO G 41 -11.42 66.47 -34.46
C PRO G 41 -9.92 66.61 -34.61
N GLY G 42 -9.25 65.51 -34.94
CA GLY G 42 -7.81 65.53 -35.12
C GLY G 42 -7.13 64.36 -34.42
N GLN G 43 -7.92 63.50 -33.81
CA GLN G 43 -7.43 62.32 -33.11
C GLN G 43 -8.00 61.06 -33.77
N GLY G 44 -7.59 59.91 -33.25
CA GLY G 44 -8.02 58.64 -33.79
C GLY G 44 -9.41 58.25 -33.34
N LEU G 45 -9.67 56.94 -33.40
CA LEU G 45 -10.99 56.39 -33.14
C LEU G 45 -10.91 55.45 -31.95
N GLU G 46 -11.64 55.79 -30.89
CA GLU G 46 -11.69 54.98 -29.69
C GLU G 46 -12.90 54.06 -29.75
N TRP G 47 -12.69 52.79 -29.45
CA TRP G 47 -13.72 51.78 -29.65
C TRP G 47 -14.39 51.43 -28.33
N MET G 48 -15.72 51.43 -28.33
CA MET G 48 -16.50 50.96 -27.19
C MET G 48 -17.28 49.71 -27.59
N GLY G 49 -17.56 48.92 -26.57
CA GLY G 49 -18.03 47.57 -26.76
C GLY G 49 -19.41 47.46 -27.33
N TRP G 50 -19.75 46.23 -27.69
CA TRP G 50 -21.01 45.89 -28.32
C TRP G 50 -22.11 45.72 -27.29
N ILE G 51 -23.35 45.71 -27.77
CA ILE G 51 -24.50 45.44 -26.92
C ILE G 51 -25.36 44.39 -27.62
N ASN G 52 -25.62 43.31 -26.95
CA ASN G 52 -26.41 42.28 -27.59
C ASN G 52 -27.88 42.65 -27.54
N PRO G 53 -28.59 42.57 -28.64
CA PRO G 53 -29.98 43.00 -28.65
C PRO G 53 -30.93 42.02 -27.97
N ASN G 54 -30.56 40.76 -27.88
CA ASN G 54 -31.51 39.77 -27.37
C ASN G 54 -31.43 39.58 -25.86
N SER G 55 -30.31 39.07 -25.36
CA SER G 55 -30.14 38.96 -23.92
C SER G 55 -29.83 40.29 -23.27
N GLY G 56 -29.30 41.24 -24.03
CA GLY G 56 -29.00 42.54 -23.48
C GLY G 56 -27.69 42.61 -22.74
N GLY G 57 -26.84 41.59 -22.86
CA GLY G 57 -25.52 41.66 -22.28
C GLY G 57 -24.67 42.73 -22.97
N THR G 58 -23.82 43.37 -22.19
CA THR G 58 -23.05 44.50 -22.66
C THR G 58 -21.58 44.28 -22.36
N ASN G 59 -20.73 44.71 -23.29
CA ASN G 59 -19.31 44.80 -23.06
C ASN G 59 -18.90 46.26 -23.11
N TYR G 60 -17.87 46.60 -22.35
CA TYR G 60 -17.36 47.96 -22.32
C TYR G 60 -15.86 47.94 -22.55
N ALA G 61 -15.37 48.97 -23.23
CA ALA G 61 -13.94 49.02 -23.50
C ALA G 61 -13.19 49.56 -22.29
N GLN G 62 -11.88 49.43 -22.33
CA GLN G 62 -11.04 50.00 -21.29
C GLN G 62 -11.08 51.51 -21.32
N LYS G 63 -10.70 52.11 -20.20
CA LYS G 63 -10.70 53.56 -19.99
C LYS G 63 -12.11 54.12 -19.84
N PHE G 64 -13.06 53.30 -19.44
CA PHE G 64 -14.38 53.76 -19.05
C PHE G 64 -14.78 53.29 -17.67
N GLN G 65 -14.64 51.99 -17.39
CA GLN G 65 -14.83 51.40 -16.07
C GLN G 65 -16.19 51.74 -15.45
N GLY G 66 -17.19 52.00 -16.29
CA GLY G 66 -18.52 52.33 -15.82
C GLY G 66 -18.96 53.75 -16.04
N ARG G 67 -18.09 54.63 -16.55
CA ARG G 67 -18.56 55.99 -16.80
C ARG G 67 -19.54 56.06 -17.97
N VAL G 68 -19.66 54.97 -18.73
CA VAL G 68 -20.61 54.85 -19.82
C VAL G 68 -21.39 53.55 -19.63
N THR G 69 -22.71 53.64 -19.73
CA THR G 69 -23.57 52.47 -19.73
C THR G 69 -24.34 52.38 -21.04
N MET G 70 -24.75 51.15 -21.39
CA MET G 70 -25.46 50.89 -22.62
C MET G 70 -26.72 50.10 -22.34
N THR G 71 -27.83 50.51 -22.97
CA THR G 71 -29.10 49.83 -22.79
C THR G 71 -29.79 49.73 -24.15
N ARG G 72 -30.88 48.98 -24.19
CA ARG G 72 -31.63 48.83 -25.43
C ARG G 72 -33.12 48.69 -25.15
N ASP G 73 -33.90 48.79 -26.22
CA ASP G 73 -35.34 48.54 -26.18
C ASP G 73 -35.73 47.92 -27.52
N THR G 74 -36.20 46.67 -27.47
CA THR G 74 -36.45 45.91 -28.70
C THR G 74 -37.77 46.30 -29.33
N SER G 75 -38.67 46.91 -28.57
CA SER G 75 -40.00 47.23 -29.11
C SER G 75 -39.93 48.27 -30.22
N ILE G 76 -38.98 49.20 -30.15
CA ILE G 76 -38.80 50.21 -31.18
C ILE G 76 -37.44 50.10 -31.86
N SER G 77 -36.65 49.07 -31.52
CA SER G 77 -35.35 48.86 -32.14
C SER G 77 -34.45 50.08 -31.95
N THR G 78 -34.20 50.42 -30.69
CA THR G 78 -33.38 51.58 -30.39
C THR G 78 -32.40 51.27 -29.27
N ALA G 79 -31.16 51.69 -29.44
CA ALA G 79 -30.16 51.61 -28.39
C ALA G 79 -29.90 52.99 -27.81
N TYR G 80 -29.47 53.00 -26.55
CA TYR G 80 -29.20 54.23 -25.82
C TYR G 80 -27.88 54.09 -25.07
N MET G 81 -27.09 55.15 -25.10
CA MET G 81 -25.90 55.27 -24.27
C MET G 81 -26.12 56.39 -23.28
N GLU G 82 -25.71 56.17 -22.04
CA GLU G 82 -25.75 57.19 -21.00
C GLU G 82 -24.31 57.51 -20.65
N LEU G 83 -23.88 58.73 -20.96
CA LEU G 83 -22.50 59.12 -20.73
C LEU G 83 -22.47 60.04 -19.52
N SER G 84 -21.89 59.56 -18.44
CA SER G 84 -21.95 60.17 -17.13
C SER G 84 -20.64 60.87 -16.81
N ARG G 85 -20.71 61.82 -15.87
CA ARG G 85 -19.54 62.51 -15.34
C ARG G 85 -18.69 63.07 -16.49
N LEU G 86 -19.30 63.97 -17.24
CA LEU G 86 -18.65 64.55 -18.39
C LEU G 86 -17.47 65.42 -17.96
N ARG G 87 -16.39 65.37 -18.74
CA ARG G 87 -15.26 66.26 -18.56
C ARG G 87 -14.87 66.85 -19.91
N SER G 88 -14.02 67.88 -19.88
CA SER G 88 -13.61 68.53 -21.12
C SER G 88 -12.94 67.57 -22.09
N ASP G 89 -12.39 66.46 -21.59
CA ASP G 89 -11.75 65.49 -22.46
C ASP G 89 -12.75 64.69 -23.29
N ASP G 90 -14.03 64.79 -22.98
CA ASP G 90 -15.05 64.03 -23.68
C ASP G 90 -15.61 64.77 -24.89
N THR G 91 -15.10 65.95 -25.19
CA THR G 91 -15.54 66.67 -26.38
C THR G 91 -15.10 65.88 -27.62
N ALA G 92 -16.07 65.40 -28.40
CA ALA G 92 -15.76 64.48 -29.48
C ALA G 92 -16.98 64.31 -30.37
N VAL G 93 -16.80 63.54 -31.43
CA VAL G 93 -17.89 63.12 -32.31
C VAL G 93 -18.16 61.64 -32.07
N TYR G 94 -19.42 61.31 -31.90
CA TYR G 94 -19.86 59.95 -31.58
C TYR G 94 -20.57 59.35 -32.79
N TYR G 95 -20.36 58.06 -33.02
CA TYR G 95 -21.06 57.32 -34.05
C TYR G 95 -21.50 55.97 -33.52
N CYS G 96 -22.62 55.48 -34.05
CA CYS G 96 -23.02 54.08 -33.92
C CYS G 96 -22.72 53.35 -35.22
N ALA G 97 -22.35 52.08 -35.12
CA ALA G 97 -22.18 51.28 -36.33
C ALA G 97 -22.62 49.85 -36.09
N ARG G 98 -23.25 49.26 -37.11
CA ARG G 98 -23.76 47.91 -37.00
C ARG G 98 -22.63 46.91 -37.13
N GLY G 99 -22.67 45.85 -36.32
CA GLY G 99 -21.66 44.83 -36.30
C GLY G 99 -22.04 43.60 -37.10
N GLY G 100 -21.42 42.48 -36.74
CA GLY G 100 -21.59 41.25 -37.48
C GLY G 100 -22.84 40.49 -37.10
N TRP G 101 -23.08 39.41 -37.83
CA TRP G 101 -24.25 38.57 -37.58
C TRP G 101 -24.01 37.70 -36.35
N ILE G 102 -25.03 37.57 -35.53
CA ILE G 102 -24.97 36.79 -34.30
C ILE G 102 -25.47 35.39 -34.61
N SER G 103 -24.66 34.39 -34.29
CA SER G 103 -24.95 33.03 -34.74
C SER G 103 -25.43 32.07 -33.67
N LEU G 104 -25.29 32.41 -32.39
CA LEU G 104 -25.75 31.58 -31.28
C LEU G 104 -24.91 30.31 -31.11
N TYR G 105 -23.87 30.10 -31.91
CA TYR G 105 -23.06 28.90 -31.79
C TYR G 105 -21.57 29.17 -31.64
N TYR G 106 -21.12 30.41 -31.74
CA TYR G 106 -19.72 30.73 -31.54
C TYR G 106 -19.60 32.23 -31.32
N ASP G 107 -18.48 32.64 -30.74
CA ASP G 107 -18.25 34.05 -30.48
C ASP G 107 -17.86 34.72 -31.78
N SER G 108 -18.67 35.68 -32.22
CA SER G 108 -18.40 36.41 -33.43
C SER G 108 -18.22 37.89 -33.18
N SER G 109 -18.28 38.34 -31.93
CA SER G 109 -18.23 39.76 -31.64
C SER G 109 -16.91 40.37 -32.07
N GLY G 110 -15.85 39.58 -32.10
CA GLY G 110 -14.55 40.10 -32.46
C GLY G 110 -14.29 40.21 -33.94
N TYR G 111 -15.35 40.31 -34.75
CA TYR G 111 -15.14 40.50 -36.17
C TYR G 111 -15.45 41.94 -36.52
N PRO G 112 -14.47 42.80 -36.63
CA PRO G 112 -14.74 44.22 -36.82
C PRO G 112 -15.22 44.55 -38.21
N ASN G 113 -16.46 44.18 -38.52
CA ASN G 113 -17.07 44.45 -39.81
C ASN G 113 -18.21 45.43 -39.59
N PHE G 114 -18.02 46.66 -40.04
CA PHE G 114 -18.99 47.73 -39.80
C PHE G 114 -19.37 48.33 -41.15
N ASP G 115 -20.42 47.79 -41.74
CA ASP G 115 -20.82 48.18 -43.08
C ASP G 115 -21.83 49.32 -43.11
N TYR G 116 -22.56 49.55 -42.02
CA TYR G 116 -23.55 50.61 -41.99
C TYR G 116 -23.38 51.42 -40.72
N TRP G 117 -23.32 52.73 -40.87
CA TRP G 117 -23.05 53.63 -39.76
C TRP G 117 -24.11 54.73 -39.76
N GLY G 118 -24.39 55.26 -38.58
CA GLY G 118 -25.28 56.39 -38.48
C GLY G 118 -24.59 57.68 -38.87
N GLN G 119 -25.38 58.75 -38.90
CA GLN G 119 -24.86 60.04 -39.29
C GLN G 119 -23.98 60.65 -38.21
N GLY G 120 -24.00 60.10 -37.01
CA GLY G 120 -23.13 60.57 -35.95
C GLY G 120 -23.75 61.71 -35.17
N THR G 121 -23.04 62.12 -34.12
CA THR G 121 -23.52 63.25 -33.33
C THR G 121 -22.34 63.91 -32.62
N LEU G 122 -22.50 65.19 -32.36
CA LEU G 122 -21.50 66.00 -31.67
C LEU G 122 -21.82 66.08 -30.19
N VAL G 123 -20.79 65.89 -29.35
CA VAL G 123 -20.91 66.07 -27.91
C VAL G 123 -19.82 67.03 -27.46
N THR G 124 -20.23 68.11 -26.80
CA THR G 124 -19.30 69.13 -26.33
C THR G 124 -19.49 69.40 -24.85
N VAL G 125 -18.38 69.67 -24.16
CA VAL G 125 -18.38 69.96 -22.73
C VAL G 125 -17.82 71.35 -22.53
N SER G 126 -18.52 72.17 -21.75
CA SER G 126 -18.07 73.53 -21.47
C SER G 126 -17.29 73.58 -20.15
N GLN H 1 -0.58 47.49 -24.93
CA GLN H 1 -2.00 47.62 -25.24
C GLN H 1 -2.31 49.00 -25.81
N SER H 2 -1.39 49.51 -26.63
CA SER H 2 -1.55 50.80 -27.26
C SER H 2 -2.14 50.63 -28.66
N ALA H 3 -2.29 51.75 -29.36
CA ALA H 3 -2.84 51.71 -30.70
C ALA H 3 -1.80 51.19 -31.68
N LEU H 4 -2.25 50.89 -32.89
CA LEU H 4 -1.34 50.41 -33.92
C LEU H 4 -0.57 51.58 -34.54
N THR H 5 0.69 51.34 -34.86
CA THR H 5 1.53 52.38 -35.44
C THR H 5 1.19 52.61 -36.89
N GLN H 6 0.97 53.87 -37.25
CA GLN H 6 0.61 54.26 -38.61
C GLN H 6 1.43 55.46 -39.06
N PRO H 7 1.61 55.61 -40.37
CA PRO H 7 2.19 56.87 -40.89
C PRO H 7 1.25 58.04 -40.67
N ALA H 8 1.84 59.24 -40.68
CA ALA H 8 1.04 60.45 -40.59
C ALA H 8 0.26 60.69 -41.89
N SER H 9 0.96 60.68 -43.02
CA SER H 9 0.35 60.96 -44.30
C SER H 9 1.17 60.30 -45.39
N VAL H 10 0.54 60.12 -46.56
CA VAL H 10 1.21 59.62 -47.74
C VAL H 10 0.83 60.51 -48.92
N SER H 11 1.64 60.42 -49.97
CA SER H 11 1.44 61.22 -51.17
C SER H 11 1.72 60.33 -52.37
N GLY H 12 1.41 60.85 -53.55
CA GLY H 12 1.61 60.06 -54.75
C GLY H 12 1.12 60.74 -56.01
N SER H 13 1.87 60.55 -57.09
CA SER H 13 1.47 61.10 -58.38
C SER H 13 0.27 60.33 -58.92
N PRO H 14 -0.56 60.98 -59.75
CA PRO H 14 -1.68 60.28 -60.36
C PRO H 14 -1.22 59.01 -61.08
N GLY H 15 -1.93 57.91 -60.82
CA GLY H 15 -1.58 56.60 -61.33
C GLY H 15 -0.68 55.79 -60.42
N GLN H 16 0.05 56.45 -59.50
CA GLN H 16 1.07 55.77 -58.73
C GLN H 16 0.44 54.83 -57.71
N SER H 17 1.02 53.64 -57.57
CA SER H 17 0.60 52.70 -56.55
C SER H 17 1.20 53.07 -55.20
N ILE H 18 0.37 53.00 -54.16
CA ILE H 18 0.75 53.42 -52.81
C ILE H 18 0.57 52.24 -51.87
N THR H 19 1.53 52.07 -50.96
CA THR H 19 1.47 51.03 -49.94
C THR H 19 1.43 51.70 -48.58
N ILE H 20 0.47 51.27 -47.76
CA ILE H 20 0.34 51.76 -46.38
C ILE H 20 0.49 50.57 -45.44
N SER H 21 1.31 50.76 -44.41
CA SER H 21 1.64 49.70 -43.46
C SER H 21 1.10 50.02 -42.08
N CYS H 22 0.71 48.97 -41.35
CA CYS H 22 0.29 49.06 -39.97
C CYS H 22 1.05 48.01 -39.18
N THR H 23 1.64 48.44 -38.07
CA THR H 23 2.46 47.55 -37.24
C THR H 23 1.90 47.50 -35.83
N GLY H 24 1.74 46.29 -35.31
CA GLY H 24 1.21 46.08 -33.98
C GLY H 24 2.06 45.07 -33.25
N THR H 25 1.51 44.46 -32.21
CA THR H 25 2.17 43.39 -31.50
C THR H 25 1.56 42.05 -31.91
N SER H 26 2.41 41.02 -31.96
CA SER H 26 1.97 39.74 -32.48
C SER H 26 0.68 39.27 -31.81
N SER H 27 0.38 39.78 -30.62
CA SER H 27 -0.84 39.39 -29.94
C SER H 27 -2.08 39.82 -30.70
N ASP H 28 -1.96 40.82 -31.58
CA ASP H 28 -3.11 41.33 -32.31
C ASP H 28 -3.23 40.71 -33.71
N VAL H 29 -2.21 40.87 -34.53
CA VAL H 29 -2.31 40.48 -35.94
C VAL H 29 -1.54 39.21 -36.26
N GLY H 30 -0.52 38.86 -35.47
CA GLY H 30 0.15 37.60 -35.70
C GLY H 30 -0.70 36.42 -35.27
N SER H 31 -1.61 36.64 -34.33
CA SER H 31 -2.41 35.56 -33.79
C SER H 31 -3.58 35.21 -34.69
N TYR H 32 -4.31 36.22 -35.16
CA TYR H 32 -5.55 36.00 -35.89
C TYR H 32 -5.47 36.68 -37.24
N ASN H 33 -6.54 36.51 -38.02
CA ASN H 33 -6.66 37.12 -39.33
C ASN H 33 -7.77 38.16 -39.39
N LEU H 34 -8.18 38.66 -38.23
CA LEU H 34 -9.29 39.62 -38.16
C LEU H 34 -8.74 41.02 -38.30
N VAL H 35 -8.49 41.41 -39.54
CA VAL H 35 -7.93 42.72 -39.87
C VAL H 35 -8.85 43.39 -40.88
N SER H 36 -9.04 44.70 -40.72
CA SER H 36 -9.87 45.46 -41.63
C SER H 36 -9.29 46.86 -41.81
N TRP H 37 -9.56 47.44 -42.97
CA TRP H 37 -9.16 48.80 -43.30
C TRP H 37 -10.39 49.66 -43.50
N TYR H 38 -10.33 50.90 -43.06
CA TYR H 38 -11.41 51.83 -43.29
C TYR H 38 -10.86 53.12 -43.86
N GLN H 39 -11.66 53.77 -44.69
CA GLN H 39 -11.37 55.09 -45.19
C GLN H 39 -12.54 56.00 -44.86
N GLN H 40 -12.23 57.25 -44.56
CA GLN H 40 -13.25 58.21 -44.16
C GLN H 40 -12.97 59.54 -44.83
N HIS H 41 -13.99 60.09 -45.49
CA HIS H 41 -13.85 61.40 -46.08
C HIS H 41 -14.23 62.47 -45.07
N PRO H 42 -13.46 63.55 -44.98
CA PRO H 42 -13.75 64.58 -43.98
C PRO H 42 -15.19 65.03 -44.05
N GLY H 43 -15.85 65.04 -42.88
CA GLY H 43 -17.25 65.42 -42.78
C GLY H 43 -18.23 64.32 -43.09
N LYS H 44 -17.77 63.10 -43.37
CA LYS H 44 -18.64 61.97 -43.65
C LYS H 44 -18.29 60.79 -42.75
N ALA H 45 -19.27 59.93 -42.52
CA ALA H 45 -19.03 58.70 -41.81
C ALA H 45 -18.07 57.82 -42.60
N PRO H 46 -17.33 56.95 -41.93
CA PRO H 46 -16.36 56.11 -42.63
C PRO H 46 -17.01 55.03 -43.47
N LYS H 47 -16.23 54.50 -44.41
CA LYS H 47 -16.63 53.37 -45.24
C LYS H 47 -15.63 52.23 -45.07
N LEU H 48 -16.16 51.00 -45.01
CA LEU H 48 -15.31 49.82 -44.94
C LEU H 48 -14.65 49.55 -46.28
N MET H 49 -13.36 49.23 -46.24
CA MET H 49 -12.60 48.99 -47.47
C MET H 49 -12.05 47.58 -47.61
N ILE H 50 -11.74 46.88 -46.52
CA ILE H 50 -11.05 45.60 -46.65
C ILE H 50 -11.61 44.59 -45.65
N TYR H 51 -11.76 43.35 -46.10
CA TYR H 51 -11.96 42.20 -45.25
C TYR H 51 -10.68 41.37 -45.24
N GLU H 52 -10.35 40.82 -44.07
CA GLU H 52 -9.34 39.76 -44.00
C GLU H 52 -8.16 40.07 -44.92
N VAL H 53 -7.33 41.03 -44.54
CA VAL H 53 -6.58 41.90 -45.44
C VAL H 53 -6.73 41.55 -46.92
N SER H 54 -6.64 40.27 -47.28
CA SER H 54 -6.59 39.93 -48.70
C SER H 54 -7.97 39.62 -49.28
N LYS H 55 -9.03 39.86 -48.52
CA LYS H 55 -10.39 39.65 -49.00
C LYS H 55 -11.06 40.98 -49.28
N ARG H 56 -11.73 41.06 -50.43
CA ARG H 56 -12.45 42.27 -50.82
C ARG H 56 -13.87 42.23 -50.26
N PRO H 57 -14.35 43.32 -49.67
CA PRO H 57 -15.77 43.40 -49.31
C PRO H 57 -16.62 43.66 -50.54
N SER H 58 -17.93 43.58 -50.34
CA SER H 58 -18.87 43.87 -51.41
C SER H 58 -18.94 45.38 -51.66
N GLY H 59 -19.23 45.74 -52.90
CA GLY H 59 -19.35 47.14 -53.25
C GLY H 59 -18.03 47.87 -53.37
N VAL H 60 -16.94 47.16 -53.64
CA VAL H 60 -15.60 47.73 -53.74
C VAL H 60 -15.04 47.38 -55.12
N SER H 61 -14.51 48.39 -55.82
CA SER H 61 -13.92 48.17 -57.12
C SER H 61 -12.59 47.41 -56.99
N ASN H 62 -12.13 46.89 -58.13
CA ASN H 62 -10.92 46.06 -58.17
C ASN H 62 -9.65 46.92 -58.24
N ARG H 63 -9.48 47.75 -57.22
CA ARG H 63 -8.34 48.65 -57.15
C ARG H 63 -7.53 48.48 -55.87
N PHE H 64 -8.04 47.71 -54.90
CA PHE H 64 -7.43 47.61 -53.59
C PHE H 64 -7.02 46.16 -53.36
N SER H 65 -5.79 45.98 -52.90
CA SER H 65 -5.32 44.66 -52.50
C SER H 65 -4.51 44.81 -51.23
N GLY H 66 -3.94 43.72 -50.75
CA GLY H 66 -3.14 43.80 -49.55
C GLY H 66 -2.69 42.43 -49.11
N SER H 67 -1.89 42.43 -48.06
CA SER H 67 -1.42 41.19 -47.48
C SER H 67 -0.89 41.46 -46.08
N LYS H 68 -0.66 40.36 -45.36
CA LYS H 68 -0.10 40.40 -44.02
C LYS H 68 1.11 39.48 -43.97
N SER H 69 2.01 39.77 -43.03
CA SER H 69 3.20 38.94 -42.82
C SER H 69 3.71 39.19 -41.42
N GLY H 70 3.77 38.15 -40.60
CA GLY H 70 4.28 38.29 -39.26
C GLY H 70 3.41 39.17 -38.39
N ASN H 71 3.97 40.30 -37.95
CA ASN H 71 3.29 41.22 -37.05
C ASN H 71 2.85 42.50 -37.75
N THR H 72 2.81 42.50 -39.09
CA THR H 72 2.38 43.70 -39.80
C THR H 72 1.51 43.31 -40.98
N ALA H 73 0.80 44.29 -41.51
CA ALA H 73 -0.03 44.11 -42.69
C ALA H 73 -0.07 45.43 -43.43
N SER H 74 -0.50 45.37 -44.69
CA SER H 74 -0.51 46.58 -45.50
C SER H 74 -1.59 46.50 -46.58
N LEU H 75 -1.94 47.68 -47.09
CA LEU H 75 -2.90 47.88 -48.16
C LEU H 75 -2.23 48.54 -49.35
N THR H 76 -2.55 48.04 -50.55
CA THR H 76 -2.02 48.54 -51.81
C THR H 76 -3.15 49.07 -52.68
N ILE H 77 -3.00 50.29 -53.20
CA ILE H 77 -4.01 50.93 -54.03
C ILE H 77 -3.41 51.24 -55.38
N SER H 78 -3.97 50.65 -56.43
CA SER H 78 -3.51 50.89 -57.79
C SER H 78 -4.41 51.91 -58.48
N GLY H 79 -3.82 52.63 -59.44
CA GLY H 79 -4.58 53.62 -60.19
C GLY H 79 -5.06 54.75 -59.32
N LEU H 80 -4.11 55.48 -58.72
CA LEU H 80 -4.44 56.55 -57.80
C LEU H 80 -5.14 57.70 -58.52
N GLN H 81 -6.27 58.13 -57.96
CA GLN H 81 -7.05 59.22 -58.51
C GLN H 81 -7.40 60.21 -57.40
N ALA H 82 -8.10 61.28 -57.78
CA ALA H 82 -8.49 62.27 -56.79
C ALA H 82 -9.50 61.70 -55.81
N GLU H 83 -10.30 60.73 -56.25
CA GLU H 83 -11.32 60.12 -55.39
C GLU H 83 -10.72 59.43 -54.17
N ASP H 84 -9.47 58.99 -54.23
CA ASP H 84 -8.90 58.28 -53.11
C ASP H 84 -8.38 59.21 -52.03
N GLU H 85 -8.62 60.50 -52.18
CA GLU H 85 -8.25 61.48 -51.17
C GLU H 85 -9.14 61.27 -49.95
N ALA H 86 -8.59 60.61 -48.93
CA ALA H 86 -9.37 60.21 -47.78
C ALA H 86 -8.42 59.91 -46.63
N ASP H 87 -8.97 59.83 -45.43
CA ASP H 87 -8.25 59.31 -44.30
C ASP H 87 -8.39 57.80 -44.26
N TYR H 88 -7.37 57.12 -43.73
CA TYR H 88 -7.35 55.67 -43.68
C TYR H 88 -7.05 55.21 -42.26
N TYR H 89 -7.74 54.17 -41.83
CA TYR H 89 -7.49 53.56 -40.53
C TYR H 89 -7.39 52.06 -40.65
N CYS H 90 -6.52 51.49 -39.82
CA CYS H 90 -6.46 50.07 -39.55
C CYS H 90 -7.19 49.74 -38.26
N CYS H 91 -7.72 48.53 -38.20
CA CYS H 91 -8.26 48.04 -36.94
C CYS H 91 -8.23 46.52 -36.96
N SER H 92 -8.08 45.94 -35.77
CA SER H 92 -7.95 44.50 -35.70
C SER H 92 -8.43 43.98 -34.37
N TYR H 93 -8.70 42.68 -34.35
CA TYR H 93 -9.15 42.03 -33.14
C TYR H 93 -7.99 41.86 -32.16
N ALA H 94 -8.25 42.18 -30.90
CA ALA H 94 -7.22 42.09 -29.88
C ALA H 94 -7.28 40.82 -29.07
N GLY H 95 -8.39 40.10 -29.12
CA GLY H 95 -8.59 39.03 -28.17
C GLY H 95 -9.34 39.58 -26.97
N SER H 96 -9.94 38.71 -26.17
CA SER H 96 -10.66 39.12 -24.97
C SER H 96 -11.81 40.08 -25.34
N SER H 97 -12.41 39.85 -26.49
CA SER H 97 -13.54 40.65 -26.95
C SER H 97 -13.21 42.13 -27.01
N THR H 98 -11.98 42.44 -27.42
CA THR H 98 -11.57 43.82 -27.63
C THR H 98 -11.04 44.00 -29.04
N VAL H 99 -11.05 45.25 -29.50
CA VAL H 99 -10.67 45.60 -30.87
C VAL H 99 -9.77 46.82 -30.81
N ILE H 100 -8.68 46.79 -31.57
CA ILE H 100 -7.79 47.95 -31.64
C ILE H 100 -8.06 48.69 -32.93
N PHE H 101 -8.12 50.01 -32.83
CA PHE H 101 -8.13 50.90 -33.98
C PHE H 101 -6.84 51.71 -33.99
N GLY H 102 -6.23 51.83 -35.16
CA GLY H 102 -4.93 52.47 -35.28
C GLY H 102 -5.05 53.98 -35.23
N GLY H 103 -3.88 54.63 -35.29
CA GLY H 103 -3.87 56.08 -35.27
C GLY H 103 -4.42 56.69 -36.55
N GLY H 104 -4.11 56.09 -37.68
CA GLY H 104 -4.60 56.57 -38.96
C GLY H 104 -3.54 57.29 -39.76
N THR H 105 -3.81 57.44 -41.05
CA THR H 105 -2.89 58.14 -41.93
C THR H 105 -3.68 58.88 -43.00
N LYS H 106 -3.18 60.05 -43.37
CA LYS H 106 -3.85 60.94 -44.31
C LYS H 106 -3.24 60.76 -45.69
N LEU H 107 -4.10 60.62 -46.69
CA LEU H 107 -3.65 60.54 -48.07
C LEU H 107 -3.76 61.91 -48.74
N THR H 108 -2.71 62.28 -49.45
CA THR H 108 -2.69 63.50 -50.25
C THR H 108 -2.57 63.11 -51.72
N VAL H 109 -2.97 64.03 -52.59
CA VAL H 109 -2.87 63.81 -54.02
C VAL H 109 -2.04 64.92 -54.63
N LEU H 110 -1.43 64.62 -55.76
CA LEU H 110 -0.61 65.58 -56.49
C LEU H 110 -1.33 66.02 -57.75
N GLU I 1 34.58 -58.56 -9.14
CA GLU I 1 35.53 -58.53 -8.04
C GLU I 1 35.67 -57.13 -7.47
N ASN I 2 36.55 -56.34 -8.07
CA ASN I 2 36.90 -55.02 -7.53
C ASN I 2 35.69 -54.11 -7.50
N LEU I 3 35.77 -53.09 -6.65
CA LEU I 3 34.66 -52.18 -6.42
C LEU I 3 34.94 -50.81 -7.01
N TRP I 4 33.90 -50.23 -7.60
CA TRP I 4 33.92 -48.87 -8.11
C TRP I 4 32.73 -48.15 -7.50
N VAL I 5 32.53 -46.91 -7.93
CA VAL I 5 31.54 -46.02 -7.34
C VAL I 5 30.40 -45.82 -8.32
N THR I 6 29.17 -45.94 -7.84
CA THR I 6 27.99 -45.71 -8.66
C THR I 6 27.11 -44.67 -7.98
N VAL I 7 26.55 -43.79 -8.78
CA VAL I 7 25.62 -42.78 -8.29
C VAL I 7 24.21 -43.20 -8.66
N TYR I 8 23.29 -43.01 -7.73
CA TYR I 8 21.88 -43.34 -7.92
C TYR I 8 21.03 -42.09 -7.79
N TYR I 9 20.01 -42.00 -8.63
CA TYR I 9 19.06 -40.90 -8.62
C TYR I 9 17.71 -41.43 -8.23
N GLY I 10 17.14 -40.90 -7.16
CA GLY I 10 15.85 -41.38 -6.71
C GLY I 10 15.91 -42.09 -5.38
N VAL I 11 16.87 -41.72 -4.55
CA VAL I 11 17.09 -42.44 -3.31
C VAL I 11 16.26 -41.82 -2.19
N PRO I 12 15.51 -42.61 -1.46
CA PRO I 12 14.68 -42.07 -0.39
C PRO I 12 15.44 -41.72 0.87
N VAL I 13 15.96 -40.49 0.96
CA VAL I 13 16.63 -40.03 2.16
C VAL I 13 15.94 -38.76 2.65
N TRP I 14 15.68 -38.68 3.95
CA TRP I 14 14.99 -37.54 4.55
C TRP I 14 15.95 -36.71 5.39
N LYS I 15 15.75 -35.40 5.32
CA LYS I 15 16.50 -34.47 6.15
C LYS I 15 15.57 -33.41 6.70
N GLU I 16 15.95 -32.85 7.84
CA GLU I 16 15.12 -31.86 8.50
C GLU I 16 15.43 -30.48 7.92
N ALA I 17 14.39 -29.70 7.65
CA ALA I 17 14.60 -28.36 7.14
C ALA I 17 13.34 -27.53 7.38
N LYS I 18 13.49 -26.22 7.20
CA LYS I 18 12.39 -25.28 7.38
C LYS I 18 11.96 -24.76 6.02
N THR I 19 10.65 -24.66 5.83
CA THR I 19 10.10 -24.13 4.59
C THR I 19 8.70 -23.60 4.88
N THR I 20 7.99 -23.26 3.81
CA THR I 20 6.65 -22.71 3.91
C THR I 20 5.65 -23.73 3.37
N LEU I 21 4.37 -23.42 3.55
CA LEU I 21 3.33 -24.35 3.14
C LEU I 21 2.39 -23.70 2.14
N PHE I 22 1.52 -24.54 1.58
CA PHE I 22 0.51 -24.12 0.63
C PHE I 22 -0.84 -24.10 1.33
N CYS I 23 -1.60 -23.02 1.10
CA CYS I 23 -2.95 -22.92 1.61
C CYS I 23 -3.92 -23.44 0.56
N ALA I 24 -4.86 -24.28 0.99
CA ALA I 24 -5.85 -24.80 0.06
C ALA I 24 -7.15 -25.06 0.82
N SER I 25 -8.24 -25.20 0.07
CA SER I 25 -9.54 -25.42 0.67
C SER I 25 -10.41 -26.24 -0.26
N ASP I 26 -11.56 -26.69 0.24
CA ASP I 26 -12.51 -27.44 -0.57
C ASP I 26 -13.23 -26.52 -1.55
N ALA I 27 -13.72 -27.11 -2.64
CA ALA I 27 -14.30 -26.34 -3.73
C ALA I 27 -15.55 -25.58 -3.35
N ARG I 28 -16.35 -26.09 -2.40
CA ARG I 28 -17.57 -25.41 -2.04
C ARG I 28 -17.32 -24.09 -1.32
N ALA I 29 -16.09 -23.82 -0.93
CA ALA I 29 -15.75 -22.59 -0.22
C ALA I 29 -15.22 -21.50 -1.14
N TYR I 30 -15.16 -21.75 -2.45
CA TYR I 30 -14.63 -20.77 -3.40
C TYR I 30 -15.71 -20.15 -4.28
N GLU I 31 -16.93 -20.66 -4.26
CA GLU I 31 -18.04 -20.08 -5.00
C GLU I 31 -18.81 -19.05 -4.20
N LYS I 32 -18.33 -18.69 -3.01
CA LYS I 32 -18.98 -17.71 -2.18
C LYS I 32 -18.40 -16.33 -2.48
N GLU I 33 -18.84 -15.32 -1.73
CA GLU I 33 -18.40 -13.95 -1.99
C GLU I 33 -16.95 -13.75 -1.53
N VAL I 34 -16.36 -12.66 -2.01
CA VAL I 34 -14.98 -12.35 -1.68
C VAL I 34 -14.88 -12.05 -0.19
N HIS I 35 -13.82 -12.58 0.44
CA HIS I 35 -13.55 -12.40 1.86
C HIS I 35 -14.72 -12.86 2.73
N ASN I 36 -15.51 -13.79 2.22
CA ASN I 36 -16.54 -14.50 2.98
C ASN I 36 -16.40 -16.01 2.76
N VAL I 37 -15.28 -16.59 3.15
CA VAL I 37 -14.33 -16.00 4.10
C VAL I 37 -13.04 -15.72 3.36
N TRP I 38 -12.02 -15.28 4.11
CA TRP I 38 -10.74 -14.91 3.50
C TRP I 38 -10.19 -15.99 2.55
N ALA I 39 -10.53 -17.26 2.78
CA ALA I 39 -10.04 -18.30 1.90
C ALA I 39 -10.49 -18.09 0.46
N THR I 40 -11.69 -17.53 0.26
CA THR I 40 -12.22 -17.40 -1.09
C THR I 40 -11.32 -16.54 -1.95
N HIS I 41 -10.82 -15.43 -1.39
CA HIS I 41 -9.95 -14.55 -2.14
C HIS I 41 -8.48 -14.90 -1.97
N ALA I 42 -8.15 -15.82 -1.06
CA ALA I 42 -6.77 -16.03 -0.63
C ALA I 42 -6.13 -17.31 -1.13
N CYS I 43 -6.84 -18.43 -1.14
CA CYS I 43 -6.22 -19.73 -1.34
C CYS I 43 -6.63 -20.35 -2.68
N VAL I 44 -6.22 -21.60 -2.87
CA VAL I 44 -6.46 -22.35 -4.10
C VAL I 44 -7.18 -23.66 -3.81
N PRO I 45 -8.18 -24.04 -4.61
CA PRO I 45 -8.86 -25.32 -4.38
C PRO I 45 -7.90 -26.49 -4.56
N THR I 46 -8.10 -27.53 -3.76
CA THR I 46 -7.35 -28.76 -3.90
C THR I 46 -8.25 -29.93 -3.58
N ASP I 47 -7.74 -31.12 -3.85
CA ASP I 47 -8.39 -32.40 -3.58
C ASP I 47 -7.96 -32.93 -2.22
N PRO I 48 -8.89 -33.31 -1.35
CA PRO I 48 -8.49 -33.85 -0.03
C PRO I 48 -7.72 -35.16 -0.14
N SER I 49 -7.80 -35.85 -1.28
CA SER I 49 -7.10 -37.11 -1.51
C SER I 49 -5.61 -36.80 -1.60
N PRO I 50 -4.70 -37.79 -1.74
CA PRO I 50 -4.69 -39.23 -2.00
C PRO I 50 -4.85 -40.10 -0.78
N GLN I 51 -4.51 -41.37 -0.96
CA GLN I 51 -4.59 -42.37 0.09
C GLN I 51 -3.33 -42.30 0.93
N GLU I 52 -3.50 -42.28 2.24
CA GLU I 52 -2.37 -42.26 3.15
C GLU I 52 -1.54 -43.52 2.94
N LEU I 53 -0.23 -43.36 2.82
CA LEU I 53 0.65 -44.47 2.54
C LEU I 53 1.48 -44.80 3.78
N VAL I 54 1.37 -46.05 4.25
CA VAL I 54 2.10 -46.55 5.41
C VAL I 54 3.40 -47.18 4.97
N LEU I 55 4.47 -46.91 5.71
CA LEU I 55 5.80 -47.37 5.31
C LEU I 55 6.09 -48.74 5.89
N GLY I 56 6.93 -49.49 5.16
CA GLY I 56 7.37 -50.84 5.56
C GLY I 56 7.85 -50.89 6.99
N ASN I 57 8.99 -50.27 7.27
CA ASN I 57 9.55 -50.31 8.65
C ASN I 57 9.72 -48.87 9.15
N VAL I 58 10.93 -48.31 9.08
CA VAL I 58 11.37 -46.92 9.45
C VAL I 58 11.16 -46.54 10.93
N THR I 59 12.05 -45.67 11.43
CA THR I 59 12.07 -45.16 12.80
C THR I 59 12.29 -43.66 12.73
N GLU I 60 11.40 -42.89 13.34
CA GLU I 60 11.52 -41.44 13.31
C GLU I 60 11.29 -40.85 14.69
N ASN I 61 11.81 -39.64 14.89
CA ASN I 61 11.80 -38.95 16.17
C ASN I 61 11.11 -37.61 15.99
N PHE I 62 9.81 -37.56 16.25
CA PHE I 62 9.09 -36.30 16.25
C PHE I 62 9.30 -35.57 17.58
N ASN I 63 8.85 -34.32 17.62
CA ASN I 63 8.97 -33.52 18.83
C ASN I 63 7.92 -32.43 18.74
N MET I 64 6.93 -32.47 19.64
CA MET I 64 5.83 -31.53 19.53
C MET I 64 6.31 -30.09 19.61
N TRP I 65 7.30 -29.80 20.44
CA TRP I 65 7.68 -28.41 20.69
C TRP I 65 8.86 -27.95 19.87
N LYS I 66 9.20 -28.68 18.79
CA LYS I 66 10.26 -28.25 17.88
C LYS I 66 9.69 -28.40 16.47
N ASN I 67 8.87 -27.44 16.06
CA ASN I 67 8.18 -27.54 14.79
C ASN I 67 7.85 -26.14 14.31
N ASP I 68 8.41 -25.77 13.16
CA ASP I 68 8.19 -24.44 12.62
C ASP I 68 6.78 -24.24 12.10
N MET I 69 6.09 -25.32 11.73
CA MET I 69 4.79 -25.18 11.08
C MET I 69 3.80 -24.48 11.98
N VAL I 70 3.92 -24.66 13.29
CA VAL I 70 2.95 -24.06 14.20
C VAL I 70 3.12 -22.55 14.23
N ASP I 71 4.36 -22.09 14.40
CA ASP I 71 4.59 -20.65 14.34
C ASP I 71 4.23 -20.10 12.97
N GLN I 72 4.39 -20.88 11.92
CA GLN I 72 4.03 -20.39 10.60
C GLN I 72 2.54 -20.09 10.54
N MET I 73 1.72 -20.97 11.09
CA MET I 73 0.29 -20.71 11.13
C MET I 73 -0.01 -19.43 11.88
N HIS I 74 0.69 -19.21 12.99
CA HIS I 74 0.48 -17.99 13.75
C HIS I 74 0.78 -16.76 12.92
N GLU I 75 1.90 -16.78 12.20
CA GLU I 75 2.23 -15.65 11.36
C GLU I 75 1.21 -15.46 10.26
N ASP I 76 0.74 -16.54 9.65
CA ASP I 76 -0.21 -16.38 8.56
C ASP I 76 -1.52 -15.80 9.07
N ILE I 77 -2.02 -16.31 10.19
CA ILE I 77 -3.31 -15.82 10.67
C ILE I 77 -3.19 -14.39 11.14
N ILE I 78 -2.11 -14.04 11.83
CA ILE I 78 -1.97 -12.64 12.21
C ILE I 78 -1.83 -11.77 10.97
N SER I 79 -1.05 -12.22 9.99
CA SER I 79 -0.86 -11.40 8.80
C SER I 79 -2.18 -11.18 8.08
N LEU I 80 -2.98 -12.23 7.92
CA LEU I 80 -4.21 -12.02 7.19
C LEU I 80 -5.20 -11.18 7.99
N TRP I 81 -5.18 -11.27 9.32
CA TRP I 81 -6.06 -10.41 10.08
C TRP I 81 -5.74 -8.94 9.84
N ASP I 82 -4.46 -8.59 9.79
CA ASP I 82 -4.13 -7.20 9.52
C ASP I 82 -4.53 -6.81 8.11
N GLN I 83 -4.36 -7.72 7.15
CA GLN I 83 -4.73 -7.40 5.78
C GLN I 83 -6.23 -7.29 5.60
N SER I 84 -7.03 -7.96 6.44
CA SER I 84 -8.47 -7.89 6.29
C SER I 84 -9.02 -6.55 6.73
N LEU I 85 -8.32 -5.81 7.59
CA LEU I 85 -8.79 -4.53 8.08
C LEU I 85 -8.23 -3.35 7.30
N LYS I 86 -7.43 -3.59 6.27
CA LYS I 86 -6.94 -2.46 5.48
C LYS I 86 -8.01 -1.87 4.57
N PRO I 87 -8.82 -2.66 3.86
CA PRO I 87 -9.81 -2.05 2.97
C PRO I 87 -11.11 -1.68 3.66
N CYS I 88 -11.16 -1.78 4.98
CA CYS I 88 -12.39 -1.51 5.74
C CYS I 88 -12.02 -0.70 6.97
N VAL I 89 -11.97 0.62 6.82
CA VAL I 89 -11.34 1.49 7.80
C VAL I 89 -12.28 2.61 8.23
N LYS I 90 -12.24 2.91 9.53
CA LYS I 90 -12.93 4.05 10.12
C LYS I 90 -11.91 4.84 10.94
N LEU I 91 -11.97 6.17 10.85
CA LEU I 91 -11.00 7.01 11.54
C LEU I 91 -11.71 8.11 12.33
N THR I 92 -13.02 8.14 12.17
CA THR I 92 -13.88 9.23 12.63
C THR I 92 -14.01 9.22 14.15
N PRO I 93 -14.67 10.24 14.71
CA PRO I 93 -15.02 10.22 16.13
C PRO I 93 -15.59 8.89 16.59
N LEU I 94 -16.33 8.95 17.70
CA LEU I 94 -16.53 7.85 18.62
C LEU I 94 -15.49 7.99 19.72
N CYS I 95 -14.85 9.15 19.79
CA CYS I 95 -13.99 9.47 20.92
C CYS I 95 -14.38 10.75 21.64
N VAL I 96 -15.43 11.45 21.21
CA VAL I 96 -15.84 12.67 21.88
C VAL I 96 -16.35 12.35 23.28
N THR I 97 -16.25 13.32 24.17
CA THR I 97 -16.71 13.12 25.53
C THR I 97 -18.16 12.66 25.52
N LEU I 98 -18.41 11.52 26.15
CA LEU I 98 -19.72 10.90 26.15
C LEU I 98 -20.43 11.21 27.45
N ILE I 99 -21.64 11.76 27.36
CA ILE I 99 -22.39 12.05 28.57
C ILE I 99 -23.39 10.91 28.75
N CYS I 100 -23.43 10.31 29.92
CA CYS I 100 -24.16 9.07 30.04
C CYS I 100 -25.11 9.11 31.23
N SER I 101 -26.10 8.21 31.20
CA SER I 101 -27.06 8.05 32.28
C SER I 101 -27.47 6.59 32.37
N ASP I 102 -28.04 6.24 33.52
CA ASP I 102 -28.46 4.86 33.75
C ASP I 102 -29.35 4.39 32.62
N ALA I 103 -28.95 3.28 32.00
CA ALA I 103 -29.64 2.77 30.83
C ALA I 103 -31.03 2.29 31.21
N THR I 104 -32.03 2.80 30.51
CA THR I 104 -33.40 2.42 30.77
C THR I 104 -33.93 1.79 29.49
N VAL I 105 -34.99 1.02 29.64
CA VAL I 105 -35.58 0.33 28.49
C VAL I 105 -37.09 0.44 28.64
N LYS I 106 -37.81 0.20 27.55
CA LYS I 106 -39.26 0.30 27.54
C LYS I 106 -39.92 -0.57 28.61
N THR I 107 -39.33 -1.71 28.94
CA THR I 107 -39.81 -2.55 30.04
C THR I 107 -38.73 -2.63 31.11
N GLY I 108 -38.62 -1.58 31.91
CA GLY I 108 -37.66 -1.57 33.00
C GLY I 108 -36.33 -0.94 32.70
N THR I 109 -35.27 -1.48 33.30
CA THR I 109 -33.92 -0.92 33.20
C THR I 109 -32.93 -2.06 33.02
N VAL I 110 -31.68 -1.69 32.78
CA VAL I 110 -30.60 -2.67 32.65
C VAL I 110 -29.37 -2.10 33.35
N GLU I 111 -28.65 -2.97 34.05
CA GLU I 111 -27.50 -2.57 34.85
C GLU I 111 -26.16 -2.73 34.14
N GLU I 112 -26.08 -3.59 33.13
CA GLU I 112 -24.82 -3.85 32.47
C GLU I 112 -24.53 -2.95 31.29
N MET I 113 -25.49 -2.15 30.86
CA MET I 113 -25.26 -1.23 29.76
C MET I 113 -25.52 0.20 30.22
N LYS I 114 -24.96 1.14 29.48
CA LYS I 114 -25.27 2.55 29.67
C LYS I 114 -25.78 3.14 28.37
N ASN I 115 -26.72 4.07 28.48
CA ASN I 115 -27.22 4.82 27.34
C ASN I 115 -26.44 6.11 27.28
N CYS I 116 -25.70 6.33 26.20
CA CYS I 116 -24.79 7.47 26.17
C CYS I 116 -25.15 8.46 25.06
N SER I 117 -25.46 9.68 25.47
CA SER I 117 -25.71 10.77 24.54
C SER I 117 -24.41 11.22 23.88
N PHE I 118 -24.50 11.37 22.56
CA PHE I 118 -23.35 11.67 21.66
C PHE I 118 -23.32 13.13 21.18
N ASN I 119 -22.23 13.46 20.50
CA ASN I 119 -21.94 14.80 19.95
C ASN I 119 -21.14 14.67 18.66
N THR I 120 -21.81 14.29 17.60
CA THR I 120 -21.06 13.99 16.35
C THR I 120 -21.26 15.03 15.24
N THR I 121 -20.50 14.86 14.17
CA THR I 121 -20.51 15.58 12.91
C THR I 121 -21.55 14.99 11.98
N THR I 122 -22.22 15.85 11.23
CA THR I 122 -23.19 15.42 10.23
C THR I 122 -22.43 14.93 9.01
N GLU I 123 -23.16 14.61 7.94
CA GLU I 123 -22.49 14.31 6.68
C GLU I 123 -21.76 15.51 6.12
N ILE I 124 -22.11 16.72 6.51
CA ILE I 124 -21.40 17.92 6.11
C ILE I 124 -20.54 18.40 7.26
N ARG I 125 -19.26 18.70 6.96
CA ARG I 125 -18.32 19.07 8.00
C ARG I 125 -18.60 20.46 8.58
N ASP I 126 -19.80 21.00 8.40
CA ASP I 126 -20.16 22.28 9.02
C ASP I 126 -20.96 22.15 10.32
N LYS I 127 -21.63 21.03 10.56
CA LYS I 127 -22.56 20.93 11.68
C LYS I 127 -22.31 19.68 12.53
N GLU I 128 -22.67 19.79 13.81
CA GLU I 128 -22.74 18.66 14.73
C GLU I 128 -24.19 18.33 15.03
N LYS I 129 -24.47 17.06 15.32
CA LYS I 129 -25.84 16.64 15.61
C LYS I 129 -25.88 15.73 16.84
N LYS I 130 -27.06 15.65 17.44
CA LYS I 130 -27.31 14.84 18.61
C LYS I 130 -27.63 13.41 18.21
N GLU I 131 -27.16 12.47 19.03
CA GLU I 131 -27.39 11.06 18.76
C GLU I 131 -27.26 10.29 20.07
N TYR I 132 -27.62 9.01 20.02
CA TYR I 132 -27.45 8.15 21.18
C TYR I 132 -27.24 6.71 20.74
N ALA I 133 -26.46 5.99 21.52
CA ALA I 133 -26.32 4.55 21.38
C ALA I 133 -26.08 3.95 22.75
N LEU I 134 -26.20 2.64 22.83
CA LEU I 134 -26.03 1.92 24.08
C LEU I 134 -24.73 1.13 24.04
N PHE I 135 -24.06 1.04 25.18
CA PHE I 135 -22.79 0.35 25.22
C PHE I 135 -22.72 -0.53 26.45
N TYR I 136 -21.86 -1.53 26.39
CA TYR I 136 -21.65 -2.39 27.55
C TYR I 136 -20.75 -1.67 28.55
N LYS I 137 -21.06 -1.87 29.83
CA LYS I 137 -20.34 -1.15 30.88
C LYS I 137 -18.83 -1.32 30.82
N PRO I 138 -18.25 -2.49 30.56
CA PRO I 138 -16.79 -2.63 30.65
C PRO I 138 -16.02 -1.92 29.55
N ASP I 139 -16.66 -1.38 28.53
CA ASP I 139 -15.96 -0.73 27.44
C ASP I 139 -15.99 0.78 27.52
N ILE I 140 -16.40 1.34 28.65
CA ILE I 140 -16.42 2.79 28.80
C ILE I 140 -15.73 3.16 30.10
N VAL I 141 -14.88 4.18 30.04
CA VAL I 141 -14.10 4.61 31.19
C VAL I 141 -14.43 6.06 31.52
N PRO I 142 -14.66 6.39 32.77
CA PRO I 142 -14.93 7.77 33.13
C PRO I 142 -13.68 8.64 33.15
N LEU I 143 -13.31 9.18 32.00
CA LEU I 143 -12.10 10.01 31.92
C LEU I 143 -12.41 11.34 32.58
N SER I 144 -11.87 11.53 33.79
CA SER I 144 -12.10 12.77 34.52
C SER I 144 -11.01 12.96 35.56
N GLU I 145 -10.83 14.21 35.96
CA GLU I 145 -9.94 14.56 37.06
C GLU I 145 -10.62 14.45 38.42
N THR I 146 -11.94 14.28 38.44
CA THR I 146 -12.70 14.19 39.68
C THR I 146 -13.85 13.22 39.44
N ASN I 147 -14.84 13.23 40.35
CA ASN I 147 -15.95 12.28 40.27
C ASN I 147 -17.08 12.85 39.41
N ASN I 148 -16.75 13.09 38.14
CA ASN I 148 -17.70 13.66 37.20
C ASN I 148 -18.37 12.48 36.50
N THR I 149 -19.53 12.09 36.99
CA THR I 149 -20.25 10.94 36.46
C THR I 149 -20.96 11.24 35.16
N SER I 150 -20.82 12.44 34.62
CA SER I 150 -21.48 12.79 33.36
C SER I 150 -20.47 13.02 32.24
N GLU I 151 -19.22 12.63 32.45
CA GLU I 151 -18.18 12.75 31.41
C GLU I 151 -17.45 11.41 31.31
N TYR I 152 -17.67 10.71 30.20
CA TYR I 152 -17.12 9.40 29.95
C TYR I 152 -16.37 9.39 28.63
N ARG I 153 -15.50 8.39 28.43
CA ARG I 153 -14.80 8.30 27.13
C ARG I 153 -14.66 6.84 26.71
N LEU I 154 -14.81 6.55 25.41
CA LEU I 154 -14.77 5.20 24.87
C LEU I 154 -13.45 4.55 25.27
N ILE I 155 -13.51 3.38 25.91
CA ILE I 155 -12.30 2.79 26.50
C ILE I 155 -11.16 2.73 25.50
N ASN I 156 -11.48 2.38 24.26
CA ASN I 156 -10.44 2.06 23.31
C ASN I 156 -9.56 3.23 22.94
N CYS I 157 -10.05 4.45 23.16
CA CYS I 157 -9.35 5.65 22.62
C CYS I 157 -8.16 6.00 23.51
N ASN I 158 -7.92 5.21 24.53
CA ASN I 158 -6.74 5.58 25.32
C ASN I 158 -5.57 5.56 24.37
N THR I 159 -5.55 4.58 23.48
CA THR I 159 -4.47 4.57 22.47
C THR I 159 -4.94 4.99 21.07
N SER I 160 -5.76 4.17 20.38
CA SER I 160 -6.07 4.47 18.98
C SER I 160 -6.96 3.46 18.25
N CYS I 161 -7.05 3.65 16.93
CA CYS I 161 -7.31 2.59 15.93
C CYS I 161 -8.75 2.07 16.03
N VAL I 162 -9.71 2.84 16.49
CA VAL I 162 -11.10 2.42 16.68
C VAL I 162 -11.78 1.67 15.52
N THR I 163 -11.05 1.27 14.49
CA THR I 163 -11.65 0.71 13.28
C THR I 163 -12.75 -0.32 13.54
N GLN I 164 -13.53 -0.53 12.48
CA GLN I 164 -14.79 -1.28 12.48
C GLN I 164 -14.71 -2.41 11.47
N ALA I 165 -15.17 -3.60 11.87
CA ALA I 165 -15.25 -4.75 10.97
C ALA I 165 -16.38 -4.62 9.97
N CYS I 166 -16.23 -5.29 8.82
CA CYS I 166 -17.22 -5.18 7.75
C CYS I 166 -18.46 -6.01 8.06
N PRO I 167 -19.64 -5.52 7.68
CA PRO I 167 -20.88 -6.29 7.87
C PRO I 167 -21.17 -7.24 6.72
N LYS I 168 -20.11 -7.80 6.15
CA LYS I 168 -20.26 -8.75 5.07
C LYS I 168 -19.20 -9.85 5.17
N VAL I 169 -18.59 -10.00 6.33
CA VAL I 169 -17.53 -10.98 6.57
C VAL I 169 -17.99 -11.85 7.73
N THR I 170 -17.41 -13.03 7.82
CA THR I 170 -17.70 -13.93 8.91
C THR I 170 -16.43 -14.68 9.26
N PHE I 171 -16.27 -15.00 10.53
CA PHE I 171 -15.04 -15.62 11.01
C PHE I 171 -15.29 -17.06 11.37
N GLU I 172 -16.20 -17.70 10.68
CA GLU I 172 -16.42 -19.12 10.86
C GLU I 172 -15.12 -19.86 10.58
N PRO I 173 -14.71 -20.76 11.43
CA PRO I 173 -13.44 -21.45 11.23
C PRO I 173 -13.48 -22.43 10.06
N ILE I 174 -13.39 -21.91 8.84
CA ILE I 174 -13.38 -22.79 7.68
C ILE I 174 -12.12 -23.64 7.71
N PRO I 175 -12.21 -24.96 7.53
CA PRO I 175 -11.01 -25.80 7.62
C PRO I 175 -10.02 -25.47 6.50
N ILE I 176 -8.74 -25.54 6.84
CA ILE I 176 -7.64 -25.21 5.94
C ILE I 176 -6.78 -26.45 5.78
N HIS I 177 -6.36 -26.71 4.54
CA HIS I 177 -5.42 -27.79 4.25
C HIS I 177 -4.03 -27.21 4.06
N TYR I 178 -3.02 -27.90 4.58
CA TYR I 178 -1.62 -27.53 4.42
C TYR I 178 -0.97 -28.51 3.46
N CYS I 179 -0.62 -28.05 2.27
CA CYS I 179 0.12 -28.88 1.32
C CYS I 179 1.56 -28.41 1.23
N ALA I 180 2.42 -29.29 0.72
CA ALA I 180 3.82 -28.95 0.52
C ALA I 180 4.16 -28.94 -0.96
N PRO I 181 5.03 -28.04 -1.40
CA PRO I 181 5.44 -28.05 -2.81
C PRO I 181 6.32 -29.23 -3.10
N ALA I 182 6.52 -29.50 -4.38
CA ALA I 182 7.30 -30.65 -4.80
C ALA I 182 8.73 -30.54 -4.26
N GLY I 183 9.33 -31.69 -4.00
CA GLY I 183 10.63 -31.74 -3.37
C GLY I 183 10.60 -31.99 -1.89
N TYR I 184 9.44 -31.87 -1.26
CA TYR I 184 9.27 -32.15 0.15
C TYR I 184 8.19 -33.21 0.33
N ALA I 185 8.06 -33.70 1.56
CA ALA I 185 7.01 -34.65 1.86
C ALA I 185 6.57 -34.46 3.30
N ILE I 186 5.36 -34.94 3.62
CA ILE I 186 4.83 -34.77 4.96
C ILE I 186 4.76 -36.14 5.62
N LEU I 187 5.21 -36.21 6.87
CA LEU I 187 5.18 -37.44 7.65
C LEU I 187 4.17 -37.30 8.77
N LYS I 188 3.44 -38.38 9.03
CA LYS I 188 2.40 -38.43 10.04
C LYS I 188 2.66 -39.62 10.94
N CYS I 189 2.75 -39.37 12.24
CA CYS I 189 2.99 -40.43 13.23
C CYS I 189 1.65 -40.96 13.73
N ASN I 190 1.41 -42.25 13.51
CA ASN I 190 0.13 -42.84 13.83
C ASN I 190 0.12 -43.55 15.18
N ASP I 191 1.20 -43.47 15.96
CA ASP I 191 1.29 -44.20 17.22
C ASP I 191 0.46 -43.47 18.26
N GLU I 192 -0.68 -44.06 18.63
CA GLU I 192 -1.59 -43.45 19.59
C GLU I 192 -1.04 -43.44 21.01
N THR I 193 0.04 -44.15 21.28
CA THR I 193 0.67 -44.13 22.59
C THR I 193 1.89 -43.23 22.61
N PHE I 194 2.10 -42.60 21.45
CA PHE I 194 3.23 -41.67 21.19
C PHE I 194 3.39 -40.78 22.41
N ASN I 195 4.45 -40.80 23.20
CA ASN I 195 4.41 -39.89 24.39
C ASN I 195 5.16 -38.55 24.23
N GLY I 196 5.06 -37.88 23.08
CA GLY I 196 5.64 -36.57 22.75
C GLY I 196 6.90 -36.59 21.91
N THR I 197 7.83 -37.53 22.12
CA THR I 197 9.04 -37.47 21.34
C THR I 197 9.68 -38.85 21.27
N GLY I 198 10.35 -39.12 20.15
CA GLY I 198 11.14 -40.31 19.99
C GLY I 198 10.57 -41.27 18.97
N PRO I 199 11.01 -42.51 19.04
CA PRO I 199 10.90 -43.40 17.88
C PRO I 199 9.48 -43.78 17.50
N CYS I 200 8.90 -43.05 16.55
CA CYS I 200 7.65 -43.49 15.95
C CYS I 200 7.91 -44.67 15.03
N SER I 201 6.97 -45.63 14.98
CA SER I 201 7.18 -46.76 14.04
C SER I 201 6.00 -47.03 13.09
N ASN I 202 4.87 -46.39 13.29
CA ASN I 202 3.79 -46.73 12.34
C ASN I 202 3.77 -45.70 11.20
N VAL I 203 4.77 -44.81 11.18
CA VAL I 203 4.99 -43.66 10.24
C VAL I 203 4.41 -43.87 8.84
N SER I 204 3.43 -43.03 8.47
CA SER I 204 2.88 -42.94 7.13
C SER I 204 3.43 -41.69 6.46
N THR I 205 3.34 -41.67 5.14
CA THR I 205 3.72 -40.53 4.33
C THR I 205 2.50 -39.90 3.70
N VAL I 206 2.51 -38.57 3.64
CA VAL I 206 1.44 -37.84 3.00
C VAL I 206 2.05 -36.72 2.17
N GLN I 207 1.37 -36.44 1.06
CA GLN I 207 1.71 -35.33 0.17
C GLN I 207 1.00 -34.06 0.59
N CYS I 208 -0.23 -34.16 1.07
CA CYS I 208 -0.92 -33.00 1.61
C CYS I 208 -1.74 -33.39 2.82
N THR I 209 -1.69 -32.59 3.89
CA THR I 209 -2.36 -32.88 5.18
C THR I 209 -3.86 -32.66 5.18
N HIS I 210 -4.42 -33.04 6.33
CA HIS I 210 -5.79 -33.06 6.90
C HIS I 210 -6.33 -31.68 7.18
N GLY I 211 -7.56 -31.65 7.63
CA GLY I 211 -8.19 -30.34 7.81
C GLY I 211 -7.72 -29.79 9.14
N ILE I 212 -7.62 -28.47 9.27
CA ILE I 212 -7.41 -27.89 10.62
C ILE I 212 -8.35 -26.69 10.73
N ARG I 213 -8.79 -26.35 11.95
CA ARG I 213 -9.82 -25.34 12.17
C ARG I 213 -9.21 -24.13 12.87
N PRO I 214 -9.18 -22.97 12.25
CA PRO I 214 -8.50 -21.81 12.85
C PRO I 214 -9.35 -21.14 13.93
N VAL I 215 -9.54 -21.85 15.04
CA VAL I 215 -10.41 -21.37 16.10
C VAL I 215 -9.58 -20.60 17.12
N VAL I 216 -10.00 -19.38 17.42
CA VAL I 216 -9.41 -18.62 18.51
C VAL I 216 -10.02 -19.08 19.81
N SER I 217 -9.19 -19.45 20.77
CA SER I 217 -9.70 -20.10 21.97
C SER I 217 -8.69 -19.97 23.10
N THR I 218 -9.22 -20.06 24.32
CA THR I 218 -8.51 -19.90 25.58
C THR I 218 -8.68 -21.22 26.31
N GLN I 219 -8.65 -21.20 27.66
CA GLN I 219 -8.55 -22.38 28.50
C GLN I 219 -9.32 -23.61 28.05
N LEU I 220 -10.57 -23.45 27.60
CA LEU I 220 -11.31 -24.60 27.11
C LEU I 220 -11.39 -24.58 25.58
N LEU I 221 -10.98 -25.67 24.95
CA LEU I 221 -10.86 -25.69 23.50
C LEU I 221 -12.14 -26.24 22.89
N LEU I 222 -12.63 -25.60 21.84
CA LEU I 222 -13.98 -25.98 21.33
C LEU I 222 -13.88 -26.98 20.17
N ASN I 223 -14.40 -26.66 18.99
CA ASN I 223 -14.37 -27.74 18.00
C ASN I 223 -12.97 -28.05 17.63
N GLY I 224 -12.81 -29.32 17.44
CA GLY I 224 -11.46 -29.81 17.09
C GLY I 224 -11.50 -31.30 16.83
N SER I 225 -10.32 -31.93 16.86
CA SER I 225 -10.16 -33.35 16.63
C SER I 225 -10.46 -34.13 17.91
N LEU I 226 -10.65 -35.43 17.77
CA LEU I 226 -10.94 -36.29 18.90
C LEU I 226 -9.76 -37.22 19.15
N ALA I 227 -9.66 -37.71 20.38
CA ALA I 227 -8.67 -38.71 20.68
C ALA I 227 -9.11 -40.05 20.11
N GLU I 228 -8.20 -41.03 20.14
CA GLU I 228 -8.49 -42.33 19.56
C GLU I 228 -9.38 -43.16 20.47
N LYS I 229 -8.92 -43.42 21.69
CA LYS I 229 -9.61 -44.35 22.58
C LYS I 229 -9.81 -43.80 23.99
N GLU I 230 -8.81 -43.11 24.54
CA GLU I 230 -8.85 -42.71 25.94
C GLU I 230 -8.12 -41.39 26.10
N ILE I 231 -8.17 -40.85 27.31
CA ILE I 231 -7.62 -39.54 27.60
C ILE I 231 -6.10 -39.56 27.47
N VAL I 232 -5.54 -38.50 26.90
CA VAL I 232 -4.11 -38.37 26.71
C VAL I 232 -3.65 -37.07 27.35
N ILE I 233 -2.56 -37.14 28.11
CA ILE I 233 -2.03 -35.99 28.84
C ILE I 233 -0.60 -35.75 28.37
N ARG I 234 -0.39 -34.62 27.69
CA ARG I 234 0.94 -34.22 27.26
C ARG I 234 1.52 -33.20 28.22
N SER I 235 2.85 -33.11 28.26
CA SER I 235 3.49 -32.10 29.08
C SER I 235 4.95 -31.99 28.68
N GLU I 236 5.55 -30.84 29.02
CA GLU I 236 7.02 -30.72 28.87
C GLU I 236 7.71 -31.15 30.16
N ASN I 237 8.09 -30.19 31.01
CA ASN I 237 8.93 -30.43 32.23
C ASN I 237 8.20 -31.12 33.39
N LEU I 238 6.92 -30.84 33.56
CA LEU I 238 6.10 -31.33 34.71
C LEU I 238 6.63 -30.70 36.00
N THR I 239 7.85 -31.06 36.42
CA THR I 239 8.52 -30.52 37.60
C THR I 239 8.37 -29.01 37.67
N ASN I 240 8.76 -28.34 36.58
CA ASN I 240 8.78 -26.85 36.43
C ASN I 240 7.37 -26.24 36.37
N ASN I 241 7.18 -25.05 36.98
CA ASN I 241 5.86 -24.49 37.22
C ASN I 241 5.36 -23.61 36.09
N ALA I 242 6.24 -23.13 35.22
CA ALA I 242 5.90 -22.12 34.23
C ALA I 242 5.41 -22.72 32.92
N LYS I 243 5.11 -24.01 32.89
CA LYS I 243 4.77 -24.70 31.65
C LYS I 243 3.28 -25.00 31.60
N ILE I 244 2.81 -25.29 30.40
CA ILE I 244 1.41 -25.59 30.16
C ILE I 244 1.26 -27.06 29.79
N ILE I 245 0.24 -27.69 30.31
CA ILE I 245 -0.01 -29.09 30.05
C ILE I 245 -1.26 -29.22 29.21
N ILE I 246 -1.27 -30.22 28.33
CA ILE I 246 -2.31 -30.41 27.35
C ILE I 246 -3.07 -31.67 27.71
N VAL I 247 -4.39 -31.57 27.81
CA VAL I 247 -5.21 -32.71 28.14
C VAL I 247 -6.15 -32.94 26.97
N HIS I 248 -6.02 -34.11 26.34
CA HIS I 248 -6.84 -34.50 25.21
C HIS I 248 -7.89 -35.48 25.71
N LEU I 249 -9.16 -35.15 25.49
CA LEU I 249 -10.26 -35.95 26.00
C LEU I 249 -10.95 -36.77 24.92
N HIS I 250 -11.41 -37.95 25.33
CA HIS I 250 -12.23 -38.82 24.49
C HIS I 250 -13.71 -38.65 24.84
N THR I 251 -14.20 -37.40 24.87
CA THR I 251 -15.59 -37.27 25.31
C THR I 251 -16.60 -37.32 24.16
N PRO I 252 -16.91 -36.23 23.42
CA PRO I 252 -16.93 -34.77 23.62
C PRO I 252 -18.04 -34.45 24.62
N VAL I 253 -17.94 -33.36 25.38
CA VAL I 253 -18.99 -32.96 26.32
C VAL I 253 -19.84 -31.86 25.70
N GLU I 254 -21.14 -32.05 25.63
CA GLU I 254 -21.99 -31.06 24.98
C GLU I 254 -21.94 -29.76 25.75
N ILE I 255 -21.89 -28.63 25.03
CA ILE I 255 -21.95 -27.33 25.66
C ILE I 255 -22.71 -26.37 24.76
N VAL I 256 -23.52 -25.50 25.35
CA VAL I 256 -24.30 -24.55 24.56
C VAL I 256 -24.29 -23.21 25.26
N CYS I 257 -24.23 -22.13 24.48
CA CYS I 257 -24.25 -20.78 25.03
C CYS I 257 -25.21 -19.91 24.24
N THR I 258 -25.80 -18.90 24.90
CA THR I 258 -26.81 -18.08 24.23
C THR I 258 -26.96 -16.72 24.91
N ARG I 259 -27.83 -15.90 24.36
CA ARG I 259 -28.15 -14.58 24.88
C ARG I 259 -29.56 -14.20 24.45
N PRO I 260 -30.14 -13.14 25.01
CA PRO I 260 -31.52 -12.76 24.71
C PRO I 260 -31.65 -11.91 23.47
N ASN I 261 -32.90 -11.51 23.19
CA ASN I 261 -33.25 -10.57 22.09
C ASN I 261 -32.77 -9.15 22.25
N ASN I 262 -32.45 -8.56 21.08
CA ASN I 262 -32.17 -7.14 20.97
C ASN I 262 -32.92 -6.59 19.77
N ASN I 263 -33.24 -5.29 19.80
CA ASN I 263 -34.09 -4.74 18.76
C ASN I 263 -33.40 -4.75 17.41
N THR I 264 -32.38 -3.93 17.24
CA THR I 264 -31.70 -3.91 15.96
C THR I 264 -30.39 -3.17 16.11
N ARG I 265 -29.76 -2.94 14.97
CA ARG I 265 -28.48 -2.29 14.88
C ARG I 265 -28.70 -0.95 14.20
N LYS I 266 -28.59 0.13 14.97
CA LYS I 266 -28.83 1.44 14.41
C LYS I 266 -27.76 1.73 13.36
N SER I 267 -28.18 2.27 12.24
CA SER I 267 -27.29 2.60 11.15
C SER I 267 -27.04 4.10 11.20
N VAL I 268 -25.81 4.48 11.52
CA VAL I 268 -25.44 5.88 11.68
C VAL I 268 -24.32 6.18 10.70
N ARG I 269 -24.47 7.26 9.94
CA ARG I 269 -23.45 7.65 8.97
C ARG I 269 -22.70 8.87 9.43
N ILE I 270 -21.37 8.76 9.44
CA ILE I 270 -20.48 9.84 9.84
C ILE I 270 -19.71 10.30 8.61
N GLY I 271 -19.78 11.61 8.32
CA GLY I 271 -19.06 12.21 7.23
C GLY I 271 -19.27 11.55 5.88
N PRO I 272 -18.17 11.27 5.19
CA PRO I 272 -18.23 10.76 3.82
C PRO I 272 -18.60 9.28 3.75
N GLY I 273 -19.83 8.96 4.14
CA GLY I 273 -20.35 7.63 3.95
C GLY I 273 -19.77 6.58 4.86
N GLN I 274 -19.20 6.98 6.00
CA GLN I 274 -18.56 6.02 6.90
C GLN I 274 -19.63 5.43 7.81
N THR I 275 -20.37 4.47 7.28
CA THR I 275 -21.48 3.89 8.01
C THR I 275 -20.93 3.02 9.13
N PHE I 276 -21.59 3.04 10.29
CA PHE I 276 -21.23 2.15 11.37
C PHE I 276 -22.51 1.73 12.06
N TYR I 277 -22.42 0.63 12.80
CA TYR I 277 -23.58 0.10 13.49
C TYR I 277 -23.35 0.10 14.99
N ALA I 278 -24.42 0.29 15.75
CA ALA I 278 -24.32 0.31 17.19
C ALA I 278 -25.55 -0.34 17.79
N THR I 279 -25.39 -0.88 18.98
CA THR I 279 -26.50 -1.53 19.65
C THR I 279 -27.54 -0.49 20.03
N GLY I 280 -28.77 -0.67 19.56
CA GLY I 280 -29.83 0.26 19.88
C GLY I 280 -30.63 -0.15 21.08
N ASP I 281 -31.95 -0.08 20.98
CA ASP I 281 -32.83 -0.41 22.08
C ASP I 281 -32.93 -1.92 22.22
N ILE I 282 -33.63 -2.41 23.23
CA ILE I 282 -33.79 -3.84 23.44
C ILE I 282 -35.25 -4.14 23.75
N ILE I 283 -35.84 -5.08 23.02
CA ILE I 283 -37.21 -5.51 23.24
C ILE I 283 -37.19 -7.03 23.19
N GLY I 284 -37.86 -7.69 24.15
CA GLY I 284 -38.70 -7.10 25.16
C GLY I 284 -38.00 -6.98 26.50
N ASP I 285 -38.12 -8.02 27.32
CA ASP I 285 -37.39 -8.08 28.58
C ASP I 285 -35.90 -8.32 28.32
N ILE I 286 -35.12 -8.34 29.41
CA ILE I 286 -33.66 -8.49 29.32
C ILE I 286 -33.18 -9.61 30.24
N LYS I 287 -32.35 -10.50 29.71
CA LYS I 287 -31.83 -11.63 30.47
C LYS I 287 -30.35 -11.82 30.16
N GLN I 288 -29.78 -12.90 30.67
CA GLN I 288 -28.38 -13.29 30.46
C GLN I 288 -28.32 -14.10 29.17
N ALA I 289 -27.17 -14.15 28.46
CA ALA I 289 -25.74 -14.04 28.83
C ALA I 289 -25.27 -15.18 29.73
N HIS I 290 -25.42 -16.42 29.25
CA HIS I 290 -24.99 -17.57 30.03
C HIS I 290 -24.62 -18.74 29.13
N CYS I 291 -23.91 -19.71 29.71
CA CYS I 291 -23.57 -20.97 29.06
C CYS I 291 -23.97 -22.16 29.93
N ASN I 292 -24.39 -23.23 29.27
CA ASN I 292 -24.84 -24.46 29.92
C ASN I 292 -23.96 -25.64 29.52
N ILE I 293 -23.67 -26.50 30.51
CA ILE I 293 -22.84 -27.69 30.33
C ILE I 293 -23.50 -28.85 31.07
N SER I 294 -23.55 -30.02 30.42
CA SER I 294 -24.17 -31.18 31.05
C SER I 294 -23.32 -31.66 32.21
N GLU I 295 -23.96 -31.89 33.36
CA GLU I 295 -23.20 -32.20 34.57
C GLU I 295 -22.61 -33.60 34.54
N GLU I 296 -23.43 -34.60 34.22
CA GLU I 296 -23.00 -35.98 34.36
C GLU I 296 -21.86 -36.31 33.39
N LYS I 297 -21.88 -35.71 32.21
CA LYS I 297 -20.74 -35.85 31.30
C LYS I 297 -19.52 -35.17 31.88
N TRP I 298 -19.71 -33.96 32.40
CA TRP I 298 -18.57 -33.24 32.98
C TRP I 298 -17.96 -34.02 34.13
N ASN I 299 -18.84 -34.65 34.89
CA ASN I 299 -18.32 -35.27 36.13
C ASN I 299 -17.32 -36.38 35.78
N ASP I 300 -17.79 -37.37 35.04
CA ASP I 300 -16.94 -38.52 34.75
C ASP I 300 -15.79 -38.16 33.84
N THR I 301 -15.98 -37.18 32.95
CA THR I 301 -14.84 -36.71 32.16
C THR I 301 -13.77 -36.12 33.06
N LEU I 302 -14.16 -35.28 34.00
CA LEU I 302 -13.15 -34.67 34.85
C LEU I 302 -12.51 -35.71 35.76
N GLN I 303 -13.26 -36.75 36.14
CA GLN I 303 -12.67 -37.82 36.93
C GLN I 303 -11.70 -38.65 36.08
N LYS I 304 -12.09 -39.01 34.87
CA LYS I 304 -11.20 -39.78 34.03
C LYS I 304 -9.87 -39.05 33.84
N VAL I 305 -9.92 -37.72 33.83
CA VAL I 305 -8.68 -36.94 33.84
C VAL I 305 -7.82 -37.35 35.02
N GLY I 306 -8.44 -37.59 36.17
CA GLY I 306 -7.67 -37.96 37.34
C GLY I 306 -7.00 -39.31 37.19
N ILE I 307 -7.73 -40.29 36.66
CA ILE I 307 -7.18 -41.64 36.60
C ILE I 307 -6.00 -41.71 35.64
N GLU I 308 -6.02 -40.89 34.60
CA GLU I 308 -4.86 -40.87 33.72
C GLU I 308 -3.75 -39.96 34.21
N LEU I 309 -4.10 -38.85 34.86
CA LEU I 309 -3.08 -37.97 35.40
C LEU I 309 -2.28 -38.65 36.50
N GLN I 310 -2.95 -39.46 37.33
CA GLN I 310 -2.25 -40.13 38.40
C GLN I 310 -1.20 -41.12 37.92
N LYS I 311 -1.07 -41.33 36.60
CA LYS I 311 -0.04 -42.22 36.12
C LYS I 311 1.35 -41.68 36.40
N HIS I 312 1.51 -40.37 36.50
CA HIS I 312 2.82 -39.76 36.70
C HIS I 312 3.08 -39.40 38.16
N PHE I 313 2.02 -39.47 38.93
CA PHE I 313 2.18 -39.05 40.34
C PHE I 313 1.83 -40.33 41.08
N PRO I 314 2.75 -40.86 42.06
CA PRO I 314 2.78 -42.02 43.30
C PRO I 314 1.56 -41.97 44.24
N ASN I 315 1.60 -41.14 45.26
CA ASN I 315 0.40 -41.05 46.12
C ASN I 315 0.20 -39.59 46.51
N LYS I 316 -0.03 -38.76 45.51
CA LYS I 316 -0.24 -37.28 45.65
C LYS I 316 -1.60 -36.82 45.09
N THR I 317 -2.23 -35.79 45.70
CA THR I 317 -3.59 -35.48 45.17
C THR I 317 -3.61 -34.25 44.26
N ILE I 318 -4.62 -34.27 43.39
CA ILE I 318 -5.08 -33.34 42.38
C ILE I 318 -6.12 -32.43 43.00
N LYS I 319 -5.90 -31.12 42.89
CA LYS I 319 -6.87 -30.14 43.37
C LYS I 319 -7.07 -29.08 42.29
N TYR I 320 -8.18 -28.35 42.42
CA TYR I 320 -8.61 -27.35 41.41
C TYR I 320 -9.03 -26.09 42.17
N ASN I 321 -8.39 -24.99 41.80
CA ASN I 321 -8.65 -23.65 42.37
C ASN I 321 -8.88 -22.61 41.26
N GLN I 322 -9.46 -21.45 41.56
CA GLN I 322 -9.70 -20.43 40.50
C GLN I 322 -8.31 -19.98 40.00
N SER I 323 -8.25 -19.40 38.79
CA SER I 323 -7.14 -18.77 38.08
C SER I 323 -6.56 -17.62 38.91
N ALA I 324 -5.38 -17.17 38.51
CA ALA I 324 -4.58 -16.24 39.31
C ALA I 324 -5.01 -14.80 39.06
N GLY I 325 -6.31 -14.55 39.23
CA GLY I 325 -6.81 -13.19 39.19
C GLY I 325 -6.53 -12.48 37.88
N GLY I 326 -6.23 -11.19 37.98
CA GLY I 326 -6.03 -10.36 36.81
C GLY I 326 -7.34 -9.88 36.22
N ASP I 327 -7.24 -9.18 35.09
CA ASP I 327 -8.42 -8.68 34.43
C ASP I 327 -9.09 -9.81 33.64
N MET I 328 -10.24 -9.49 33.04
CA MET I 328 -11.07 -10.52 32.43
C MET I 328 -10.37 -11.22 31.28
N GLU I 329 -9.51 -10.52 30.54
CA GLU I 329 -8.84 -11.15 29.42
C GLU I 329 -7.97 -12.32 29.86
N ILE I 330 -7.67 -12.42 31.15
CA ILE I 330 -6.78 -13.47 31.67
C ILE I 330 -7.55 -14.57 32.37
N THR I 331 -8.47 -14.20 33.27
CA THR I 331 -9.13 -15.19 34.10
C THR I 331 -10.38 -15.76 33.43
N THR I 332 -11.12 -14.92 32.73
CA THR I 332 -12.37 -15.39 32.16
C THR I 332 -12.17 -15.96 30.76
N HIS I 333 -13.01 -16.93 30.44
CA HIS I 333 -12.88 -17.70 29.21
C HIS I 333 -13.50 -16.89 28.09
N SER I 334 -12.76 -16.69 27.01
CA SER I 334 -13.20 -15.88 25.90
C SER I 334 -13.40 -16.76 24.67
N PHE I 335 -14.51 -16.56 23.97
CA PHE I 335 -14.64 -17.23 22.68
C PHE I 335 -15.62 -16.44 21.82
N ASN I 336 -15.74 -16.85 20.56
CA ASN I 336 -16.54 -16.13 19.60
C ASN I 336 -17.63 -17.03 19.05
N CYS I 337 -18.83 -16.48 18.87
CA CYS I 337 -19.93 -17.20 18.27
C CYS I 337 -20.85 -16.24 17.55
N GLY I 338 -21.03 -16.45 16.25
CA GLY I 338 -21.93 -15.63 15.48
C GLY I 338 -21.53 -14.17 15.39
N GLY I 339 -20.26 -13.88 15.55
CA GLY I 339 -19.80 -12.51 15.51
C GLY I 339 -19.78 -11.83 16.86
N GLU I 340 -20.36 -12.44 17.88
CA GLU I 340 -20.34 -11.88 19.22
C GLU I 340 -19.22 -12.48 20.04
N PHE I 341 -18.78 -11.74 21.05
CA PHE I 341 -17.73 -12.19 21.95
C PHE I 341 -18.28 -12.30 23.36
N PHE I 342 -18.02 -13.43 24.01
CA PHE I 342 -18.43 -13.66 25.39
C PHE I 342 -17.22 -13.92 26.25
N TYR I 343 -17.31 -13.47 27.51
CA TYR I 343 -16.31 -13.77 28.52
C TYR I 343 -17.05 -14.46 29.66
N CYS I 344 -16.73 -15.74 29.90
CA CYS I 344 -17.54 -16.47 30.91
C CYS I 344 -16.69 -16.80 32.14
N ASN I 345 -17.35 -17.06 33.23
CA ASN I 345 -16.65 -17.35 34.48
C ASN I 345 -16.86 -18.84 34.67
N THR I 346 -15.82 -19.59 35.01
CA THR I 346 -15.93 -21.07 35.06
C THR I 346 -15.89 -21.61 36.48
N SER I 347 -16.45 -20.89 37.46
CA SER I 347 -16.20 -21.35 38.82
C SER I 347 -16.78 -22.73 39.05
N ASN I 348 -17.92 -23.01 38.44
CA ASN I 348 -18.67 -24.23 38.72
C ASN I 348 -18.13 -25.45 37.99
N LEU I 349 -16.98 -25.34 37.33
CA LEU I 349 -16.42 -26.46 36.61
C LEU I 349 -15.24 -27.09 37.33
N PHE I 350 -14.37 -26.24 37.89
CA PHE I 350 -13.06 -26.68 38.43
C PHE I 350 -13.06 -26.56 39.96
N ASN I 351 -14.08 -27.09 40.61
CA ASN I 351 -14.02 -27.05 42.09
C ASN I 351 -14.29 -28.45 42.63
N GLY I 352 -13.26 -28.97 43.27
CA GLY I 352 -13.24 -30.37 43.76
C GLY I 352 -11.84 -30.94 43.83
N THR I 353 -11.75 -32.28 43.76
CA THR I 353 -10.51 -33.01 43.93
C THR I 353 -10.72 -34.46 43.49
N TYR I 354 -9.62 -35.20 43.44
CA TYR I 354 -9.62 -36.62 43.16
C TYR I 354 -8.53 -37.28 43.96
N ASN I 355 -8.88 -38.30 44.75
CA ASN I 355 -7.93 -38.95 45.64
C ASN I 355 -7.73 -40.42 45.32
N GLY I 356 -8.17 -40.87 44.15
CA GLY I 356 -8.11 -42.26 43.76
C GLY I 356 -9.41 -43.00 43.99
N THR I 357 -10.25 -42.50 44.88
CA THR I 357 -11.54 -43.12 45.17
C THR I 357 -12.52 -42.72 44.06
N TYR I 358 -12.42 -43.43 42.93
CA TYR I 358 -13.28 -43.14 41.80
C TYR I 358 -14.69 -43.64 42.06
N ILE I 359 -15.69 -42.78 41.83
CA ILE I 359 -17.13 -43.15 42.03
C ILE I 359 -17.93 -42.86 40.76
N SER I 360 -18.26 -43.89 39.97
CA SER I 360 -19.09 -43.72 38.79
C SER I 360 -20.50 -43.39 39.25
N THR I 361 -21.07 -42.29 38.73
CA THR I 361 -22.39 -41.84 39.14
C THR I 361 -23.43 -42.55 38.29
N ASN I 362 -24.19 -43.43 38.92
CA ASN I 362 -25.20 -44.23 38.24
C ASN I 362 -26.35 -44.47 39.20
N SER I 363 -27.57 -44.62 38.66
CA SER I 363 -27.81 -44.60 37.23
C SER I 363 -28.17 -43.21 36.72
N SER I 364 -28.56 -43.13 35.44
CA SER I 364 -28.97 -41.87 34.83
C SER I 364 -30.41 -41.56 35.22
N ALA I 365 -30.60 -41.37 36.53
CA ALA I 365 -31.94 -41.19 37.06
C ALA I 365 -32.53 -39.86 36.65
N ASN I 366 -31.69 -38.84 36.46
CA ASN I 366 -32.18 -37.52 36.08
C ASN I 366 -31.08 -36.81 35.30
N SER I 367 -31.24 -36.78 33.98
CA SER I 367 -30.29 -36.07 33.12
C SER I 367 -30.57 -34.58 33.03
N THR I 368 -31.63 -34.10 33.69
CA THR I 368 -31.95 -32.68 33.61
C THR I 368 -30.98 -31.83 34.42
N SER I 369 -30.31 -32.41 35.42
CA SER I 369 -29.38 -31.63 36.23
C SER I 369 -28.17 -31.25 35.38
N THR I 370 -27.92 -29.95 35.27
CA THR I 370 -26.83 -29.44 34.44
C THR I 370 -26.10 -28.35 35.21
N ILE I 371 -25.03 -27.84 34.61
CA ILE I 371 -24.28 -26.74 35.18
C ILE I 371 -24.52 -25.50 34.34
N THR I 372 -24.57 -24.35 35.02
CA THR I 372 -24.84 -23.07 34.36
C THR I 372 -23.78 -22.06 34.72
N LEU I 373 -23.33 -21.29 33.73
CA LEU I 373 -22.32 -20.27 33.91
C LEU I 373 -22.80 -18.91 33.43
N GLN I 374 -22.29 -17.86 34.07
CA GLN I 374 -22.55 -16.48 33.71
C GLN I 374 -21.54 -15.99 32.69
N CYS I 375 -21.96 -15.09 31.82
CA CYS I 375 -21.08 -14.54 30.80
C CYS I 375 -21.29 -13.04 30.65
N ARG I 376 -20.32 -12.39 30.03
CA ARG I 376 -20.37 -10.98 29.71
C ARG I 376 -20.10 -10.79 28.23
N ILE I 377 -20.49 -9.64 27.70
CA ILE I 377 -20.35 -9.35 26.28
C ILE I 377 -19.58 -8.05 26.13
N LYS I 378 -18.43 -8.12 25.45
CA LYS I 378 -17.66 -6.93 25.13
C LYS I 378 -17.83 -6.60 23.65
N GLN I 379 -17.32 -5.44 23.27
CA GLN I 379 -17.25 -5.07 21.87
C GLN I 379 -15.87 -4.65 21.40
N ILE I 380 -14.99 -4.21 22.28
CA ILE I 380 -13.62 -3.87 21.92
C ILE I 380 -12.78 -5.10 22.11
N ILE I 381 -12.18 -5.61 21.04
CA ILE I 381 -11.41 -6.84 21.08
C ILE I 381 -9.94 -6.52 20.92
N ASN I 382 -9.13 -7.04 21.85
CA ASN I 382 -7.70 -6.76 21.85
C ASN I 382 -6.93 -8.05 21.60
N MET I 383 -7.33 -8.78 20.56
CA MET I 383 -6.96 -10.18 20.38
C MET I 383 -5.46 -10.42 20.46
N TRP I 384 -4.70 -9.95 19.49
CA TRP I 384 -3.32 -10.39 19.32
C TRP I 384 -2.38 -9.20 19.39
N GLN I 385 -1.32 -9.36 20.19
CA GLN I 385 -0.27 -8.36 20.30
C GLN I 385 0.46 -8.25 18.96
N GLY I 386 0.30 -7.11 18.29
CA GLY I 386 0.95 -6.86 17.03
C GLY I 386 0.12 -7.09 15.78
N VAL I 387 -1.17 -7.37 15.92
CA VAL I 387 -2.05 -7.53 14.77
C VAL I 387 -2.93 -6.31 14.53
N GLY I 388 -2.78 -5.27 15.33
CA GLY I 388 -3.71 -4.17 15.25
C GLY I 388 -4.94 -4.59 16.01
N ARG I 389 -4.70 -5.18 17.18
CA ARG I 389 -5.77 -5.69 18.03
C ARG I 389 -6.57 -4.50 18.53
N CYS I 390 -7.46 -4.01 17.66
CA CYS I 390 -8.21 -2.81 17.95
C CYS I 390 -9.56 -2.85 17.28
N MET I 391 -10.13 -4.02 17.13
CA MET I 391 -11.35 -4.12 16.36
C MET I 391 -12.51 -3.66 17.23
N TYR I 392 -13.36 -2.80 16.67
CA TYR I 392 -14.66 -2.51 17.25
C TYR I 392 -15.68 -3.41 16.56
N ALA I 393 -16.29 -4.30 17.31
CA ALA I 393 -17.24 -5.23 16.73
C ALA I 393 -18.60 -4.57 16.59
N PRO I 394 -19.36 -4.95 15.58
CA PRO I 394 -20.75 -4.53 15.52
C PRO I 394 -21.63 -5.52 16.24
N PRO I 395 -22.84 -5.14 16.62
CA PRO I 395 -23.82 -6.12 17.08
C PRO I 395 -24.49 -6.80 15.89
N ILE I 396 -25.30 -7.80 16.20
CA ILE I 396 -26.03 -8.51 15.17
C ILE I 396 -27.52 -8.48 15.49
N ALA I 397 -28.34 -9.11 14.66
CA ALA I 397 -29.75 -8.75 14.57
C ALA I 397 -30.56 -9.12 15.81
N GLY I 398 -30.59 -10.41 16.16
CA GLY I 398 -31.49 -10.82 17.25
C GLY I 398 -30.87 -11.83 18.19
N ASN I 399 -31.69 -12.67 18.77
CA ASN I 399 -31.10 -13.63 19.70
C ASN I 399 -30.39 -14.69 18.86
N ILE I 400 -29.18 -15.10 19.26
CA ILE I 400 -28.35 -16.11 18.54
C ILE I 400 -27.92 -17.20 19.53
N THR I 401 -27.61 -18.40 19.03
CA THR I 401 -27.19 -19.50 19.87
C THR I 401 -25.90 -20.09 19.33
N CYS I 402 -25.28 -20.97 20.12
CA CYS I 402 -24.05 -21.59 19.69
C CYS I 402 -23.92 -22.94 20.37
N ARG I 403 -23.70 -24.00 19.59
CA ARG I 403 -23.50 -25.34 20.11
C ARG I 403 -22.11 -25.82 19.75
N SER I 404 -21.38 -26.33 20.74
CA SER I 404 -19.96 -26.74 20.53
C SER I 404 -19.68 -28.07 21.24
N ASN I 405 -18.63 -28.77 20.74
CA ASN I 405 -18.16 -30.16 21.05
C ASN I 405 -16.78 -30.30 21.73
N ILE I 406 -16.44 -29.45 22.67
CA ILE I 406 -15.29 -29.28 23.63
C ILE I 406 -14.46 -30.58 23.65
N THR I 407 -13.18 -30.46 23.31
CA THR I 407 -12.31 -31.61 23.09
C THR I 407 -11.10 -31.66 24.01
N GLY I 408 -10.70 -30.55 24.61
CA GLY I 408 -9.46 -30.58 25.36
C GLY I 408 -9.35 -29.41 26.31
N LEU I 409 -8.39 -29.55 27.23
CA LEU I 409 -8.17 -28.55 28.26
C LEU I 409 -6.74 -28.06 28.22
N LEU I 410 -6.54 -26.79 28.56
CA LEU I 410 -5.22 -26.21 28.79
C LEU I 410 -5.10 -25.86 30.26
N LEU I 411 -4.23 -26.57 30.99
CA LEU I 411 -4.11 -26.38 32.42
C LEU I 411 -2.67 -26.04 32.78
N THR I 412 -2.47 -25.56 34.00
CA THR I 412 -1.14 -25.42 34.54
C THR I 412 -1.15 -25.71 36.03
N ARG I 413 -0.05 -26.25 36.52
CA ARG I 413 0.02 -26.69 37.91
C ARG I 413 0.54 -25.57 38.79
N ASP I 414 -0.09 -25.40 39.94
CA ASP I 414 0.31 -24.33 40.85
C ASP I 414 1.67 -24.63 41.44
N GLY I 415 2.42 -23.57 41.72
CA GLY I 415 3.74 -23.72 42.31
C GLY I 415 3.69 -23.81 43.81
N GLY I 416 3.02 -24.84 44.34
CA GLY I 416 2.89 -25.00 45.78
C GLY I 416 3.99 -25.87 46.35
N THR I 417 4.15 -25.74 47.67
CA THR I 417 5.12 -26.56 48.38
C THR I 417 4.69 -26.63 49.85
N ASN I 418 5.63 -27.00 50.73
CA ASN I 418 5.35 -27.31 52.12
C ASN I 418 4.45 -28.55 52.26
N SER I 419 4.98 -29.69 51.82
CA SER I 419 4.24 -30.95 51.87
C SER I 419 2.96 -30.85 51.07
N ASN I 420 3.10 -30.48 49.80
CA ASN I 420 1.96 -30.30 48.91
C ASN I 420 1.60 -31.63 48.27
N GLU I 421 0.85 -32.43 49.03
CA GLU I 421 0.24 -33.64 48.49
C GLU I 421 -1.16 -33.37 47.96
N THR I 422 -1.52 -32.11 47.82
CA THR I 422 -2.81 -31.67 47.31
C THR I 422 -2.57 -30.72 46.15
N GLU I 423 -1.70 -31.13 45.22
CA GLU I 423 -1.33 -30.26 44.11
C GLU I 423 -2.54 -29.79 43.33
N THR I 424 -2.60 -28.49 43.10
CA THR I 424 -3.76 -27.88 42.48
C THR I 424 -3.41 -27.36 41.10
N PHE I 425 -4.41 -27.34 40.23
CA PHE I 425 -4.26 -26.87 38.86
C PHE I 425 -5.02 -25.58 38.69
N ARG I 426 -4.39 -24.61 38.08
CA ARG I 426 -5.13 -23.41 37.75
C ARG I 426 -5.50 -23.40 36.28
N PRO I 427 -6.62 -22.78 35.92
CA PRO I 427 -6.83 -22.42 34.52
C PRO I 427 -5.84 -21.34 34.11
N ALA I 428 -5.15 -21.57 33.00
CA ALA I 428 -4.21 -20.62 32.48
C ALA I 428 -4.43 -20.44 30.98
N GLY I 429 -4.19 -19.21 30.52
CA GLY I 429 -4.22 -18.90 29.12
C GLY I 429 -2.87 -19.10 28.50
N GLY I 430 -2.66 -18.45 27.36
CA GLY I 430 -1.42 -18.57 26.64
C GLY I 430 -1.61 -18.13 25.21
N ASP I 431 -0.54 -18.25 24.45
CA ASP I 431 -0.57 -17.87 23.05
C ASP I 431 -1.39 -18.85 22.23
N MET I 432 -1.97 -18.35 21.15
CA MET I 432 -2.74 -19.21 20.27
C MET I 432 -1.85 -20.32 19.68
N ARG I 433 -0.54 -20.10 19.69
CA ARG I 433 0.38 -21.13 19.25
C ARG I 433 0.14 -22.42 19.99
N ASP I 434 -0.15 -22.35 21.28
CA ASP I 434 -0.27 -23.55 22.07
C ASP I 434 -1.49 -24.36 21.66
N ASN I 435 -2.58 -23.69 21.30
CA ASN I 435 -3.74 -24.43 20.81
C ASN I 435 -3.43 -25.09 19.48
N TRP I 436 -2.84 -24.34 18.55
CA TRP I 436 -2.55 -24.96 17.26
C TRP I 436 -1.46 -26.02 17.39
N ARG I 437 -0.55 -25.86 18.34
CA ARG I 437 0.43 -26.90 18.59
C ARG I 437 -0.25 -28.18 19.03
N SER I 438 -1.37 -28.07 19.74
CA SER I 438 -2.08 -29.26 20.15
C SER I 438 -2.76 -29.93 18.97
N GLU I 439 -3.09 -29.15 17.94
CA GLU I 439 -3.74 -29.75 16.78
C GLU I 439 -2.73 -30.28 15.77
N LEU I 440 -1.55 -29.67 15.72
CA LEU I 440 -0.62 -29.90 14.61
C LEU I 440 0.59 -30.73 15.00
N TYR I 441 0.54 -31.43 16.13
CA TYR I 441 1.72 -32.17 16.57
C TYR I 441 1.97 -33.42 15.73
N LYS I 442 0.95 -33.94 15.08
CA LYS I 442 1.11 -35.17 14.31
C LYS I 442 1.95 -34.99 13.06
N TYR I 443 2.16 -33.77 12.58
CA TYR I 443 2.67 -33.60 11.23
C TYR I 443 4.03 -32.93 11.23
N LYS I 444 4.89 -33.41 10.32
CA LYS I 444 6.22 -32.86 10.12
C LYS I 444 6.54 -32.89 8.63
N VAL I 445 7.39 -31.97 8.20
CA VAL I 445 7.75 -31.84 6.79
C VAL I 445 9.26 -32.03 6.66
N VAL I 446 9.68 -32.89 5.73
CA VAL I 446 11.10 -33.08 5.50
C VAL I 446 11.45 -32.90 4.04
N LYS I 447 12.74 -32.69 3.80
CA LYS I 447 13.33 -32.52 2.49
C LYS I 447 13.71 -33.87 1.91
N ILE I 448 13.50 -34.00 0.61
CA ILE I 448 13.94 -35.18 -0.13
C ILE I 448 15.33 -34.90 -0.70
N GLU I 449 16.26 -35.81 -0.45
CA GLU I 449 17.58 -35.73 -1.06
C GLU I 449 17.73 -36.87 -2.05
N PRO I 450 17.38 -36.65 -3.32
CA PRO I 450 17.21 -37.77 -4.24
C PRO I 450 18.48 -38.38 -4.78
N LEU I 451 19.65 -37.79 -4.51
CA LEU I 451 20.90 -38.30 -5.05
C LEU I 451 21.66 -39.08 -4.00
N GLY I 452 22.25 -40.21 -4.40
CA GLY I 452 23.05 -40.98 -3.47
C GLY I 452 24.12 -41.78 -4.15
N VAL I 453 25.10 -42.20 -3.35
CA VAL I 453 26.29 -42.89 -3.83
C VAL I 453 26.42 -44.20 -3.06
N ALA I 454 26.84 -45.25 -3.75
CA ALA I 454 27.11 -46.49 -3.05
C ALA I 454 28.15 -47.29 -3.81
N PRO I 455 28.90 -48.16 -3.11
CA PRO I 455 29.91 -48.97 -3.78
C PRO I 455 29.27 -50.09 -4.57
N THR I 456 29.96 -50.51 -5.62
CA THR I 456 29.47 -51.63 -6.42
C THR I 456 30.60 -52.18 -7.28
N ARG I 457 30.35 -53.38 -7.81
CA ARG I 457 31.28 -54.05 -8.74
C ARG I 457 31.12 -53.60 -10.18
N CYS I 458 30.15 -52.74 -10.46
CA CYS I 458 29.93 -52.23 -11.80
C CYS I 458 31.07 -51.30 -12.21
N LYS I 459 31.24 -51.14 -13.52
CA LYS I 459 32.27 -50.25 -14.04
C LYS I 459 31.88 -49.78 -15.43
N ARG I 460 32.27 -48.55 -15.76
CA ARG I 460 31.93 -47.99 -17.05
C ARG I 460 32.83 -48.54 -18.14
N ARG I 461 32.22 -48.91 -19.26
CA ARG I 461 33.01 -49.38 -20.39
C ARG I 461 33.71 -48.20 -21.05
N VAL I 462 34.99 -48.35 -21.32
CA VAL I 462 35.75 -47.30 -21.98
C VAL I 462 35.39 -47.28 -23.46
N ALA J 1 12.17 -55.41 -8.27
CA ALA J 1 11.99 -54.13 -7.59
C ALA J 1 11.00 -53.27 -8.35
N VAL J 2 10.21 -53.89 -9.22
CA VAL J 2 9.27 -53.18 -10.07
C VAL J 2 7.84 -53.68 -9.93
N GLY J 3 7.55 -54.56 -8.98
CA GLY J 3 6.24 -55.16 -8.87
C GLY J 3 5.12 -54.26 -8.36
N ILE J 4 5.41 -53.03 -7.95
CA ILE J 4 4.36 -52.15 -7.46
C ILE J 4 3.46 -51.70 -8.61
N GLY J 5 4.07 -51.10 -9.64
CA GLY J 5 3.31 -50.70 -10.81
C GLY J 5 2.50 -49.44 -10.57
N ALA J 6 1.52 -49.55 -9.67
CA ALA J 6 0.66 -48.43 -9.31
C ALA J 6 1.46 -47.52 -8.38
N VAL J 7 2.27 -46.64 -8.95
CA VAL J 7 3.15 -45.77 -8.17
C VAL J 7 2.68 -44.33 -8.36
N PHE J 8 2.07 -43.80 -7.31
CA PHE J 8 1.71 -42.39 -7.20
C PHE J 8 2.20 -41.85 -5.86
N LEU J 9 3.17 -42.52 -5.27
CA LEU J 9 3.67 -42.29 -3.93
C LEU J 9 5.11 -41.79 -3.89
N GLY J 10 5.80 -41.87 -5.02
CA GLY J 10 7.14 -41.34 -5.10
C GLY J 10 8.12 -42.25 -4.40
N PHE J 11 9.34 -41.72 -4.22
CA PHE J 11 10.41 -42.51 -3.62
C PHE J 11 9.97 -43.12 -2.30
N LEU J 12 9.04 -42.44 -1.62
CA LEU J 12 8.65 -42.80 -0.28
C LEU J 12 7.97 -44.15 -0.22
N GLY J 13 7.55 -44.70 -1.36
CA GLY J 13 6.94 -46.02 -1.37
C GLY J 13 7.89 -47.17 -1.17
N ALA J 14 9.19 -46.94 -1.32
CA ALA J 14 10.17 -48.01 -1.16
C ALA J 14 10.98 -47.89 0.12
N ALA J 15 10.75 -46.85 0.92
CA ALA J 15 11.56 -46.63 2.11
C ALA J 15 11.47 -47.83 3.04
N GLY J 16 12.59 -48.13 3.69
CA GLY J 16 12.65 -49.23 4.62
C GLY J 16 13.09 -50.55 4.03
N SER J 17 12.97 -50.72 2.71
CA SER J 17 13.40 -51.94 2.06
C SER J 17 14.91 -51.87 1.81
N THR J 18 15.49 -52.99 1.38
CA THR J 18 16.93 -52.97 1.18
C THR J 18 17.29 -52.19 -0.08
N MET J 19 18.52 -51.68 -0.10
CA MET J 19 18.96 -50.88 -1.23
C MET J 19 18.87 -51.67 -2.53
N GLY J 20 19.17 -52.97 -2.47
CA GLY J 20 19.04 -53.79 -3.65
C GLY J 20 17.60 -53.89 -4.10
N ALA J 21 16.66 -53.87 -3.15
CA ALA J 21 15.25 -54.02 -3.47
C ALA J 21 14.63 -52.77 -4.06
N ALA J 22 15.39 -51.67 -4.14
CA ALA J 22 14.88 -50.42 -4.69
C ALA J 22 15.62 -50.01 -5.95
N SER J 23 16.31 -50.94 -6.60
CA SER J 23 17.13 -50.61 -7.76
C SER J 23 16.29 -50.17 -8.95
N MET J 24 14.99 -50.41 -8.93
CA MET J 24 14.10 -50.05 -10.03
C MET J 24 13.00 -49.17 -9.45
N THR J 25 12.01 -48.82 -10.27
CA THR J 25 10.93 -47.91 -9.92
C THR J 25 11.39 -46.46 -9.86
N LEU J 26 12.65 -46.18 -10.17
CA LEU J 26 13.14 -44.81 -10.08
C LEU J 26 12.52 -43.89 -11.12
N THR J 27 11.83 -44.46 -12.11
CA THR J 27 11.17 -43.64 -13.11
C THR J 27 10.07 -42.80 -12.51
N VAL J 28 9.02 -43.44 -12.00
CA VAL J 28 7.87 -42.70 -11.46
C VAL J 28 8.30 -41.91 -10.24
N GLN J 29 9.19 -42.49 -9.44
CA GLN J 29 9.66 -41.82 -8.25
C GLN J 29 10.19 -40.43 -8.56
N ALA J 30 11.04 -40.33 -9.58
CA ALA J 30 11.64 -39.04 -9.90
C ALA J 30 10.61 -38.04 -10.39
N ARG J 31 9.55 -38.52 -11.03
CA ARG J 31 8.55 -37.63 -11.62
C ARG J 31 7.92 -36.72 -10.58
N ASN J 32 7.76 -37.21 -9.36
CA ASN J 32 7.10 -36.44 -8.32
C ASN J 32 7.85 -35.15 -7.96
N LEU J 33 9.06 -34.94 -8.48
CA LEU J 33 9.80 -33.72 -8.16
C LEU J 33 9.26 -32.49 -8.86
N LEU J 34 8.49 -32.63 -9.93
CA LEU J 34 8.13 -31.47 -10.73
C LEU J 34 6.65 -31.25 -10.92
N SER J 35 5.80 -32.26 -10.71
CA SER J 35 4.38 -32.09 -11.01
C SER J 35 3.72 -31.09 -10.07
N THR J 58 -3.12 -9.63 -3.80
CA THR J 58 -2.63 -9.83 -2.45
C THR J 58 -1.11 -10.05 -2.45
N VAL J 59 -0.50 -9.99 -1.26
CA VAL J 59 0.94 -10.19 -1.12
C VAL J 59 1.21 -11.68 -0.93
N TRP J 60 0.13 -12.46 -0.77
CA TRP J 60 0.29 -13.89 -0.61
C TRP J 60 0.91 -14.54 -1.85
N GLY J 61 0.65 -13.96 -3.02
CA GLY J 61 1.26 -14.48 -4.22
C GLY J 61 2.76 -14.52 -4.16
N ILE J 62 3.37 -13.75 -3.25
CA ILE J 62 4.82 -13.71 -3.24
C ILE J 62 5.39 -15.03 -2.74
N LYS J 63 4.84 -15.52 -1.63
CA LYS J 63 5.29 -16.84 -1.08
C LYS J 63 4.87 -17.97 -2.03
N GLN J 64 3.67 -17.86 -2.60
CA GLN J 64 3.16 -18.91 -3.53
C GLN J 64 4.12 -19.05 -4.71
N LEU J 65 4.58 -17.92 -5.25
CA LEU J 65 5.54 -17.88 -6.39
C LEU J 65 6.91 -18.38 -5.94
N GLN J 66 7.44 -17.82 -4.84
CA GLN J 66 8.83 -18.12 -4.39
C GLN J 66 9.03 -19.63 -4.26
N ALA J 67 8.00 -20.36 -3.81
CA ALA J 67 8.11 -21.83 -3.62
C ALA J 67 8.38 -22.51 -4.97
N ARG J 68 7.71 -22.04 -6.03
CA ARG J 68 7.83 -22.68 -7.38
C ARG J 68 9.24 -22.47 -7.93
N VAL J 69 9.77 -21.25 -7.79
CA VAL J 69 11.10 -20.87 -8.36
C VAL J 69 12.24 -21.63 -7.64
N LEU J 70 12.19 -21.70 -6.30
CA LEU J 70 13.26 -22.40 -5.53
C LEU J 70 13.17 -23.92 -5.76
N ALA J 71 11.96 -24.45 -5.98
CA ALA J 71 11.78 -25.89 -6.30
C ALA J 71 12.50 -26.22 -7.61
N VAL J 72 12.40 -25.33 -8.59
CA VAL J 72 13.12 -25.49 -9.90
C VAL J 72 14.63 -25.39 -9.66
N GLU J 73 15.06 -24.38 -8.90
CA GLU J 73 16.50 -24.11 -8.67
C GLU J 73 17.17 -25.36 -8.06
N ARG J 74 16.47 -26.01 -7.12
CA ARG J 74 16.98 -27.26 -6.48
C ARG J 74 17.18 -28.35 -7.54
N TYR J 75 16.18 -28.53 -8.42
CA TYR J 75 16.20 -29.61 -9.43
C TYR J 75 17.40 -29.46 -10.37
N LEU J 76 17.59 -28.26 -10.92
CA LEU J 76 18.58 -28.03 -12.01
C LEU J 76 20.00 -28.23 -11.46
N ARG J 77 20.27 -27.77 -10.23
CA ARG J 77 21.62 -27.88 -9.63
C ARG J 77 21.99 -29.36 -9.46
N ASP J 78 21.01 -30.18 -9.05
CA ASP J 78 21.19 -31.66 -8.97
C ASP J 78 21.46 -32.23 -10.36
N GLN J 79 20.78 -31.69 -11.39
CA GLN J 79 21.00 -32.13 -12.75
C GLN J 79 22.38 -31.73 -13.24
N GLN J 80 22.84 -30.55 -12.84
CA GLN J 80 24.20 -30.13 -13.19
C GLN J 80 25.23 -31.13 -12.69
N LEU J 81 25.07 -31.60 -11.46
CA LEU J 81 26.05 -32.52 -10.90
C LEU J 81 26.16 -33.77 -11.76
N LEU J 82 25.03 -34.25 -12.25
CA LEU J 82 25.06 -35.39 -13.16
C LEU J 82 25.63 -35.00 -14.52
N GLY J 83 25.28 -33.81 -15.00
CA GLY J 83 25.75 -33.39 -16.31
C GLY J 83 27.20 -33.00 -16.31
N ILE J 84 27.71 -32.51 -15.18
CA ILE J 84 29.10 -32.05 -15.15
C ILE J 84 30.04 -33.21 -15.39
N TRP J 85 29.88 -34.31 -14.65
CA TRP J 85 30.86 -35.38 -14.77
C TRP J 85 30.44 -36.45 -15.76
N GLY J 86 29.60 -36.08 -16.72
CA GLY J 86 29.42 -36.93 -17.87
C GLY J 86 28.57 -38.16 -17.66
N CYS J 87 27.28 -37.98 -17.44
CA CYS J 87 26.39 -39.12 -17.41
C CYS J 87 25.00 -38.68 -17.85
N SER J 88 24.28 -39.65 -18.42
CA SER J 88 22.88 -39.51 -18.77
C SER J 88 22.21 -40.83 -18.44
N GLY J 89 20.89 -40.88 -18.54
CA GLY J 89 20.24 -42.05 -18.01
C GLY J 89 20.27 -41.91 -16.51
N LYS J 90 19.48 -40.96 -16.02
CA LYS J 90 19.61 -40.46 -14.65
C LYS J 90 19.55 -41.57 -13.62
N LEU J 91 18.77 -42.62 -13.89
CA LEU J 91 18.58 -43.69 -12.93
C LEU J 91 19.89 -44.17 -12.31
N ILE J 92 20.71 -44.86 -13.08
CA ILE J 92 21.93 -45.46 -12.57
C ILE J 92 23.09 -45.05 -13.45
N CYS J 93 24.18 -44.58 -12.83
CA CYS J 93 25.38 -44.17 -13.55
C CYS J 93 26.59 -44.81 -12.90
N CYS J 94 27.26 -45.71 -13.62
CA CYS J 94 28.51 -46.28 -13.15
C CYS J 94 29.66 -45.49 -13.76
N THR J 95 30.78 -45.48 -13.06
CA THR J 95 31.95 -44.76 -13.54
C THR J 95 33.18 -45.65 -13.50
N ASN J 96 34.36 -45.07 -13.69
CA ASN J 96 35.60 -45.83 -13.71
C ASN J 96 36.51 -45.58 -12.52
N VAL J 97 36.14 -44.66 -11.63
CA VAL J 97 36.96 -44.35 -10.47
C VAL J 97 36.92 -45.55 -9.52
N PRO J 98 38.05 -46.06 -9.10
CA PRO J 98 38.05 -47.17 -8.15
C PRO J 98 37.57 -46.70 -6.79
N TRP J 99 36.87 -47.59 -6.11
CA TRP J 99 36.38 -47.27 -4.78
C TRP J 99 37.52 -47.37 -3.78
N ASN J 100 37.75 -46.31 -3.02
CA ASN J 100 38.80 -46.32 -2.01
C ASN J 100 38.21 -46.91 -0.74
N SER J 101 38.70 -48.09 -0.35
CA SER J 101 38.11 -48.82 0.77
C SER J 101 38.31 -48.12 2.11
N SER J 102 39.17 -47.10 2.17
CA SER J 102 39.44 -46.41 3.43
C SER J 102 38.24 -45.68 3.98
N TRP J 103 37.19 -45.48 3.17
CA TRP J 103 35.97 -44.81 3.63
C TRP J 103 35.10 -45.73 4.47
N SER J 104 35.07 -47.02 4.14
CA SER J 104 34.19 -47.96 4.81
C SER J 104 34.91 -49.17 5.39
N ASN J 105 35.80 -49.79 4.61
CA ASN J 105 36.43 -51.06 4.99
C ASN J 105 35.37 -52.07 5.41
N ARG J 106 34.29 -52.13 4.64
CA ARG J 106 33.21 -53.06 4.93
C ARG J 106 32.88 -53.89 3.70
N ASN J 107 32.26 -55.04 3.96
CA ASN J 107 31.88 -55.95 2.88
C ASN J 107 30.73 -55.38 2.08
N LEU J 108 30.82 -55.50 0.76
CA LEU J 108 29.79 -54.95 -0.11
C LEU J 108 28.44 -55.59 0.15
N SER J 109 28.38 -56.93 0.15
CA SER J 109 27.10 -57.59 0.26
C SER J 109 26.42 -57.30 1.59
N GLU J 110 27.21 -57.10 2.65
CA GLU J 110 26.67 -56.79 3.97
C GLU J 110 25.94 -55.47 3.95
N ILE J 111 26.52 -54.47 3.28
CA ILE J 111 25.88 -53.16 3.19
C ILE J 111 24.74 -53.18 2.19
N TRP J 112 24.94 -53.85 1.07
CA TRP J 112 23.97 -53.80 -0.02
C TRP J 112 22.70 -54.60 0.26
N ASP J 113 22.77 -55.64 1.08
CA ASP J 113 21.56 -56.41 1.36
C ASP J 113 20.96 -56.17 2.73
N ASN J 114 21.76 -55.74 3.70
CA ASN J 114 21.22 -55.55 5.05
C ASN J 114 20.73 -54.13 5.29
N MET J 115 21.32 -53.14 4.64
CA MET J 115 20.99 -51.75 4.90
C MET J 115 20.07 -51.20 3.83
N THR J 116 19.15 -50.34 4.26
CA THR J 116 18.40 -49.52 3.34
C THR J 116 19.13 -48.20 3.12
N TRP J 117 18.55 -47.37 2.25
CA TRP J 117 19.21 -46.12 1.90
C TRP J 117 19.32 -45.18 3.08
N LEU J 118 18.43 -45.32 4.06
CA LEU J 118 18.36 -44.37 5.17
C LEU J 118 19.67 -44.32 5.93
N GLN J 119 20.05 -45.43 6.56
CA GLN J 119 21.22 -45.39 7.43
C GLN J 119 22.49 -45.41 6.61
N TRP J 120 22.43 -45.88 5.37
CA TRP J 120 23.61 -45.81 4.52
C TRP J 120 24.05 -44.37 4.34
N ASP J 121 23.09 -43.46 4.12
CA ASP J 121 23.47 -42.07 3.92
C ASP J 121 24.24 -41.54 5.11
N LYS J 122 23.84 -41.95 6.32
CA LYS J 122 24.43 -41.38 7.51
C LYS J 122 25.86 -41.83 7.72
N GLU J 123 26.33 -42.79 6.93
CA GLU J 123 27.71 -43.25 7.00
C GLU J 123 28.58 -42.68 5.89
N ILE J 124 28.05 -42.54 4.68
CA ILE J 124 28.85 -42.02 3.57
C ILE J 124 28.74 -40.50 3.41
N SER J 125 27.87 -39.84 4.18
CA SER J 125 27.66 -38.41 4.05
C SER J 125 28.86 -37.56 4.45
N ASN J 126 29.92 -38.14 5.01
CA ASN J 126 31.11 -37.37 5.34
C ASN J 126 32.12 -37.23 4.20
N TYR J 127 32.15 -38.17 3.25
CA TYR J 127 33.15 -38.15 2.19
C TYR J 127 32.57 -37.84 0.82
N THR J 128 31.39 -37.24 0.77
CA THR J 128 30.74 -36.97 -0.52
C THR J 128 31.56 -36.00 -1.37
N GLN J 129 32.13 -34.97 -0.74
CA GLN J 129 32.87 -33.96 -1.49
C GLN J 129 34.13 -34.54 -2.13
N ILE J 130 34.74 -35.51 -1.46
CA ILE J 130 35.93 -36.16 -2.00
C ILE J 130 35.58 -36.88 -3.28
N ILE J 131 34.47 -37.60 -3.27
CA ILE J 131 34.08 -38.39 -4.42
C ILE J 131 33.72 -37.49 -5.59
N TYR J 132 33.03 -36.38 -5.31
CA TYR J 132 32.65 -35.49 -6.40
C TYR J 132 33.90 -34.95 -7.10
N GLY J 133 34.93 -34.62 -6.34
CA GLY J 133 36.14 -34.11 -6.96
C GLY J 133 36.79 -35.10 -7.89
N LEU J 134 36.92 -36.36 -7.44
CA LEU J 134 37.59 -37.36 -8.26
C LEU J 134 36.82 -37.62 -9.54
N LEU J 135 35.50 -37.64 -9.45
CA LEU J 135 34.69 -37.89 -10.62
C LEU J 135 34.90 -36.79 -11.66
N GLU J 136 35.01 -35.54 -11.21
CA GLU J 136 35.22 -34.46 -12.16
C GLU J 136 36.56 -34.61 -12.88
N GLU J 137 37.61 -34.98 -12.14
CA GLU J 137 38.92 -35.14 -12.76
C GLU J 137 38.90 -36.27 -13.78
N SER J 138 38.23 -37.38 -13.43
CA SER J 138 38.16 -38.51 -14.35
C SER J 138 37.48 -38.12 -15.65
N GLN J 139 36.43 -37.32 -15.57
CA GLN J 139 35.70 -36.96 -16.78
C GLN J 139 36.59 -36.22 -17.76
N ASN J 140 37.39 -35.27 -17.27
CA ASN J 140 38.27 -34.53 -18.17
C ASN J 140 39.30 -35.46 -18.80
N GLN J 141 39.78 -36.43 -18.03
CA GLN J 141 40.78 -37.32 -18.61
C GLN J 141 40.23 -38.09 -19.78
N GLN J 142 38.97 -38.53 -19.69
CA GLN J 142 38.42 -39.38 -20.74
C GLN J 142 38.14 -38.58 -22.01
N GLU J 143 37.57 -37.38 -21.88
CA GLU J 143 37.21 -36.62 -23.07
C GLU J 143 38.45 -36.32 -23.91
N LYS J 144 39.53 -35.87 -23.26
CA LYS J 144 40.75 -35.62 -24.00
C LYS J 144 41.26 -36.89 -24.67
N ASN J 145 41.21 -38.02 -23.96
CA ASN J 145 41.66 -39.27 -24.56
C ASN J 145 40.90 -39.57 -25.84
N GLU J 146 39.62 -39.23 -25.88
CA GLU J 146 38.84 -39.46 -27.10
C GLU J 146 39.37 -38.64 -28.26
N GLN J 147 39.81 -37.41 -27.99
CA GLN J 147 40.26 -36.54 -29.08
C GLN J 147 41.45 -37.14 -29.81
N ASP J 148 42.41 -37.71 -29.05
CA ASP J 148 43.56 -38.35 -29.68
C ASP J 148 43.11 -39.52 -30.54
N LEU J 149 42.26 -40.38 -30.00
CA LEU J 149 41.76 -41.52 -30.79
C LEU J 149 40.85 -41.08 -31.91
N LEU J 150 40.18 -39.93 -31.78
CA LEU J 150 39.40 -39.44 -32.92
C LEU J 150 40.30 -38.98 -34.05
N ALA J 151 41.36 -38.23 -33.74
CA ALA J 151 42.18 -37.68 -34.81
C ALA J 151 42.96 -38.75 -35.57
N LEU J 152 42.95 -40.00 -35.11
CA LEU J 152 43.63 -41.07 -35.83
C LEU J 152 42.91 -41.45 -37.12
N ASP J 153 41.57 -41.51 -37.09
CA ASP J 153 40.81 -41.88 -38.27
C ASP J 153 40.78 -40.75 -39.29
N GLN K 1 -55.46 -22.43 47.81
CA GLN K 1 -55.11 -22.54 46.40
C GLN K 1 -54.84 -21.18 45.77
N VAL K 2 -54.49 -21.18 44.49
CA VAL K 2 -54.11 -19.95 43.81
C VAL K 2 -55.36 -19.12 43.58
N GLN K 3 -55.49 -18.00 44.27
CA GLN K 3 -56.63 -17.11 44.13
C GLN K 3 -56.19 -15.70 43.78
N LEU K 4 -57.09 -14.99 43.11
CA LEU K 4 -56.87 -13.61 42.73
C LEU K 4 -58.10 -12.83 43.17
N VAL K 5 -57.94 -11.96 44.17
CA VAL K 5 -59.06 -11.22 44.74
C VAL K 5 -59.03 -9.81 44.18
N GLN K 6 -60.08 -9.45 43.46
CA GLN K 6 -60.16 -8.13 42.87
C GLN K 6 -61.03 -7.22 43.73
N SER K 7 -61.09 -5.95 43.33
CA SER K 7 -61.87 -4.95 44.04
C SER K 7 -63.29 -4.89 43.48
N GLY K 8 -64.11 -3.99 44.01
CA GLY K 8 -65.50 -3.90 43.58
C GLY K 8 -65.67 -3.04 42.35
N ALA K 9 -66.88 -3.08 41.79
CA ALA K 9 -67.19 -2.31 40.60
C ALA K 9 -67.22 -0.82 40.90
N GLU K 10 -67.03 -0.01 39.86
CA GLU K 10 -67.06 1.43 40.04
C GLU K 10 -67.52 2.12 38.75
N VAL K 11 -68.08 3.31 38.90
CA VAL K 11 -68.56 4.11 37.79
C VAL K 11 -68.05 5.54 37.98
N LYS K 12 -67.51 6.13 36.90
CA LYS K 12 -66.93 7.47 36.97
C LYS K 12 -67.39 8.33 35.80
N LYS K 13 -67.13 9.63 35.95
CA LYS K 13 -67.46 10.61 34.91
C LYS K 13 -66.48 10.51 33.74
N PRO K 14 -66.89 11.00 32.57
CA PRO K 14 -65.94 11.11 31.45
C PRO K 14 -64.75 11.99 31.85
N GLY K 15 -63.56 11.53 31.48
CA GLY K 15 -62.35 12.24 31.80
C GLY K 15 -61.77 11.92 33.16
N ALA K 16 -62.50 11.19 34.00
CA ALA K 16 -62.02 10.88 35.34
C ALA K 16 -61.09 9.68 35.25
N SER K 17 -60.72 9.13 36.41
CA SER K 17 -59.84 7.98 36.48
C SER K 17 -60.36 7.01 37.53
N VAL K 18 -59.96 5.76 37.41
CA VAL K 18 -60.34 4.72 38.36
C VAL K 18 -59.16 3.81 38.65
N LYS K 19 -59.02 3.40 39.90
CA LYS K 19 -57.95 2.51 40.33
C LYS K 19 -58.49 1.09 40.46
N VAL K 20 -57.81 0.15 39.82
CA VAL K 20 -58.16 -1.26 39.90
C VAL K 20 -56.98 -2.00 40.49
N SER K 21 -57.28 -2.95 41.37
CA SER K 21 -56.27 -3.71 42.08
C SER K 21 -56.59 -5.19 42.02
N CYS K 22 -55.56 -6.02 42.19
CA CYS K 22 -55.77 -7.46 42.28
C CYS K 22 -54.77 -8.04 43.28
N LYS K 23 -55.27 -8.80 44.24
CA LYS K 23 -54.47 -9.33 45.33
C LYS K 23 -54.17 -10.80 45.11
N ALA K 24 -52.92 -11.19 45.30
CA ALA K 24 -52.52 -12.58 45.14
C ALA K 24 -52.66 -13.33 46.46
N SER K 25 -52.97 -14.62 46.36
CA SER K 25 -53.04 -15.46 47.55
C SER K 25 -52.80 -16.91 47.19
N GLY K 26 -52.16 -17.62 48.12
CA GLY K 26 -51.94 -19.04 48.00
C GLY K 26 -50.66 -19.47 47.33
N TYR K 27 -49.91 -18.52 46.77
CA TYR K 27 -48.68 -18.87 46.07
C TYR K 27 -47.72 -17.68 46.15
N THR K 28 -46.47 -17.93 45.79
CA THR K 28 -45.47 -16.87 45.78
C THR K 28 -45.66 -16.08 44.50
N PHE K 29 -46.33 -14.93 44.61
CA PHE K 29 -46.59 -14.12 43.43
C PHE K 29 -45.31 -13.55 42.82
N THR K 30 -44.20 -13.58 43.55
CA THR K 30 -42.97 -12.99 43.01
C THR K 30 -42.31 -13.84 41.94
N GLY K 31 -42.83 -15.02 41.64
CA GLY K 31 -42.29 -15.85 40.59
C GLY K 31 -43.16 -16.03 39.37
N TYR K 32 -44.25 -15.29 39.24
CA TYR K 32 -45.10 -15.45 38.07
C TYR K 32 -45.46 -14.08 37.50
N TYR K 33 -45.69 -14.06 36.19
CA TYR K 33 -46.14 -12.85 35.54
C TYR K 33 -47.62 -12.62 35.83
N MET K 34 -48.09 -11.42 35.52
CA MET K 34 -49.50 -11.07 35.68
C MET K 34 -49.93 -10.19 34.53
N HIS K 35 -51.00 -10.58 33.85
CA HIS K 35 -51.52 -9.85 32.70
C HIS K 35 -52.92 -9.36 32.98
N TRP K 36 -53.44 -8.49 32.11
CA TRP K 36 -54.80 -8.02 32.27
C TRP K 36 -55.53 -8.07 30.93
N VAL K 37 -56.85 -8.24 31.01
CA VAL K 37 -57.68 -8.14 29.81
C VAL K 37 -58.97 -7.40 30.11
N ARG K 38 -59.50 -6.76 29.08
CA ARG K 38 -60.78 -6.09 29.10
C ARG K 38 -61.72 -6.78 28.14
N GLN K 39 -63.00 -6.84 28.50
CA GLN K 39 -64.03 -7.37 27.61
C GLN K 39 -65.33 -6.62 27.79
N ALA K 40 -65.82 -6.01 26.72
CA ALA K 40 -67.12 -5.36 26.69
C ALA K 40 -68.21 -6.41 26.46
N PRO K 41 -69.43 -6.16 26.92
CA PRO K 41 -70.47 -7.20 26.83
C PRO K 41 -70.94 -7.43 25.40
N GLY K 42 -70.17 -8.19 24.63
CA GLY K 42 -70.53 -8.48 23.26
C GLY K 42 -69.37 -8.31 22.31
N GLN K 43 -68.21 -7.98 22.85
CA GLN K 43 -66.99 -7.80 22.08
C GLN K 43 -65.94 -8.81 22.54
N GLY K 44 -64.78 -8.77 21.89
CA GLY K 44 -63.71 -9.69 22.19
C GLY K 44 -62.92 -9.28 23.41
N LEU K 45 -61.68 -9.78 23.48
CA LEU K 45 -60.82 -9.61 24.64
C LEU K 45 -59.58 -8.85 24.24
N GLU K 46 -59.40 -7.68 24.83
CA GLU K 46 -58.22 -6.84 24.56
C GLU K 46 -57.17 -7.12 25.62
N TRP K 47 -55.94 -7.31 25.17
CA TRP K 47 -54.86 -7.76 26.04
C TRP K 47 -53.97 -6.59 26.43
N MET K 48 -53.70 -6.47 27.73
CA MET K 48 -52.74 -5.51 28.24
C MET K 48 -51.56 -6.25 28.88
N GLY K 49 -50.43 -5.56 28.87
CA GLY K 49 -49.16 -6.17 29.14
C GLY K 49 -48.97 -6.62 30.57
N TRP K 50 -47.89 -7.36 30.76
CA TRP K 50 -47.55 -7.95 32.04
C TRP K 50 -46.82 -6.95 32.92
N ILE K 51 -46.73 -7.28 34.20
CA ILE K 51 -45.96 -6.49 35.15
C ILE K 51 -45.06 -7.42 35.94
N ASN K 52 -43.78 -7.16 35.92
CA ASN K 52 -42.89 -8.06 36.63
C ASN K 52 -42.92 -7.74 38.11
N PRO K 53 -43.07 -8.72 38.97
CA PRO K 53 -43.20 -8.45 40.39
C PRO K 53 -41.89 -8.08 41.07
N ASN K 54 -40.76 -8.47 40.49
CA ASN K 54 -39.48 -8.27 41.18
C ASN K 54 -38.83 -6.94 40.83
N SER K 55 -38.41 -6.77 39.59
CA SER K 55 -37.86 -5.48 39.18
C SER K 55 -38.94 -4.44 38.99
N GLY K 56 -40.18 -4.85 38.72
CA GLY K 56 -41.24 -3.90 38.55
C GLY K 56 -41.33 -3.31 37.16
N GLY K 57 -40.59 -3.87 36.20
CA GLY K 57 -40.73 -3.43 34.83
C GLY K 57 -42.10 -3.76 34.28
N THR K 58 -42.61 -2.88 33.42
CA THR K 58 -43.97 -3.00 32.92
C THR K 58 -43.97 -2.94 31.40
N ASN K 59 -44.83 -3.73 30.79
CA ASN K 59 -45.12 -3.61 29.38
C ASN K 59 -46.57 -3.17 29.21
N TYR K 60 -46.84 -2.44 28.13
CA TYR K 60 -48.17 -1.96 27.85
C TYR K 60 -48.53 -2.33 26.42
N ALA K 61 -49.80 -2.64 26.20
CA ALA K 61 -50.22 -3.01 24.86
C ALA K 61 -50.47 -1.77 24.03
N GLN K 62 -50.64 -1.97 22.73
CA GLN K 62 -50.97 -0.88 21.84
C GLN K 62 -52.37 -0.36 22.11
N LYS K 63 -52.61 0.86 21.66
CA LYS K 63 -53.89 1.56 21.85
C LYS K 63 -54.06 2.05 23.29
N PHE K 64 -52.98 2.21 24.03
CA PHE K 64 -53.01 2.86 25.33
C PHE K 64 -52.04 4.01 25.42
N GLN K 65 -50.78 3.79 25.04
CA GLN K 65 -49.76 4.82 24.93
C GLN K 65 -49.60 5.65 26.21
N GLY K 66 -49.91 5.05 27.36
CA GLY K 66 -49.79 5.74 28.62
C GLY K 66 -51.09 6.08 29.31
N ARG K 67 -52.24 5.84 28.69
CA ARG K 67 -53.49 6.14 29.39
C ARG K 67 -53.74 5.17 30.54
N VAL K 68 -52.97 4.09 30.60
CA VAL K 68 -53.03 3.11 31.69
C VAL K 68 -51.62 2.90 32.22
N THR K 69 -51.48 2.96 33.54
CA THR K 69 -50.22 2.63 34.19
C THR K 69 -50.41 1.45 35.14
N MET K 70 -49.33 0.73 35.40
CA MET K 70 -49.36 -0.45 36.25
C MET K 70 -48.28 -0.36 37.32
N THR K 71 -48.65 -0.68 38.56
CA THR K 71 -47.71 -0.65 39.67
C THR K 71 -47.94 -1.88 40.54
N ARG K 72 -47.04 -2.08 41.49
CA ARG K 72 -47.17 -3.22 42.39
C ARG K 72 -46.65 -2.86 43.78
N ASP K 73 -46.94 -3.75 44.73
CA ASP K 73 -46.41 -3.67 46.09
C ASP K 73 -46.20 -5.10 46.58
N THR K 74 -44.94 -5.45 46.84
CA THR K 74 -44.61 -6.84 47.15
C THR K 74 -44.92 -7.18 48.61
N SER K 75 -45.04 -6.16 49.46
CA SER K 75 -45.25 -6.42 50.89
C SER K 75 -46.59 -7.09 51.16
N ILE K 76 -47.61 -6.79 50.37
CA ILE K 76 -48.92 -7.40 50.50
C ILE K 76 -49.31 -8.19 49.27
N SER K 77 -48.43 -8.32 48.29
CA SER K 77 -48.69 -9.09 47.08
C SER K 77 -49.93 -8.57 46.37
N THR K 78 -49.87 -7.30 45.98
CA THR K 78 -51.01 -6.68 45.30
C THR K 78 -50.54 -5.84 44.13
N ALA K 79 -51.23 -5.96 43.01
CA ALA K 79 -51.00 -5.11 41.86
C ALA K 79 -52.14 -4.10 41.73
N TYR K 80 -51.81 -2.97 41.11
CA TYR K 80 -52.76 -1.87 40.91
C TYR K 80 -52.62 -1.35 39.50
N MET K 81 -53.77 -1.08 38.88
CA MET K 81 -53.86 -0.38 37.62
C MET K 81 -54.51 0.97 37.85
N GLU K 82 -53.97 2.01 37.21
CA GLU K 82 -54.56 3.33 37.24
C GLU K 82 -55.02 3.64 35.84
N LEU K 83 -56.33 3.76 35.65
CA LEU K 83 -56.89 3.98 34.33
C LEU K 83 -57.34 5.42 34.26
N SER K 84 -56.65 6.20 33.44
CA SER K 84 -56.77 7.64 33.40
C SER K 84 -57.56 8.07 32.16
N ARG K 85 -58.11 9.28 32.25
CA ARG K 85 -58.80 9.91 31.12
C ARG K 85 -59.88 8.97 30.55
N LEU K 86 -60.83 8.64 31.42
CA LEU K 86 -61.89 7.73 31.04
C LEU K 86 -62.78 8.33 29.96
N ARG K 87 -63.21 7.49 29.03
CA ARG K 87 -64.20 7.86 28.03
C ARG K 87 -65.27 6.78 27.96
N SER K 88 -66.37 7.10 27.28
CA SER K 88 -67.46 6.14 27.17
C SER K 88 -67.04 4.83 26.52
N ASP K 89 -65.97 4.85 25.74
CA ASP K 89 -65.49 3.63 25.11
C ASP K 89 -64.84 2.67 26.09
N ASP K 90 -64.56 3.12 27.30
CA ASP K 90 -63.89 2.29 28.30
C ASP K 90 -64.86 1.48 29.14
N THR K 91 -66.15 1.57 28.88
CA THR K 91 -67.13 0.76 29.59
C THR K 91 -66.89 -0.70 29.25
N ALA K 92 -66.52 -1.50 30.24
CA ALA K 92 -66.10 -2.86 29.96
C ALA K 92 -66.01 -3.65 31.27
N VAL K 93 -65.68 -4.93 31.15
CA VAL K 93 -65.37 -5.79 32.28
C VAL K 93 -63.88 -6.07 32.27
N TYR K 94 -63.25 -5.91 33.43
CA TYR K 94 -61.81 -6.07 33.60
C TYR K 94 -61.51 -7.33 34.39
N TYR K 95 -60.46 -8.02 34.01
CA TYR K 95 -59.97 -9.18 34.75
C TYR K 95 -58.47 -9.14 34.89
N CYS K 96 -57.96 -9.69 35.99
CA CYS K 96 -56.55 -10.03 36.14
C CYS K 96 -56.38 -11.53 35.94
N ALA K 97 -55.25 -11.92 35.38
CA ALA K 97 -54.95 -13.35 35.27
C ALA K 97 -53.47 -13.60 35.45
N ARG K 98 -53.14 -14.70 36.13
CA ARG K 98 -51.75 -15.03 36.40
C ARG K 98 -51.10 -15.62 35.17
N GLY K 99 -49.85 -15.24 34.92
CA GLY K 99 -49.09 -15.68 33.76
C GLY K 99 -48.16 -16.83 34.07
N GLY K 100 -47.14 -16.95 33.24
CA GLY K 100 -46.22 -18.06 33.32
C GLY K 100 -45.14 -17.87 34.38
N TRP K 101 -44.34 -18.91 34.56
CA TRP K 101 -43.25 -18.86 35.52
C TRP K 101 -42.08 -18.05 34.96
N ILE K 102 -41.48 -17.24 35.81
CA ILE K 102 -40.36 -16.39 35.44
C ILE K 102 -39.07 -17.12 35.76
N SER K 103 -38.21 -17.26 34.76
CA SER K 103 -37.06 -18.14 34.91
C SER K 103 -35.72 -17.45 35.06
N LEU K 104 -35.63 -16.15 34.77
CA LEU K 104 -34.41 -15.37 34.91
C LEU K 104 -33.34 -15.74 33.88
N TYR K 105 -33.63 -16.66 32.96
CA TYR K 105 -32.65 -17.05 31.96
C TYR K 105 -33.14 -16.95 30.52
N TYR K 106 -34.40 -16.64 30.29
CA TYR K 106 -34.91 -16.47 28.94
C TYR K 106 -36.24 -15.75 29.02
N ASP K 107 -36.65 -15.16 27.90
CA ASP K 107 -37.91 -14.44 27.86
C ASP K 107 -39.04 -15.45 27.79
N SER K 108 -39.90 -15.44 28.80
CA SER K 108 -41.04 -16.33 28.84
C SER K 108 -42.36 -15.59 28.86
N SER K 109 -42.33 -14.25 28.78
CA SER K 109 -43.55 -13.48 28.90
C SER K 109 -44.53 -13.79 27.78
N GLY K 110 -44.03 -14.20 26.63
CA GLY K 110 -44.88 -14.46 25.49
C GLY K 110 -45.53 -15.83 25.50
N TYR K 111 -45.67 -16.44 26.66
CA TYR K 111 -46.36 -17.72 26.72
C TYR K 111 -47.75 -17.51 27.30
N PRO K 112 -48.78 -17.39 26.48
CA PRO K 112 -50.10 -17.03 27.00
C PRO K 112 -50.77 -18.16 27.74
N ASN K 113 -50.28 -18.46 28.94
CA ASN K 113 -50.84 -19.51 29.78
C ASN K 113 -51.44 -18.84 31.01
N PHE K 114 -52.76 -18.85 31.09
CA PHE K 114 -53.48 -18.15 32.16
C PHE K 114 -54.41 -19.15 32.83
N ASP K 115 -53.90 -19.80 33.88
CA ASP K 115 -54.62 -20.87 34.54
C ASP K 115 -55.48 -20.39 35.70
N TYR K 116 -55.18 -19.23 36.27
CA TYR K 116 -55.94 -18.72 37.40
C TYR K 116 -56.30 -17.27 37.15
N TRP K 117 -57.58 -16.95 37.32
CA TRP K 117 -58.09 -15.62 37.03
C TRP K 117 -58.88 -15.13 38.23
N GLY K 118 -58.93 -13.82 38.39
CA GLY K 118 -59.75 -13.23 39.42
C GLY K 118 -61.21 -13.21 39.01
N GLN K 119 -62.05 -12.77 39.96
CA GLN K 119 -63.47 -12.72 39.70
C GLN K 119 -63.85 -11.59 38.78
N GLY K 120 -62.94 -10.66 38.52
CA GLY K 120 -63.19 -9.59 37.57
C GLY K 120 -63.86 -8.40 38.22
N THR K 121 -64.02 -7.34 37.44
CA THR K 121 -64.71 -6.16 37.95
C THR K 121 -65.31 -5.38 36.80
N LEU K 122 -66.38 -4.66 37.10
CA LEU K 122 -67.09 -3.83 36.14
C LEU K 122 -66.61 -2.39 36.23
N VAL K 123 -66.36 -1.78 35.07
CA VAL K 123 -66.01 -0.36 34.99
C VAL K 123 -66.96 0.30 34.01
N THR K 124 -67.66 1.33 34.46
CA THR K 124 -68.63 2.04 33.64
C THR K 124 -68.34 3.54 33.64
N VAL K 125 -68.58 4.17 32.49
CA VAL K 125 -68.36 5.61 32.30
C VAL K 125 -69.70 6.23 31.93
N SER K 126 -70.05 7.32 32.63
CA SER K 126 -71.30 8.03 32.35
C SER K 126 -71.06 9.19 31.40
N GLN L 1 -51.96 -6.13 11.83
CA GLN L 1 -51.91 -6.25 13.28
C GLN L 1 -53.30 -6.25 13.88
N SER L 2 -54.22 -6.92 13.20
CA SER L 2 -55.60 -7.03 13.64
C SER L 2 -55.79 -8.33 14.41
N ALA L 3 -57.02 -8.57 14.86
CA ALA L 3 -57.33 -9.78 15.58
C ALA L 3 -57.38 -10.97 14.64
N LEU L 4 -57.42 -12.16 15.23
CA LEU L 4 -57.51 -13.38 14.43
C LEU L 4 -58.94 -13.61 13.97
N THR L 5 -59.08 -14.11 12.74
CA THR L 5 -60.40 -14.35 12.17
C THR L 5 -61.03 -15.60 12.78
N GLN L 6 -62.27 -15.45 13.24
CA GLN L 6 -63.01 -16.54 13.86
C GLN L 6 -64.43 -16.60 13.31
N PRO L 7 -65.05 -17.79 13.37
CA PRO L 7 -66.49 -17.87 13.08
C PRO L 7 -67.31 -17.17 14.14
N ALA L 8 -68.53 -16.80 13.76
CA ALA L 8 -69.46 -16.21 14.72
C ALA L 8 -69.96 -17.25 15.71
N SER L 9 -70.46 -18.37 15.21
CA SER L 9 -71.03 -19.42 16.05
C SER L 9 -70.95 -20.74 15.32
N VAL L 10 -71.05 -21.82 16.08
CA VAL L 10 -71.11 -23.16 15.55
C VAL L 10 -72.25 -23.90 16.24
N SER L 11 -72.69 -24.99 15.61
CA SER L 11 -73.79 -25.80 16.11
C SER L 11 -73.42 -27.26 15.89
N GLY L 12 -74.23 -28.15 16.46
CA GLY L 12 -73.95 -29.57 16.33
C GLY L 12 -74.90 -30.45 17.11
N SER L 13 -75.23 -31.59 16.52
CA SER L 13 -76.09 -32.54 17.19
C SER L 13 -75.32 -33.21 18.34
N PRO L 14 -76.03 -33.68 19.37
CA PRO L 14 -75.36 -34.39 20.47
C PRO L 14 -74.52 -35.55 19.92
N GLY L 15 -73.29 -35.64 20.40
CA GLY L 15 -72.32 -36.61 19.94
C GLY L 15 -71.45 -36.14 18.79
N GLN L 16 -71.89 -35.13 18.05
CA GLN L 16 -71.21 -34.74 16.83
C GLN L 16 -69.88 -34.07 17.14
N SER L 17 -68.86 -34.42 16.36
CA SER L 17 -67.56 -33.76 16.46
C SER L 17 -67.57 -32.44 15.72
N ILE L 18 -67.00 -31.42 16.35
CA ILE L 18 -67.01 -30.05 15.83
C ILE L 18 -65.57 -29.58 15.67
N THR L 19 -65.31 -28.89 14.58
CA THR L 19 -63.99 -28.30 14.32
C THR L 19 -64.14 -26.80 14.24
N ILE L 20 -63.28 -26.09 14.98
CA ILE L 20 -63.24 -24.64 14.97
C ILE L 20 -61.87 -24.19 14.49
N SER L 21 -61.86 -23.24 13.56
CA SER L 21 -60.64 -22.78 12.92
C SER L 21 -60.36 -21.32 13.28
N CYS L 22 -59.08 -20.99 13.37
CA CYS L 22 -58.61 -19.63 13.59
C CYS L 22 -57.54 -19.35 12.55
N THR L 23 -57.67 -18.21 11.87
CA THR L 23 -56.74 -17.84 10.81
C THR L 23 -56.11 -16.49 11.12
N GLY L 24 -54.79 -16.43 11.02
CA GLY L 24 -54.05 -15.22 11.29
C GLY L 24 -53.04 -14.98 10.19
N THR L 25 -52.03 -14.19 10.47
CA THR L 25 -50.92 -13.97 9.54
C THR L 25 -49.71 -14.77 9.99
N SER L 26 -48.95 -15.26 9.01
CA SER L 26 -47.85 -16.16 9.33
C SER L 26 -46.95 -15.59 10.40
N SER L 27 -46.96 -14.27 10.59
CA SER L 27 -46.12 -13.67 11.62
C SER L 27 -46.53 -14.10 13.01
N ASP L 28 -47.76 -14.58 13.19
CA ASP L 28 -48.25 -14.96 14.50
C ASP L 28 -48.12 -16.47 14.75
N VAL L 29 -48.75 -17.28 13.90
CA VAL L 29 -48.83 -18.71 14.16
C VAL L 29 -47.92 -19.53 13.27
N GLY L 30 -47.55 -19.03 12.10
CA GLY L 30 -46.60 -19.74 11.28
C GLY L 30 -45.20 -19.69 11.85
N SER L 31 -44.91 -18.66 12.63
CA SER L 31 -43.57 -18.47 13.16
C SER L 31 -43.32 -19.32 14.39
N TYR L 32 -44.26 -19.32 15.33
CA TYR L 32 -44.05 -19.96 16.62
C TYR L 32 -45.14 -20.99 16.87
N ASN L 33 -45.04 -21.67 18.01
CA ASN L 33 -46.01 -22.67 18.42
C ASN L 33 -46.76 -22.23 19.67
N LEU L 34 -46.76 -20.94 19.98
CA LEU L 34 -47.38 -20.43 21.20
C LEU L 34 -48.85 -20.11 20.89
N VAL L 35 -49.67 -21.15 20.90
CA VAL L 35 -51.10 -21.04 20.61
C VAL L 35 -51.87 -21.65 21.78
N SER L 36 -52.99 -21.02 22.13
CA SER L 36 -53.83 -21.52 23.20
C SER L 36 -55.28 -21.23 22.88
N TRP L 37 -56.16 -22.09 23.41
CA TRP L 37 -57.60 -21.94 23.29
C TRP L 37 -58.20 -21.71 24.66
N TYR L 38 -59.22 -20.86 24.71
CA TYR L 38 -59.94 -20.64 25.95
C TYR L 38 -61.43 -20.76 25.70
N GLN L 39 -62.13 -21.21 26.71
CA GLN L 39 -63.59 -21.24 26.71
C GLN L 39 -64.07 -20.50 27.95
N GLN L 40 -65.19 -19.80 27.78
CA GLN L 40 -65.73 -18.99 28.87
C GLN L 40 -67.24 -19.17 28.91
N HIS L 41 -67.76 -19.48 30.08
CA HIS L 41 -69.20 -19.57 30.25
C HIS L 41 -69.76 -18.22 30.63
N PRO L 42 -70.88 -17.82 30.02
CA PRO L 42 -71.45 -16.50 30.30
C PRO L 42 -71.59 -16.27 31.80
N GLY L 43 -71.08 -15.12 32.27
CA GLY L 43 -71.11 -14.76 33.66
C GLY L 43 -70.00 -15.34 34.50
N LYS L 44 -69.08 -16.09 33.90
CA LYS L 44 -67.95 -16.66 34.62
C LYS L 44 -66.64 -16.29 33.95
N ALA L 45 -65.57 -16.29 34.75
CA ALA L 45 -64.25 -16.09 34.21
C ALA L 45 -63.90 -17.22 33.25
N PRO L 46 -63.01 -16.98 32.29
CA PRO L 46 -62.67 -18.02 31.33
C PRO L 46 -61.82 -19.13 31.94
N LYS L 47 -61.80 -20.27 31.24
CA LYS L 47 -60.96 -21.40 31.59
C LYS L 47 -60.05 -21.75 30.42
N LEU L 48 -58.80 -22.08 30.73
CA LEU L 48 -57.85 -22.52 29.71
C LEU L 48 -58.19 -23.93 29.23
N MET L 49 -58.14 -24.13 27.92
CA MET L 49 -58.47 -25.42 27.34
C MET L 49 -57.33 -26.11 26.61
N ILE L 50 -56.39 -25.38 26.02
CA ILE L 50 -55.38 -26.01 25.16
C ILE L 50 -54.01 -25.39 25.39
N TYR L 51 -53.00 -26.24 25.43
CA TYR L 51 -51.61 -25.84 25.31
C TYR L 51 -51.09 -26.25 23.93
N GLU L 52 -50.25 -25.39 23.34
CA GLU L 52 -49.47 -25.80 22.17
C GLU L 52 -50.29 -26.65 21.23
N VAL L 53 -51.22 -26.04 20.50
CA VAL L 53 -52.47 -26.64 20.04
C VAL L 53 -52.61 -28.12 20.37
N SER L 54 -51.58 -28.92 20.14
CA SER L 54 -51.74 -30.36 20.26
C SER L 54 -51.38 -30.89 21.65
N LYS L 55 -51.14 -30.00 22.61
CA LYS L 55 -50.83 -30.39 23.98
C LYS L 55 -52.02 -30.12 24.88
N ARG L 56 -52.34 -31.09 25.72
CA ARG L 56 -53.43 -30.95 26.68
C ARG L 56 -52.93 -30.31 27.96
N PRO L 57 -53.63 -29.33 28.51
CA PRO L 57 -53.31 -28.83 29.85
C PRO L 57 -53.79 -29.80 30.92
N SER L 58 -53.38 -29.53 32.15
CA SER L 58 -53.82 -30.33 33.28
C SER L 58 -55.29 -30.01 33.61
N GLY L 59 -55.98 -31.01 34.15
CA GLY L 59 -57.36 -30.82 34.53
C GLY L 59 -58.34 -30.81 33.39
N VAL L 60 -57.98 -31.40 32.25
CA VAL L 60 -58.81 -31.42 31.06
C VAL L 60 -59.07 -32.88 30.67
N SER L 61 -60.33 -33.21 30.41
CA SER L 61 -60.68 -34.55 30.01
C SER L 61 -60.21 -34.84 28.58
N ASN L 62 -60.21 -36.12 28.22
CA ASN L 62 -59.69 -36.57 26.93
C ASN L 62 -60.75 -36.44 25.83
N ARG L 63 -61.22 -35.22 25.64
CA ARG L 63 -62.24 -34.93 24.65
C ARG L 63 -61.82 -33.88 23.63
N PHE L 64 -60.69 -33.21 23.86
CA PHE L 64 -60.27 -32.08 23.04
C PHE L 64 -58.95 -32.42 22.38
N SER L 65 -58.88 -32.18 21.08
CA SER L 65 -57.63 -32.32 20.36
C SER L 65 -57.49 -31.16 19.39
N GLY L 66 -56.44 -31.16 18.58
CA GLY L 66 -56.28 -30.09 17.62
C GLY L 66 -54.96 -30.22 16.91
N SER L 67 -54.77 -29.31 15.96
CA SER L 67 -53.52 -29.26 15.22
C SER L 67 -53.40 -27.92 14.54
N LYS L 68 -52.21 -27.66 14.02
CA LYS L 68 -51.90 -26.46 13.27
C LYS L 68 -51.28 -26.84 11.93
N SER L 69 -51.42 -25.96 10.96
CA SER L 69 -50.82 -26.18 9.64
C SER L 69 -50.69 -24.83 8.95
N GLY L 70 -49.47 -24.45 8.61
CA GLY L 70 -49.24 -23.20 7.92
C GLY L 70 -49.59 -21.99 8.77
N ASN L 71 -50.60 -21.24 8.33
CA ASN L 71 -51.01 -20.01 8.99
C ASN L 71 -52.33 -20.16 9.73
N THR L 72 -52.78 -21.40 9.98
CA THR L 72 -54.03 -21.58 10.69
C THR L 72 -53.89 -22.75 11.68
N ALA L 73 -54.84 -22.82 12.60
CA ALA L 73 -54.89 -23.90 13.57
C ALA L 73 -56.35 -24.12 13.93
N SER L 74 -56.64 -25.27 14.54
CA SER L 74 -58.02 -25.59 14.86
C SER L 74 -58.09 -26.52 16.06
N LEU L 75 -59.28 -26.53 16.66
CA LEU L 75 -59.61 -27.37 17.81
C LEU L 75 -60.76 -28.31 17.45
N THR L 76 -60.63 -29.57 17.87
CA THR L 76 -61.63 -30.61 17.63
C THR L 76 -62.18 -31.12 18.95
N ILE L 77 -63.51 -31.17 19.06
CA ILE L 77 -64.17 -31.63 20.29
C ILE L 77 -65.03 -32.83 19.96
N SER L 78 -64.73 -33.97 20.58
CA SER L 78 -65.50 -35.18 20.38
C SER L 78 -66.48 -35.38 21.53
N GLY L 79 -67.58 -36.07 21.22
CA GLY L 79 -68.58 -36.34 22.23
C GLY L 79 -69.26 -35.08 22.73
N LEU L 80 -69.92 -34.36 21.83
CA LEU L 80 -70.52 -33.08 22.17
C LEU L 80 -71.69 -33.27 23.14
N GLN L 81 -71.67 -32.51 24.22
CA GLN L 81 -72.70 -32.55 25.25
C GLN L 81 -73.17 -31.13 25.56
N ALA L 82 -74.14 -31.03 26.46
CA ALA L 82 -74.65 -29.72 26.84
C ALA L 82 -73.59 -28.91 27.58
N GLU L 83 -72.68 -29.60 28.29
CA GLU L 83 -71.64 -28.92 29.05
C GLU L 83 -70.71 -28.09 28.17
N ASP L 84 -70.58 -28.43 26.89
CA ASP L 84 -69.65 -27.69 26.04
C ASP L 84 -70.25 -26.40 25.51
N GLU L 85 -71.45 -26.06 25.97
CA GLU L 85 -72.09 -24.80 25.60
C GLU L 85 -71.31 -23.66 26.24
N ALA L 86 -70.47 -23.01 25.45
CA ALA L 86 -69.56 -22.00 25.96
C ALA L 86 -69.09 -21.13 24.80
N ASP L 87 -68.50 -20.00 25.15
CA ASP L 87 -67.79 -19.19 24.18
C ASP L 87 -66.35 -19.68 24.08
N TYR L 88 -65.77 -19.54 22.89
CA TYR L 88 -64.41 -20.00 22.64
C TYR L 88 -63.58 -18.88 22.06
N TYR L 89 -62.33 -18.79 22.50
CA TYR L 89 -61.39 -17.81 21.96
C TYR L 89 -60.07 -18.47 21.65
N CYS L 90 -59.43 -17.98 20.58
CA CYS L 90 -58.05 -18.26 20.26
C CYS L 90 -57.18 -17.10 20.72
N CYS L 91 -55.93 -17.42 21.03
CA CYS L 91 -54.95 -16.38 21.29
C CYS L 91 -53.56 -16.94 21.02
N SER L 92 -52.66 -16.06 20.60
CA SER L 92 -51.34 -16.53 20.24
C SER L 92 -50.31 -15.43 20.43
N TYR L 93 -49.05 -15.85 20.48
CA TYR L 93 -47.95 -14.91 20.64
C TYR L 93 -47.71 -14.18 19.33
N ALA L 94 -47.54 -12.87 19.43
CA ALA L 94 -47.32 -12.05 18.24
C ALA L 94 -45.86 -11.74 17.98
N GLY L 95 -44.99 -11.94 18.97
CA GLY L 95 -43.65 -11.42 18.85
C GLY L 95 -43.61 -10.04 19.46
N SER L 96 -42.42 -9.55 19.79
CA SER L 96 -42.26 -8.23 20.37
C SER L 96 -43.03 -8.11 21.69
N SER L 97 -43.08 -9.21 22.43
CA SER L 97 -43.75 -9.24 23.73
C SER L 97 -45.21 -8.81 23.64
N THR L 98 -45.87 -9.19 22.55
CA THR L 98 -47.29 -8.93 22.40
C THR L 98 -48.03 -10.22 22.13
N VAL L 99 -49.34 -10.21 22.41
CA VAL L 99 -50.19 -11.39 22.31
C VAL L 99 -51.47 -10.98 21.61
N ILE L 100 -51.93 -11.80 20.66
CA ILE L 100 -53.19 -11.53 19.98
C ILE L 100 -54.25 -12.44 20.57
N PHE L 101 -55.42 -11.87 20.81
CA PHE L 101 -56.62 -12.62 21.14
C PHE L 101 -57.63 -12.46 20.01
N GLY L 102 -58.25 -13.56 19.62
CA GLY L 102 -59.13 -13.57 18.47
C GLY L 102 -60.49 -12.97 18.81
N GLY L 103 -61.34 -12.91 17.78
CA GLY L 103 -62.68 -12.37 17.98
C GLY L 103 -63.55 -13.28 18.82
N GLY L 104 -63.44 -14.59 18.60
CA GLY L 104 -64.21 -15.55 19.36
C GLY L 104 -65.35 -16.14 18.55
N THR L 105 -65.87 -17.26 19.05
CA THR L 105 -67.00 -17.92 18.40
C THR L 105 -67.87 -18.57 19.45
N LYS L 106 -69.17 -18.54 19.21
CA LYS L 106 -70.18 -19.03 20.14
C LYS L 106 -70.59 -20.44 19.74
N LEU L 107 -70.63 -21.34 20.71
CA LEU L 107 -71.11 -22.69 20.48
C LEU L 107 -72.56 -22.81 20.90
N THR L 108 -73.36 -23.43 20.04
CA THR L 108 -74.75 -23.74 20.34
C THR L 108 -74.91 -25.26 20.40
N VAL L 109 -75.96 -25.71 21.07
CA VAL L 109 -76.26 -27.13 21.16
C VAL L 109 -77.66 -27.37 20.62
N LEU L 110 -77.88 -28.59 20.16
CA LEU L 110 -79.17 -28.99 19.61
C LEU L 110 -79.85 -29.95 20.59
C1 NAG M . 8.28 29.00 27.48
C2 NAG M . 8.95 28.87 28.85
C3 NAG M . 8.00 28.26 29.87
C4 NAG M . 6.65 28.98 29.86
C5 NAG M . 6.12 29.11 28.45
C6 NAG M . 4.91 30.00 28.38
C7 NAG M . 11.31 28.53 28.32
C8 NAG M . 12.45 27.58 28.39
N2 NAG M . 10.14 28.07 28.78
O3 NAG M . 8.56 28.35 31.16
O4 NAG M . 5.73 28.13 30.54
O5 NAG M . 7.10 29.72 27.60
O6 NAG M . 4.93 30.93 29.46
O7 NAG M . 11.42 29.66 27.86
C1 NAG M . 5.32 28.60 31.75
C2 NAG M . 4.30 27.72 32.42
C3 NAG M . 3.81 28.38 33.69
C4 NAG M . 4.98 28.75 34.59
C5 NAG M . 6.08 29.47 33.80
C6 NAG M . 7.37 29.61 34.59
C7 NAG M . 2.70 26.22 31.33
C8 NAG M . 1.58 26.10 30.33
N2 NAG M . 3.19 27.44 31.52
O3 NAG M . 2.93 27.49 34.37
O4 NAG M . 4.53 29.64 35.61
O5 NAG M . 6.40 28.76 32.61
O6 NAG M . 8.28 28.56 34.28
O7 NAG M . 3.12 25.23 31.94
C1 NAG N . 37.90 22.71 20.44
C2 NAG N . 38.53 21.94 21.59
C3 NAG N . 38.58 22.79 22.84
C4 NAG N . 39.23 24.13 22.55
C5 NAG N . 38.54 24.77 21.34
C6 NAG N . 39.19 26.06 20.90
C7 NAG N . 36.51 20.60 22.06
C8 NAG N . 35.96 19.22 22.23
N2 NAG N . 37.82 20.69 21.83
O3 NAG N . 39.31 22.10 23.84
O4 NAG N . 39.13 24.99 23.66
O5 NAG N . 38.61 23.88 20.22
O6 NAG N . 40.56 26.09 21.29
O7 NAG N . 35.78 21.59 22.13
C1 NAG N . 40.35 24.95 24.29
C2 NAG N . 40.29 26.26 25.04
C3 NAG N . 41.33 26.27 26.14
C4 NAG N . 41.11 25.09 27.06
C5 NAG N . 41.10 23.79 26.25
C6 NAG N . 40.74 22.58 27.06
C7 NAG N . 39.76 28.50 24.20
C8 NAG N . 38.80 28.61 25.33
N2 NAG N . 40.49 27.38 24.14
O3 NAG N . 41.26 27.50 26.86
O4 NAG N . 42.17 25.02 28.02
O5 NAG N . 40.15 23.87 25.19
O6 NAG N . 40.15 21.58 26.25
O7 NAG N . 39.88 29.39 23.36
C1 BMA N . 41.54 25.48 29.16
C2 BMA N . 42.12 24.66 30.30
C3 BMA N . 42.23 25.50 31.54
C4 BMA N . 42.90 26.83 31.22
C5 BMA N . 42.16 27.52 30.10
C6 BMA N . 42.77 28.83 29.72
O2 BMA N . 43.43 24.25 29.99
O3 BMA N . 42.99 24.82 32.51
O4 BMA N . 42.86 27.68 32.35
O5 BMA N . 42.26 26.67 28.98
O6 BMA N . 43.83 29.08 30.62
C1 MAN N . 42.85 24.97 33.87
C2 MAN N . 44.12 24.61 34.65
C3 MAN N . 44.35 23.11 34.59
C4 MAN N . 43.09 22.35 34.93
C5 MAN N . 41.98 22.76 33.97
C6 MAN N . 40.68 22.07 34.25
O2 MAN N . 43.99 24.92 36.03
O3 MAN N . 45.39 22.72 35.46
O4 MAN N . 43.32 20.97 34.80
O5 MAN N . 41.76 24.15 34.14
O6 MAN N . 39.86 22.97 35.02
C1 MAN N . 45.14 25.66 36.16
C2 MAN N . 45.98 26.09 37.40
C3 MAN N . 45.17 27.01 38.32
C4 MAN N . 44.40 28.06 37.52
C5 MAN N . 43.54 27.36 36.50
C6 MAN N . 42.68 28.31 35.74
O2 MAN N . 47.12 26.86 37.04
O3 MAN N . 46.00 27.65 39.26
O4 MAN N . 43.57 28.79 38.36
O5 MAN N . 44.41 26.71 35.60
O6 MAN N . 41.84 28.93 36.69
C1 BMA N . 44.84 29.63 29.85
C2 BMA N . 45.94 28.59 30.12
C3 BMA N . 47.35 29.16 29.83
C4 BMA N . 47.38 29.98 28.54
C5 BMA N . 46.28 31.01 28.66
C6 BMA N . 46.25 32.09 27.60
O2 BMA N . 45.75 27.47 29.27
O3 BMA N . 48.34 28.14 29.79
O4 BMA N . 48.63 30.63 28.39
O5 BMA N . 45.04 30.32 28.65
O6 BMA N . 45.92 33.30 28.28
C1 MAN N . 46.44 33.83 29.43
C2 MAN N . 46.10 33.75 30.94
C3 MAN N . 45.22 34.91 31.34
C4 MAN N . 45.88 36.23 30.94
C5 MAN N . 46.13 36.23 29.43
C6 MAN N . 46.83 37.47 28.95
O2 MAN N . 47.27 33.85 31.75
O3 MAN N . 44.93 34.88 32.72
O4 MAN N . 45.04 37.32 31.24
O5 MAN N . 46.96 35.09 29.09
O6 MAN N . 46.71 38.46 29.97
C1 NAG O . 22.56 17.08 31.23
C2 NAG O . 23.26 16.84 32.52
C3 NAG O . 22.90 15.54 33.13
C4 NAG O . 21.49 15.58 33.50
C5 NAG O . 20.85 15.84 32.20
C6 NAG O . 19.38 15.69 32.32
C7 NAG O . 25.44 17.12 33.05
C8 NAG O . 26.78 17.40 32.50
N2 NAG O . 24.60 16.61 32.22
O3 NAG O . 23.48 15.54 34.39
O4 NAG O . 20.94 14.38 34.03
O5 NAG O . 21.25 17.07 31.65
O6 NAG O . 19.05 16.49 33.43
O7 NAG O . 25.12 17.38 34.18
C1 NAG O . 20.48 14.46 35.40
C2 NAG O . 19.18 13.71 35.70
C3 NAG O . 18.68 13.99 37.12
C4 NAG O . 19.66 13.39 38.07
C5 NAG O . 20.91 14.13 37.66
C6 NAG O . 21.92 13.83 38.70
C7 NAG O . 17.04 13.37 34.68
C8 NAG O . 15.99 13.85 33.72
N2 NAG O . 18.17 14.06 34.75
O3 NAG O . 17.39 13.49 37.45
O4 NAG O . 19.40 13.66 39.44
O5 NAG O . 21.36 13.90 36.34
O6 NAG O . 21.34 14.54 39.79
O7 NAG O . 16.89 12.39 35.41
C1 BMA O . 18.70 12.62 40.18
C2 BMA O . 19.57 11.67 40.95
C3 BMA O . 18.73 10.58 41.59
C4 BMA O . 17.72 11.23 42.49
C5 BMA O . 16.90 12.20 41.68
C6 BMA O . 16.10 12.97 42.68
O2 BMA O . 20.12 12.45 42.01
O3 BMA O . 19.45 9.66 42.41
O4 BMA O . 16.92 10.14 42.98
O5 BMA O . 17.75 13.15 41.09
O6 BMA O . 17.04 13.58 43.55
C1 NAG O . 15.99 9.37 42.15
C2 NAG O . 14.53 9.72 42.35
C3 NAG O . 13.64 8.67 41.74
C4 NAG O . 13.97 8.45 40.27
C5 NAG O . 15.42 8.12 40.11
C6 NAG O . 15.75 8.05 38.63
C7 NAG O . 14.02 8.85 44.63
C8 NAG O . 13.32 9.15 45.91
N2 NAG O . 14.14 9.85 43.75
O3 NAG O . 12.36 9.26 41.85
O4 NAG O . 13.29 7.29 39.79
O5 NAG O . 16.20 9.14 40.73
O6 NAG O . 17.09 7.57 38.44
O7 NAG O . 14.47 7.76 44.42
C1 NAG P . 28.80 14.68 27.58
C2 NAG P . 29.61 13.77 26.71
C3 NAG P . 30.84 13.34 27.40
C4 NAG P . 31.55 14.59 27.74
C5 NAG P . 30.73 15.50 28.57
C6 NAG P . 31.37 16.85 28.35
C7 NAG P . 28.07 11.96 26.71
C8 NAG P . 27.11 11.16 25.90
N2 NAG P . 28.85 12.76 26.05
O3 NAG P . 31.68 12.76 26.45
O4 NAG P . 32.37 14.08 28.74
O5 NAG P . 29.58 15.77 27.88
O6 NAG P . 31.57 17.13 26.95
O7 NAG P . 28.16 11.86 27.90
C1 NAG P . 33.69 14.16 28.27
C2 NAG P . 34.77 14.28 29.34
C3 NAG P . 36.03 14.76 28.66
C4 NAG P . 36.38 13.64 27.70
C5 NAG P . 35.25 13.52 26.68
C6 NAG P . 35.47 12.35 25.74
C7 NAG P . 34.12 13.93 31.66
C8 NAG P . 33.36 14.51 32.80
N2 NAG P . 34.41 14.78 30.66
O3 NAG P . 37.06 15.13 29.56
O4 NAG P . 37.68 13.80 27.14
O5 NAG P . 34.08 13.14 27.38
O6 NAG P . 35.62 11.19 26.55
O7 NAG P . 34.42 12.75 31.65
C1 BMA P . 38.46 12.59 27.39
C2 BMA P . 39.93 12.79 27.52
C3 BMA P . 40.55 11.42 27.34
C4 BMA P . 40.11 10.51 28.47
C5 BMA P . 38.62 10.44 28.29
C6 BMA P . 37.99 9.51 29.30
O2 BMA P . 40.25 13.11 28.88
O3 BMA P . 41.95 11.48 27.04
O4 BMA P . 40.51 9.22 28.12
O5 BMA P . 38.06 11.73 28.44
O6 BMA P . 38.68 8.26 29.39
C1 NAG Q . 6.35 29.32 0.76
C2 NAG Q . 7.20 30.11 1.69
C3 NAG Q . 7.52 31.39 1.07
C4 NAG Q . 8.15 31.11 -0.26
C5 NAG Q . 7.24 30.25 -1.12
C6 NAG Q . 8.02 29.69 -2.30
C7 NAG Q . 5.52 30.40 3.52
C8 NAG Q . 4.67 31.09 2.52
N2 NAG Q . 6.75 30.26 3.09
O3 NAG Q . 8.54 31.82 1.98
O4 NAG Q . 8.13 32.41 -0.85
O5 NAG Q . 6.94 29.09 -0.42
O6 NAG Q . 7.51 28.48 -2.88
O7 NAG Q . 5.14 30.01 4.61
C1 NAG Q . 9.35 33.14 -0.71
C2 NAG Q . 9.62 34.20 -1.71
C3 NAG Q . 11.11 34.37 -1.78
C4 NAG Q . 11.62 34.66 -0.39
C5 NAG Q . 11.23 33.53 0.59
C6 NAG Q . 11.64 33.86 2.02
C7 NAG Q . 9.76 32.71 -3.48
C8 NAG Q . 9.83 32.71 -4.97
N2 NAG Q . 9.11 33.73 -2.96
O3 NAG Q . 11.51 35.49 -2.58
O4 NAG Q . 13.03 34.74 -0.57
O5 NAG Q . 9.82 33.41 0.59
O6 NAG Q . 11.03 32.95 2.90
O7 NAG Q . 10.25 31.86 -2.77
C1 NAG R . 50.55 26.76 6.81
C2 NAG R . 49.64 27.87 6.28
C3 NAG R . 50.51 28.77 5.42
C4 NAG R . 51.65 29.27 6.31
C5 NAG R . 52.42 28.08 6.83
C6 NAG R . 53.65 28.58 7.54
C7 NAG R . 47.90 28.05 4.57
C8 NAG R . 46.41 28.11 4.75
N2 NAG R . 48.55 27.34 5.49
O3 NAG R . 49.82 29.91 4.90
O4 NAG R . 52.60 30.18 5.73
O5 NAG R . 51.59 27.27 7.59
O6 NAG R . 54.42 29.03 6.43
O7 NAG R . 48.50 28.62 3.68
C1 NAG R . 52.12 31.54 5.89
C2 NAG R . 53.18 32.49 5.38
C3 NAG R . 52.62 33.90 5.37
C4 NAG R . 51.37 33.95 4.54
C5 NAG R . 50.36 32.94 5.08
C6 NAG R . 49.10 32.73 4.26
C7 NAG R . 53.91 32.59 7.61
C8 NAG R . 54.88 32.16 8.65
N2 NAG R . 54.23 32.42 6.34
O3 NAG R . 53.57 34.82 4.84
O4 NAG R . 50.98 35.31 4.69
O5 NAG R . 50.96 31.68 5.09
O6 NAG R . 49.41 32.13 3.00
O7 NAG R . 52.88 33.12 7.93
C1 BMA R . 50.51 35.81 3.44
C2 BMA R . 49.44 36.86 3.69
C3 BMA R . 48.82 37.20 2.36
C4 BMA R . 49.93 37.67 1.45
C5 BMA R . 50.99 36.59 1.28
C6 BMA R . 52.05 37.02 0.27
O2 BMA R . 49.98 38.03 4.30
O3 BMA R . 47.96 38.30 2.62
O4 BMA R . 49.41 38.02 0.17
O5 BMA R . 51.51 36.29 2.57
O6 BMA R . 53.20 36.17 0.23
C1 NAG S . 43.83 9.82 -18.55
C2 NAG S . 43.58 11.27 -18.69
C3 NAG S . 42.98 11.53 -20.02
C4 NAG S . 43.93 11.07 -21.09
C5 NAG S . 44.15 9.61 -20.82
C6 NAG S . 45.04 8.99 -21.84
C7 NAG S . 42.73 12.54 -16.89
C8 NAG S . 41.58 13.48 -16.82
N2 NAG S . 42.55 11.61 -17.77
O3 NAG S . 42.74 12.93 -20.04
O4 NAG S . 43.33 11.17 -22.40
O5 NAG S . 44.71 9.40 -19.53
O6 NAG S . 45.35 7.67 -21.41
O7 NAG S . 43.75 12.56 -16.25
C1 NAG S . 43.48 12.44 -23.12
C2 NAG S . 44.73 12.48 -24.02
C3 NAG S . 44.77 13.76 -24.85
C4 NAG S . 43.51 13.81 -25.67
C5 NAG S . 42.30 13.76 -24.77
C6 NAG S . 41.10 13.81 -25.70
C7 NAG S . 47.07 12.00 -24.14
C8 NAG S . 48.43 11.99 -23.54
N2 NAG S . 46.03 12.35 -23.37
O3 NAG S . 45.87 13.85 -25.76
O4 NAG S . 43.40 14.94 -26.55
O5 NAG S . 42.33 12.55 -23.99
O6 NAG S . 41.33 14.69 -26.82
O7 NAG S . 46.91 11.72 -25.31
C1 NAG T . -19.18 35.13 -7.93
C2 NAG T . -18.74 36.29 -8.81
C3 NAG T . -17.65 37.10 -8.14
C4 NAG T . -18.03 37.49 -6.72
C5 NAG T . -18.53 36.26 -5.96
C6 NAG T . -19.12 36.64 -4.64
C7 NAG T . -19.07 35.45 -11.08
C8 NAG T . -18.40 35.07 -12.36
N2 NAG T . -18.27 35.82 -10.10
O3 NAG T . -17.41 38.29 -8.89
O4 NAG T . -16.84 37.89 -6.06
O5 NAG T . -19.56 35.61 -6.68
O6 NAG T . -19.63 37.96 -4.68
O7 NAG T . -20.28 35.42 -10.95
C1 NAG T . -16.78 39.23 -5.77
C2 NAG T . -15.55 39.63 -5.02
C3 NAG T . -15.64 41.09 -4.64
C4 NAG T . -15.92 41.94 -5.87
C5 NAG T . -17.06 41.37 -6.70
C6 NAG T . -17.18 42.03 -8.06
C7 NAG T . -14.21 38.22 -3.52
C8 NAG T . -14.22 37.36 -2.30
N2 NAG T . -15.38 38.79 -3.85
O3 NAG T . -14.42 41.49 -4.03
O4 NAG T . -16.31 43.26 -5.46
O5 NAG T . -16.88 39.98 -6.94
O6 NAG T . -16.49 41.28 -9.06
O7 NAG T . -13.19 38.41 -4.18
C1 NAG U . -21.66 23.56 -36.68
C2 NAG U . -20.68 24.29 -37.59
C3 NAG U . -21.06 25.75 -37.70
C4 NAG U . -22.52 25.90 -38.09
C5 NAG U . -23.39 25.07 -37.13
C6 NAG U . -24.84 25.06 -37.50
C7 NAG U . -18.90 24.43 -35.90
C8 NAG U . -17.46 24.15 -35.61
N2 NAG U . -19.31 24.14 -37.13
O3 NAG U . -20.23 26.37 -38.68
O4 NAG U . -22.92 27.26 -38.04
O5 NAG U . -22.95 23.71 -37.16
O6 NAG U . -25.01 25.31 -38.89
O7 NAG U . -19.65 24.92 -35.05
C1 NAG U . -22.92 27.71 -39.34
C2 NAG U . -23.87 28.88 -39.19
C3 NAG U . -23.72 29.81 -40.38
C4 NAG U . -22.27 30.26 -40.49
C5 NAG U . -21.35 29.05 -40.55
C6 NAG U . -19.88 29.40 -40.51
C7 NAG U . -26.11 28.94 -38.19
C8 NAG U . -25.64 30.12 -37.42
N2 NAG U . -25.24 28.43 -39.07
O3 NAG U . -24.59 30.92 -40.23
O4 NAG U . -22.10 31.03 -41.68
O5 NAG U . -21.59 28.17 -39.44
O6 NAG U . -19.12 28.34 -39.96
O7 NAG U . -27.23 28.47 -38.04
C1 BMA U . -22.02 32.31 -41.18
C2 BMA U . -20.99 33.01 -42.04
C3 BMA U . -21.39 34.46 -42.23
C4 BMA U . -22.85 34.59 -42.62
C5 BMA U . -23.71 33.85 -41.62
C6 BMA U . -25.17 33.91 -41.95
O2 BMA U . -20.99 32.46 -43.34
O3 BMA U . -20.58 35.05 -43.22
O4 BMA U . -23.23 35.94 -42.63
O5 BMA U . -23.31 32.50 -41.66
O6 BMA U . -25.31 34.73 -43.09
C1 MAN U . -20.24 36.38 -43.27
C2 MAN U . -19.91 36.85 -44.69
C3 MAN U . -18.58 36.25 -45.15
C4 MAN U . -17.52 36.41 -44.08
C5 MAN U . -18.00 35.76 -42.79
C6 MAN U . -17.01 35.90 -41.66
O2 MAN U . -19.71 38.26 -44.74
O3 MAN U . -18.14 36.82 -46.35
O4 MAN U . -16.34 35.77 -44.49
O5 MAN U . -19.17 36.44 -42.39
O6 MAN U . -17.41 37.02 -40.85
C1 MAN U . -20.58 38.55 -45.78
C2 MAN U . -20.72 39.77 -46.71
C3 MAN U . -21.09 41.03 -45.92
C4 MAN U . -22.18 40.73 -44.89
C5 MAN U . -21.69 39.62 -44.00
C6 MAN U . -22.65 39.33 -42.89
O2 MAN U . -21.78 39.60 -47.64
O3 MAN U . -21.54 42.06 -46.79
O4 MAN U . -22.40 41.85 -44.10
O5 MAN U . -21.58 38.46 -44.81
O6 MAN U . -22.74 40.51 -42.12
C1 BMA U . -26.27 34.12 -43.86
C2 BMA U . -25.44 33.90 -45.14
C3 BMA U . -26.35 33.70 -46.38
C4 BMA U . -27.54 32.79 -46.07
C5 BMA U . -28.23 33.37 -44.86
C6 BMA U . -29.57 32.78 -44.51
O2 BMA U . -24.66 32.73 -45.00
O3 BMA U . -25.62 33.21 -47.50
O4 BMA U . -28.43 32.77 -47.18
O5 BMA U . -27.34 33.24 -43.76
O6 BMA U . -30.40 33.87 -44.11
C1 MAN U . -30.60 35.09 -44.71
C2 MAN U . -29.95 36.49 -44.63
C3 MAN U . -30.71 37.36 -43.65
C4 MAN U . -32.19 37.40 -44.04
C5 MAN U . -32.75 35.97 -44.04
C6 MAN U . -34.19 35.90 -44.45
O2 MAN U . -30.00 37.18 -45.88
O3 MAN U . -30.16 38.67 -43.60
O4 MAN U . -32.93 38.15 -43.09
O5 MAN U . -31.99 35.17 -44.97
O6 MAN U . -34.74 37.22 -44.35
C1 NAG V . -9.79 33.02 -24.29
C2 NAG V . -9.28 34.06 -25.21
C3 NAG V . -7.81 34.20 -25.16
C4 NAG V . -7.44 34.69 -23.84
C5 NAG V . -7.99 33.63 -22.97
C6 NAG V . -7.53 33.83 -21.58
C7 NAG V . -9.81 34.44 -27.38
C8 NAG V . -10.51 33.91 -28.55
N2 NAG V . -9.44 33.57 -26.51
O3 NAG V . -7.51 35.31 -25.93
O4 NAG V . -6.06 34.80 -23.57
O5 NAG V . -9.39 33.52 -23.07
O6 NAG V . -7.82 35.17 -21.30
O7 NAG V . -9.61 35.62 -27.21
C1 NAG V . -5.58 36.14 -23.32
C2 NAG V . -4.53 36.27 -22.21
C3 NAG V . -4.20 37.74 -21.90
C4 NAG V . -3.54 38.31 -23.11
C5 NAG V . -4.61 38.08 -24.14
C6 NAG V . -4.19 38.85 -25.35
C7 NAG V . -4.12 35.41 -20.02
C8 NAG V . -4.68 34.78 -18.78
N2 NAG V . -4.96 35.61 -21.03
O3 NAG V . -3.38 37.99 -20.78
O4 NAG V . -3.28 39.71 -23.03
O5 NAG V . -4.92 36.73 -24.41
O6 NAG V . -4.35 40.17 -24.84
O7 NAG V . -2.95 35.75 -20.13
C1 BMA V . -1.93 40.09 -22.61
C2 BMA V . -0.98 40.39 -23.75
C3 BMA V . 0.41 40.67 -23.19
C4 BMA V . 0.32 41.84 -22.25
C5 BMA V . -0.68 41.51 -21.17
C6 BMA V . -0.90 42.79 -20.43
O2 BMA V . -1.45 41.60 -24.32
O3 BMA V . 1.40 41.04 -24.16
O4 BMA V . 1.65 41.98 -21.70
O5 BMA V . -1.93 41.22 -21.76
O6 BMA V . -1.35 43.73 -21.39
C1 NAG V . 2.26 41.01 -20.79
C2 NAG V . 2.30 41.47 -19.35
C3 NAG V . 3.25 40.61 -18.54
C4 NAG V . 2.89 39.14 -18.67
C5 NAG V . 2.85 38.73 -20.11
C6 NAG V . 2.35 37.29 -20.21
C7 NAG V . 3.96 43.32 -19.34
C8 NAG V . 4.26 44.69 -18.81
N2 NAG V . 2.72 42.85 -19.17
O3 NAG V . 2.99 41.04 -17.22
O4 NAG V . 3.93 38.34 -18.11
O5 NAG V . 1.96 39.59 -20.81
O6 NAG V . 2.46 36.82 -21.56
O7 NAG V . 4.81 42.69 -19.92
C1 NAG W . -10.06 28.18 -30.17
C2 NAG W . -9.66 26.97 -30.97
C3 NAG W . -9.29 27.35 -32.34
C4 NAG W . -10.47 28.04 -32.89
C5 NAG W . -10.87 29.20 -32.08
C6 NAG W . -12.32 29.43 -32.46
C7 NAG W . -7.70 26.46 -29.74
C8 NAG W . -7.04 25.51 -28.79
N2 NAG W . -8.81 26.06 -30.27
O3 NAG W . -9.24 26.17 -33.10
O4 NAG W . -9.83 28.70 -33.93
O5 NAG W . -11.12 28.77 -30.81
O6 NAG W . -13.08 28.20 -32.39
O7 NAG W . -7.23 27.53 -30.03
C1 NAG W . -10.33 28.18 -35.13
C2 NAG W . -10.29 29.11 -36.32
C3 NAG W . -11.21 28.53 -37.38
C4 NAG W . -10.57 27.20 -37.74
C5 NAG W . -10.58 26.32 -36.50
C6 NAG W . -9.86 25.01 -36.74
C7 NAG W . -9.06 31.20 -36.11
C8 NAG W . -9.07 32.53 -35.47
N2 NAG W . -10.24 30.55 -36.12
O3 NAG W . -11.46 29.40 -38.47
O4 NAG W . -11.16 26.62 -38.90
O5 NAG W . -9.76 26.95 -35.53
O6 NAG W . -8.54 25.33 -37.20
O7 NAG W . -8.04 30.74 -36.59
C1 BMA W . -10.13 26.35 -39.88
C2 BMA W . -10.55 26.41 -41.31
C3 BMA W . -9.48 25.69 -42.10
C4 BMA W . -8.18 26.45 -41.98
C5 BMA W . -7.88 26.40 -40.51
C6 BMA W . -6.56 27.06 -40.20
O2 BMA W . -10.47 27.75 -41.79
O3 BMA W . -9.93 25.29 -43.40
O4 BMA W . -7.18 25.63 -42.51
O5 BMA W . -8.90 27.06 -39.79
O6 BMA W . -5.51 26.64 -41.08
C1 NAG X . -28.02 10.59 -1.78
C2 NAG X . -28.60 11.66 -2.63
C3 NAG X . -30.06 11.51 -2.66
C4 NAG X . -30.37 10.11 -3.10
C5 NAG X . -29.68 9.10 -2.21
C6 NAG X . -29.72 7.72 -2.87
C7 NAG X . -27.93 13.61 -1.25
C8 NAG X . -28.72 13.01 -0.14
N2 NAG X . -28.19 13.05 -2.40
O3 NAG X . -30.36 12.40 -3.72
O4 NAG X . -31.77 10.02 -2.78
O5 NAG X . -28.31 9.35 -2.21
O6 NAG X . -28.69 6.80 -2.47
O7 NAG X . -27.12 14.53 -1.10
C1 NAG X . -32.62 10.30 -3.88
C2 NAG X . -34.00 9.73 -3.83
C3 NAG X . -34.46 9.59 -5.25
C4 NAG X . -34.37 10.94 -5.92
C5 NAG X . -32.93 11.48 -5.87
C6 NAG X . -32.85 12.88 -6.44
C7 NAG X . -33.24 7.54 -3.92
C8 NAG X . -33.76 6.14 -3.74
N2 NAG X . -33.87 8.45 -3.21
O3 NAG X . -35.84 9.21 -5.33
O4 NAG X . -34.78 10.67 -7.25
O5 NAG X . -32.54 11.57 -4.51
O6 NAG X . -31.58 13.43 -6.11
O7 NAG X . -32.32 7.85 -4.64
C1 NAG Y . -32.47 11.15 -46.24
C2 NAG Y . -33.48 11.14 -45.10
C3 NAG Y . -34.78 10.59 -45.68
C4 NAG Y . -35.16 11.48 -46.85
C5 NAG Y . -34.06 11.47 -47.86
C6 NAG Y . -34.51 12.19 -49.10
C7 NAG Y . -33.87 9.79 -43.10
C8 NAG Y . -33.58 10.11 -41.67
N2 NAG Y . -33.05 10.32 -44.00
O3 NAG Y . -35.86 10.57 -44.74
O4 NAG Y . -36.39 11.18 -47.54
O5 NAG Y . -32.88 11.97 -47.31
O6 NAG Y . -35.45 11.25 -49.61
O7 NAG Y . -34.82 9.10 -43.45
C1 NAG Y . -37.49 11.86 -46.89
C2 NAG Y . -38.75 11.63 -47.70
C3 NAG Y . -39.94 12.18 -46.94
C4 NAG Y . -40.01 11.54 -45.58
C5 NAG Y . -38.71 11.77 -44.83
C6 NAG Y . -38.53 11.05 -43.51
C7 NAG Y . -38.25 13.67 -48.75
C8 NAG Y . -37.69 14.39 -49.93
N2 NAG Y . -38.57 12.40 -48.88
O3 NAG Y . -41.15 11.92 -47.63
O4 NAG Y . -41.14 12.20 -45.01
O5 NAG Y . -37.65 11.28 -45.62
O6 NAG Y . -38.46 9.64 -43.70
O7 NAG Y . -38.41 14.25 -47.71
C1 BMA Y . -41.92 11.26 -44.28
C2 BMA Y . -42.59 11.97 -43.11
C3 BMA Y . -43.22 10.91 -42.24
C4 BMA Y . -44.19 10.13 -43.12
C5 BMA Y . -43.45 9.48 -44.27
C6 BMA Y . -44.41 8.60 -45.09
O2 BMA Y . -43.57 12.90 -43.55
O3 BMA Y . -43.98 11.63 -41.27
O4 BMA Y . -44.82 9.12 -42.34
O5 BMA Y . -42.86 10.53 -45.04
O6 BMA Y . -43.86 8.15 -46.34
C1 NAG Z . -24.00 -17.84 -38.31
C2 NAG Z . -25.33 -17.43 -37.82
C3 NAG Z . -25.89 -18.51 -36.98
C4 NAG Z . -26.02 -19.76 -37.80
C5 NAG Z . -24.62 -20.04 -38.29
C6 NAG Z . -24.57 -21.30 -39.09
C7 NAG Z . -25.73 -15.22 -37.08
C8 NAG Z . -26.34 -14.71 -35.82
N2 NAG Z . -25.12 -16.35 -36.91
O3 NAG Z . -27.14 -18.00 -36.52
O4 NAG Z . -26.43 -20.88 -37.01
O5 NAG Z . -24.12 -18.99 -39.07
O6 NAG Z . -23.28 -21.40 -39.67
O7 NAG Z . -25.74 -14.71 -38.17
C1 NAG Z . -27.87 -21.11 -36.84
C2 NAG Z . -28.46 -22.05 -37.92
C3 NAG Z . -29.92 -22.37 -37.63
C4 NAG Z . -29.99 -23.00 -36.26
C5 NAG Z . -29.40 -22.07 -35.23
C6 NAG Z . -29.52 -22.79 -33.90
C7 NAG Z . -28.51 -22.55 -40.25
C8 NAG Z . -28.58 -22.13 -41.67
N2 NAG Z . -28.38 -21.62 -39.30
O3 NAG Z . -30.52 -23.29 -38.53
O4 NAG Z . -31.31 -23.41 -35.84
O5 NAG Z . -28.04 -21.77 -35.57
O6 NAG Z . -30.75 -23.55 -33.81
O7 NAG Z . -28.62 -23.73 -39.95
C1 NAG AA . -31.18 6.98 25.37
C2 NAG AA . -32.63 6.54 25.26
C3 NAG AA . -33.37 7.35 24.22
C4 NAG AA . -33.18 8.84 24.43
C5 NAG AA . -31.70 9.16 24.60
C6 NAG AA . -31.48 10.58 25.03
C7 NAG AA . -32.55 4.16 25.82
C8 NAG AA . -32.76 2.77 25.31
N2 NAG AA . -32.72 5.13 24.93
O3 NAG AA . -34.77 7.05 24.29
O4 NAG AA . -33.57 9.49 23.23
O5 NAG AA . -31.13 8.34 25.63
O6 NAG AA . -32.61 11.06 25.74
O7 NAG AA . -32.24 4.38 26.97
C1 NAG AA . -34.71 10.23 23.33
C2 NAG AA . -35.08 10.95 22.07
C3 NAG AA . -36.28 11.84 22.32
C4 NAG AA . -37.42 11.03 22.92
C5 NAG AA . -36.95 10.15 24.08
C6 NAG AA . -37.98 9.14 24.51
C7 NAG AA . -33.56 11.72 20.31
C8 NAG AA . -32.34 12.55 19.99
N2 NAG AA . -33.95 11.73 21.59
O3 NAG AA . -36.69 12.43 21.10
O4 NAG AA . -38.42 11.91 23.44
O5 NAG AA . -35.78 9.42 23.72
O6 NAG AA . -37.76 7.88 23.89
O7 NAG AA . -34.15 11.07 19.45
C1 NAG BA . -29.64 -23.64 30.54
C2 NAG BA . -30.81 -24.31 29.85
C3 NAG BA . -32.11 -23.86 30.46
C4 NAG BA . -32.08 -24.03 31.97
C5 NAG BA . -30.84 -23.36 32.54
C6 NAG BA . -30.66 -23.56 34.01
C7 NAG BA . -30.74 -22.85 27.86
C8 NAG BA . -30.67 -22.82 26.36
N2 NAG BA . -30.78 -24.07 28.42
O3 NAG BA . -33.18 -24.62 29.90
O4 NAG BA . -33.24 -23.46 32.57
O5 NAG BA . -29.67 -23.91 31.90
O6 NAG BA . -31.32 -24.75 34.43
O7 NAG BA . -30.75 -21.82 28.53
C1 NAG BA . -34.09 -24.51 32.83
C2 NAG BA . -34.93 -23.86 33.91
C3 NAG BA . -36.22 -24.64 34.09
C4 NAG BA . -36.97 -24.73 32.78
C5 NAG BA . -36.05 -25.30 31.70
C6 NAG BA . -36.65 -25.28 30.32
C7 NAG BA . -34.21 -22.70 35.96
C8 NAG BA . -35.14 -21.60 35.55
N2 NAG BA . -34.20 -23.78 35.16
O3 NAG BA . -37.02 -24.03 35.10
O4 NAG BA . -38.11 -25.57 32.92
O5 NAG BA . -34.83 -24.56 31.62
O6 NAG BA . -35.65 -25.22 29.33
O7 NAG BA . -33.51 -22.62 36.95
C1 BMA BA . -39.13 -24.65 32.95
C2 BMA BA . -40.27 -25.30 32.20
C3 BMA BA . -41.59 -24.92 32.84
C4 BMA BA . -41.54 -25.11 34.34
C5 BMA BA . -40.36 -24.35 34.91
C6 BMA BA . -40.24 -24.51 36.39
O2 BMA BA . -40.19 -26.70 32.31
O3 BMA BA . -42.63 -25.71 32.30
O4 BMA BA . -42.71 -24.60 34.93
O5 BMA BA . -39.22 -24.92 34.32
O6 BMA BA . -41.34 -25.25 36.83
C1 MAN BA . -43.94 -25.32 32.18
C2 MAN BA . -44.92 -26.49 32.14
C3 MAN BA . -44.76 -27.26 30.84
C4 MAN BA . -44.78 -26.30 29.65
C5 MAN BA . -43.66 -25.30 29.82
C6 MAN BA . -43.60 -24.29 28.69
O2 MAN BA . -46.27 -26.05 32.17
O3 MAN BA . -45.79 -28.22 30.68
O4 MAN BA . -44.56 -27.03 28.47
O5 MAN BA . -43.91 -24.56 31.00
O6 MAN BA . -44.27 -23.10 29.13
C1 MAN BA . -46.70 -26.83 33.23
C2 MAN BA . -48.11 -27.25 33.70
C3 MAN BA . -48.93 -26.04 34.15
C4 MAN BA . -48.10 -25.08 34.99
C5 MAN BA . -46.87 -24.69 34.21
C6 MAN BA . -46.05 -23.68 34.92
O2 MAN BA . -48.05 -28.08 34.86
O3 MAN BA . -50.08 -26.43 34.88
O4 MAN BA . -48.82 -23.92 35.25
O5 MAN BA . -46.09 -25.87 34.05
O6 MAN BA . -46.86 -22.54 35.07
C1 BMA BA . -40.85 -26.10 37.80
C2 BMA BA . -41.24 -27.45 37.16
C3 BMA BA . -41.29 -28.59 38.21
C4 BMA BA . -40.10 -28.52 39.18
C5 BMA BA . -40.10 -27.12 39.76
C6 BMA BA . -39.16 -26.87 40.92
O2 BMA BA . -40.27 -27.81 36.20
O3 BMA BA . -41.35 -29.87 37.60
O4 BMA BA . -40.28 -29.47 40.23
O5 BMA BA . -39.78 -26.22 38.70
O6 BMA BA . -39.87 -26.04 41.83
C1 MAN BA . -41.15 -26.14 42.32
C2 MAN BA . -42.55 -25.63 41.88
C3 MAN BA . -42.87 -24.34 42.60
C4 MAN BA . -42.74 -24.54 44.11
C5 MAN BA . -41.32 -25.00 44.43
C6 MAN BA . -41.11 -25.27 45.90
O2 MAN BA . -43.58 -26.54 42.23
O3 MAN BA . -44.17 -23.87 42.25
O4 MAN BA . -42.97 -23.32 44.79
O5 MAN BA . -41.04 -26.22 43.72
O6 MAN BA . -42.17 -24.66 46.62
C1 NAG CA . -36.58 -9.86 18.48
C2 NAG CA . -37.95 -10.39 18.29
C3 NAG CA . -38.35 -10.43 16.87
C4 NAG CA . -38.44 -9.06 16.38
C5 NAG CA . -37.06 -8.57 16.60
C6 NAG CA . -36.87 -7.26 15.96
C7 NAG CA . -38.92 -12.21 19.20
C8 NAG CA . -38.68 -13.43 19.99
N2 NAG CA . -37.90 -11.75 18.57
O3 NAG CA . -39.69 -10.77 16.86
O4 NAG CA . -38.72 -8.89 14.99
O5 NAG CA . -36.71 -8.58 17.97
O6 NAG CA . -37.96 -6.50 16.41
O7 NAG CA . -39.99 -11.66 19.16
C1 NAG CA . -39.97 -8.23 14.69
C2 NAG CA . -39.94 -7.25 13.51
C3 NAG CA . -41.25 -6.48 13.38
C4 NAG CA . -42.31 -7.45 13.01
C5 NAG CA . -42.23 -8.39 14.17
C6 NAG CA . -43.43 -9.28 14.07
C7 NAG CA . -38.49 -5.57 12.64
C8 NAG CA . -37.39 -4.58 12.89
N2 NAG CA . -38.84 -6.34 13.64
O3 NAG CA . -41.27 -5.41 12.43
O4 NAG CA . -43.63 -6.90 12.95
O5 NAG CA . -41.01 -9.09 14.32
O6 NAG CA . -44.44 -8.32 14.35
O7 NAG CA . -39.07 -5.66 11.57
C1 BMA CA . -44.10 -6.50 11.63
C2 BMA CA . -44.95 -7.54 10.93
C3 BMA CA . -45.30 -7.05 9.53
C4 BMA CA . -46.04 -5.75 9.65
C5 BMA CA . -45.18 -4.78 10.40
C6 BMA CA . -46.06 -3.61 10.70
O2 BMA CA . -46.16 -7.60 11.66
O3 BMA CA . -46.15 -7.91 8.78
O4 BMA CA . -46.26 -5.32 8.29
O5 BMA CA . -44.86 -5.31 11.67
O6 BMA CA . -47.16 -4.12 11.44
C1 NAG CA . -45.18 -4.87 7.39
C2 NAG CA . -45.13 -3.37 7.20
C3 NAG CA . -44.25 -3.02 6.02
C4 NAG CA . -42.87 -3.63 6.16
C5 NAG CA . -42.96 -5.11 6.37
C6 NAG CA . -41.58 -5.67 6.65
C7 NAG CA . -47.17 -2.86 5.87
C8 NAG CA . -48.30 -1.91 5.70
N2 NAG CA . -46.42 -2.75 6.98
O3 NAG CA . -44.16 -1.61 6.12
O4 NAG CA . -42.15 -3.49 4.94
O5 NAG CA . -43.82 -5.37 7.48
O6 NAG CA . -41.62 -7.11 6.68
O7 NAG CA . -46.95 -3.70 5.04
C1 NAG DA . -34.03 -17.02 18.92
C2 NAG DA . -33.26 -18.23 18.47
C3 NAG DA . -34.14 -19.41 18.38
C4 NAG DA . -34.73 -19.56 19.72
C5 NAG DA . -35.46 -18.35 20.17
C6 NAG DA . -35.50 -18.49 21.67
C7 NAG DA . -32.78 -17.46 16.27
C8 NAG DA . -31.72 -16.98 15.33
N2 NAG DA . -32.37 -18.00 17.39
O3 NAG DA . -33.33 -20.54 18.28
O4 NAG DA . -35.82 -20.35 19.36
O5 NAG DA . -34.58 -17.30 20.14
O6 NAG DA . -34.20 -18.80 22.21
O7 NAG DA . -33.95 -17.39 16.03
C1 NAG DA . -35.63 -21.60 19.95
C2 NAG DA . -36.90 -22.39 20.26
C3 NAG DA . -36.54 -23.49 21.23
C4 NAG DA . -35.56 -24.36 20.46
C5 NAG DA . -34.33 -23.51 20.14
C6 NAG DA . -33.35 -24.28 19.27
C7 NAG DA . -39.00 -21.56 19.35
C8 NAG DA . -40.02 -20.48 19.45
N2 NAG DA . -38.16 -21.68 20.38
O3 NAG DA . -37.65 -24.16 21.78
O4 NAG DA . -35.30 -25.59 21.13
O5 NAG DA . -34.75 -22.47 19.28
O6 NAG DA . -34.06 -24.72 18.10
O7 NAG DA . -38.95 -22.26 18.35
C1 BMA DA . -35.58 -26.69 20.23
C2 BMA DA . -36.03 -27.96 20.88
C3 BMA DA . -35.84 -29.05 19.84
C4 BMA DA . -36.76 -28.79 18.67
C5 BMA DA . -36.28 -27.47 18.15
C6 BMA DA . -37.06 -27.07 16.91
O2 BMA DA . -37.45 -27.93 21.07
O3 BMA DA . -35.82 -30.36 20.42
O4 BMA DA . -36.39 -29.68 17.66
O5 BMA DA . -36.44 -26.47 19.13
O6 BMA DA . -37.18 -28.14 15.96
C1 NAG EA . -4.75 4.75 29.25
C2 NAG EA . -5.91 4.39 30.11
C3 NAG EA . -5.49 4.46 31.50
C4 NAG EA . -4.29 3.57 31.67
C5 NAG EA . -3.20 3.97 30.70
C6 NAG EA . -2.14 2.87 30.63
C7 NAG EA . -7.38 6.32 29.53
C8 NAG EA . -6.30 7.20 30.05
N2 NAG EA . -7.20 5.07 29.88
O3 NAG EA . -6.61 3.81 32.11
O4 NAG EA . -3.83 3.97 32.96
O5 NAG EA . -3.70 3.94 29.41
O6 NAG EA . -1.37 2.82 29.42
O7 NAG EA . -8.34 6.71 28.87
C1 NAG EA . -4.28 3.12 34.02
C2 NAG EA . -3.45 3.11 35.26
C3 NAG EA . -3.71 1.78 35.92
C4 NAG EA . -5.19 1.63 36.14
C5 NAG EA . -5.96 1.73 34.82
C6 NAG EA . -7.47 1.70 35.03
C7 NAG EA . -1.62 2.17 34.19
C8 NAG EA . -0.17 1.88 34.47
N2 NAG EA . -2.10 3.21 34.85
O3 NAG EA . -3.11 1.69 37.22
O4 NAG EA . -5.30 0.33 36.71
O5 NAG EA . -5.67 2.99 34.24
O6 NAG EA . -8.11 2.07 33.84
O7 NAG EA . -2.33 1.52 33.47
C1 NAG FA . -19.24 -35.94 40.68
C2 NAG FA . -18.66 -34.79 41.48
C3 NAG FA . -18.08 -35.41 42.76
C4 NAG FA . -19.21 -36.14 43.46
C5 NAG FA . -19.76 -37.19 42.54
C6 NAG FA . -20.74 -38.04 43.29
C7 NAG FA . -16.66 -33.38 41.34
C8 NAG FA . -16.53 -31.96 40.87
N2 NAG FA . -17.60 -34.10 40.77
O3 NAG FA . -17.54 -34.44 43.66
O4 NAG FA . -18.93 -36.78 44.71
O5 NAG FA . -20.27 -36.60 41.37
O6 NAG FA . -19.86 -38.76 44.14
O7 NAG FA . -15.96 -33.87 42.22
C1 NAG FA . -19.12 -35.83 45.79
C2 NAG FA . -18.92 -36.54 47.10
C3 NAG FA . -18.93 -35.53 48.23
C4 NAG FA . -17.87 -34.49 48.00
C5 NAG FA . -18.10 -33.83 46.63
C6 NAG FA . -17.03 -32.87 46.14
C7 NAG FA . -21.25 -36.83 47.10
C8 NAG FA . -22.41 -37.72 46.85
N2 NAG FA . -20.07 -37.39 47.24
O3 NAG FA . -18.69 -36.15 49.49
O4 NAG FA . -18.07 -33.61 49.10
O5 NAG FA . -18.12 -34.84 45.66
O6 NAG FA . -15.81 -33.56 45.88
O7 NAG FA . -21.40 -35.64 47.19
C1 BMA FA . -16.80 -33.19 49.61
C2 BMA FA . -16.94 -31.80 50.18
C3 BMA FA . -15.55 -31.31 50.50
C4 BMA FA . -14.92 -32.31 51.46
C5 BMA FA . -14.86 -33.69 50.83
C6 BMA FA . -14.13 -34.67 51.75
O2 BMA FA . -17.74 -31.78 51.35
O3 BMA FA . -15.73 -30.08 51.20
O4 BMA FA . -13.60 -31.89 51.80
O5 BMA FA . -16.20 -34.08 50.53
O6 BMA FA . -14.23 -36.04 51.35
C1 NAG GA . 8.42 -39.73 26.69
C2 NAG GA . 8.46 -39.00 27.98
C3 NAG GA . 9.86 -38.55 28.22
C4 NAG GA . 10.76 -39.75 28.29
C5 NAG GA . 10.58 -40.44 26.96
C6 NAG GA . 11.45 -41.65 26.84
C7 NAG GA . 6.77 -37.48 28.59
C8 NAG GA . 6.84 -36.08 29.07
N2 NAG GA . 7.74 -37.79 27.81
O3 NAG GA . 9.79 -37.84 29.45
O4 NAG GA . 12.14 -39.37 28.39
O5 NAG GA . 9.24 -40.84 26.76
O6 NAG GA . 11.11 -42.33 25.65
O7 NAG GA . 5.93 -38.31 28.85
C1 NAG GA . 12.69 -39.17 29.73
C2 NAG GA . 13.32 -40.45 30.33
C3 NAG GA . 14.00 -40.16 31.66
C4 NAG GA . 15.05 -39.10 31.42
C5 NAG GA . 14.42 -37.86 30.81
C6 NAG GA . 15.56 -36.88 30.62
C7 NAG GA . 13.02 -42.79 30.68
C8 NAG GA . 12.16 -43.96 31.03
N2 NAG GA . 12.44 -41.59 30.54
O3 NAG GA . 14.66 -41.27 32.25
O4 NAG GA . 15.83 -38.74 32.57
O5 NAG GA . 13.77 -38.21 29.59
O6 NAG GA . 16.53 -36.96 31.69
O7 NAG GA . 14.22 -42.93 30.55
C1 NAG HA . 32.72 7.24 11.17
C2 NAG HA . 31.28 7.44 11.32
C3 NAG HA . 31.11 7.70 12.73
C4 NAG HA . 31.49 6.56 13.55
C5 NAG HA . 32.91 6.44 13.22
C6 NAG HA . 33.75 5.62 14.15
C7 NAG HA . 29.99 9.30 10.61
C8 NAG HA . 29.79 10.02 9.35
N2 NAG HA . 31.12 8.78 10.90
O3 NAG HA . 29.76 7.84 12.96
O4 NAG HA . 31.69 7.16 14.75
O5 NAG HA . 33.09 6.16 11.91
O6 NAG HA . 32.89 4.72 14.81
O7 NAG HA . 29.13 9.13 11.39
C1 NAG IA . 30.48 32.09 7.36
C2 NAG IA . 29.56 33.25 7.51
C3 NAG IA . 30.29 34.53 7.25
C4 NAG IA . 31.41 34.65 8.22
C5 NAG IA . 32.28 33.47 8.07
C6 NAG IA . 33.08 33.46 9.35
C7 NAG IA . 28.36 32.77 5.49
C8 NAG IA . 27.21 31.89 5.12
N2 NAG IA . 28.37 33.17 6.74
O3 NAG IA . 29.36 35.56 7.52
O4 NAG IA . 32.30 35.66 7.81
O5 NAG IA . 31.50 32.35 8.26
O6 NAG IA . 32.21 33.53 10.48
O7 NAG IA . 29.24 33.10 4.72
C1 NAG JA . 42.22 34.14 6.36
C2 NAG JA . 41.46 34.32 7.63
C3 NAG JA . 42.04 35.48 8.35
C4 NAG JA . 43.48 35.20 8.60
C5 NAG JA . 44.15 34.99 7.29
C6 NAG JA . 45.60 34.77 7.62
C7 NAG JA . 39.88 35.67 6.50
C8 NAG JA . 38.79 36.64 6.79
N2 NAG JA . 40.12 34.73 7.38
O3 NAG JA . 41.43 35.41 9.62
O4 NAG JA . 44.10 36.40 9.06
O5 NAG JA . 43.57 33.90 6.64
O6 NAG JA . 46.01 35.92 8.36
O7 NAG JA . 40.57 35.72 5.52
C1 NAG KA . -5.40 28.30 22.21
C2 NAG KA . -6.57 28.94 21.55
C3 NAG KA . -7.52 29.32 22.63
C4 NAG KA . -7.95 28.10 23.39
C5 NAG KA . -6.71 27.52 23.97
C6 NAG KA . -7.08 26.39 24.88
C7 NAG KA . -6.01 31.15 22.04
C8 NAG KA . -6.76 32.39 21.68
N2 NAG KA . -6.08 30.21 21.12
O3 NAG KA . -8.55 30.10 22.03
O4 NAG KA . -8.77 28.37 24.52
O5 NAG KA . -5.85 27.19 22.93
O6 NAG KA . -7.87 27.01 25.87
O7 NAG KA . -5.46 31.01 23.10
C1 NAG LA . 36.60 36.04 -3.38
C2 NAG LA . 37.94 36.71 -3.18
C3 NAG LA . 37.78 38.04 -2.50
C4 NAG LA . 36.98 38.89 -3.43
C5 NAG LA . 35.65 38.20 -3.62
C6 NAG LA . 34.81 39.18 -4.41
C7 NAG LA . 39.20 36.03 -1.30
C8 NAG LA . 40.59 36.00 -0.81
N2 NAG LA . 39.01 35.96 -2.58
O3 NAG LA . 39.07 38.58 -2.26
O4 NAG LA . 36.72 40.20 -2.93
O5 NAG LA . 35.85 36.91 -4.23
O6 NAG LA . 34.96 40.50 -3.89
O7 NAG LA . 38.27 36.09 -0.56
C1 NAG MA . 36.32 18.72 -22.66
C2 NAG MA . 36.54 19.89 -23.58
C3 NAG MA . 36.52 19.41 -25.00
C4 NAG MA . 37.53 18.32 -25.14
C5 NAG MA . 37.28 17.22 -24.19
C6 NAG MA . 38.51 16.34 -24.28
C7 NAG MA . 35.27 21.79 -24.33
C8 NAG MA . 33.89 22.36 -24.47
N2 NAG MA . 35.43 20.78 -23.48
O3 NAG MA . 37.03 20.40 -25.87
O4 NAG MA . 37.35 17.79 -26.44
O5 NAG MA . 37.29 17.75 -22.91
O6 NAG MA . 39.62 17.19 -23.98
O7 NAG MA . 36.23 22.19 -24.97
C1 NAG NA . 50.80 -13.90 -19.72
C2 NAG NA . 50.53 -15.06 -18.79
C3 NAG NA . 51.73 -16.00 -18.72
C4 NAG NA . 51.97 -16.47 -20.10
C5 NAG NA . 52.20 -15.28 -21.01
C6 NAG NA . 52.48 -15.82 -22.39
C7 NAG NA . 50.42 -15.28 -16.49
C8 NAG NA . 50.97 -14.58 -15.30
N2 NAG NA . 50.16 -14.52 -17.52
O3 NAG NA . 51.53 -17.20 -17.99
O4 NAG NA . 53.10 -17.34 -20.10
O5 NAG NA . 51.06 -14.42 -21.00
O6 NAG NA . 53.44 -16.87 -22.26
O7 NAG NA . 50.29 -16.50 -16.56
C1 NAG OA . 48.46 -6.67 -8.69
C2 NAG OA . 49.90 -6.31 -8.44
C3 NAG OA . 50.39 -7.18 -7.33
C4 NAG OA . 49.53 -6.99 -6.13
C5 NAG OA . 48.12 -7.35 -6.45
C6 NAG OA . 47.34 -7.11 -5.19
C7 NAG OA . 51.94 -6.87 -9.69
C8 NAG OA . 52.51 -6.51 -11.02
N2 NAG OA . 50.62 -6.76 -9.59
O3 NAG OA . 51.69 -6.74 -7.00
O4 NAG OA . 49.88 -7.75 -4.98
O5 NAG OA . 47.72 -6.52 -7.49
O6 NAG OA . 48.07 -7.65 -4.07
O7 NAG OA . 52.63 -7.23 -8.78
C1 NAG PA . 41.25 6.91 11.60
C2 NAG PA . 40.61 5.58 11.92
C3 NAG PA . 41.37 4.72 12.90
C4 NAG PA . 42.71 4.38 12.35
C5 NAG PA . 43.35 5.71 12.03
C6 NAG PA . 44.77 5.39 11.59
C7 NAG PA . 38.30 5.57 12.06
C8 NAG PA . 37.14 5.62 12.99
N2 NAG PA . 39.43 5.80 12.66
O3 NAG PA . 40.67 3.49 13.03
O4 NAG PA . 43.48 3.65 13.31
O5 NAG PA . 42.53 6.50 11.12
O6 NAG PA . 45.34 4.45 12.51
O7 NAG PA . 38.24 5.40 10.87
C1 NAG QA . -9.47 9.90 -32.55
C2 NAG QA . -9.32 10.25 -31.14
C3 NAG QA . -9.04 11.67 -31.16
C4 NAG QA . -7.79 11.98 -31.83
C5 NAG QA . -8.08 11.50 -33.18
C6 NAG QA . -7.19 11.99 -34.27
C7 NAG QA . -11.00 10.37 -29.48
C8 NAG QA . -12.05 9.48 -28.98
N2 NAG QA . -10.66 10.35 -30.72
O3 NAG QA . -8.83 12.05 -29.86
O4 NAG QA . -7.99 13.30 -32.13
O5 NAG QA . -8.31 10.16 -33.20
O6 NAG QA . -5.97 12.37 -33.68
O7 NAG QA . -10.41 11.12 -28.79
C1 NAG RA . -33.19 15.45 -25.94
C2 NAG RA . -34.02 16.09 -24.88
C3 NAG RA . -35.44 16.24 -25.36
C4 NAG RA . -35.44 17.08 -26.58
C5 NAG RA . -34.57 16.44 -27.59
C6 NAG RA . -34.30 17.54 -28.58
C7 NAG RA . -34.01 14.16 -23.47
C8 NAG RA . -33.10 13.60 -22.43
N2 NAG RA . -33.97 15.45 -23.61
O3 NAG RA . -36.10 16.94 -24.33
O4 NAG RA . -36.68 16.98 -27.23
O5 NAG RA . -33.32 16.29 -27.03
O6 NAG RA . -33.82 18.70 -27.89
O7 NAG RA . -34.75 13.48 -24.15
C1 NAG SA . -37.75 14.16 -36.91
C2 NAG SA . -37.35 15.47 -36.35
C3 NAG SA . -38.29 16.51 -36.84
C4 NAG SA . -38.24 16.49 -38.32
C5 NAG SA . -38.61 15.14 -38.82
C6 NAG SA . -38.59 15.24 -40.31
C7 NAG SA . -38.64 15.05 -34.41
C8 NAG SA . -39.22 15.77 -33.24
N2 NAG SA . -37.54 15.52 -34.93
O3 NAG SA . -37.67 17.71 -36.45
O4 NAG SA . -39.30 17.30 -38.81
O5 NAG SA . -37.71 14.21 -38.31
O6 NAG SA . -39.48 16.30 -40.65
O7 NAG SA . -39.16 14.09 -34.92
C1 NAG TA . -17.56 31.25 6.14
C2 NAG TA . -18.14 30.98 7.48
C3 NAG TA . -17.95 32.21 8.29
C4 NAG TA . -16.48 32.53 8.41
C5 NAG TA . -15.99 32.74 7.02
C6 NAG TA . -14.57 33.21 7.06
C7 NAG TA . -20.12 32.18 7.20
C8 NAG TA . -21.25 32.35 8.18
N2 NAG TA . -19.55 30.99 7.26
O3 NAG TA . -18.66 32.02 9.52
O4 NAG TA . -16.18 33.74 9.07
O5 NAG TA . -16.21 31.57 6.30
O6 NAG TA . -14.66 34.43 7.77
O7 NAG TA . -19.75 33.06 6.47
C1 NAG UA . -41.62 6.32 -29.59
C2 NAG UA . -42.45 6.61 -30.83
C3 NAG UA . -43.43 7.73 -30.58
C4 NAG UA . -44.36 7.25 -29.53
C5 NAG UA . -43.51 6.95 -28.30
C6 NAG UA . -44.51 6.64 -27.20
C7 NAG UA . -41.44 8.00 -32.46
C8 NAG UA . -41.54 8.31 -33.91
N2 NAG UA . -41.78 6.79 -32.09
O3 NAG UA . -44.09 8.03 -31.79
O4 NAG UA . -45.34 8.21 -29.15
O5 NAG UA . -42.57 5.90 -28.60
O6 NAG UA . -45.60 7.58 -27.23
O7 NAG UA . -41.07 8.79 -31.66
C1 NAG VA . -32.07 -17.77 -28.95
C2 NAG VA . -33.49 -18.23 -28.85
C3 NAG VA . -33.52 -19.72 -28.68
C4 NAG VA . -32.78 -20.33 -29.81
C5 NAG VA . -31.39 -19.82 -29.89
C6 NAG VA . -30.86 -20.33 -31.20
C7 NAG VA . -35.24 -18.12 -27.20
C8 NAG VA . -35.54 -17.93 -25.74
N2 NAG VA . -34.06 -17.71 -27.65
O3 NAG VA . -34.84 -20.22 -28.89
O4 NAG VA . -32.68 -21.71 -29.51
O5 NAG VA . -31.45 -18.44 -30.02
O6 NAG VA . -31.75 -19.86 -32.20
O7 NAG VA . -36.03 -18.67 -27.97
C1 NAG WA . -3.94 -28.06 -48.58
C2 NAG WA . -2.50 -27.58 -48.65
C3 NAG WA . -1.85 -27.96 -49.97
C4 NAG WA . -1.92 -29.44 -50.06
C5 NAG WA . -3.37 -29.87 -49.95
C6 NAG WA . -3.39 -31.38 -50.09
C7 NAG WA . -1.50 -25.51 -48.93
C8 NAG WA . -1.86 -24.21 -49.54
N2 NAG WA . -2.50 -26.17 -48.40
O3 NAG WA . -0.45 -27.69 -50.07
O4 NAG WA . -1.35 -29.85 -51.29
O5 NAG WA . -3.94 -29.45 -48.72
O6 NAG WA . -2.57 -31.73 -51.21
O7 NAG WA . -0.38 -25.99 -48.97
C1 NAG XA . -6.44 -15.00 -46.93
C2 NAG XA . -6.97 -14.78 -48.30
C3 NAG XA . -5.90 -14.11 -49.09
C4 NAG XA . -5.49 -12.84 -48.41
C5 NAG XA . -4.99 -13.13 -47.05
C6 NAG XA . -4.63 -11.79 -46.44
C7 NAG XA . -7.29 -16.33 -50.18
C8 NAG XA . -8.18 -17.49 -50.48
N2 NAG XA . -7.09 -16.07 -48.90
O3 NAG XA . -6.45 -13.76 -50.34
O4 NAG XA . -4.48 -12.08 -49.06
O5 NAG XA . -6.02 -13.76 -46.36
O6 NAG XA . -3.91 -11.02 -47.41
O7 NAG XA . -6.78 -15.68 -51.06
C1 NAG YA . -10.72 9.38 -40.99
C2 NAG YA . -9.26 9.27 -40.63
C3 NAG YA . -8.29 9.80 -41.65
C4 NAG YA . -8.43 9.04 -42.93
C5 NAG YA . -9.89 9.16 -43.29
C6 NAG YA . -10.03 8.50 -44.65
C7 NAG YA . -8.75 9.61 -38.40
C8 NAG YA . -8.25 10.60 -37.40
N2 NAG YA . -8.98 10.14 -39.55
O3 NAG YA . -6.99 9.54 -41.17
O4 NAG YA . -7.59 9.59 -43.94
O5 NAG YA . -10.77 8.67 -42.23
O6 NAG YA . -8.97 8.96 -45.51
O7 NAG YA . -8.97 8.45 -38.17
C1 NAG ZA . -18.11 -25.83 15.89
C2 NAG ZA . -17.99 -24.40 15.58
C3 NAG ZA . -19.36 -23.94 15.53
C4 NAG ZA . -20.12 -24.57 14.47
C5 NAG ZA . -20.07 -25.97 14.89
C6 NAG ZA . -21.06 -26.88 14.27
C7 NAG ZA . -17.21 -22.66 16.98
C8 NAG ZA . -16.01 -22.41 17.78
N2 NAG ZA . -17.67 -23.85 16.83
O3 NAG ZA . -19.33 -22.61 15.18
O4 NAG ZA . -21.40 -24.36 14.91
O5 NAG ZA . -18.80 -26.44 14.90
O6 NAG ZA . -21.46 -26.32 13.04
O7 NAG ZA . -17.79 -21.81 16.41
C1 NAG AB . -16.28 -15.47 38.84
C2 NAG AB . -16.35 -14.19 39.59
C3 NAG AB . -16.37 -14.44 41.07
C4 NAG AB . -17.54 -15.28 41.39
C5 NAG AB . -17.46 -16.52 40.61
C6 NAG AB . -18.86 -17.07 40.66
C7 NAG AB . -14.10 -13.57 39.06
C8 NAG AB . -13.42 -12.88 37.92
N2 NAG AB . -15.35 -13.24 39.24
O3 NAG AB . -16.53 -13.17 41.67
O4 NAG AB . -17.42 -15.80 42.69
O5 NAG AB . -17.39 -16.18 39.28
O6 NAG AB . -19.80 -16.07 40.27
O7 NAG AB . -13.55 -14.37 39.78
C1 NAG BB . -17.84 -25.70 44.82
C2 NAG BB . -18.94 -24.75 44.54
C3 NAG BB . -19.87 -24.75 45.70
C4 NAG BB . -20.37 -26.14 45.89
C5 NAG BB . -19.21 -27.04 46.11
C6 NAG BB . -19.81 -28.40 46.35
C7 NAG BB . -17.65 -22.98 45.44
C8 NAG BB . -17.80 -21.58 45.93
N2 NAG BB . -18.48 -23.40 44.51
O3 NAG BB . -20.97 -24.01 45.22
O4 NAG BB . -21.06 -26.21 47.12
O5 NAG BB . -18.36 -26.99 45.01
O6 NAG BB . -20.71 -28.25 47.43
O7 NAG BB . -16.84 -23.75 45.88
C1 NAG CB . -23.23 18.52 20.98
C2 NAG CB . -22.41 19.72 21.29
C3 NAG CB . -23.32 20.90 21.16
C4 NAG CB . -23.86 20.98 19.76
C5 NAG CB . -24.61 19.73 19.54
C6 NAG CB . -25.32 19.80 18.22
C7 NAG CB . -23.21 20.07 23.46
C8 NAG CB . -22.83 21.15 24.42
N2 NAG CB . -22.22 19.66 22.70
O3 NAG CB . -22.59 22.04 21.64
O4 NAG CB . -24.82 22.00 19.56
O5 NAG CB . -23.75 18.65 19.69
O6 NAG CB . -26.19 20.90 18.38
O7 NAG CB . -24.34 19.68 23.35
C1 NAG DB . -7.39 -21.34 46.24
C2 NAG DB . -7.91 -22.31 47.29
C3 NAG DB . -8.67 -21.59 48.36
C4 NAG DB . -7.69 -20.69 49.03
C5 NAG DB . -7.18 -19.75 47.97
C6 NAG DB . -6.32 -18.74 48.73
C7 NAG DB . -9.94 -23.42 46.77
C8 NAG DB . -10.69 -24.65 47.15
N2 NAG DB . -8.65 -23.48 46.86
O3 NAG DB . -9.21 -22.54 49.26
O4 NAG DB . -8.25 -19.90 50.09
O5 NAG DB . -6.50 -20.49 46.94
O6 NAG DB . -6.98 -18.32 49.93
O7 NAG DB . -10.48 -22.43 46.41
C1 NAG EB . 13.09 -30.25 33.10
C2 NAG EB . 13.84 -30.19 34.40
C3 NAG EB . 15.27 -30.56 34.17
C4 NAG EB . 15.30 -31.91 33.53
C5 NAG EB . 14.53 -31.92 32.27
C6 NAG EB . 14.46 -33.37 31.88
C7 NAG EB . 14.64 -28.45 35.86
C8 NAG EB . 15.00 -27.00 35.95
N2 NAG EB . 13.87 -28.84 34.85
O3 NAG EB . 15.92 -30.81 35.41
O4 NAG EB . 16.66 -32.12 33.18
O5 NAG EB . 13.24 -31.53 32.56
O6 NAG EB . 13.86 -34.05 32.98
O7 NAG EB . 15.04 -29.29 36.66
C1 NAG FB . 10.40 -54.80 7.17
C2 NAG FB . 9.64 -54.83 5.85
C3 NAG FB . 9.42 -56.25 5.37
C4 NAG FB . 10.77 -56.86 5.23
C5 NAG FB . 11.50 -56.78 6.55
C6 NAG FB . 12.84 -57.45 6.36
C7 NAG FB . 7.45 -54.44 5.25
C8 NAG FB . 6.12 -54.51 5.88
N2 NAG FB . 8.43 -54.10 6.03
O3 NAG FB . 8.86 -56.38 4.06
O4 NAG FB . 10.62 -58.21 4.79
O5 NAG FB . 11.64 -55.43 6.98
O6 NAG FB . 12.61 -58.69 5.68
O7 NAG FB . 7.65 -54.77 4.08
C1 NAG GB . -0.58 -48.37 11.37
C2 NAG GB . -1.15 -49.52 12.13
C3 NAG GB . -2.23 -50.11 11.31
C4 NAG GB . -3.26 -49.07 11.01
C5 NAG GB . -2.64 -47.95 10.26
C6 NAG GB . -3.73 -46.94 10.03
C7 NAG GB . -0.28 -51.79 12.50
C8 NAG GB . 0.87 -52.39 13.23
N2 NAG GB . -0.13 -50.53 12.15
O3 NAG GB . -2.86 -51.10 12.10
O4 NAG GB . -4.37 -49.48 10.25
O5 NAG GB . -1.62 -47.44 11.06
O6 NAG GB . -4.92 -47.63 9.59
O7 NAG GB . -1.27 -52.42 12.25
C1 NAG HB . -20.21 -33.73 18.37
C2 NAG HB . -20.27 -33.58 16.87
C3 NAG HB . -21.29 -34.43 16.17
C4 NAG HB . -20.99 -35.87 16.39
C5 NAG HB . -20.93 -36.03 17.89
C6 NAG HB . -20.75 -37.52 18.13
C7 NAG HB . -19.95 -31.43 16.07
C8 NAG HB . -20.62 -30.20 15.59
N2 NAG HB . -20.76 -32.29 16.56
O3 NAG HB . -21.16 -34.20 14.77
O4 NAG HB . -22.01 -36.69 15.81
O5 NAG HB . -19.96 -35.14 18.50
O6 NAG HB . -21.68 -38.24 17.31
O7 NAG HB . -18.75 -31.61 16.07
#